data_8HMF
#
_entry.id   8HMF
#
_cell.length_a   1.00
_cell.length_b   1.00
_cell.length_c   1.00
_cell.angle_alpha   90.00
_cell.angle_beta   90.00
_cell.angle_gamma   90.00
#
_symmetry.space_group_name_H-M   'P 1'
#
loop_
_entity.id
_entity.type
_entity.pdbx_description
1 polymer 'Intraflagellar transport protein 122 homolog'
2 polymer 'Intraflagellar transporter'
3 polymer 'WD40 repeat protein'
4 non-polymer 'ZINC ION'
#
loop_
_entity_poly.entity_id
_entity_poly.type
_entity_poly.pdbx_seq_one_letter_code
_entity_poly.pdbx_strand_id
1 'polypeptide(L)'
;MKCSELWTEIIPKNDPNSNITNQVWSCSFNNDGSILLACVGDAILVYDSFTGNLVNKAIRGGQKEQINCIKFSKDGKRFA
TASNDKTVWVWSFDVNKNPKLAPEVKYSHTDKVLCLAFNPLTHQIFSGGAQDYALWTPDQQSIEKSKFKDKIITCAWSWD
GLYLGFGTMGGIIGIRNRALEQLAEIQRSFPIWCMDWTPITPDYQNSVLVVGVWEQSIAHYNIQGQQLGSDKKLTYDPID
INFSTQGEFLLVSGTNNKCTLYTREGGFLIDVATKNDWVWNNKLKPVIKEAGSVAVQDQLHVALTTNDGEISMFKIQQLT
VHALEGDKYAYRDNLTDIVVQSMSSNQRIRLKCKELVKNISIYKDKLAAHLTERILIYGTSSEDSQMKYKLHKRIVKKVE
AHILEIVSNHLIACVKNKVQLYQLSGDLEKEWVFDSRVNCIKIIGGMPNKEGAYVGLKNGQIFKIFVDNSFPIPILNHNI
SIKNIDASQKRKRLAVVDKNSNLTVYDLSNKEQVFQEMNIVSCAFNNNFDDLLAFSSTDTTFIRCSNHPPLSQKISGQVV
GFKANKLFVLNDNVMSTIDVSMTQTMIKYLERKEFQSAYEISLLGVTDQDFLYLGNEALIATQFAIARKCYTRIKKLDFI
YLLEKAEKDFKKNTFVEGFYQGEIYALQTKFYEAENALTKSNLASQAKEMWIILKEFDKAMRITDTGASPINRGQNKEIN
SDASRKDLLIQRAEWEVKQGNWKKGGELYIQAEVYKKAIEVYVTNNFSEGIVEVCRNADAETQRKEIEQCAAYFKKAKLH
QYTKEAYLKLQDNKALLQLNIDLEKWDEAMTLAKAHPEFMEIVKLPYANWLAKQDRYEESLKAYRKIGKHDMATKMLYNL
SQNAVFEKRFSDAALFTWMIATEHLGLIRNMKAPTPEDIENLMKFYQYRDDAEIYFAYSKVQSFVDEPFLPLSGHAYMLN
IFNAARFAINKLGNRQLYGVQHSYLYYSLGKVSKQLEGYKTARICYEKLASYKIPTEWSEEIELSTLLIRSKPYSDQESL
LPICNRCYNQNPALTEGNRCSSCMHQFQNCFISFENLPLVEFKLDPKITHKRFIELINSDKSKTQPNKKKKKANDGWQES
HQGDQQVLTFNNSPQKGGNDNESSPFLDKLNEVFEIQQTTQEYIPVTLDENIVSSLSIDEVYWVDYTKYCYTAEIKYYKS
MLTDIPLKNCQECGTFYILDEYEFEISKTQKCPFCRSVDERAGPQKDVFDF
;
A
2 'polypeptide(L)'
;MSLFSELPLDAGTDEQITQIAVSNVSINPSLAIITPHKILLFNECGEKHDYELSRNIRCTYVQWHPSQPIIALGWETGAI
TLWSEETKVAKEEPNGHKSEICLIQFNPSGSRMVSADIDGNVTVWRGINIVSQYKKEQSITHAIFCELNIDSKLKSGNLF
FFGGKSGVVCLADDANHCSDVCKVGGSIKSLLFYEKENSVIIITSTLLLVMFKISTSVKTGPSKRVKLSISGDPQKLQSI
WIGSCLLATCSHENMLRMWHLDQDDNYVLTLHQLAQQTQTQQGAATVIQSTNTNDQITSIQYEKRGKVLVAGTREGRIIF
WKNLSIGSESPLDVDEWKMLPYVSVRQGVNSIAVGQNNGLIAVQYGNQISLVQETVINGKMTDQVRLLQSSANTIKIYIN
NDISNQVLHFQSKGNIKGLDCNDQFMLLWTSKTIEIHEIIINPKESQTKLVASIQEKCLRSVIHKENIILVNDMELNVLN
FKGIQKQNLKFSESEGKILNVNVLNNHLIMWTSNNYIRLFDISRREVKQIGVTRRFENSQGQLGQIRYCAVNSDGSKIVI
TADQRGKSGPQADNKFYIYDVQTDNFLLYEMPAKCIPLQPYCDRKDRKFFGISCIINKNIQQEKNADENNDENEDNKSDK
SRNEDDDEKDKSNLEFYTFFVTSENGIRKQDQYQLESSIEAVFAIDIPKLYFIKRNKKTNSSGQNYKIVEKYLNDFVGLE
KIDNQIKEAIMNFSFYLTMDNLDEAYKSVKQIQNPSIWEKMASMCVKTKRIDVAEICLGNMRFARGSKAIREQKKEPELD
AQLAMVAIQLNMKDEAVKLYEQSKRYDLYNKMLQAEGNWEKAIQISENHDRINLKNTYYRTAQMYEVSNNYEQAILYYEK
SGTHVKEVPRMLLEAGQTEQLERYIIDKNEKPLFKWWAQYLESNYRIELAVKFYRQSEDYDQMVRLFLTKNDVQTASSIC
SETNNSAACYILAKYLEMNGQIPEAIQYYWKSQHYTQAVRLAREKGMDNEVMSISLQGPNQVKLQSAAYFEEKGFKQKAV
ELYKKGGNLIKAYNLAQEEKLYDEAKQIARQIEQEEDQRNKKRDPNDLAGIIDDFIEKGQPERAVPLMIKAKQFERAIET
CIRFNIPITQDLVDKIIPTEPAKNAAEENKRKELMKLIADTSIKQGDYRLSSKLYTKLGNQVEAMKCLINLGAIDEVVNY
ATMARMPQLYILAGNFLQTTDWHKNPQLMKHIITFYNKAKAYDNLAGFFDACSSVEIDEYRDYEKAAAALNEALKHAKKS
TSESRDFRIEQLETKLNLVQKFVQARALFSSDPQQMKQICEDLLAQPGIDQSVRSGDIYAQIIEYYYQVKNFSQAFDYIK
KMQQKRIILAPYLDQEMLQQILESQGVSLNSKNKNNDDEFIEEDVPE
;
D
3 'polypeptide(L)'
;MASSKKVFEFKDDLNGSGKVLFSWSQDCSYIAVCGQSKVVYVLDKRGRKLKETVLKSKNKVIGLEWDKDQEFLAILQENS
TCFLLWNVFQNSFEQQDLEEKSKGSFIKWSKTHPVLVIGTEKGILYFYNKKTQKKIPTMGKHSKKITTGDWNDEGLLITG
SEEKVLTVSSHNSDSKGESITVQHEPSNLQWARQKTDDRDSSQRTITAILSNKSILMYDLNTKKQPLELVYEPKYGKIVD
YQLFGDGYIVTGFTEGYVAHVSSHLYELRDEIQSKRIFQSSLDALCTNDIIYKLAVAGENQIHIYNLGTWEEVKSQRIEL
PKAAGNVTKMQWANNGQLLVVATANGHLYGYLTSIPFLTSTYGSIVSVLSSFTEVSIVDTSRINQIQNVSSINLETEPGF
LSLGLYHLAAGINNNVWYYLWLDQKRNGIIKGGEMIQKRDYLGSVKDIRLNEFWAAVLTDGKCILHTIQPNNNVKDQKFP
QIETDKAISGIGLTNDFLIMLDSSGKIRYYHLEDQQFVVEYKPADCQLVKIYPNFSGTRVVCFDNKGSAYLFEPAQEQFY
PLEHFPQRAEKVLWDQKDPNLFAVLQNDTLITFIINKNNINGTLIQPVKELLAIEDIKNPGPPVQTILDRGVKPLTLSNG
LLKCFTPSGSINGQNLTSHSYLGSYKGRDDTDQGHYRFFLQNLQLHKYNNCLIAAQFLHNAVLYKELGRKALEFVDLDVA
LKSYQLAGSLSMVMTIQSFQHINEKNIIYGNIAMILGQYDLAQELFLKSSQPILALEMRSDIQDYLTALNLAKSIAPQEE
PFICRRLAFQIENQGNNQEARKLYERAVLNKDDRPSDRSKIDNHNQLCFAGISRTSIKLGDIQRGVTIAKELIDNNIVIE
IAVVCENMKQYLEAAELYQKSGMLEKAASLYIESKDFKKAAPLISMIKSPNLLKQYAKAKESEGAYNEAEQTYEQAESWE
DVVRLNLDKLDNLRKAIAVLRTKCDTSTVCLMVANVCEKQGNYGELVEFLLKAGKKEEAFQKAQQYNVMDAYSDNMKDFT
LEERLRIAQYYENQGIWVKAAKHFEQAKNPTKSLKLYLKAGDQYIDDMIDLVCRNKQQESLQQTLLDYLLEGEKPKDPIY
LLKLYDKLGNIQSLVKIAITIASDEHDQGNYKIAHERLFETYQKVKEHNVAIPFDLEQKLMIIHSYILARKYLAYKEEDK
EIELAAWLLNRVCKNISQFPTHAVNILTSAVIAAMKSKNRPLAYKWSVELVRPEYRSHINEKYKTRIENIARKPLKEEPV
ENKTECPFCKEYVGEFQLVCESCQNVIPFCIASGTHVIADQLCFCPSCRFPANINYFIKYAESEEGRCPMCSVQINLNEV
KVENPEQAASILKQLRATRQSSEQKKK
;
E
#
# COMPACT_ATOMS: atom_id res chain seq x y z
N ILE A 719 47.18 13.89 50.12
CA ILE A 719 46.08 14.10 49.18
C ILE A 719 46.33 15.34 48.32
N ASN A 720 46.57 16.47 48.98
CA ASN A 720 46.73 17.73 48.27
C ASN A 720 47.95 17.70 47.35
N SER A 721 49.08 17.21 47.84
CA SER A 721 50.30 17.15 47.02
C SER A 721 50.13 16.19 45.85
N ASP A 722 49.58 15.01 46.13
CA ASP A 722 49.33 14.04 45.07
C ASP A 722 48.35 14.59 44.04
N ALA A 723 47.29 15.24 44.51
CA ALA A 723 46.31 15.83 43.60
C ALA A 723 46.95 16.90 42.73
N SER A 724 47.78 17.76 43.32
CA SER A 724 48.43 18.82 42.57
C SER A 724 49.37 18.25 41.51
N ARG A 725 50.21 17.29 41.90
CA ARG A 725 51.16 16.71 40.95
C ARG A 725 50.43 15.99 39.83
N LYS A 726 49.40 15.20 40.17
CA LYS A 726 48.64 14.48 39.17
C LYS A 726 47.94 15.44 38.21
N ASP A 727 47.36 16.51 38.75
CA ASP A 727 46.69 17.49 37.89
C ASP A 727 47.68 18.16 36.94
N LEU A 728 48.85 18.53 37.44
CA LEU A 728 49.84 19.17 36.58
C LEU A 728 50.31 18.23 35.48
N LEU A 729 50.56 16.96 35.81
CA LEU A 729 51.01 16.03 34.79
C LEU A 729 49.89 15.66 33.82
N ILE A 730 48.63 15.64 34.27
CA ILE A 730 47.53 15.41 33.33
C ILE A 730 47.37 16.60 32.39
N GLN A 731 47.59 17.82 32.89
CA GLN A 731 47.59 18.98 32.01
C GLN A 731 48.69 18.88 30.96
N ARG A 732 49.91 18.55 31.39
CA ARG A 732 51.00 18.35 30.43
C ARG A 732 50.65 17.23 29.45
N ALA A 733 49.95 16.20 29.93
CA ALA A 733 49.47 15.15 29.05
C ALA A 733 48.52 15.70 28.00
N GLU A 734 47.66 16.64 28.39
CA GLU A 734 46.74 17.24 27.43
C GLU A 734 47.49 18.01 26.35
N TRP A 735 48.43 18.88 26.74
CA TRP A 735 49.15 19.60 25.68
C TRP A 735 50.07 18.69 24.87
N GLU A 736 50.53 17.56 25.44
CA GLU A 736 51.33 16.64 24.63
C GLU A 736 50.47 15.82 23.67
N VAL A 737 49.29 15.37 24.10
CA VAL A 737 48.41 14.63 23.21
C VAL A 737 47.82 15.55 22.16
N LYS A 738 47.84 16.87 22.40
CA LYS A 738 47.49 17.80 21.33
C LYS A 738 48.45 17.69 20.15
N GLN A 739 49.76 17.57 20.40
CA GLN A 739 50.70 17.28 19.32
C GLN A 739 50.59 15.83 18.89
N GLY A 740 50.13 14.95 19.79
CA GLY A 740 49.83 13.58 19.45
C GLY A 740 50.71 12.53 20.10
N ASN A 741 50.22 11.95 21.20
CA ASN A 741 50.83 10.81 21.88
C ASN A 741 49.73 10.12 22.67
N TRP A 742 49.40 8.91 22.25
CA TRP A 742 48.19 8.27 22.78
C TRP A 742 48.52 7.06 23.65
N LYS A 743 49.43 6.19 23.19
CA LYS A 743 49.74 4.98 23.95
C LYS A 743 50.80 5.24 25.01
N LYS A 744 51.96 5.75 24.58
CA LYS A 744 53.02 6.04 25.53
C LYS A 744 52.59 7.08 26.55
N GLY A 745 51.94 8.16 26.10
CA GLY A 745 51.42 9.14 27.03
C GLY A 745 50.37 8.55 27.95
N GLY A 746 49.43 7.78 27.38
CA GLY A 746 48.40 7.18 28.20
C GLY A 746 48.96 6.30 29.29
N GLU A 747 50.02 5.55 28.98
CA GLU A 747 50.67 4.72 30.01
C GLU A 747 51.44 5.57 31.00
N LEU A 748 52.11 6.63 30.54
CA LEU A 748 52.89 7.47 31.45
C LEU A 748 52.01 8.17 32.47
N TYR A 749 50.83 8.63 32.06
CA TYR A 749 49.96 9.41 32.92
C TYR A 749 48.82 8.60 33.52
N ILE A 750 48.99 7.29 33.69
CA ILE A 750 48.02 6.51 34.45
C ILE A 750 48.00 6.96 35.90
N GLN A 751 49.19 7.02 36.52
CA GLN A 751 49.35 7.48 37.90
C GLN A 751 48.35 6.83 38.85
N ALA A 752 47.27 7.55 39.17
CA ALA A 752 46.25 7.05 40.07
C ALA A 752 44.96 7.78 39.80
N GLU A 753 43.90 7.03 39.45
CA GLU A 753 42.55 7.56 39.25
C GLU A 753 42.53 8.63 38.17
N VAL A 754 42.90 8.22 36.96
CA VAL A 754 42.80 9.05 35.77
C VAL A 754 41.76 8.41 34.84
N TYR A 755 40.78 7.74 35.45
CA TYR A 755 39.91 6.83 34.71
C TYR A 755 39.14 7.54 33.61
N LYS A 756 38.69 8.78 33.85
CA LYS A 756 37.91 9.47 32.84
C LYS A 756 38.75 9.80 31.61
N LYS A 757 39.94 10.38 31.81
CA LYS A 757 40.82 10.68 30.69
C LYS A 757 41.29 9.40 30.00
N ALA A 758 41.61 8.36 30.78
CA ALA A 758 42.06 7.11 30.20
C ALA A 758 40.97 6.46 29.35
N ILE A 759 39.73 6.46 29.84
CA ILE A 759 38.64 5.85 29.08
C ILE A 759 38.32 6.69 27.84
N GLU A 760 38.44 8.02 27.93
CA GLU A 760 38.28 8.84 26.74
C GLU A 760 39.34 8.51 25.70
N VAL A 761 40.59 8.33 26.14
CA VAL A 761 41.67 7.96 25.23
C VAL A 761 41.39 6.61 24.59
N TYR A 762 40.93 5.64 25.39
CA TYR A 762 40.68 4.30 24.87
C TYR A 762 39.51 4.29 23.89
N VAL A 763 38.48 5.11 24.14
CA VAL A 763 37.39 5.23 23.18
C VAL A 763 37.88 5.88 21.89
N THR A 764 38.74 6.89 22.01
CA THR A 764 39.28 7.54 20.82
C THR A 764 40.11 6.57 19.98
N ASN A 765 40.94 5.75 20.63
CA ASN A 765 41.84 4.84 19.93
C ASN A 765 41.27 3.44 19.76
N ASN A 766 40.09 3.17 20.31
CA ASN A 766 39.48 1.83 20.27
C ASN A 766 40.45 0.78 20.84
N PHE A 767 41.13 1.16 21.92
CA PHE A 767 42.12 0.30 22.57
C PHE A 767 41.48 -0.31 23.81
N SER A 768 41.23 -1.62 23.77
CA SER A 768 40.57 -2.31 24.87
C SER A 768 41.54 -3.01 25.80
N GLU A 769 42.79 -3.25 25.38
CA GLU A 769 43.75 -3.92 26.24
C GLU A 769 44.06 -3.09 27.48
N GLY A 770 44.20 -1.78 27.32
CA GLY A 770 44.38 -0.90 28.46
C GLY A 770 43.18 -0.92 29.40
N ILE A 771 41.98 -1.05 28.84
CA ILE A 771 40.78 -1.16 29.67
C ILE A 771 40.83 -2.41 30.52
N VAL A 772 41.25 -3.53 29.93
CA VAL A 772 41.38 -4.78 30.68
C VAL A 772 42.45 -4.65 31.75
N GLU A 773 43.57 -3.99 31.43
CA GLU A 773 44.61 -3.78 32.42
C GLU A 773 44.09 -2.95 33.59
N VAL A 774 43.34 -1.90 33.30
CA VAL A 774 42.78 -1.07 34.36
C VAL A 774 41.80 -1.88 35.22
N CYS A 775 40.93 -2.66 34.58
CA CYS A 775 39.91 -3.38 35.34
C CYS A 775 40.54 -4.47 36.22
N ARG A 776 41.57 -5.14 35.70
CA ARG A 776 42.25 -6.15 36.52
C ARG A 776 43.08 -5.49 37.62
N ASN A 777 43.55 -4.26 37.39
CA ASN A 777 44.26 -3.50 38.41
C ASN A 777 43.35 -2.65 39.27
N ALA A 778 42.06 -2.60 38.96
CA ALA A 778 41.12 -1.78 39.72
C ALA A 778 40.83 -2.40 41.09
N ASP A 779 40.45 -1.55 42.03
CA ASP A 779 40.06 -2.02 43.35
C ASP A 779 38.73 -2.76 43.26
N ALA A 780 38.61 -3.85 44.04
CA ALA A 780 37.43 -4.70 43.93
C ALA A 780 36.20 -4.05 44.55
N GLU A 781 36.36 -3.42 45.71
CA GLU A 781 35.22 -2.96 46.50
C GLU A 781 34.85 -1.50 46.23
N THR A 782 35.59 -0.79 45.39
CA THR A 782 35.29 0.61 45.13
C THR A 782 35.10 0.93 43.65
N GLN A 783 35.71 0.18 42.74
CA GLN A 783 35.60 0.42 41.31
C GLN A 783 34.68 -0.60 40.63
N ARG A 784 33.60 -0.98 41.32
CA ARG A 784 32.72 -2.03 40.80
C ARG A 784 31.97 -1.55 39.56
N LYS A 785 31.42 -0.34 39.61
CA LYS A 785 30.67 0.19 38.47
C LYS A 785 31.57 0.45 37.27
N GLU A 786 32.83 0.81 37.52
CA GLU A 786 33.77 0.96 36.41
C GLU A 786 33.99 -0.35 35.68
N ILE A 787 34.17 -1.44 36.43
CA ILE A 787 34.30 -2.75 35.80
C ILE A 787 33.00 -3.15 35.12
N GLU A 788 31.85 -2.78 35.68
CA GLU A 788 30.57 -3.08 35.05
C GLU A 788 30.46 -2.40 33.68
N GLN A 789 30.80 -1.12 33.61
CA GLN A 789 30.70 -0.41 32.34
C GLN A 789 31.77 -0.87 31.35
N CYS A 790 32.95 -1.25 31.86
CA CYS A 790 33.96 -1.84 30.97
C CYS A 790 33.45 -3.16 30.37
N ALA A 791 32.79 -3.97 31.19
CA ALA A 791 32.21 -5.22 30.69
C ALA A 791 31.11 -4.95 29.68
N ALA A 792 30.30 -3.92 29.93
CA ALA A 792 29.27 -3.55 28.95
C ALA A 792 29.90 -3.14 27.63
N TYR A 793 30.99 -2.37 27.68
CA TYR A 793 31.70 -1.99 26.47
C TYR A 793 32.27 -3.22 25.76
N PHE A 794 32.80 -4.18 26.52
CA PHE A 794 33.29 -5.41 25.93
C PHE A 794 32.16 -6.17 25.23
N LYS A 795 31.00 -6.25 25.87
CA LYS A 795 29.87 -6.97 25.28
C LYS A 795 29.39 -6.28 24.02
N LYS A 796 29.31 -4.96 24.01
CA LYS A 796 28.89 -4.25 22.81
C LYS A 796 29.96 -4.28 21.72
N ALA A 797 31.20 -4.61 22.07
CA ALA A 797 32.29 -4.75 21.11
C ALA A 797 32.59 -6.20 20.79
N LYS A 798 31.71 -7.13 21.16
CA LYS A 798 31.84 -8.56 20.90
C LYS A 798 33.08 -9.16 21.57
N LEU A 799 33.53 -8.58 22.68
CA LEU A 799 34.65 -9.13 23.46
C LEU A 799 34.07 -10.10 24.47
N HIS A 800 33.88 -11.34 24.01
CA HIS A 800 33.18 -12.35 24.82
C HIS A 800 33.98 -12.77 26.04
N GLN A 801 35.26 -13.09 25.85
CA GLN A 801 36.08 -13.57 26.97
C GLN A 801 36.31 -12.47 28.00
N TYR A 802 36.54 -11.24 27.55
CA TYR A 802 36.68 -10.12 28.47
C TYR A 802 35.40 -9.89 29.25
N THR A 803 34.25 -10.02 28.59
CA THR A 803 32.98 -9.90 29.28
C THR A 803 32.83 -10.99 30.33
N LYS A 804 33.22 -12.23 29.99
CA LYS A 804 33.12 -13.33 30.95
C LYS A 804 33.99 -13.08 32.17
N GLU A 805 35.26 -12.68 31.97
CA GLU A 805 36.15 -12.47 33.11
C GLU A 805 35.70 -11.28 33.95
N ALA A 806 35.22 -10.22 33.29
CA ALA A 806 34.74 -9.06 34.04
C ALA A 806 33.49 -9.41 34.86
N TYR A 807 32.62 -10.27 34.32
CA TYR A 807 31.46 -10.70 35.07
C TYR A 807 31.84 -11.62 36.23
N LEU A 808 32.85 -12.47 36.00
CA LEU A 808 33.34 -13.32 37.10
C LEU A 808 33.91 -12.48 38.22
N LYS A 809 34.63 -11.41 37.89
CA LYS A 809 35.07 -10.47 38.91
C LYS A 809 33.87 -9.73 39.54
N LEU A 810 32.85 -9.44 38.74
CA LEU A 810 31.68 -8.72 39.26
C LEU A 810 30.81 -9.62 40.14
N GLN A 811 30.59 -10.86 39.73
CA GLN A 811 29.69 -11.81 40.38
C GLN A 811 28.25 -11.30 40.46
N ASP A 812 27.85 -10.41 39.56
CA ASP A 812 26.51 -9.84 39.57
C ASP A 812 25.62 -10.62 38.61
N ASN A 813 24.44 -11.03 39.10
CA ASN A 813 23.54 -11.81 38.27
C ASN A 813 22.90 -10.96 37.17
N LYS A 814 22.77 -9.64 37.38
CA LYS A 814 22.20 -8.78 36.37
C LYS A 814 23.02 -8.82 35.09
N ALA A 815 24.33 -8.57 35.20
CA ALA A 815 25.18 -8.53 34.03
C ALA A 815 25.28 -9.90 33.37
N LEU A 816 25.39 -10.97 34.16
CA LEU A 816 25.46 -12.31 33.59
C LEU A 816 24.19 -12.66 32.82
N LEU A 817 23.03 -12.33 33.38
CA LEU A 817 21.77 -12.61 32.68
C LEU A 817 21.64 -11.76 31.42
N GLN A 818 22.09 -10.50 31.48
CA GLN A 818 22.08 -9.66 30.28
C GLN A 818 22.94 -10.27 29.19
N LEU A 819 24.14 -10.74 29.55
CA LEU A 819 25.01 -11.38 28.56
C LEU A 819 24.36 -12.65 28.01
N ASN A 820 23.74 -13.45 28.88
CA ASN A 820 23.12 -14.69 28.42
C ASN A 820 21.98 -14.42 27.45
N ILE A 821 21.14 -13.43 27.74
CA ILE A 821 20.04 -13.13 26.84
C ILE A 821 20.53 -12.48 25.55
N ASP A 822 21.62 -11.69 25.62
CA ASP A 822 22.13 -11.06 24.41
C ASP A 822 22.88 -12.05 23.53
N LEU A 823 23.40 -13.13 24.10
CA LEU A 823 24.16 -14.11 23.35
C LEU A 823 23.29 -15.12 22.63
N GLU A 824 21.97 -15.11 22.89
CA GLU A 824 21.01 -16.01 22.24
C GLU A 824 21.36 -17.47 22.50
N LYS A 825 21.38 -17.80 23.80
CA LYS A 825 21.48 -19.19 24.23
C LYS A 825 20.74 -19.33 25.56
N TRP A 826 20.38 -20.57 25.89
CA TRP A 826 19.37 -20.82 26.90
C TRP A 826 19.77 -21.84 27.96
N ASP A 827 20.87 -22.56 27.78
CA ASP A 827 21.28 -23.54 28.80
C ASP A 827 21.99 -22.86 29.98
N GLU A 828 22.94 -21.98 29.69
CA GLU A 828 23.49 -21.16 30.76
C GLU A 828 22.40 -20.27 31.37
N ALA A 829 21.37 -19.97 30.58
CA ALA A 829 20.17 -19.35 31.14
C ALA A 829 19.51 -20.28 32.15
N MET A 830 19.39 -21.57 31.83
CA MET A 830 18.91 -22.53 32.83
C MET A 830 19.69 -22.41 34.12
N THR A 831 21.01 -22.53 34.04
CA THR A 831 21.77 -22.64 35.28
C THR A 831 21.80 -21.34 36.06
N LEU A 832 21.84 -20.18 35.38
CA LEU A 832 21.83 -18.91 36.09
C LEU A 832 20.46 -18.60 36.69
N ALA A 833 19.37 -18.94 35.98
CA ALA A 833 18.05 -18.71 36.54
C ALA A 833 17.79 -19.65 37.72
N LYS A 834 18.26 -20.90 37.64
CA LYS A 834 18.10 -21.82 38.76
C LYS A 834 18.93 -21.36 39.96
N ALA A 835 20.14 -20.84 39.71
CA ALA A 835 20.97 -20.35 40.80
C ALA A 835 20.40 -19.07 41.41
N HIS A 836 19.53 -18.37 40.68
CA HIS A 836 18.97 -17.09 41.13
C HIS A 836 17.45 -17.14 41.04
N PRO A 837 16.75 -17.54 42.10
CA PRO A 837 15.29 -17.67 42.02
C PRO A 837 14.55 -16.34 41.98
N GLU A 838 15.25 -15.21 42.07
CA GLU A 838 14.60 -13.91 42.16
C GLU A 838 14.36 -13.26 40.80
N PHE A 839 15.02 -13.71 39.74
CA PHE A 839 14.80 -13.16 38.40
C PHE A 839 14.34 -14.30 37.49
N MET A 840 13.08 -14.23 37.03
CA MET A 840 12.50 -15.23 36.16
C MET A 840 12.15 -14.67 34.79
N GLU A 841 11.44 -13.53 34.76
CA GLU A 841 10.87 -13.00 33.54
C GLU A 841 11.97 -12.58 32.55
N ILE A 842 13.13 -12.17 33.08
CA ILE A 842 14.18 -11.58 32.25
C ILE A 842 14.69 -12.56 31.20
N VAL A 843 14.61 -13.86 31.50
CA VAL A 843 14.95 -14.86 30.48
C VAL A 843 13.71 -15.29 29.68
N LYS A 844 12.53 -15.24 30.29
CA LYS A 844 11.32 -15.73 29.62
C LYS A 844 10.93 -14.84 28.45
N LEU A 845 10.96 -13.52 28.65
CA LEU A 845 10.53 -12.63 27.58
C LEU A 845 11.41 -12.74 26.32
N PRO A 846 12.75 -12.71 26.41
CA PRO A 846 13.53 -13.06 25.21
C PRO A 846 13.23 -14.46 24.70
N TYR A 847 13.00 -15.41 25.62
CA TYR A 847 12.59 -16.75 25.20
C TYR A 847 11.23 -16.73 24.52
N ALA A 848 10.30 -15.93 25.03
CA ALA A 848 9.00 -15.82 24.38
C ALA A 848 9.13 -15.24 22.98
N ASN A 849 9.99 -14.22 22.81
CA ASN A 849 10.23 -13.66 21.49
C ASN A 849 10.86 -14.69 20.55
N TRP A 850 11.83 -15.45 21.06
CA TRP A 850 12.47 -16.48 20.24
C TRP A 850 11.48 -17.56 19.83
N LEU A 851 10.59 -17.94 20.74
CA LEU A 851 9.54 -18.91 20.42
C LEU A 851 8.60 -18.36 19.36
N ALA A 852 8.28 -17.07 19.45
CA ALA A 852 7.50 -16.43 18.40
C ALA A 852 8.23 -16.42 17.07
N LYS A 853 9.57 -16.36 17.11
CA LYS A 853 10.34 -16.39 15.87
C LYS A 853 10.16 -17.71 15.13
N GLN A 854 10.20 -18.83 15.86
CA GLN A 854 10.00 -20.14 15.26
C GLN A 854 8.49 -20.41 15.14
N ASP A 855 8.14 -21.60 14.67
CA ASP A 855 6.75 -21.95 14.40
C ASP A 855 6.01 -22.44 15.64
N ARG A 856 6.65 -22.41 16.80
CA ARG A 856 6.04 -22.84 18.05
C ARG A 856 5.18 -21.72 18.64
N TYR A 857 4.08 -21.43 17.94
CA TYR A 857 3.23 -20.30 18.31
C TYR A 857 2.41 -20.59 19.56
N GLU A 858 2.03 -21.86 19.78
CA GLU A 858 1.26 -22.20 20.98
C GLU A 858 2.09 -22.00 22.25
N GLU A 859 3.38 -22.32 22.20
CA GLU A 859 4.24 -22.06 23.35
C GLU A 859 4.37 -20.57 23.61
N SER A 860 4.43 -19.77 22.54
CA SER A 860 4.42 -18.31 22.72
C SER A 860 3.12 -17.85 23.36
N LEU A 861 1.99 -18.44 22.94
CA LEU A 861 0.70 -18.09 23.54
C LEU A 861 0.68 -18.41 25.03
N LYS A 862 1.14 -19.61 25.41
CA LYS A 862 1.11 -19.98 26.82
C LYS A 862 2.08 -19.13 27.63
N ALA A 863 3.23 -18.77 27.05
CA ALA A 863 4.17 -17.89 27.73
C ALA A 863 3.54 -16.51 27.95
N TYR A 864 2.86 -15.98 26.93
CA TYR A 864 2.21 -14.68 27.08
C TYR A 864 1.10 -14.74 28.12
N ARG A 865 0.35 -15.84 28.15
CA ARG A 865 -0.70 -16.00 29.17
C ARG A 865 -0.10 -16.04 30.57
N LYS A 866 1.03 -16.73 30.73
CA LYS A 866 1.71 -16.73 32.03
C LYS A 866 2.21 -15.33 32.39
N ILE A 867 2.74 -14.60 31.42
CA ILE A 867 3.28 -13.27 31.70
C ILE A 867 2.16 -12.31 32.12
N GLY A 868 1.06 -12.30 31.37
CA GLY A 868 -0.07 -11.44 31.66
C GLY A 868 -0.48 -10.55 30.51
N LYS A 869 0.46 -10.15 29.65
CA LYS A 869 0.14 -9.32 28.49
C LYS A 869 -0.46 -10.24 27.42
N HIS A 870 -1.76 -10.07 27.19
CA HIS A 870 -2.52 -10.95 26.32
C HIS A 870 -3.25 -10.21 25.20
N ASP A 871 -3.08 -8.89 25.08
CA ASP A 871 -3.76 -8.15 24.03
C ASP A 871 -3.21 -8.53 22.65
N MET A 872 -1.90 -8.34 22.45
CA MET A 872 -1.29 -8.78 21.20
C MET A 872 -1.35 -10.30 21.07
N ALA A 873 -1.28 -11.01 22.19
CA ALA A 873 -1.41 -12.47 22.16
C ALA A 873 -2.77 -12.87 21.60
N THR A 874 -3.85 -12.24 22.09
CA THR A 874 -5.18 -12.55 21.58
C THR A 874 -5.33 -12.12 20.12
N LYS A 875 -4.74 -10.98 19.74
CA LYS A 875 -4.81 -10.55 18.35
C LYS A 875 -4.16 -11.56 17.41
N MET A 876 -2.94 -12.00 17.76
CA MET A 876 -2.23 -12.94 16.91
C MET A 876 -2.85 -14.33 16.97
N LEU A 877 -3.50 -14.68 18.10
CA LEU A 877 -4.25 -15.93 18.16
C LEU A 877 -5.47 -15.90 17.26
N TYR A 878 -6.17 -14.75 17.21
CA TYR A 878 -7.27 -14.59 16.27
C TYR A 878 -6.78 -14.69 14.83
N ASN A 879 -5.62 -14.09 14.55
CA ASN A 879 -5.04 -14.21 13.22
C ASN A 879 -4.73 -15.66 12.87
N LEU A 880 -4.17 -16.41 13.83
CA LEU A 880 -3.88 -17.83 13.60
C LEU A 880 -5.16 -18.63 13.40
N SER A 881 -6.22 -18.29 14.14
CA SER A 881 -7.50 -18.97 13.96
C SER A 881 -8.06 -18.72 12.56
N GLN A 882 -7.96 -17.48 12.09
CA GLN A 882 -8.38 -17.16 10.73
C GLN A 882 -7.57 -17.95 9.72
N ASN A 883 -6.25 -18.02 9.92
CA ASN A 883 -5.39 -18.78 9.03
C ASN A 883 -5.78 -20.25 9.00
N ALA A 884 -5.99 -20.84 10.19
CA ALA A 884 -6.34 -22.26 10.27
C ALA A 884 -7.68 -22.54 9.61
N VAL A 885 -8.66 -21.64 9.78
CA VAL A 885 -9.94 -21.80 9.10
C VAL A 885 -9.76 -21.75 7.59
N PHE A 886 -8.95 -20.79 7.11
CA PHE A 886 -8.75 -20.67 5.67
C PHE A 886 -8.04 -21.89 5.10
N GLU A 887 -7.07 -22.44 5.83
CA GLU A 887 -6.27 -23.57 5.36
C GLU A 887 -6.95 -24.91 5.62
N LYS A 888 -8.25 -24.91 5.90
CA LYS A 888 -9.04 -26.12 6.15
C LYS A 888 -8.51 -26.93 7.34
N ARG A 889 -7.70 -26.32 8.19
CA ARG A 889 -7.25 -26.98 9.42
C ARG A 889 -8.24 -26.68 10.54
N PHE A 890 -9.39 -27.35 10.46
CA PHE A 890 -10.49 -27.04 11.37
C PHE A 890 -10.22 -27.53 12.78
N SER A 891 -9.38 -28.55 12.94
CA SER A 891 -9.02 -29.00 14.29
C SER A 891 -8.19 -27.94 15.02
N ASP A 892 -7.19 -27.38 14.32
CA ASP A 892 -6.41 -26.30 14.91
C ASP A 892 -7.29 -25.08 15.16
N ALA A 893 -8.24 -24.82 14.27
CA ALA A 893 -9.18 -23.72 14.47
C ALA A 893 -10.01 -23.93 15.72
N ALA A 894 -10.49 -25.16 15.93
CA ALA A 894 -11.26 -25.46 17.14
C ALA A 894 -10.41 -25.30 18.39
N LEU A 895 -9.15 -25.74 18.33
CA LEU A 895 -8.26 -25.57 19.48
C LEU A 895 -8.03 -24.08 19.77
N PHE A 896 -7.84 -23.28 18.72
CA PHE A 896 -7.64 -21.84 18.92
C PHE A 896 -8.88 -21.18 19.49
N THR A 897 -10.07 -21.58 19.01
CA THR A 897 -11.31 -21.04 19.57
C THR A 897 -11.48 -21.45 21.03
N TRP A 898 -11.06 -22.67 21.37
CA TRP A 898 -11.08 -23.09 22.77
C TRP A 898 -10.15 -22.22 23.62
N MET A 899 -8.97 -21.91 23.09
CA MET A 899 -8.05 -21.01 23.79
C MET A 899 -8.68 -19.64 23.98
N ILE A 900 -9.36 -19.13 22.95
CA ILE A 900 -10.04 -17.85 23.03
C ILE A 900 -11.12 -17.88 24.11
N ALA A 901 -11.89 -18.97 24.16
CA ALA A 901 -12.93 -19.11 25.17
C ALA A 901 -12.33 -19.17 26.57
N THR A 902 -11.21 -19.87 26.73
CA THR A 902 -10.55 -19.92 28.03
C THR A 902 -10.05 -18.54 28.44
N GLU A 903 -9.54 -17.76 27.49
CA GLU A 903 -9.11 -16.40 27.79
C GLU A 903 -10.29 -15.54 28.23
N HIS A 904 -11.43 -15.67 27.54
CA HIS A 904 -12.62 -14.93 27.96
C HIS A 904 -13.09 -15.36 29.35
N LEU A 905 -12.99 -16.65 29.66
CA LEU A 905 -13.38 -17.09 31.01
C LEU A 905 -12.40 -16.57 32.07
N GLY A 906 -11.11 -16.52 31.74
CA GLY A 906 -10.16 -15.89 32.64
C GLY A 906 -10.47 -14.43 32.87
N LEU A 907 -11.00 -13.76 31.84
CA LEU A 907 -11.54 -12.41 32.04
C LEU A 907 -12.81 -12.43 32.87
N ILE A 908 -13.64 -13.47 32.76
CA ILE A 908 -14.83 -13.62 33.59
C ILE A 908 -14.44 -13.70 35.05
N ARG A 909 -13.24 -14.20 35.35
CA ARG A 909 -12.76 -14.25 36.73
C ARG A 909 -12.92 -12.92 37.47
N ASN A 910 -13.00 -11.81 36.75
CA ASN A 910 -13.13 -10.49 37.37
C ASN A 910 -14.43 -10.38 38.16
N MET A 911 -14.31 -10.38 39.48
CA MET A 911 -15.44 -10.23 40.41
C MET A 911 -16.45 -11.36 40.28
N LYS A 912 -17.48 -11.33 41.13
CA LYS A 912 -18.58 -12.28 41.04
C LYS A 912 -19.93 -11.61 41.22
N ALA A 913 -19.98 -10.31 41.48
CA ALA A 913 -21.24 -9.60 41.62
C ALA A 913 -21.97 -9.58 40.27
N PRO A 914 -23.30 -9.47 40.29
CA PRO A 914 -24.06 -9.50 39.03
C PRO A 914 -23.83 -8.26 38.17
N THR A 915 -22.66 -8.20 37.52
CA THR A 915 -22.29 -7.16 36.59
C THR A 915 -22.53 -7.62 35.15
N PRO A 916 -23.07 -6.76 34.30
CA PRO A 916 -23.42 -7.19 32.93
C PRO A 916 -22.24 -7.72 32.14
N GLU A 917 -21.03 -7.26 32.44
CA GLU A 917 -19.85 -7.79 31.76
C GLU A 917 -19.70 -9.28 32.00
N ASP A 918 -20.03 -9.75 33.21
CA ASP A 918 -19.94 -11.17 33.51
C ASP A 918 -20.89 -11.98 32.64
N ILE A 919 -22.14 -11.51 32.51
CA ILE A 919 -23.12 -12.25 31.70
C ILE A 919 -22.73 -12.24 30.23
N GLU A 920 -22.31 -11.08 29.71
CA GLU A 920 -21.96 -11.04 28.30
C GLU A 920 -20.73 -11.90 28.00
N ASN A 921 -19.75 -11.90 28.91
CA ASN A 921 -18.58 -12.74 28.70
C ASN A 921 -18.93 -14.22 28.83
N LEU A 922 -19.86 -14.56 29.72
CA LEU A 922 -20.28 -15.95 29.87
C LEU A 922 -20.98 -16.44 28.60
N MET A 923 -21.88 -15.63 28.04
CA MET A 923 -22.54 -16.04 26.81
C MET A 923 -21.55 -16.08 25.65
N LYS A 924 -20.57 -15.18 25.62
CA LYS A 924 -19.51 -15.26 24.62
C LYS A 924 -18.72 -16.56 24.76
N PHE A 925 -18.42 -16.97 25.99
CA PHE A 925 -17.70 -18.22 26.21
C PHE A 925 -18.52 -19.42 25.72
N TYR A 926 -19.82 -19.42 26.02
CA TYR A 926 -20.68 -20.50 25.54
C TYR A 926 -20.72 -20.54 24.02
N GLN A 927 -20.84 -19.37 23.39
CA GLN A 927 -20.88 -19.29 21.94
C GLN A 927 -19.56 -19.77 21.33
N TYR A 928 -18.44 -19.42 21.95
CA TYR A 928 -17.14 -19.86 21.44
C TYR A 928 -16.97 -21.38 21.61
N ARG A 929 -17.48 -21.94 22.71
CA ARG A 929 -17.46 -23.40 22.86
C ARG A 929 -18.30 -24.07 21.77
N ASP A 930 -19.46 -23.49 21.46
CA ASP A 930 -20.28 -24.02 20.37
C ASP A 930 -19.53 -23.94 19.05
N ASP A 931 -18.82 -22.84 18.83
CA ASP A 931 -18.01 -22.70 17.60
C ASP A 931 -16.93 -23.75 17.53
N ALA A 932 -16.25 -24.02 18.66
CA ALA A 932 -15.21 -25.04 18.66
C ALA A 932 -15.79 -26.41 18.33
N GLU A 933 -16.94 -26.74 18.92
CA GLU A 933 -17.53 -28.05 18.64
C GLU A 933 -17.99 -28.17 17.19
N ILE A 934 -18.61 -27.12 16.66
CA ILE A 934 -19.06 -27.18 15.26
C ILE A 934 -17.85 -27.27 14.33
N TYR A 935 -16.74 -26.61 14.71
CA TYR A 935 -15.51 -26.73 13.92
C TYR A 935 -14.98 -28.15 13.93
N PHE A 936 -14.99 -28.81 15.11
CA PHE A 936 -14.52 -30.19 15.17
C PHE A 936 -15.40 -31.12 14.33
N ALA A 937 -16.72 -30.94 14.44
CA ALA A 937 -17.64 -31.77 13.66
C ALA A 937 -17.45 -31.55 12.16
N TYR A 938 -17.28 -30.29 11.75
CA TYR A 938 -17.04 -30.02 10.34
C TYR A 938 -15.70 -30.56 9.89
N SER A 939 -14.68 -30.56 10.76
CA SER A 939 -13.41 -31.18 10.42
C SER A 939 -13.60 -32.66 10.14
N LYS A 940 -14.36 -33.35 10.99
CA LYS A 940 -14.60 -34.77 10.77
C LYS A 940 -15.35 -35.02 9.47
N VAL A 941 -16.41 -34.26 9.22
CA VAL A 941 -17.22 -34.51 8.02
C VAL A 941 -16.45 -34.13 6.77
N GLN A 942 -15.58 -33.11 6.86
CA GLN A 942 -14.77 -32.73 5.72
C GLN A 942 -13.67 -33.75 5.44
N SER A 943 -13.08 -34.33 6.48
CA SER A 943 -12.14 -35.43 6.28
C SER A 943 -12.84 -36.61 5.62
N PHE A 944 -14.11 -36.85 5.98
CA PHE A 944 -14.87 -37.89 5.30
C PHE A 944 -15.09 -37.56 3.82
N VAL A 945 -15.58 -36.36 3.53
CA VAL A 945 -16.05 -36.05 2.18
C VAL A 945 -14.87 -35.88 1.22
N ASP A 946 -13.79 -35.25 1.68
CA ASP A 946 -12.65 -34.99 0.79
C ASP A 946 -12.01 -36.28 0.30
N GLU A 947 -11.81 -37.23 1.19
CA GLU A 947 -11.28 -38.52 0.80
C GLU A 947 -12.36 -39.31 0.05
N PRO A 948 -12.04 -39.89 -1.11
CA PRO A 948 -13.07 -40.60 -1.90
C PRO A 948 -13.72 -41.71 -1.10
N PHE A 949 -15.05 -41.79 -1.19
CA PHE A 949 -15.80 -42.73 -0.37
C PHE A 949 -15.65 -44.15 -0.89
N LEU A 950 -15.62 -45.10 0.03
CA LEU A 950 -15.57 -46.52 -0.28
C LEU A 950 -16.96 -47.03 -0.62
N PRO A 951 -17.15 -47.69 -1.76
CA PRO A 951 -18.48 -48.24 -2.08
C PRO A 951 -18.98 -49.22 -1.03
N LEU A 952 -18.07 -50.03 -0.46
CA LEU A 952 -18.39 -50.94 0.64
C LEU A 952 -17.52 -50.53 1.82
N SER A 953 -18.02 -49.57 2.61
CA SER A 953 -17.30 -49.06 3.77
C SER A 953 -17.79 -49.74 5.03
N GLY A 954 -17.06 -49.53 6.12
CA GLY A 954 -17.44 -50.13 7.39
C GLY A 954 -18.77 -49.59 7.89
N HIS A 955 -19.58 -50.47 8.49
CA HIS A 955 -20.85 -50.05 9.04
C HIS A 955 -20.67 -49.05 10.17
N ALA A 956 -19.70 -49.32 11.06
CA ALA A 956 -19.45 -48.41 12.18
C ALA A 956 -18.94 -47.06 11.69
N TYR A 957 -18.08 -47.06 10.66
CA TYR A 957 -17.55 -45.80 10.13
C TYR A 957 -18.67 -44.92 9.58
N MET A 958 -19.54 -45.49 8.75
CA MET A 958 -20.61 -44.69 8.17
C MET A 958 -21.66 -44.32 9.22
N LEU A 959 -21.88 -45.18 10.21
CA LEU A 959 -22.75 -44.80 11.33
C LEU A 959 -22.20 -43.60 12.08
N ASN A 960 -20.89 -43.60 12.35
CA ASN A 960 -20.27 -42.46 13.02
C ASN A 960 -20.35 -41.20 12.17
N ILE A 961 -20.14 -41.35 10.86
CA ILE A 961 -20.23 -40.18 9.97
C ILE A 961 -21.63 -39.61 9.97
N PHE A 962 -22.64 -40.48 9.91
CA PHE A 962 -24.03 -40.03 9.95
C PHE A 962 -24.34 -39.31 11.26
N ASN A 963 -23.89 -39.90 12.37
CA ASN A 963 -24.14 -39.28 13.67
C ASN A 963 -23.47 -37.91 13.76
N ALA A 964 -22.23 -37.81 13.29
CA ALA A 964 -21.53 -36.53 13.34
C ALA A 964 -22.23 -35.48 12.48
N ALA A 965 -22.63 -35.86 11.27
CA ALA A 965 -23.31 -34.92 10.39
C ALA A 965 -24.63 -34.46 10.99
N ARG A 966 -25.42 -35.40 11.52
CA ARG A 966 -26.70 -35.03 12.13
C ARG A 966 -26.51 -34.13 13.33
N PHE A 967 -25.53 -34.44 14.19
CA PHE A 967 -25.29 -33.61 15.36
C PHE A 967 -24.84 -32.21 14.96
N ALA A 968 -23.95 -32.11 13.97
CA ALA A 968 -23.49 -30.80 13.52
C ALA A 968 -24.64 -29.99 12.91
N ILE A 969 -25.50 -30.64 12.12
CA ILE A 969 -26.64 -29.94 11.54
C ILE A 969 -27.57 -29.45 12.63
N ASN A 970 -27.83 -30.29 13.64
CA ASN A 970 -28.69 -29.89 14.73
C ASN A 970 -28.11 -28.72 15.52
N LYS A 971 -26.80 -28.77 15.80
CA LYS A 971 -26.18 -27.73 16.62
C LYS A 971 -26.10 -26.41 15.88
N LEU A 972 -25.75 -26.43 14.60
CA LEU A 972 -25.58 -25.19 13.85
C LEU A 972 -26.92 -24.64 13.37
N GLY A 973 -27.59 -25.38 12.49
CA GLY A 973 -28.92 -25.02 12.03
C GLY A 973 -28.98 -23.93 10.99
N ASN A 974 -28.85 -22.67 11.42
CA ASN A 974 -28.94 -21.56 10.48
C ASN A 974 -27.99 -20.41 10.77
N ARG A 975 -26.98 -20.59 11.62
CA ARG A 975 -26.13 -19.47 11.99
C ARG A 975 -25.16 -19.06 10.88
N GLN A 976 -24.93 -19.94 9.91
CA GLN A 976 -24.02 -19.71 8.77
C GLN A 976 -22.75 -18.98 9.22
N LEU A 977 -22.09 -19.55 10.23
CA LEU A 977 -20.90 -18.94 10.79
C LEU A 977 -19.71 -19.07 9.85
N TYR A 978 -18.57 -18.55 10.30
CA TYR A 978 -17.38 -18.50 9.45
C TYR A 978 -16.73 -19.87 9.37
N GLY A 979 -16.72 -20.45 8.17
CA GLY A 979 -15.99 -21.68 7.89
C GLY A 979 -16.83 -22.79 7.29
N VAL A 980 -18.13 -22.77 7.53
CA VAL A 980 -19.02 -23.85 7.14
C VAL A 980 -19.80 -23.44 5.90
N GLN A 981 -19.77 -24.30 4.88
CA GLN A 981 -20.51 -24.07 3.63
C GLN A 981 -21.90 -24.69 3.63
N HIS A 982 -22.24 -25.49 4.64
CA HIS A 982 -23.59 -26.00 4.86
C HIS A 982 -24.06 -26.97 3.78
N SER A 983 -23.23 -27.21 2.76
CA SER A 983 -23.61 -28.12 1.68
C SER A 983 -22.96 -29.49 1.81
N TYR A 984 -21.70 -29.52 2.25
CA TYR A 984 -21.02 -30.79 2.43
C TYR A 984 -21.73 -31.65 3.48
N LEU A 985 -22.19 -31.02 4.57
CA LEU A 985 -22.90 -31.76 5.61
C LEU A 985 -24.16 -32.40 5.07
N TYR A 986 -24.97 -31.63 4.33
CA TYR A 986 -26.21 -32.16 3.78
C TYR A 986 -25.94 -33.27 2.78
N TYR A 987 -24.94 -33.10 1.91
CA TYR A 987 -24.65 -34.12 0.91
C TYR A 987 -24.17 -35.41 1.57
N SER A 988 -23.27 -35.30 2.56
CA SER A 988 -22.79 -36.49 3.25
C SER A 988 -23.91 -37.17 4.02
N LEU A 989 -24.78 -36.38 4.68
CA LEU A 989 -25.91 -36.97 5.39
C LEU A 989 -26.84 -37.70 4.43
N GLY A 990 -27.09 -37.11 3.26
CA GLY A 990 -27.95 -37.77 2.29
C GLY A 990 -27.35 -39.07 1.79
N LYS A 991 -26.06 -39.07 1.47
CA LYS A 991 -25.42 -40.29 1.00
C LYS A 991 -25.44 -41.37 2.07
N VAL A 992 -25.08 -41.02 3.31
CA VAL A 992 -25.03 -42.02 4.37
C VAL A 992 -26.42 -42.51 4.72
N SER A 993 -27.44 -41.65 4.61
CA SER A 993 -28.81 -42.11 4.83
C SER A 993 -29.26 -43.06 3.73
N LYS A 994 -28.93 -42.74 2.47
CA LYS A 994 -29.25 -43.65 1.38
C LYS A 994 -28.58 -45.01 1.59
N GLN A 995 -27.38 -45.00 2.16
CA GLN A 995 -26.73 -46.25 2.51
C GLN A 995 -27.27 -46.88 3.80
N LEU A 996 -28.02 -46.13 4.60
CA LEU A 996 -28.56 -46.61 5.88
C LEU A 996 -30.03 -46.23 6.02
N GLU A 997 -30.81 -46.50 4.98
CA GLU A 997 -32.26 -46.26 4.99
C GLU A 997 -32.56 -44.79 5.21
N GLY A 998 -32.88 -44.42 6.46
CA GLY A 998 -33.11 -43.05 6.87
C GLY A 998 -33.89 -42.21 5.87
N TYR A 999 -35.04 -42.73 5.44
CA TYR A 999 -35.75 -42.16 4.30
C TYR A 999 -36.24 -40.74 4.58
N LYS A 1000 -36.77 -40.50 5.77
CA LYS A 1000 -37.29 -39.17 6.10
C LYS A 1000 -36.15 -38.14 6.16
N THR A 1001 -35.07 -38.48 6.84
CA THR A 1001 -33.92 -37.58 6.90
C THR A 1001 -33.31 -37.37 5.53
N ALA A 1002 -33.25 -38.43 4.72
CA ALA A 1002 -32.75 -38.30 3.36
C ALA A 1002 -33.60 -37.34 2.55
N ARG A 1003 -34.92 -37.46 2.65
CA ARG A 1003 -35.80 -36.55 1.92
C ARG A 1003 -35.63 -35.11 2.39
N ILE A 1004 -35.55 -34.90 3.70
CA ILE A 1004 -35.43 -33.55 4.24
C ILE A 1004 -34.12 -32.91 3.77
N CYS A 1005 -33.01 -33.65 3.88
CA CYS A 1005 -31.73 -33.09 3.47
C CYS A 1005 -31.65 -32.92 1.96
N TYR A 1006 -32.32 -33.78 1.19
CA TYR A 1006 -32.33 -33.62 -0.26
C TYR A 1006 -33.13 -32.39 -0.66
N GLU A 1007 -34.25 -32.12 0.01
CA GLU A 1007 -34.99 -30.88 -0.24
C GLU A 1007 -34.14 -29.67 0.13
N LYS A 1008 -33.43 -29.74 1.25
CA LYS A 1008 -32.55 -28.64 1.63
C LYS A 1008 -31.46 -28.41 0.59
N LEU A 1009 -30.86 -29.49 0.08
CA LEU A 1009 -29.81 -29.36 -0.93
C LEU A 1009 -30.39 -28.83 -2.24
N ALA A 1010 -31.62 -29.20 -2.57
CA ALA A 1010 -32.28 -28.63 -3.74
C ALA A 1010 -32.49 -27.14 -3.58
N SER A 1011 -32.92 -26.70 -2.39
CA SER A 1011 -32.97 -25.27 -2.10
C SER A 1011 -31.58 -24.68 -2.02
N TYR A 1012 -30.56 -25.51 -1.83
CA TYR A 1012 -29.17 -25.09 -1.78
C TYR A 1012 -28.60 -25.09 -3.20
N LYS A 1013 -27.43 -24.49 -3.39
CA LYS A 1013 -26.73 -24.53 -4.65
C LYS A 1013 -25.56 -25.52 -4.56
N ILE A 1014 -25.43 -26.36 -5.57
CA ILE A 1014 -24.44 -27.44 -5.59
C ILE A 1014 -23.64 -27.30 -6.88
N PRO A 1015 -22.37 -27.71 -6.90
CA PRO A 1015 -21.66 -27.79 -8.19
C PRO A 1015 -22.34 -28.77 -9.12
N THR A 1016 -22.20 -28.52 -10.42
CA THR A 1016 -22.90 -29.31 -11.43
C THR A 1016 -22.48 -30.78 -11.43
N GLU A 1017 -21.36 -31.12 -10.78
CA GLU A 1017 -20.93 -32.52 -10.74
C GLU A 1017 -21.92 -33.39 -9.97
N TRP A 1018 -22.51 -32.87 -8.89
CA TRP A 1018 -23.37 -33.67 -8.02
C TRP A 1018 -24.86 -33.44 -8.26
N SER A 1019 -25.24 -32.70 -9.30
CA SER A 1019 -26.65 -32.38 -9.47
C SER A 1019 -27.44 -33.58 -9.99
N GLU A 1020 -27.14 -34.02 -11.21
CA GLU A 1020 -27.91 -35.11 -11.83
C GLU A 1020 -27.97 -36.31 -10.89
N GLU A 1021 -26.89 -36.54 -10.15
CA GLU A 1021 -26.92 -37.57 -9.11
C GLU A 1021 -27.96 -37.27 -8.05
N ILE A 1022 -28.11 -36.00 -7.63
CA ILE A 1022 -29.01 -35.72 -6.53
C ILE A 1022 -30.46 -35.86 -6.99
N GLU A 1023 -30.79 -35.41 -8.21
CA GLU A 1023 -32.15 -35.66 -8.70
C GLU A 1023 -32.41 -37.14 -8.92
N LEU A 1024 -31.42 -37.89 -9.42
CA LEU A 1024 -31.61 -39.32 -9.61
C LEU A 1024 -31.86 -40.02 -8.26
N SER A 1025 -31.09 -39.64 -7.24
CA SER A 1025 -31.28 -40.23 -5.91
C SER A 1025 -32.63 -39.87 -5.33
N THR A 1026 -33.07 -38.62 -5.52
CA THR A 1026 -34.38 -38.23 -5.03
C THR A 1026 -35.48 -39.02 -5.73
N LEU A 1027 -35.37 -39.20 -7.05
CA LEU A 1027 -36.38 -39.96 -7.77
C LEU A 1027 -36.39 -41.42 -7.33
N LEU A 1028 -35.22 -42.00 -7.10
CA LEU A 1028 -35.18 -43.39 -6.62
C LEU A 1028 -35.76 -43.53 -5.22
N ILE A 1029 -35.46 -42.58 -4.33
CA ILE A 1029 -35.91 -42.68 -2.95
C ILE A 1029 -37.38 -42.31 -2.81
N ARG A 1030 -37.96 -41.63 -3.80
CA ARG A 1030 -39.38 -41.29 -3.73
C ARG A 1030 -40.25 -42.53 -3.58
N SER A 1031 -39.84 -43.65 -4.18
CA SER A 1031 -40.64 -44.87 -4.13
C SER A 1031 -40.34 -45.74 -2.92
N LYS A 1032 -39.32 -45.40 -2.13
CA LYS A 1032 -38.98 -46.20 -0.96
C LYS A 1032 -39.98 -45.98 0.17
N PRO A 1033 -40.14 -46.97 1.06
CA PRO A 1033 -41.09 -46.80 2.18
C PRO A 1033 -40.67 -45.66 3.10
N TYR A 1034 -41.67 -45.05 3.71
CA TYR A 1034 -41.48 -43.90 4.59
C TYR A 1034 -41.31 -44.35 6.04
N SER A 1035 -41.39 -43.40 6.96
CA SER A 1035 -41.40 -43.65 8.41
C SER A 1035 -40.08 -44.20 8.92
N ASP A 1036 -38.98 -43.87 8.26
CA ASP A 1036 -37.61 -44.17 8.72
C ASP A 1036 -37.49 -45.70 8.87
N GLN A 1037 -36.65 -46.17 9.79
CA GLN A 1037 -36.47 -47.59 10.01
C GLN A 1037 -36.38 -48.00 11.47
N GLU A 1038 -36.54 -47.06 12.41
CA GLU A 1038 -36.51 -47.33 13.85
C GLU A 1038 -35.12 -47.79 14.29
N SER A 1039 -34.90 -47.89 15.60
CA SER A 1039 -33.66 -48.36 16.21
C SER A 1039 -32.47 -47.47 15.90
N LEU A 1040 -32.69 -46.26 15.41
CA LEU A 1040 -31.59 -45.34 15.11
C LEU A 1040 -31.85 -43.96 15.71
N LEU A 1041 -33.13 -43.62 15.87
CA LEU A 1041 -33.48 -42.31 16.41
C LEU A 1041 -33.08 -42.23 17.89
N PRO A 1042 -32.49 -41.11 18.32
CA PRO A 1042 -32.15 -40.98 19.74
C PRO A 1042 -33.40 -40.86 20.61
N ILE A 1043 -33.27 -41.32 21.85
CA ILE A 1043 -34.33 -41.23 22.84
C ILE A 1043 -33.87 -40.27 23.92
N CYS A 1044 -34.63 -39.21 24.15
CA CYS A 1044 -34.27 -38.23 25.16
C CYS A 1044 -34.41 -38.81 26.56
N ASN A 1045 -33.43 -38.52 27.41
CA ASN A 1045 -33.51 -38.95 28.80
C ASN A 1045 -34.57 -38.13 29.53
N ARG A 1046 -34.97 -38.63 30.70
CA ARG A 1046 -35.96 -38.02 31.59
C ARG A 1046 -37.32 -37.89 30.91
N CYS A 1047 -37.42 -38.41 29.68
CA CYS A 1047 -38.68 -38.42 28.94
C CYS A 1047 -39.10 -39.80 28.42
N TYR A 1048 -38.15 -40.63 27.97
CA TYR A 1048 -38.44 -41.91 27.35
C TYR A 1048 -39.41 -41.74 26.17
N ASN A 1049 -39.09 -40.76 25.33
CA ASN A 1049 -39.87 -40.44 24.14
C ASN A 1049 -38.95 -40.35 22.94
N GLN A 1050 -39.39 -40.91 21.82
CA GLN A 1050 -38.60 -40.87 20.59
C GLN A 1050 -38.59 -39.46 20.01
N ASN A 1051 -37.54 -39.17 19.26
CA ASN A 1051 -37.36 -37.85 18.64
C ASN A 1051 -36.82 -38.02 17.24
N PRO A 1052 -37.19 -37.13 16.33
CA PRO A 1052 -36.59 -37.13 14.99
C PRO A 1052 -35.12 -36.77 15.04
N ALA A 1053 -34.40 -37.18 13.99
CA ALA A 1053 -32.97 -36.93 13.92
C ALA A 1053 -32.66 -35.43 13.90
N LEU A 1054 -33.42 -34.67 13.13
CA LEU A 1054 -33.23 -33.22 13.01
C LEU A 1054 -34.32 -32.52 13.81
N THR A 1055 -33.98 -32.02 14.99
CA THR A 1055 -34.90 -31.29 15.87
C THR A 1055 -34.22 -29.98 16.27
N GLU A 1056 -34.34 -28.97 15.41
CA GLU A 1056 -33.78 -27.63 15.59
C GLU A 1056 -32.42 -27.64 16.30
N GLY A 1057 -32.24 -26.80 17.31
CA GLY A 1057 -30.94 -26.66 17.94
C GLY A 1057 -30.60 -27.74 18.95
N ASN A 1058 -30.59 -28.99 18.53
CA ASN A 1058 -30.13 -30.13 19.33
C ASN A 1058 -30.92 -30.22 20.64
N ARG A 1059 -32.22 -30.46 20.50
CA ARG A 1059 -33.10 -30.53 21.65
C ARG A 1059 -34.32 -31.35 21.30
N CYS A 1060 -34.78 -32.17 22.25
CA CYS A 1060 -35.92 -33.03 22.00
C CYS A 1060 -37.20 -32.22 21.89
N SER A 1061 -38.13 -32.71 21.08
CA SER A 1061 -39.39 -32.01 20.88
C SER A 1061 -40.33 -32.19 22.07
N SER A 1062 -40.15 -33.27 22.84
CA SER A 1062 -41.07 -33.56 23.94
C SER A 1062 -40.98 -32.53 25.05
N CYS A 1063 -39.76 -32.08 25.37
CA CYS A 1063 -39.56 -31.12 26.46
C CYS A 1063 -38.38 -30.24 26.09
N MET A 1064 -37.80 -29.61 27.11
CA MET A 1064 -36.66 -28.71 26.98
C MET A 1064 -35.49 -29.33 27.73
N HIS A 1065 -34.71 -30.17 27.06
CA HIS A 1065 -33.60 -30.86 27.72
C HIS A 1065 -32.46 -31.07 26.73
N GLN A 1066 -31.26 -30.68 27.12
CA GLN A 1066 -30.10 -30.74 26.23
C GLN A 1066 -29.56 -32.15 26.14
N PHE A 1067 -29.18 -32.56 24.92
CA PHE A 1067 -28.58 -33.86 24.69
C PHE A 1067 -27.07 -33.81 24.97
N GLN A 1068 -26.51 -34.97 25.25
CA GLN A 1068 -25.08 -35.12 25.45
C GLN A 1068 -24.56 -36.24 24.55
N ASN A 1069 -23.42 -35.99 23.92
CA ASN A 1069 -22.83 -36.93 22.97
C ASN A 1069 -21.33 -37.06 23.22
N CYS A 1070 -20.83 -38.29 23.15
CA CYS A 1070 -19.39 -38.51 23.21
C CYS A 1070 -18.74 -37.91 21.98
N PHE A 1071 -17.60 -37.25 22.17
CA PHE A 1071 -16.99 -36.49 21.08
C PHE A 1071 -16.27 -37.40 20.09
N ILE A 1072 -15.78 -38.55 20.56
CA ILE A 1072 -15.10 -39.49 19.67
C ILE A 1072 -16.09 -40.16 18.73
N SER A 1073 -17.24 -40.60 19.25
CA SER A 1073 -18.19 -41.40 18.49
C SER A 1073 -19.46 -40.65 18.11
N PHE A 1074 -19.72 -39.48 18.69
CA PHE A 1074 -20.93 -38.70 18.39
C PHE A 1074 -22.19 -39.52 18.62
N GLU A 1075 -22.21 -40.27 19.72
CA GLU A 1075 -23.33 -41.13 20.07
C GLU A 1075 -24.03 -40.57 21.30
N ASN A 1076 -25.36 -40.58 21.28
CA ASN A 1076 -26.14 -40.00 22.37
C ASN A 1076 -25.85 -40.71 23.69
N LEU A 1077 -25.78 -39.92 24.77
CA LEU A 1077 -25.41 -40.45 26.07
C LEU A 1077 -26.63 -40.49 26.99
N PRO A 1078 -26.72 -41.50 27.86
CA PRO A 1078 -27.82 -41.56 28.85
C PRO A 1078 -27.51 -40.70 30.08
N LEU A 1079 -27.66 -39.39 29.92
CA LEU A 1079 -27.28 -38.42 30.93
C LEU A 1079 -28.42 -37.44 31.15
N VAL A 1080 -28.57 -36.99 32.40
CA VAL A 1080 -29.56 -35.99 32.78
C VAL A 1080 -28.86 -34.96 33.66
N GLU A 1081 -29.41 -33.75 33.68
CA GLU A 1081 -28.83 -32.63 34.41
C GLU A 1081 -29.66 -32.32 35.65
N PHE A 1082 -28.98 -32.12 36.78
CA PHE A 1082 -29.64 -31.73 38.02
C PHE A 1082 -28.78 -30.70 38.74
N LYS A 1083 -29.45 -29.92 39.59
CA LYS A 1083 -28.80 -28.83 40.31
C LYS A 1083 -28.80 -29.11 41.80
N LEU A 1084 -27.92 -28.41 42.52
CA LEU A 1084 -27.79 -28.54 43.96
C LEU A 1084 -28.31 -27.28 44.65
N ASP A 1085 -28.66 -27.44 45.92
CA ASP A 1085 -29.15 -26.30 46.70
C ASP A 1085 -28.01 -25.34 47.02
N PRO A 1086 -28.29 -24.04 47.06
CA PRO A 1086 -27.27 -23.05 47.40
C PRO A 1086 -26.98 -22.92 48.90
N LYS A 1087 -27.81 -23.51 49.75
CA LYS A 1087 -27.59 -23.45 51.19
C LYS A 1087 -26.63 -24.55 51.65
N ILE A 1088 -26.91 -25.79 51.26
CA ILE A 1088 -26.04 -26.90 51.63
C ILE A 1088 -24.75 -26.84 50.83
N THR A 1089 -23.63 -27.07 51.51
CA THR A 1089 -22.35 -27.14 50.83
C THR A 1089 -22.11 -28.56 50.31
N HIS A 1090 -21.74 -28.65 49.03
CA HIS A 1090 -21.64 -29.92 48.33
C HIS A 1090 -20.62 -30.88 48.95
N LYS A 1091 -19.66 -30.37 49.72
CA LYS A 1091 -18.50 -31.19 50.03
C LYS A 1091 -18.63 -31.87 51.39
N ARG A 1092 -19.20 -31.18 52.38
CA ARG A 1092 -19.71 -31.89 53.54
C ARG A 1092 -20.89 -32.76 53.12
N PHE A 1093 -21.58 -32.36 52.05
CA PHE A 1093 -22.69 -33.13 51.50
C PHE A 1093 -22.22 -34.48 50.99
N ILE A 1094 -21.05 -34.53 50.34
CA ILE A 1094 -20.52 -35.81 49.86
C ILE A 1094 -20.32 -36.76 51.03
N GLU A 1095 -19.69 -36.27 52.10
CA GLU A 1095 -19.45 -37.11 53.28
C GLU A 1095 -20.77 -37.56 53.91
N LEU A 1096 -21.74 -36.65 54.03
CA LEU A 1096 -23.02 -36.99 54.63
C LEU A 1096 -23.75 -38.04 53.80
N ILE A 1097 -23.72 -37.91 52.47
CA ILE A 1097 -24.43 -38.85 51.62
C ILE A 1097 -23.75 -40.23 51.65
N ASN A 1098 -22.41 -40.24 51.67
CA ASN A 1098 -21.70 -41.50 51.79
C ASN A 1098 -22.02 -42.18 53.12
N SER A 1099 -22.08 -41.41 54.20
CA SER A 1099 -22.48 -41.95 55.49
C SER A 1099 -23.92 -42.45 55.45
N ASP A 1100 -24.77 -41.78 54.66
CA ASP A 1100 -26.14 -42.24 54.51
C ASP A 1100 -26.20 -43.60 53.82
N LYS A 1101 -25.42 -43.78 52.75
CA LYS A 1101 -25.36 -45.11 52.13
C LYS A 1101 -24.84 -46.16 53.11
N SER A 1102 -23.80 -45.81 53.87
CA SER A 1102 -23.24 -46.76 54.82
C SER A 1102 -24.25 -47.14 55.91
N LYS A 1103 -25.00 -46.18 56.42
CA LYS A 1103 -25.97 -46.48 57.48
C LYS A 1103 -27.21 -47.17 56.93
N THR A 1104 -27.53 -46.96 55.66
CA THR A 1104 -28.71 -47.60 55.06
C THR A 1104 -28.27 -48.90 54.37
N GLN A 1105 -28.20 -49.96 55.18
CA GLN A 1105 -28.00 -51.34 54.72
C GLN A 1105 -28.14 -52.30 55.89
N PRO A 1106 -27.34 -52.18 56.97
CA PRO A 1106 -27.51 -53.11 58.09
C PRO A 1106 -28.63 -52.74 59.04
N ASN A 1107 -29.22 -51.56 58.90
CA ASN A 1107 -30.29 -51.12 59.78
C ASN A 1107 -31.56 -51.96 59.56
N LYS A 1108 -32.37 -52.06 60.61
CA LYS A 1108 -33.62 -52.79 60.56
C LYS A 1108 -34.79 -51.95 60.07
N LYS A 1109 -34.54 -50.68 59.72
CA LYS A 1109 -35.56 -49.78 59.19
C LYS A 1109 -35.60 -49.79 57.66
N LYS A 1110 -35.04 -50.82 57.04
CA LYS A 1110 -34.96 -50.97 55.58
C LYS A 1110 -34.09 -49.83 55.03
N LYS A 1111 -34.25 -49.52 53.75
CA LYS A 1111 -33.50 -48.45 53.10
C LYS A 1111 -34.21 -48.07 51.81
N LYS A 1112 -34.23 -46.76 51.52
CA LYS A 1112 -34.94 -46.27 50.34
C LYS A 1112 -34.27 -46.75 49.05
N ALA A 1113 -32.94 -46.84 49.04
CA ALA A 1113 -32.23 -47.22 47.82
C ALA A 1113 -32.60 -48.63 47.37
N ASN A 1114 -32.61 -49.59 48.31
CA ASN A 1114 -32.99 -50.94 47.95
C ASN A 1114 -34.50 -51.07 47.78
N ASP A 1115 -35.26 -50.19 48.45
CA ASP A 1115 -36.71 -50.16 48.27
C ASP A 1115 -37.04 -49.82 46.82
N GLY A 1116 -36.31 -48.87 46.24
CA GLY A 1116 -36.52 -48.53 44.85
C GLY A 1116 -36.24 -49.70 43.92
N TRP A 1117 -35.13 -50.40 44.16
CA TRP A 1117 -34.77 -51.56 43.33
C TRP A 1117 -35.82 -52.66 43.46
N GLN A 1118 -36.28 -52.92 44.68
CA GLN A 1118 -37.28 -53.96 44.89
C GLN A 1118 -38.61 -53.57 44.25
N GLU A 1119 -38.99 -52.30 44.33
CA GLU A 1119 -40.21 -51.84 43.67
C GLU A 1119 -40.10 -51.97 42.16
N SER A 1120 -38.93 -51.66 41.60
CA SER A 1120 -38.70 -51.86 40.17
C SER A 1120 -38.80 -53.33 39.79
N HIS A 1121 -38.22 -54.22 40.60
CA HIS A 1121 -38.27 -55.65 40.29
C HIS A 1121 -39.67 -56.22 40.41
N GLN A 1122 -40.44 -55.77 41.40
CA GLN A 1122 -41.76 -56.32 41.65
C GLN A 1122 -42.78 -55.85 40.60
N GLY A 1123 -42.98 -54.53 40.51
CA GLY A 1123 -43.93 -53.99 39.55
C GLY A 1123 -43.21 -53.44 38.34
N ASP A 1124 -43.68 -53.81 37.15
CA ASP A 1124 -43.05 -53.38 35.92
C ASP A 1124 -44.12 -52.99 34.90
N GLN A 1125 -44.06 -51.75 34.42
CA GLN A 1125 -44.93 -51.27 33.37
C GLN A 1125 -44.06 -50.85 32.18
N GLN A 1126 -44.31 -51.47 31.03
CA GLN A 1126 -43.53 -51.19 29.82
C GLN A 1126 -44.50 -51.18 28.64
N VAL A 1127 -44.78 -50.00 28.10
CA VAL A 1127 -45.71 -49.84 26.99
C VAL A 1127 -45.00 -49.14 25.85
N LEU A 1128 -45.28 -49.58 24.62
CA LEU A 1128 -44.74 -48.95 23.42
C LEU A 1128 -45.86 -48.66 22.44
N THR A 1129 -45.86 -47.44 21.90
CA THR A 1129 -46.85 -47.00 20.93
C THR A 1129 -46.14 -46.52 19.69
N PHE A 1130 -46.66 -46.90 18.51
CA PHE A 1130 -46.04 -46.57 17.24
C PHE A 1130 -46.77 -45.43 16.56
N ASN A 1131 -46.00 -44.52 15.97
CA ASN A 1131 -46.55 -43.42 15.18
C ASN A 1131 -45.70 -43.25 13.92
N ASN A 1132 -45.88 -42.15 13.19
CA ASN A 1132 -45.16 -41.97 11.92
C ASN A 1132 -43.71 -41.57 12.19
N SER A 1133 -43.50 -40.36 12.71
CA SER A 1133 -42.18 -39.97 13.18
C SER A 1133 -41.90 -40.38 14.64
N PRO A 1134 -42.80 -40.11 15.59
CA PRO A 1134 -42.43 -40.31 16.99
C PRO A 1134 -42.81 -41.68 17.51
N GLN A 1135 -42.31 -41.98 18.71
CA GLN A 1135 -42.67 -43.18 19.46
C GLN A 1135 -42.68 -42.83 20.94
N LYS A 1136 -43.75 -43.20 21.64
CA LYS A 1136 -43.89 -42.90 23.06
C LYS A 1136 -43.58 -44.14 23.87
N GLY A 1137 -42.49 -44.09 24.64
CA GLY A 1137 -42.12 -45.21 25.49
C GLY A 1137 -42.54 -45.03 26.92
N GLY A 1138 -43.64 -45.68 27.31
CA GLY A 1138 -44.10 -45.65 28.68
C GLY A 1138 -43.38 -46.66 29.54
N ASN A 1139 -42.17 -46.33 29.97
CA ASN A 1139 -41.36 -47.16 30.85
C ASN A 1139 -41.20 -46.43 32.18
N ASP A 1140 -42.03 -46.79 33.17
CA ASP A 1140 -41.94 -46.19 34.50
C ASP A 1140 -41.89 -47.27 35.58
N ASN A 1141 -41.29 -48.42 35.26
CA ASN A 1141 -41.25 -49.54 36.20
C ASN A 1141 -40.46 -49.19 37.46
N GLU A 1142 -39.32 -48.51 37.29
CA GLU A 1142 -38.46 -48.19 38.41
C GLU A 1142 -39.11 -47.15 39.31
N SER A 1143 -39.63 -47.59 40.46
CA SER A 1143 -40.28 -46.70 41.42
C SER A 1143 -39.23 -46.17 42.39
N SER A 1144 -38.66 -45.01 42.06
CA SER A 1144 -37.68 -44.37 42.92
C SER A 1144 -38.10 -42.92 43.17
N PRO A 1145 -37.72 -42.34 44.31
CA PRO A 1145 -38.08 -40.93 44.57
C PRO A 1145 -37.58 -39.98 43.51
N PHE A 1146 -36.38 -40.22 42.96
CA PHE A 1146 -35.85 -39.36 41.91
C PHE A 1146 -36.76 -39.34 40.70
N LEU A 1147 -37.21 -40.51 40.25
CA LEU A 1147 -38.05 -40.58 39.07
C LEU A 1147 -39.45 -40.01 39.34
N ASP A 1148 -39.97 -40.21 40.55
CA ASP A 1148 -41.26 -39.62 40.89
C ASP A 1148 -41.20 -38.09 40.86
N LYS A 1149 -40.17 -37.52 41.48
CA LYS A 1149 -40.01 -36.07 41.45
C LYS A 1149 -39.74 -35.58 40.03
N LEU A 1150 -39.01 -36.36 39.23
CA LEU A 1150 -38.77 -36.00 37.84
C LEU A 1150 -40.06 -35.96 37.04
N ASN A 1151 -40.94 -36.93 37.25
CA ASN A 1151 -42.23 -36.94 36.57
C ASN A 1151 -43.10 -35.77 37.01
N GLU A 1152 -43.09 -35.46 38.31
CA GLU A 1152 -43.85 -34.31 38.79
C GLU A 1152 -43.33 -33.02 38.18
N VAL A 1153 -42.00 -32.87 38.11
CA VAL A 1153 -41.41 -31.68 37.52
C VAL A 1153 -41.73 -31.62 36.03
N PHE A 1154 -41.77 -32.77 35.35
CA PHE A 1154 -42.13 -32.78 33.94
C PHE A 1154 -43.57 -32.33 33.74
N GLU A 1155 -44.48 -32.76 34.62
CA GLU A 1155 -45.86 -32.28 34.56
C GLU A 1155 -45.92 -30.77 34.79
N ILE A 1156 -45.10 -30.27 35.72
CA ILE A 1156 -45.03 -28.83 35.96
C ILE A 1156 -44.54 -28.11 34.70
N GLN A 1157 -43.52 -28.68 34.03
CA GLN A 1157 -43.01 -28.08 32.80
C GLN A 1157 -44.08 -28.04 31.72
N GLN A 1158 -44.85 -29.13 31.59
CA GLN A 1158 -45.95 -29.15 30.62
C GLN A 1158 -46.99 -28.10 30.95
N THR A 1159 -47.29 -27.92 32.25
CA THR A 1159 -48.26 -26.90 32.65
C THR A 1159 -47.74 -25.49 32.33
N THR A 1160 -46.46 -25.24 32.57
CA THR A 1160 -45.90 -23.91 32.39
C THR A 1160 -45.35 -23.65 30.99
N GLN A 1161 -45.01 -24.71 30.24
CA GLN A 1161 -44.47 -24.59 28.90
C GLN A 1161 -43.16 -23.79 28.87
N GLU A 1162 -42.42 -23.80 29.98
CA GLU A 1162 -41.14 -23.13 30.07
C GLU A 1162 -40.18 -23.99 30.87
N TYR A 1163 -38.88 -23.77 30.66
CA TYR A 1163 -37.85 -24.60 31.23
C TYR A 1163 -37.45 -24.11 32.62
N ILE A 1164 -37.57 -24.99 33.61
CA ILE A 1164 -37.06 -24.74 34.95
C ILE A 1164 -36.18 -25.93 35.34
N PRO A 1165 -34.87 -25.73 35.51
CA PRO A 1165 -34.00 -26.85 35.88
C PRO A 1165 -34.38 -27.42 37.24
N VAL A 1166 -34.19 -28.73 37.38
CA VAL A 1166 -34.59 -29.42 38.61
C VAL A 1166 -33.65 -29.05 39.75
N THR A 1167 -34.23 -28.75 40.91
CA THR A 1167 -33.48 -28.50 42.13
C THR A 1167 -33.76 -29.63 43.10
N LEU A 1168 -32.71 -30.23 43.64
CA LEU A 1168 -32.83 -31.44 44.45
C LEU A 1168 -32.43 -31.15 45.90
N ASP A 1169 -33.05 -31.90 46.81
CA ASP A 1169 -32.78 -31.80 48.24
C ASP A 1169 -31.86 -32.94 48.67
N GLU A 1170 -31.65 -33.05 49.98
CA GLU A 1170 -30.68 -34.01 50.50
C GLU A 1170 -31.19 -35.45 50.43
N ASN A 1171 -32.50 -35.65 50.51
CA ASN A 1171 -33.04 -37.01 50.53
C ASN A 1171 -32.77 -37.75 49.22
N ILE A 1172 -33.02 -37.08 48.09
CA ILE A 1172 -32.92 -37.76 46.80
C ILE A 1172 -31.50 -38.20 46.53
N VAL A 1173 -30.52 -37.32 46.79
CA VAL A 1173 -29.13 -37.69 46.59
C VAL A 1173 -28.69 -38.69 47.67
N SER A 1174 -29.29 -38.61 48.86
CA SER A 1174 -29.07 -39.65 49.86
C SER A 1174 -29.46 -41.02 49.32
N SER A 1175 -30.48 -41.05 48.45
CA SER A 1175 -30.81 -42.30 47.76
C SER A 1175 -29.85 -42.61 46.61
N LEU A 1176 -29.01 -41.66 46.22
CA LEU A 1176 -28.08 -41.85 45.11
C LEU A 1176 -26.81 -42.55 45.61
N SER A 1177 -25.77 -42.55 44.77
CA SER A 1177 -24.49 -43.19 45.09
C SER A 1177 -23.35 -42.30 44.63
N ILE A 1178 -22.14 -42.88 44.59
CA ILE A 1178 -20.95 -42.11 44.30
C ILE A 1178 -20.55 -42.21 42.82
N ASP A 1179 -20.65 -43.40 42.23
CA ASP A 1179 -20.05 -43.63 40.92
C ASP A 1179 -20.83 -42.93 39.80
N GLU A 1180 -22.15 -42.81 39.94
CA GLU A 1180 -22.97 -42.36 38.82
C GLU A 1180 -22.81 -40.87 38.55
N VAL A 1181 -22.43 -40.07 39.55
CA VAL A 1181 -22.32 -38.64 39.35
C VAL A 1181 -21.12 -38.32 38.47
N TYR A 1182 -21.32 -37.40 37.53
CA TYR A 1182 -20.29 -37.02 36.57
C TYR A 1182 -20.21 -35.50 36.47
N TRP A 1183 -20.12 -34.85 37.63
CA TRP A 1183 -20.12 -33.40 37.68
C TRP A 1183 -18.94 -32.82 36.89
N VAL A 1184 -19.19 -31.72 36.21
CA VAL A 1184 -18.18 -31.00 35.44
C VAL A 1184 -17.78 -29.76 36.23
N ASP A 1185 -16.47 -29.61 36.44
CA ASP A 1185 -15.94 -28.50 37.22
C ASP A 1185 -15.03 -27.63 36.36
N TYR A 1186 -15.11 -26.32 36.58
CA TYR A 1186 -14.25 -25.33 35.93
C TYR A 1186 -13.43 -24.57 36.96
N THR A 1187 -13.10 -25.22 38.08
CA THR A 1187 -12.39 -24.54 39.16
C THR A 1187 -10.96 -24.19 38.77
N LYS A 1188 -10.41 -24.88 37.76
CA LYS A 1188 -9.03 -24.59 37.34
C LYS A 1188 -8.92 -23.20 36.74
N TYR A 1189 -9.79 -22.88 35.77
CA TYR A 1189 -9.71 -21.58 35.12
C TYR A 1189 -10.20 -20.47 36.03
N CYS A 1190 -11.36 -20.68 36.68
CA CYS A 1190 -11.91 -19.72 37.63
C CYS A 1190 -12.27 -20.46 38.91
N TYR A 1191 -11.80 -19.95 40.04
CA TYR A 1191 -11.96 -20.68 41.30
C TYR A 1191 -13.42 -20.86 41.66
N THR A 1192 -14.23 -19.81 41.50
CA THR A 1192 -15.66 -19.85 41.83
C THR A 1192 -16.45 -19.19 40.71
N ALA A 1193 -16.84 -19.97 39.70
CA ALA A 1193 -17.73 -19.48 38.66
C ALA A 1193 -19.06 -20.22 38.65
N GLU A 1194 -19.05 -21.54 38.45
CA GLU A 1194 -20.24 -22.38 38.37
C GLU A 1194 -19.81 -23.82 38.54
N ILE A 1195 -20.81 -24.71 38.60
CA ILE A 1195 -20.58 -26.16 38.57
C ILE A 1195 -21.87 -26.82 38.10
N LYS A 1196 -21.71 -27.82 37.22
CA LYS A 1196 -22.83 -28.55 36.65
C LYS A 1196 -22.80 -29.99 37.14
N TYR A 1197 -23.98 -30.53 37.44
CA TYR A 1197 -24.11 -31.88 37.98
C TYR A 1197 -24.96 -32.73 37.05
N TYR A 1198 -24.45 -33.92 36.71
CA TYR A 1198 -25.09 -34.83 35.78
C TYR A 1198 -25.20 -36.21 36.41
N LYS A 1199 -26.28 -36.91 36.07
CA LYS A 1199 -26.54 -38.26 36.54
C LYS A 1199 -26.78 -39.18 35.35
N SER A 1200 -26.27 -40.40 35.43
CA SER A 1200 -26.40 -41.39 34.37
C SER A 1200 -27.50 -42.38 34.74
N MET A 1201 -28.51 -42.49 33.87
CA MET A 1201 -29.58 -43.45 34.11
C MET A 1201 -29.07 -44.88 34.06
N LEU A 1202 -28.20 -45.19 33.09
CA LEU A 1202 -27.66 -46.53 32.91
C LEU A 1202 -26.30 -46.60 33.61
N THR A 1203 -26.24 -47.37 34.70
CA THR A 1203 -24.99 -47.52 35.43
C THR A 1203 -24.05 -48.55 34.81
N ASP A 1204 -24.55 -49.38 33.90
CA ASP A 1204 -23.71 -50.39 33.28
C ASP A 1204 -22.68 -49.78 32.34
N ILE A 1205 -23.08 -48.74 31.60
CA ILE A 1205 -22.17 -48.10 30.65
C ILE A 1205 -21.23 -47.17 31.41
N PRO A 1206 -19.90 -47.31 31.23
CA PRO A 1206 -18.98 -46.41 31.92
C PRO A 1206 -18.71 -45.13 31.14
N LEU A 1207 -18.69 -43.99 31.83
CA LEU A 1207 -18.45 -42.69 31.22
C LEU A 1207 -17.25 -42.04 31.89
N LYS A 1208 -16.39 -41.42 31.10
CA LYS A 1208 -15.22 -40.70 31.60
C LYS A 1208 -15.31 -39.24 31.19
N ASN A 1209 -15.16 -38.34 32.15
CA ASN A 1209 -15.26 -36.90 31.92
C ASN A 1209 -13.87 -36.28 32.07
N CYS A 1210 -13.33 -35.80 30.95
CA CYS A 1210 -12.06 -35.09 30.96
C CYS A 1210 -12.29 -33.67 31.46
N GLN A 1211 -11.76 -33.37 32.65
CA GLN A 1211 -11.94 -32.07 33.28
C GLN A 1211 -11.07 -30.98 32.68
N GLU A 1212 -10.00 -31.35 31.96
CA GLU A 1212 -9.18 -30.35 31.29
C GLU A 1212 -9.99 -29.61 30.23
N CYS A 1213 -10.83 -30.34 29.49
CA CYS A 1213 -11.74 -29.77 28.51
C CYS A 1213 -13.20 -29.94 28.88
N GLY A 1214 -13.50 -30.66 29.95
CA GLY A 1214 -14.87 -30.89 30.37
C GLY A 1214 -15.67 -31.67 29.34
N THR A 1215 -15.07 -32.71 28.78
CA THR A 1215 -15.68 -33.46 27.69
C THR A 1215 -15.99 -34.89 28.11
N PHE A 1216 -17.15 -35.37 27.71
CA PHE A 1216 -17.61 -36.71 28.04
C PHE A 1216 -17.21 -37.69 26.96
N TYR A 1217 -16.77 -38.88 27.38
CA TYR A 1217 -16.45 -39.96 26.47
C TYR A 1217 -16.94 -41.28 27.05
N ILE A 1218 -17.28 -42.21 26.17
CA ILE A 1218 -17.43 -43.61 26.58
C ILE A 1218 -16.03 -44.20 26.71
N LEU A 1219 -15.79 -44.90 27.82
CA LEU A 1219 -14.47 -45.47 28.05
C LEU A 1219 -14.06 -46.42 26.93
N ASP A 1220 -14.97 -47.33 26.55
CA ASP A 1220 -14.65 -48.46 25.68
C ASP A 1220 -13.84 -48.06 24.46
N GLU A 1221 -14.08 -46.88 23.90
CA GLU A 1221 -13.20 -46.34 22.85
C GLU A 1221 -12.18 -45.36 23.41
N TYR A 1222 -12.36 -44.90 24.65
CA TYR A 1222 -11.42 -43.95 25.22
C TYR A 1222 -10.06 -44.60 25.49
N GLU A 1223 -10.05 -45.83 26.02
CA GLU A 1223 -8.75 -46.48 26.22
C GLU A 1223 -8.05 -46.73 24.89
N PHE A 1224 -8.82 -47.10 23.85
CA PHE A 1224 -8.22 -47.31 22.53
C PHE A 1224 -7.64 -46.01 21.98
N GLU A 1225 -8.37 -44.90 22.13
CA GLU A 1225 -7.87 -43.61 21.65
C GLU A 1225 -6.62 -43.20 22.41
N ILE A 1226 -6.59 -43.42 23.74
CA ILE A 1226 -5.42 -43.07 24.52
C ILE A 1226 -4.22 -43.93 24.14
N SER A 1227 -4.46 -45.22 23.89
CA SER A 1227 -3.38 -46.10 23.46
C SER A 1227 -2.84 -45.70 22.11
N LYS A 1228 -3.71 -45.31 21.18
CA LYS A 1228 -3.27 -44.89 19.86
C LYS A 1228 -2.42 -43.62 19.94
N THR A 1229 -2.84 -42.65 20.75
CA THR A 1229 -2.11 -41.41 20.92
C THR A 1229 -2.25 -40.94 22.36
N GLN A 1230 -1.13 -40.51 22.96
CA GLN A 1230 -1.10 -40.12 24.36
C GLN A 1230 -1.60 -38.70 24.59
N LYS A 1231 -2.34 -38.13 23.64
CA LYS A 1231 -2.89 -36.79 23.76
C LYS A 1231 -4.40 -36.84 23.58
N CYS A 1232 -5.12 -36.21 24.51
CA CYS A 1232 -6.57 -36.13 24.39
C CYS A 1232 -6.94 -35.25 23.19
N PRO A 1233 -7.92 -35.66 22.39
CA PRO A 1233 -8.22 -34.92 21.15
C PRO A 1233 -8.63 -33.47 21.37
N PHE A 1234 -9.53 -33.21 22.32
CA PHE A 1234 -10.07 -31.86 22.46
C PHE A 1234 -9.18 -30.96 23.30
N CYS A 1235 -8.81 -31.41 24.51
CA CYS A 1235 -8.02 -30.56 25.39
C CYS A 1235 -6.60 -30.39 24.88
N ARG A 1236 -6.11 -31.33 24.05
CA ARG A 1236 -4.77 -31.27 23.47
C ARG A 1236 -3.69 -31.19 24.55
N SER A 1237 -3.86 -31.96 25.62
CA SER A 1237 -2.91 -32.01 26.72
C SER A 1237 -2.41 -33.44 26.90
N VAL A 1238 -1.39 -33.58 27.74
CA VAL A 1238 -0.78 -34.89 27.97
C VAL A 1238 -1.75 -35.79 28.71
N ASP A 1239 -1.61 -37.10 28.48
CA ASP A 1239 -2.46 -38.08 29.13
C ASP A 1239 -2.10 -38.20 30.61
N GLU A 1240 -3.07 -38.65 31.40
CA GLU A 1240 -2.86 -38.80 32.84
C GLU A 1240 -1.92 -39.96 33.16
N ARG A 1241 -1.94 -41.02 32.34
CA ARG A 1241 -1.10 -42.17 32.61
C ARG A 1241 0.39 -41.81 32.55
N ALA A 1242 0.79 -41.03 31.55
CA ALA A 1242 2.18 -40.63 31.43
C ALA A 1242 2.54 -39.60 32.49
N GLY A 1243 3.83 -39.54 32.82
CA GLY A 1243 4.32 -38.59 33.79
C GLY A 1243 4.26 -37.17 33.26
N PRO A 1244 4.44 -36.19 34.15
CA PRO A 1244 4.41 -34.79 33.72
C PRO A 1244 5.44 -34.48 32.65
N GLN A 1245 4.96 -34.14 31.45
CA GLN A 1245 5.87 -33.84 30.34
C GLN A 1245 6.14 -32.35 30.22
N LYS A 1246 5.29 -31.51 30.82
CA LYS A 1246 5.47 -30.06 30.75
C LYS A 1246 6.54 -29.60 31.73
N ASP A 1247 7.80 -29.90 31.43
CA ASP A 1247 8.94 -29.50 32.26
C ASP A 1247 9.42 -28.14 31.79
N VAL A 1248 10.57 -27.64 32.23
CA VAL A 1248 11.11 -26.36 31.79
C VAL A 1248 11.41 -26.38 30.30
N PHE A 1249 11.89 -27.50 29.78
CA PHE A 1249 12.17 -27.62 28.35
C PHE A 1249 10.90 -27.42 27.52
N ASP A 1250 9.80 -28.05 27.95
CA ASP A 1250 8.54 -27.92 27.22
C ASP A 1250 7.99 -26.50 27.30
N PHE A 1251 8.11 -25.87 28.47
CA PHE A 1251 7.61 -24.52 28.66
C PHE A 1251 8.39 -23.52 27.81
N MET B 1 20.15 27.38 -18.03
CA MET B 1 19.77 28.37 -17.03
C MET B 1 20.40 29.72 -17.34
N SER B 2 21.51 29.71 -18.07
CA SER B 2 22.23 30.92 -18.41
C SER B 2 22.97 30.72 -19.72
N LEU B 3 23.30 31.84 -20.38
CA LEU B 3 24.07 31.81 -21.60
C LEU B 3 25.12 32.91 -21.53
N PHE B 4 26.21 32.72 -22.29
CA PHE B 4 27.31 33.68 -22.33
C PHE B 4 27.40 34.26 -23.74
N SER B 5 27.33 35.59 -23.81
CA SER B 5 27.42 36.30 -25.08
C SER B 5 28.81 36.93 -25.19
N GLU B 6 29.49 36.64 -26.29
CA GLU B 6 30.84 37.14 -26.54
C GLU B 6 30.82 38.10 -27.72
N LEU B 7 31.51 39.22 -27.56
CA LEU B 7 31.63 40.24 -28.59
C LEU B 7 33.10 40.58 -28.79
N PRO B 8 33.75 40.12 -29.86
CA PRO B 8 35.12 40.55 -30.13
C PRO B 8 35.17 42.05 -30.42
N LEU B 9 36.25 42.69 -29.99
CA LEU B 9 36.40 44.13 -30.13
C LEU B 9 37.72 44.44 -30.81
N ASP B 10 37.70 45.43 -31.70
CA ASP B 10 38.89 45.85 -32.43
C ASP B 10 39.69 46.82 -31.57
N ALA B 11 40.96 46.51 -31.34
CA ALA B 11 41.81 47.42 -30.56
C ALA B 11 42.00 48.74 -31.28
N GLY B 12 42.20 48.70 -32.59
CA GLY B 12 42.38 49.92 -33.37
C GLY B 12 43.59 50.73 -33.00
N THR B 13 44.64 50.07 -32.48
CA THR B 13 45.85 50.76 -32.07
C THR B 13 47.05 49.92 -32.47
N ASP B 14 48.05 50.57 -33.07
CA ASP B 14 49.27 49.86 -33.46
C ASP B 14 50.09 49.44 -32.24
N GLU B 15 50.07 50.26 -31.20
CA GLU B 15 50.83 49.96 -29.99
C GLU B 15 50.24 48.77 -29.26
N GLN B 16 51.11 47.97 -28.64
CA GLN B 16 50.68 46.78 -27.92
C GLN B 16 50.00 47.17 -26.61
N ILE B 17 48.98 46.40 -26.24
CA ILE B 17 48.20 46.70 -25.04
C ILE B 17 49.00 46.35 -23.79
N THR B 18 48.80 47.15 -22.73
CA THR B 18 49.44 46.90 -21.44
C THR B 18 48.42 46.61 -20.35
N GLN B 19 47.41 47.46 -20.15
CA GLN B 19 46.51 47.29 -19.01
C GLN B 19 45.06 47.53 -19.45
N ILE B 20 44.14 46.89 -18.73
CA ILE B 20 42.71 47.04 -18.96
C ILE B 20 42.01 47.17 -17.61
N ALA B 21 40.91 47.90 -17.59
CA ALA B 21 40.11 48.08 -16.38
C ALA B 21 38.64 48.21 -16.75
N VAL B 22 37.76 47.72 -15.87
CA VAL B 22 36.33 47.71 -16.10
C VAL B 22 35.64 48.49 -14.99
N SER B 23 34.71 49.36 -15.36
CA SER B 23 33.97 50.14 -14.39
C SER B 23 33.02 49.25 -13.58
N ASN B 24 32.73 49.67 -12.35
CA ASN B 24 31.86 48.92 -11.45
C ASN B 24 30.56 49.64 -11.15
N VAL B 25 30.23 50.70 -11.91
CA VAL B 25 29.00 51.44 -11.64
C VAL B 25 27.82 50.69 -12.22
N SER B 26 26.81 50.45 -11.38
CA SER B 26 25.76 49.47 -11.65
C SER B 26 25.12 49.62 -13.03
N ILE B 27 25.21 50.80 -13.64
CA ILE B 27 24.65 51.02 -14.98
C ILE B 27 25.68 51.74 -15.82
N ASN B 28 25.63 51.48 -17.14
CA ASN B 28 26.50 52.12 -18.12
C ASN B 28 27.97 51.86 -17.82
N PRO B 29 28.44 50.63 -18.01
CA PRO B 29 29.86 50.33 -17.72
C PRO B 29 30.79 51.04 -18.69
N SER B 30 32.00 51.31 -18.21
CA SER B 30 33.04 51.95 -19.01
C SER B 30 34.32 51.14 -18.92
N LEU B 31 35.05 51.08 -20.03
CA LEU B 31 36.28 50.32 -20.15
C LEU B 31 37.45 51.27 -20.32
N ALA B 32 38.45 51.14 -19.45
CA ALA B 32 39.67 51.93 -19.51
C ALA B 32 40.78 51.07 -20.10
N ILE B 33 41.47 51.61 -21.11
CA ILE B 33 42.49 50.88 -21.86
C ILE B 33 43.79 51.68 -21.76
N ILE B 34 44.84 51.05 -21.23
CA ILE B 34 46.10 51.72 -20.98
C ILE B 34 47.16 51.10 -21.88
N THR B 35 47.66 51.89 -22.82
CA THR B 35 48.78 51.58 -23.68
C THR B 35 49.99 52.39 -23.26
N PRO B 36 51.18 52.08 -23.78
CA PRO B 36 52.37 52.89 -23.41
C PRO B 36 52.24 54.36 -23.72
N HIS B 37 51.44 54.75 -24.73
CA HIS B 37 51.28 56.15 -25.09
C HIS B 37 49.87 56.66 -24.90
N LYS B 38 48.87 55.97 -25.47
CA LYS B 38 47.51 56.46 -25.49
C LYS B 38 46.66 55.81 -24.40
N ILE B 39 45.67 56.55 -23.91
CA ILE B 39 44.68 56.06 -22.97
C ILE B 39 43.33 56.11 -23.67
N LEU B 40 42.67 54.96 -23.76
CA LEU B 40 41.43 54.82 -24.53
C LEU B 40 40.26 54.51 -23.60
N LEU B 41 39.08 54.94 -24.02
CA LEU B 41 37.84 54.71 -23.29
C LEU B 41 36.83 54.03 -24.21
N PHE B 42 36.23 52.94 -23.73
CA PHE B 42 35.24 52.19 -24.48
C PHE B 42 33.93 52.16 -23.71
N ASN B 43 32.81 52.20 -24.44
CA ASN B 43 31.50 52.16 -23.82
C ASN B 43 31.02 50.71 -23.71
N GLU B 44 29.74 50.54 -23.34
CA GLU B 44 29.19 49.19 -23.27
C GLU B 44 29.08 48.56 -24.65
N CYS B 45 28.88 49.37 -25.69
CA CYS B 45 28.80 48.83 -27.05
C CYS B 45 30.17 48.48 -27.61
N GLY B 46 31.24 48.99 -27.01
CA GLY B 46 32.58 48.70 -27.48
C GLY B 46 33.13 49.63 -28.54
N GLU B 47 32.54 50.81 -28.70
CA GLU B 47 33.03 51.79 -29.66
C GLU B 47 33.88 52.84 -28.95
N LYS B 48 34.89 53.33 -29.66
CA LYS B 48 35.81 54.30 -29.09
C LYS B 48 35.08 55.61 -28.79
N HIS B 49 35.25 56.11 -27.57
CA HIS B 49 34.64 57.39 -27.20
C HIS B 49 35.25 58.52 -28.02
N ASP B 50 34.41 59.50 -28.38
CA ASP B 50 34.90 60.65 -29.14
C ASP B 50 35.93 61.43 -28.34
N TYR B 51 35.67 61.62 -27.04
CA TYR B 51 36.66 62.25 -26.17
C TYR B 51 37.72 61.24 -25.76
N GLU B 52 38.96 61.71 -25.64
CA GLU B 52 40.09 60.85 -25.31
C GLU B 52 40.83 61.42 -24.10
N LEU B 53 41.24 60.54 -23.20
CA LEU B 53 42.00 60.91 -22.02
C LEU B 53 43.50 60.69 -22.20
N SER B 54 43.94 60.38 -23.41
CA SER B 54 45.36 60.19 -23.67
C SER B 54 46.13 61.48 -23.44
N ARG B 55 47.29 61.36 -22.79
CA ARG B 55 48.10 62.52 -22.43
C ARG B 55 49.56 62.22 -22.73
N ASN B 56 50.34 63.29 -22.89
CA ASN B 56 51.77 63.15 -23.14
C ASN B 56 52.46 62.47 -21.96
N ILE B 57 52.06 62.82 -20.73
CA ILE B 57 52.59 62.15 -19.55
C ILE B 57 52.11 60.70 -19.54
N ARG B 58 53.04 59.78 -19.32
CA ARG B 58 52.74 58.36 -19.39
C ARG B 58 51.83 57.94 -18.23
N CYS B 59 50.84 57.12 -18.54
CA CYS B 59 49.96 56.54 -17.52
C CYS B 59 50.55 55.22 -17.04
N THR B 60 50.73 55.09 -15.72
CA THR B 60 51.28 53.88 -15.15
C THR B 60 50.31 53.11 -14.26
N TYR B 61 49.24 53.74 -13.78
CA TYR B 61 48.25 52.96 -13.02
C TYR B 61 46.88 53.60 -13.16
N VAL B 62 45.85 52.77 -13.02
CA VAL B 62 44.46 53.19 -13.15
C VAL B 62 43.60 52.36 -12.21
N GLN B 63 42.56 52.98 -11.66
CA GLN B 63 41.68 52.31 -10.71
C GLN B 63 40.28 52.91 -10.76
N TRP B 64 39.28 52.05 -10.58
CA TRP B 64 37.88 52.45 -10.63
C TRP B 64 37.33 52.66 -9.23
N HIS B 65 36.51 53.69 -9.08
CA HIS B 65 35.82 53.91 -7.81
C HIS B 65 34.82 52.79 -7.57
N PRO B 66 34.73 52.28 -6.34
CA PRO B 66 33.83 51.14 -6.08
C PRO B 66 32.37 51.42 -6.38
N SER B 67 31.91 52.66 -6.20
CA SER B 67 30.51 53.00 -6.42
C SER B 67 30.30 54.25 -7.26
N GLN B 68 31.34 54.80 -7.87
CA GLN B 68 31.22 56.02 -8.66
C GLN B 68 31.93 55.85 -9.99
N PRO B 69 31.46 56.56 -11.03
CA PRO B 69 32.15 56.49 -12.33
C PRO B 69 33.46 57.26 -12.38
N ILE B 70 33.85 57.91 -11.29
CA ILE B 70 35.08 58.70 -11.28
C ILE B 70 36.27 57.75 -11.27
N ILE B 71 37.20 57.98 -12.20
CA ILE B 71 38.40 57.17 -12.37
C ILE B 71 39.56 57.84 -11.65
N ALA B 72 40.45 57.02 -11.10
CA ALA B 72 41.68 57.49 -10.48
C ALA B 72 42.86 57.01 -11.31
N LEU B 73 43.78 57.93 -11.59
CA LEU B 73 44.90 57.66 -12.48
C LEU B 73 46.20 58.12 -11.85
N GLY B 74 47.27 57.37 -12.10
CA GLY B 74 48.59 57.70 -11.63
C GLY B 74 49.62 57.64 -12.73
N TRP B 75 50.39 58.72 -12.87
CA TRP B 75 51.39 58.88 -13.92
C TRP B 75 52.73 58.31 -13.46
N GLU B 76 53.71 58.36 -14.38
CA GLU B 76 55.05 57.88 -14.06
C GLU B 76 55.80 58.85 -13.16
N THR B 77 55.35 60.10 -13.04
CA THR B 77 55.98 61.09 -12.20
C THR B 77 55.39 61.15 -10.79
N GLY B 78 54.40 60.30 -10.50
CA GLY B 78 53.75 60.29 -9.20
C GLY B 78 52.55 61.20 -9.07
N ALA B 79 52.28 62.03 -10.08
CA ALA B 79 51.11 62.89 -10.04
C ALA B 79 49.84 62.05 -10.15
N ILE B 80 48.79 62.49 -9.47
CA ILE B 80 47.53 61.77 -9.43
C ILE B 80 46.45 62.59 -10.12
N THR B 81 45.48 61.89 -10.70
CA THR B 81 44.37 62.53 -11.40
C THR B 81 43.07 61.85 -11.00
N LEU B 82 42.04 62.66 -10.76
CA LEU B 82 40.69 62.19 -10.48
C LEU B 82 39.79 62.75 -11.57
N TRP B 83 39.21 61.86 -12.38
CA TRP B 83 38.50 62.29 -13.58
C TRP B 83 37.09 61.71 -13.60
N SER B 84 36.09 62.59 -13.71
CA SER B 84 34.70 62.19 -13.80
C SER B 84 34.24 62.25 -15.26
N GLU B 85 33.80 61.11 -15.78
CA GLU B 85 33.34 61.01 -17.16
C GLU B 85 31.93 61.57 -17.35
N GLU B 86 31.06 61.40 -16.34
CA GLU B 86 29.69 61.86 -16.48
C GLU B 86 29.61 63.36 -16.67
N THR B 87 30.46 64.10 -15.96
CA THR B 87 30.54 65.55 -16.10
C THR B 87 31.77 66.01 -16.85
N LYS B 88 32.69 65.09 -17.18
CA LYS B 88 33.92 65.41 -17.91
C LYS B 88 34.71 66.50 -17.19
N VAL B 89 35.18 66.15 -16.00
CA VAL B 89 35.99 67.07 -15.19
C VAL B 89 37.25 66.34 -14.73
N ALA B 90 38.39 67.01 -14.83
CA ALA B 90 39.67 66.45 -14.42
C ALA B 90 40.24 67.29 -13.29
N LYS B 91 40.69 66.63 -12.22
CA LYS B 91 41.29 67.28 -11.07
C LYS B 91 42.62 66.57 -10.79
N GLU B 92 43.73 67.22 -11.13
CA GLU B 92 45.05 66.61 -11.05
C GLU B 92 45.87 67.31 -9.98
N GLU B 93 46.46 66.53 -9.07
CA GLU B 93 47.35 67.07 -8.05
C GLU B 93 48.78 67.09 -8.58
N PRO B 94 49.44 68.24 -8.62
CA PRO B 94 50.83 68.26 -9.10
C PRO B 94 51.77 67.48 -8.20
N ASN B 95 51.68 67.67 -6.88
CA ASN B 95 52.53 66.97 -5.93
C ASN B 95 51.88 65.69 -5.41
N GLY B 96 51.47 64.82 -6.32
CA GLY B 96 50.90 63.55 -5.89
C GLY B 96 51.93 62.65 -5.24
N HIS B 97 53.04 62.40 -5.94
CA HIS B 97 54.14 61.60 -5.43
C HIS B 97 55.41 62.02 -6.15
N LYS B 98 56.55 61.69 -5.54
CA LYS B 98 57.85 61.93 -6.14
C LYS B 98 58.38 60.72 -6.89
N SER B 99 57.64 59.62 -6.92
CA SER B 99 58.06 58.40 -7.60
C SER B 99 56.86 57.80 -8.33
N GLU B 100 57.18 56.94 -9.31
CA GLU B 100 56.15 56.36 -10.17
C GLU B 100 55.17 55.52 -9.35
N ILE B 101 53.89 55.64 -9.70
CA ILE B 101 52.83 54.93 -8.99
C ILE B 101 52.96 53.43 -9.26
N CYS B 102 52.89 52.63 -8.19
CA CYS B 102 52.93 51.18 -8.33
C CYS B 102 51.54 50.55 -8.22
N LEU B 103 50.72 51.02 -7.28
CA LEU B 103 49.37 50.49 -7.13
C LEU B 103 48.49 51.54 -6.45
N ILE B 104 47.22 51.58 -6.87
CA ILE B 104 46.19 52.41 -6.28
C ILE B 104 45.08 51.47 -5.78
N GLN B 105 44.51 51.78 -4.63
CA GLN B 105 43.48 50.94 -4.07
C GLN B 105 42.45 51.79 -3.33
N PHE B 106 41.18 51.44 -3.49
CA PHE B 106 40.07 52.16 -2.87
C PHE B 106 39.52 51.37 -1.69
N ASN B 107 39.02 52.09 -0.69
CA ASN B 107 38.29 51.47 0.40
C ASN B 107 36.87 51.12 -0.06
N PRO B 108 36.18 50.23 0.65
CA PRO B 108 34.80 49.91 0.27
C PRO B 108 33.88 51.12 0.26
N SER B 109 34.12 52.11 1.11
CA SER B 109 33.25 53.28 1.15
C SER B 109 33.48 54.22 -0.03
N GLY B 110 34.71 54.32 -0.52
CA GLY B 110 35.04 55.24 -1.59
C GLY B 110 35.53 56.59 -1.15
N SER B 111 35.67 56.83 0.15
CA SER B 111 36.10 58.14 0.64
C SER B 111 37.62 58.24 0.69
N ARG B 112 38.27 57.35 1.43
CA ARG B 112 39.71 57.37 1.62
C ARG B 112 40.38 56.40 0.65
N MET B 113 41.58 56.75 0.21
CA MET B 113 42.28 55.95 -0.79
C MET B 113 43.77 55.89 -0.43
N VAL B 114 44.43 54.82 -0.83
CA VAL B 114 45.85 54.59 -0.53
C VAL B 114 46.60 54.44 -1.84
N SER B 115 47.65 55.24 -2.02
CA SER B 115 48.51 55.17 -3.19
C SER B 115 49.95 54.94 -2.76
N ALA B 116 50.67 54.12 -3.53
CA ALA B 116 52.04 53.75 -3.18
C ALA B 116 52.94 53.91 -4.39
N ASP B 117 54.22 54.19 -4.13
CA ASP B 117 55.21 54.28 -5.20
C ASP B 117 56.33 53.29 -4.96
N ILE B 118 57.23 53.18 -5.94
CA ILE B 118 58.31 52.20 -5.88
C ILE B 118 59.30 52.55 -4.78
N ASP B 119 59.55 53.84 -4.54
CA ASP B 119 60.47 54.25 -3.50
C ASP B 119 59.97 53.91 -2.10
N GLY B 120 58.72 53.52 -1.95
CA GLY B 120 58.18 53.14 -0.67
C GLY B 120 57.28 54.17 -0.01
N ASN B 121 57.04 55.30 -0.66
CA ASN B 121 56.14 56.32 -0.12
C ASN B 121 54.70 55.85 -0.33
N VAL B 122 53.91 55.87 0.75
CA VAL B 122 52.51 55.49 0.72
C VAL B 122 51.71 56.65 1.30
N THR B 123 50.83 57.22 0.49
CA THR B 123 50.01 58.36 0.91
C THR B 123 48.54 57.96 0.92
N VAL B 124 47.87 58.26 2.01
CA VAL B 124 46.42 58.11 2.11
C VAL B 124 45.77 59.48 1.91
N TRP B 125 44.78 59.49 1.02
CA TRP B 125 44.13 60.69 0.53
C TRP B 125 42.64 60.63 0.85
N ARG B 126 42.04 61.81 1.00
CA ARG B 126 40.60 61.98 1.01
C ARG B 126 40.19 62.62 -0.30
N GLY B 127 39.48 61.86 -1.13
CA GLY B 127 39.16 62.35 -2.47
C GLY B 127 40.41 62.66 -3.27
N ILE B 128 40.72 63.95 -3.42
CA ILE B 128 41.90 64.40 -4.13
C ILE B 128 42.91 65.05 -3.19
N ASN B 129 42.59 65.16 -1.90
CA ASN B 129 43.42 65.88 -0.94
C ASN B 129 44.28 64.89 -0.16
N ILE B 130 45.57 65.18 -0.05
CA ILE B 130 46.48 64.36 0.75
C ILE B 130 46.09 64.45 2.21
N VAL B 131 46.03 63.30 2.88
CA VAL B 131 45.76 63.28 4.32
C VAL B 131 47.04 62.95 5.06
N SER B 132 47.61 61.78 4.80
CA SER B 132 48.79 61.34 5.54
C SER B 132 49.79 60.68 4.62
N GLN B 133 51.06 60.72 5.02
CA GLN B 133 52.18 60.19 4.25
C GLN B 133 53.03 59.28 5.13
N TYR B 134 53.49 58.16 4.55
CA TYR B 134 54.36 57.22 5.23
C TYR B 134 55.55 56.89 4.34
N LYS B 135 56.73 56.86 4.94
CA LYS B 135 57.96 56.48 4.25
C LYS B 135 58.38 55.11 4.76
N LYS B 136 58.26 54.10 3.92
CA LYS B 136 58.60 52.72 4.27
C LYS B 136 59.64 52.20 3.28
N GLU B 137 60.53 51.34 3.78
CA GLU B 137 61.59 50.80 2.94
C GLU B 137 61.03 49.84 1.89
N GLN B 138 61.61 49.93 0.69
CA GLN B 138 61.31 49.02 -0.43
C GLN B 138 59.89 49.22 -0.95
N SER B 139 59.67 48.84 -2.21
CA SER B 139 58.37 49.06 -2.84
C SER B 139 57.30 48.17 -2.23
N ILE B 140 56.13 48.75 -1.98
CA ILE B 140 54.99 48.03 -1.44
C ILE B 140 54.11 47.57 -2.60
N THR B 141 53.93 46.26 -2.71
CA THR B 141 53.23 45.71 -3.87
C THR B 141 51.74 46.04 -3.84
N HIS B 142 51.10 45.85 -2.68
CA HIS B 142 49.66 46.04 -2.56
C HIS B 142 49.32 46.61 -1.19
N ALA B 143 48.17 47.25 -1.12
CA ALA B 143 47.66 47.81 0.13
C ALA B 143 46.15 47.76 0.10
N ILE B 144 45.54 47.08 1.06
CA ILE B 144 44.09 46.90 1.11
C ILE B 144 43.57 47.51 2.41
N PHE B 145 42.44 48.20 2.32
CA PHE B 145 41.80 48.77 3.50
C PHE B 145 41.25 47.65 4.38
N CYS B 146 41.54 47.73 5.67
CA CYS B 146 41.12 46.71 6.62
C CYS B 146 40.05 47.24 7.56
N GLU B 147 39.09 46.38 7.91
CA GLU B 147 38.01 46.70 8.83
C GLU B 147 38.12 45.75 10.02
N LEU B 148 38.94 46.14 11.00
CA LEU B 148 39.09 45.33 12.20
C LEU B 148 37.90 45.52 13.12
N ASN B 149 37.56 44.45 13.85
CA ASN B 149 36.47 44.49 14.81
C ASN B 149 36.95 45.22 16.06
N ILE B 150 36.76 46.53 16.07
CA ILE B 150 37.21 47.39 17.16
C ILE B 150 35.99 48.17 17.67
N ASP B 151 36.13 48.75 18.85
CA ASP B 151 35.07 49.56 19.43
C ASP B 151 34.70 50.71 18.51
N SER B 152 33.46 51.21 18.68
CA SER B 152 32.92 52.19 17.75
C SER B 152 33.75 53.47 17.70
N LYS B 153 34.16 53.97 18.87
CA LYS B 153 34.97 55.18 18.90
C LYS B 153 36.33 54.96 18.23
N LEU B 154 36.94 53.80 18.47
CA LEU B 154 38.22 53.49 17.84
C LEU B 154 38.08 52.97 16.42
N LYS B 155 36.87 52.58 16.02
CA LYS B 155 36.66 52.10 14.66
C LYS B 155 36.72 53.24 13.66
N SER B 156 37.43 53.01 12.56
CA SER B 156 37.52 53.99 11.48
C SER B 156 37.92 53.28 10.21
N GLY B 157 37.40 53.76 9.08
CA GLY B 157 37.70 53.15 7.79
C GLY B 157 39.07 53.46 7.23
N ASN B 158 39.81 54.36 7.88
CA ASN B 158 41.15 54.73 7.41
C ASN B 158 42.18 53.61 7.62
N LEU B 159 41.88 52.62 8.46
CA LEU B 159 42.84 51.57 8.74
C LEU B 159 43.04 50.69 7.52
N PHE B 160 44.32 50.40 7.21
CA PHE B 160 44.64 49.55 6.08
C PHE B 160 45.94 48.82 6.35
N PHE B 161 46.12 47.70 5.64
CA PHE B 161 47.32 46.88 5.73
C PHE B 161 47.97 46.79 4.35
N PHE B 162 49.30 46.88 4.32
CA PHE B 162 50.04 46.86 3.07
C PHE B 162 51.16 45.83 3.15
N GLY B 163 51.44 45.20 2.02
CA GLY B 163 52.49 44.21 1.94
C GLY B 163 53.38 44.47 0.74
N GLY B 164 54.62 43.97 0.83
CA GLY B 164 55.57 44.19 -0.24
C GLY B 164 56.63 43.11 -0.35
N LYS B 165 57.55 43.28 -1.30
CA LYS B 165 58.63 42.33 -1.46
C LYS B 165 59.63 42.38 -0.31
N SER B 166 59.55 43.40 0.54
CA SER B 166 60.35 43.40 1.77
C SER B 166 59.70 42.59 2.87
N GLY B 167 58.46 42.16 2.69
CA GLY B 167 57.77 41.37 3.69
C GLY B 167 57.45 42.14 4.96
N VAL B 168 57.10 43.41 4.85
CA VAL B 168 56.78 44.26 6.00
C VAL B 168 55.33 44.68 5.87
N VAL B 169 54.53 44.36 6.90
CA VAL B 169 53.12 44.70 6.95
C VAL B 169 52.87 45.52 8.20
N CYS B 170 52.21 46.67 8.03
CA CYS B 170 51.96 47.58 9.14
C CYS B 170 50.53 48.08 9.07
N LEU B 171 49.98 48.42 10.24
CA LEU B 171 48.67 49.03 10.32
C LEU B 171 48.79 50.55 10.35
N ALA B 172 48.14 51.21 9.40
CA ALA B 172 48.24 52.66 9.27
C ALA B 172 46.86 53.25 9.08
N ASP B 173 46.71 54.52 9.47
CA ASP B 173 45.46 55.24 9.35
C ASP B 173 45.73 56.62 8.74
N ASP B 174 44.66 57.34 8.47
CA ASP B 174 44.80 58.69 7.91
C ASP B 174 45.34 59.69 8.91
N ALA B 175 45.33 59.37 10.20
CA ALA B 175 45.84 60.26 11.23
C ALA B 175 47.34 60.10 11.47
N ASN B 176 48.07 59.52 10.52
CA ASN B 176 49.52 59.35 10.54
C ASN B 176 50.01 58.44 11.65
N HIS B 177 49.13 57.65 12.26
CA HIS B 177 49.53 56.69 13.28
C HIS B 177 49.87 55.37 12.58
N CYS B 178 51.16 55.06 12.52
CA CYS B 178 51.65 53.85 11.84
C CYS B 178 52.10 52.85 12.89
N SER B 179 51.28 51.82 13.10
CA SER B 179 51.62 50.72 13.99
C SER B 179 52.27 49.63 13.16
N ASP B 180 53.59 49.48 13.32
CA ASP B 180 54.37 48.58 12.47
C ASP B 180 54.23 47.15 12.99
N VAL B 181 53.31 46.40 12.38
CA VAL B 181 53.22 44.97 12.67
C VAL B 181 54.48 44.25 12.18
N CYS B 182 54.91 44.59 10.96
CA CYS B 182 56.19 44.13 10.39
C CYS B 182 56.19 42.61 10.34
N LYS B 183 57.09 41.92 11.04
CA LYS B 183 57.21 40.46 11.05
C LYS B 183 57.53 39.91 9.66
N VAL B 184 57.51 38.57 9.55
CA VAL B 184 57.88 37.80 8.36
C VAL B 184 58.97 38.47 7.54
N GLY B 185 58.85 38.39 6.22
CA GLY B 185 59.85 38.94 5.33
C GLY B 185 59.77 38.27 3.97
N GLY B 186 60.64 38.73 3.08
CA GLY B 186 60.68 38.18 1.73
C GLY B 186 59.59 38.75 0.84
N SER B 187 59.51 38.17 -0.37
CA SER B 187 58.57 38.63 -1.38
C SER B 187 57.18 38.07 -1.06
N ILE B 188 56.32 38.91 -0.50
CA ILE B 188 54.94 38.53 -0.25
C ILE B 188 54.13 38.80 -1.50
N LYS B 189 53.60 37.74 -2.11
CA LYS B 189 52.87 37.89 -3.36
C LYS B 189 51.52 38.57 -3.13
N SER B 190 50.76 38.10 -2.13
CA SER B 190 49.40 38.60 -1.95
C SER B 190 49.04 38.62 -0.47
N LEU B 191 48.22 39.61 -0.11
CA LEU B 191 47.70 39.78 1.24
C LEU B 191 46.19 39.91 1.18
N LEU B 192 45.50 39.26 2.12
CA LEU B 192 44.05 39.27 2.19
C LEU B 192 43.61 39.49 3.63
N PHE B 193 42.41 40.03 3.79
CA PHE B 193 41.84 40.35 5.09
C PHE B 193 40.64 39.47 5.38
N TYR B 194 40.47 39.11 6.66
CA TYR B 194 39.37 38.30 7.12
C TYR B 194 38.70 38.99 8.31
N GLU B 195 37.38 39.13 8.25
CA GLU B 195 36.67 40.01 9.18
C GLU B 195 36.35 39.31 10.49
N LYS B 196 35.95 38.05 10.45
CA LYS B 196 35.42 37.40 11.66
C LYS B 196 36.47 37.30 12.75
N GLU B 197 37.64 36.76 12.44
CA GLU B 197 38.74 36.68 13.39
C GLU B 197 39.73 37.83 13.26
N ASN B 198 39.44 38.83 12.43
CA ASN B 198 40.35 39.95 12.20
C ASN B 198 41.73 39.46 11.80
N SER B 199 41.76 38.60 10.77
CA SER B 199 42.95 37.85 10.42
C SER B 199 43.54 38.35 9.11
N VAL B 200 44.82 38.05 8.92
CA VAL B 200 45.55 38.42 7.70
C VAL B 200 46.08 37.16 7.06
N ILE B 201 45.80 36.97 5.78
CA ILE B 201 46.21 35.79 5.02
C ILE B 201 47.30 36.22 4.05
N ILE B 202 48.44 35.54 4.10
CA ILE B 202 49.62 35.92 3.35
C ILE B 202 50.02 34.77 2.43
N ILE B 203 50.21 35.08 1.15
CA ILE B 203 50.75 34.12 0.18
C ILE B 203 52.05 34.70 -0.36
N THR B 204 53.14 33.95 -0.21
CA THR B 204 54.48 34.39 -0.60
C THR B 204 55.03 33.46 -1.69
N SER B 205 56.27 33.75 -2.09
CA SER B 205 56.97 32.89 -3.05
C SER B 205 57.56 31.66 -2.38
N THR B 206 57.58 31.61 -1.06
CA THR B 206 58.13 30.48 -0.30
C THR B 206 57.18 29.29 -0.24
N LEU B 207 56.09 29.31 -1.00
CA LEU B 207 55.11 28.22 -1.01
C LEU B 207 54.56 27.96 0.38
N LEU B 208 54.31 29.03 1.13
CA LEU B 208 53.81 28.93 2.50
C LEU B 208 52.68 29.92 2.69
N LEU B 209 51.52 29.44 3.09
CA LEU B 209 50.37 30.27 3.41
C LEU B 209 50.44 30.61 4.89
N VAL B 210 50.38 31.90 5.21
CA VAL B 210 50.59 32.40 6.56
C VAL B 210 49.27 32.96 7.08
N MET B 211 48.90 32.57 8.29
CA MET B 211 47.60 32.88 8.87
C MET B 211 47.81 33.69 10.15
N PHE B 212 47.99 35.00 9.99
CA PHE B 212 48.23 35.86 11.14
C PHE B 212 46.92 36.31 11.78
N LYS B 213 46.97 36.47 13.11
CA LYS B 213 45.92 37.13 13.87
C LYS B 213 46.49 38.41 14.46
N ILE B 214 45.81 39.53 14.20
CA ILE B 214 46.31 40.85 14.54
C ILE B 214 45.32 41.55 15.46
N SER B 215 45.84 42.19 16.50
CA SER B 215 45.05 42.99 17.42
C SER B 215 45.66 44.39 17.51
N THR B 216 44.88 45.31 18.06
CA THR B 216 45.32 46.71 18.15
C THR B 216 46.56 46.83 19.04
N SER B 217 46.57 46.15 20.18
CA SER B 217 47.68 46.23 21.13
C SER B 217 48.36 44.90 21.38
N VAL B 218 47.90 43.82 20.75
CA VAL B 218 48.45 42.49 20.96
C VAL B 218 49.00 41.99 19.63
N LYS B 219 50.27 41.56 19.63
CA LYS B 219 50.90 40.96 18.47
C LYS B 219 51.23 39.51 18.79
N THR B 220 50.90 38.62 17.86
CA THR B 220 51.09 37.18 18.06
C THR B 220 51.61 36.57 16.76
N GLY B 221 52.36 35.49 16.90
CA GLY B 221 52.88 34.77 15.76
C GLY B 221 51.78 34.10 14.96
N PRO B 222 52.13 33.59 13.78
CA PRO B 222 51.10 32.99 12.92
C PRO B 222 50.45 31.79 13.58
N SER B 223 49.13 31.67 13.37
CA SER B 223 48.39 30.56 13.96
C SER B 223 48.74 29.25 13.28
N LYS B 224 48.91 29.26 11.96
CA LYS B 224 49.24 28.06 11.22
C LYS B 224 49.96 28.44 9.93
N ARG B 225 51.02 27.70 9.62
CA ARG B 225 51.77 27.86 8.38
C ARG B 225 51.45 26.65 7.49
N VAL B 226 50.70 26.88 6.41
CA VAL B 226 50.23 25.81 5.55
C VAL B 226 51.19 25.64 4.39
N LYS B 227 51.62 24.40 4.16
CA LYS B 227 52.46 24.06 3.03
C LYS B 227 51.60 23.73 1.83
N LEU B 228 51.97 24.27 0.67
CA LEU B 228 51.20 24.10 -0.55
C LEU B 228 51.89 23.11 -1.47
N SER B 229 51.15 22.11 -1.93
CA SER B 229 51.65 21.10 -2.87
C SER B 229 51.27 21.56 -4.27
N ILE B 230 52.15 22.36 -4.88
CA ILE B 230 51.90 22.96 -6.19
C ILE B 230 53.06 22.61 -7.12
N SER B 231 52.73 22.04 -8.29
CA SER B 231 53.75 21.71 -9.27
C SER B 231 54.00 22.85 -10.26
N GLY B 232 53.20 23.91 -10.21
CA GLY B 232 53.36 25.03 -11.11
C GLY B 232 54.40 26.02 -10.62
N ASP B 233 54.45 27.14 -11.32
CA ASP B 233 55.42 28.19 -10.99
C ASP B 233 54.99 28.91 -9.72
N PRO B 234 55.82 28.94 -8.67
CA PRO B 234 55.44 29.65 -7.44
C PRO B 234 55.22 31.14 -7.65
N GLN B 235 55.98 31.78 -8.54
CA GLN B 235 55.82 33.21 -8.77
C GLN B 235 54.46 33.52 -9.36
N LYS B 236 53.99 32.70 -10.29
CA LYS B 236 52.73 32.95 -10.99
C LYS B 236 51.51 32.62 -10.15
N LEU B 237 51.69 31.98 -9.00
CA LEU B 237 50.56 31.55 -8.17
C LEU B 237 49.71 32.75 -7.75
N GLN B 238 48.39 32.62 -7.93
CA GLN B 238 47.45 33.63 -7.50
C GLN B 238 46.28 32.97 -6.79
N SER B 239 45.74 33.66 -5.79
CA SER B 239 44.62 33.18 -4.99
C SER B 239 43.55 34.25 -4.91
N ILE B 240 42.30 33.81 -4.84
CA ILE B 240 41.14 34.69 -4.78
C ILE B 240 40.21 34.19 -3.69
N TRP B 241 39.47 35.12 -3.08
CA TRP B 241 38.51 34.75 -2.05
C TRP B 241 37.16 34.45 -2.67
N ILE B 242 36.60 33.29 -2.34
CA ILE B 242 35.31 32.84 -2.85
C ILE B 242 34.39 32.63 -1.66
N GLY B 243 33.22 33.26 -1.72
CA GLY B 243 32.25 33.09 -0.64
C GLY B 243 32.73 33.71 0.66
N SER B 244 32.27 33.14 1.77
CA SER B 244 32.60 33.68 3.08
C SER B 244 34.05 33.40 3.46
N CYS B 245 34.51 32.16 3.24
CA CYS B 245 35.84 31.76 3.69
C CYS B 245 36.60 30.89 2.71
N LEU B 246 36.08 30.63 1.51
CA LEU B 246 36.79 29.79 0.56
C LEU B 246 37.97 30.54 -0.06
N LEU B 247 39.05 29.80 -0.32
CA LEU B 247 40.20 30.34 -1.03
C LEU B 247 40.48 29.47 -2.24
N ALA B 248 40.52 30.10 -3.42
CA ALA B 248 40.77 29.39 -4.67
C ALA B 248 42.12 29.81 -5.22
N THR B 249 43.02 28.85 -5.38
CA THR B 249 44.39 29.10 -5.80
C THR B 249 44.69 28.38 -7.10
N CYS B 250 45.41 29.07 -7.98
CA CYS B 250 45.90 28.50 -9.24
C CYS B 250 47.29 29.06 -9.50
N SER B 251 48.20 28.20 -9.94
CA SER B 251 49.60 28.56 -10.13
C SER B 251 50.10 28.12 -11.50
N HIS B 252 49.33 28.44 -12.54
CA HIS B 252 49.63 28.04 -13.90
C HIS B 252 49.77 26.52 -14.01
N GLU B 253 48.72 25.84 -13.58
CA GLU B 253 48.67 24.38 -13.55
C GLU B 253 47.27 23.92 -13.87
N ASN B 254 47.15 22.63 -14.22
CA ASN B 254 45.85 22.07 -14.56
C ASN B 254 44.93 21.94 -13.35
N MET B 255 45.47 22.08 -12.14
CA MET B 255 44.72 21.84 -10.92
C MET B 255 44.30 23.15 -10.28
N LEU B 256 43.06 23.21 -9.80
CA LEU B 256 42.55 24.37 -9.08
C LEU B 256 42.30 23.97 -7.63
N ARG B 257 43.02 24.59 -6.69
CA ARG B 257 42.93 24.20 -5.29
C ARG B 257 41.93 25.09 -4.56
N MET B 258 41.10 24.48 -3.70
CA MET B 258 40.14 25.21 -2.90
C MET B 258 40.30 24.81 -1.44
N TRP B 259 40.40 25.81 -0.57
CA TRP B 259 40.55 25.60 0.86
C TRP B 259 39.40 26.26 1.59
N HIS B 260 38.75 25.51 2.48
CA HIS B 260 37.65 26.00 3.30
C HIS B 260 38.12 26.13 4.74
N LEU B 261 37.98 27.34 5.30
CA LEU B 261 38.58 27.66 6.59
C LEU B 261 37.80 27.08 7.76
N ASP B 262 36.47 26.97 7.63
CA ASP B 262 35.65 26.52 8.76
C ASP B 262 36.05 25.12 9.20
N GLN B 263 36.26 24.21 8.26
CA GLN B 263 36.80 22.89 8.55
C GLN B 263 38.18 22.68 7.94
N ASP B 264 38.75 23.70 7.30
CA ASP B 264 40.08 23.66 6.71
C ASP B 264 40.22 22.47 5.76
N ASP B 265 39.23 22.31 4.90
CA ASP B 265 39.20 21.19 3.95
C ASP B 265 39.69 21.66 2.58
N ASN B 266 40.53 20.85 1.96
CA ASN B 266 41.09 21.15 0.65
C ASN B 266 40.55 20.18 -0.40
N TYR B 267 40.16 20.71 -1.55
CA TYR B 267 39.71 19.88 -2.66
C TYR B 267 40.11 20.53 -3.97
N VAL B 268 40.29 19.70 -4.99
CA VAL B 268 40.86 20.14 -6.26
C VAL B 268 39.84 19.96 -7.37
N LEU B 269 39.67 21.02 -8.17
CA LEU B 269 38.93 20.95 -9.42
C LEU B 269 39.89 20.70 -10.57
N THR B 270 39.56 19.71 -11.39
CA THR B 270 40.35 19.32 -12.55
C THR B 270 39.68 19.82 -13.82
N LEU B 271 40.33 19.56 -14.95
CA LEU B 271 39.81 19.93 -16.25
C LEU B 271 39.22 18.73 -17.00
N HIS B 272 39.04 17.59 -16.34
CA HIS B 272 38.33 16.48 -16.97
C HIS B 272 36.88 16.83 -17.27
N GLN B 273 36.32 17.79 -16.54
CA GLN B 273 35.01 18.33 -16.89
C GLN B 273 35.04 19.04 -18.25
N LEU B 274 36.17 19.64 -18.60
CA LEU B 274 36.33 20.17 -19.96
C LEU B 274 36.31 19.02 -20.98
N ALA B 275 36.89 17.88 -20.62
CA ALA B 275 36.79 16.70 -21.49
C ALA B 275 35.35 16.25 -21.63
N GLN B 276 34.58 16.30 -20.54
CA GLN B 276 33.16 15.97 -20.62
C GLN B 276 32.42 16.92 -21.53
N GLN B 277 32.73 18.22 -21.43
CA GLN B 277 32.11 19.21 -22.32
C GLN B 277 32.45 18.94 -23.77
N THR B 278 33.71 18.61 -24.05
CA THR B 278 34.10 18.30 -25.42
C THR B 278 33.38 17.06 -25.92
N GLN B 279 33.24 16.04 -25.07
CA GLN B 279 32.51 14.84 -25.46
C GLN B 279 31.05 15.14 -25.77
N THR B 280 30.41 15.98 -24.94
CA THR B 280 29.03 16.35 -25.17
C THR B 280 28.85 17.32 -26.33
N GLN B 281 29.92 17.98 -26.77
CA GLN B 281 29.85 18.91 -27.89
C GLN B 281 30.42 18.36 -29.19
N GLN B 282 31.22 17.30 -29.13
CA GLN B 282 31.76 16.68 -30.35
C GLN B 282 30.83 15.55 -30.81
N GLY B 283 29.56 15.89 -30.95
CA GLY B 283 28.56 14.94 -31.40
C GLY B 283 28.01 15.29 -32.76
N ALA B 284 28.66 16.22 -33.45
CA ALA B 284 28.22 16.67 -34.77
C ALA B 284 29.44 17.14 -35.55
N ALA B 285 29.20 17.81 -36.67
CA ALA B 285 30.28 18.32 -37.52
C ALA B 285 30.83 19.60 -36.91
N THR B 286 31.66 19.43 -35.88
CA THR B 286 32.28 20.54 -35.18
C THR B 286 33.78 20.34 -35.19
N VAL B 287 34.52 21.39 -35.56
CA VAL B 287 35.97 21.34 -35.65
C VAL B 287 36.53 21.72 -34.29
N ILE B 288 36.94 20.71 -33.52
CA ILE B 288 37.52 20.91 -32.19
C ILE B 288 38.80 20.09 -32.09
N GLN B 289 39.85 20.69 -31.54
CA GLN B 289 41.13 20.02 -31.36
C GLN B 289 40.99 18.86 -30.39
N SER B 290 41.99 17.98 -30.34
CA SER B 290 41.95 16.84 -29.44
C SER B 290 41.85 17.30 -28.00
N THR B 291 41.30 16.43 -27.15
CA THR B 291 41.01 16.78 -25.76
C THR B 291 42.28 16.86 -24.94
N ASN B 292 42.97 18.01 -24.98
CA ASN B 292 44.15 18.25 -24.16
C ASN B 292 43.71 19.00 -22.91
N THR B 293 43.12 18.25 -21.98
CA THR B 293 42.59 18.81 -20.74
C THR B 293 43.64 18.91 -19.64
N ASN B 294 44.93 18.87 -19.99
CA ASN B 294 46.00 19.08 -19.04
C ASN B 294 46.58 20.49 -19.15
N ASP B 295 45.89 21.40 -19.82
CA ASP B 295 46.37 22.75 -20.01
C ASP B 295 46.34 23.53 -18.69
N GLN B 296 47.12 24.60 -18.66
CA GLN B 296 47.23 25.47 -17.50
C GLN B 296 46.36 26.71 -17.68
N ILE B 297 45.89 27.24 -16.55
CA ILE B 297 44.95 28.36 -16.53
C ILE B 297 45.74 29.63 -16.24
N THR B 298 45.59 30.63 -17.13
CA THR B 298 46.34 31.88 -16.97
C THR B 298 45.78 32.71 -15.83
N SER B 299 44.46 32.85 -15.75
CA SER B 299 43.84 33.73 -14.77
C SER B 299 42.50 33.17 -14.33
N ILE B 300 42.11 33.53 -13.10
CA ILE B 300 40.84 33.16 -12.51
C ILE B 300 40.24 34.39 -11.84
N GLN B 301 38.94 34.59 -12.02
CA GLN B 301 38.24 35.73 -11.45
C GLN B 301 36.85 35.30 -11.00
N TYR B 302 36.31 36.00 -9.99
CA TYR B 302 35.01 35.68 -9.45
C TYR B 302 34.13 36.93 -9.38
N GLU B 303 32.84 36.75 -9.62
CA GLU B 303 31.87 37.83 -9.56
C GLU B 303 30.75 37.44 -8.59
N LYS B 304 30.49 38.32 -7.62
CA LYS B 304 29.46 38.07 -6.62
C LYS B 304 28.06 38.23 -7.18
N ARG B 305 27.85 39.26 -8.02
CA ARG B 305 26.51 39.53 -8.52
C ARG B 305 25.96 38.36 -9.32
N GLY B 306 26.78 37.78 -10.19
CA GLY B 306 26.40 36.56 -10.89
C GLY B 306 26.80 35.28 -10.19
N LYS B 307 27.59 35.38 -9.11
CA LYS B 307 28.12 34.22 -8.40
C LYS B 307 28.86 33.29 -9.37
N VAL B 308 29.66 33.88 -10.25
CA VAL B 308 30.25 33.17 -11.38
C VAL B 308 31.76 33.23 -11.29
N LEU B 309 32.41 32.08 -11.43
CA LEU B 309 33.87 31.97 -11.46
C LEU B 309 34.31 31.68 -12.88
N VAL B 310 35.22 32.49 -13.41
CA VAL B 310 35.68 32.39 -14.79
C VAL B 310 37.17 32.11 -14.78
N ALA B 311 37.58 31.07 -15.51
CA ALA B 311 38.99 30.72 -15.64
C ALA B 311 39.38 30.68 -17.11
N GLY B 312 40.60 31.14 -17.39
CA GLY B 312 41.09 31.18 -18.76
C GLY B 312 42.31 30.33 -19.01
N THR B 313 42.17 29.33 -19.87
CA THR B 313 43.29 28.47 -20.23
C THR B 313 44.16 29.14 -21.29
N ARG B 314 45.42 28.73 -21.36
CA ARG B 314 46.36 29.33 -22.31
C ARG B 314 46.25 28.72 -23.70
N GLU B 315 45.39 27.72 -23.90
CA GLU B 315 45.14 27.18 -25.23
C GLU B 315 43.99 27.87 -25.94
N GLY B 316 43.34 28.84 -25.30
CA GLY B 316 42.23 29.54 -25.91
C GLY B 316 40.88 29.02 -25.51
N ARG B 317 40.67 28.80 -24.21
CA ARG B 317 39.39 28.34 -23.69
C ARG B 317 39.03 29.13 -22.44
N ILE B 318 37.73 29.32 -22.24
CA ILE B 318 37.20 30.01 -21.06
C ILE B 318 36.17 29.08 -20.42
N ILE B 319 36.34 28.82 -19.13
CA ILE B 319 35.49 27.88 -18.40
C ILE B 319 34.79 28.61 -17.27
N PHE B 320 33.51 28.26 -17.05
CA PHE B 320 32.66 28.94 -16.09
C PHE B 320 32.15 27.98 -15.02
N TRP B 321 32.07 28.49 -13.79
CA TRP B 321 31.51 27.77 -12.67
C TRP B 321 30.43 28.61 -12.01
N LYS B 322 29.34 27.97 -11.63
CA LYS B 322 28.22 28.60 -10.95
C LYS B 322 28.18 28.10 -9.51
N ASN B 323 27.99 29.04 -8.58
CA ASN B 323 27.92 28.73 -7.15
C ASN B 323 26.48 28.40 -6.80
N LEU B 324 26.15 27.10 -6.78
CA LEU B 324 24.81 26.66 -6.43
C LEU B 324 24.54 26.67 -4.93
N SER B 325 25.55 26.93 -4.11
CA SER B 325 25.38 26.95 -2.66
C SER B 325 24.53 28.15 -2.26
N ILE B 326 23.34 27.87 -1.73
CA ILE B 326 22.47 28.94 -1.25
C ILE B 326 23.11 29.62 -0.05
N GLY B 327 22.88 30.92 0.07
CA GLY B 327 23.47 31.71 1.13
C GLY B 327 24.83 32.27 0.77
N SER B 328 25.29 33.20 1.60
CA SER B 328 26.55 33.90 1.35
C SER B 328 27.77 33.11 1.83
N GLU B 329 27.57 32.01 2.56
CA GLU B 329 28.70 31.22 3.03
C GLU B 329 29.33 30.44 1.88
N SER B 330 30.60 30.09 2.06
CA SER B 330 31.36 29.45 1.01
C SER B 330 30.91 27.99 0.80
N PRO B 331 31.06 27.47 -0.41
CA PRO B 331 30.78 26.05 -0.64
C PRO B 331 31.77 25.17 0.10
N LEU B 332 31.33 23.95 0.40
CA LEU B 332 32.13 23.02 1.19
C LEU B 332 32.82 21.93 0.37
N ASP B 333 32.33 21.65 -0.85
CA ASP B 333 32.92 20.59 -1.65
C ASP B 333 32.63 20.86 -3.12
N VAL B 334 33.08 19.94 -3.98
CA VAL B 334 32.94 20.09 -5.42
C VAL B 334 31.47 19.98 -5.82
N ASP B 335 30.70 19.12 -5.13
CA ASP B 335 29.33 18.83 -5.55
C ASP B 335 28.46 20.08 -5.60
N GLU B 336 28.69 21.04 -4.68
CA GLU B 336 27.91 22.27 -4.70
C GLU B 336 28.19 23.07 -5.96
N TRP B 337 29.45 23.13 -6.38
CA TRP B 337 29.81 23.88 -7.58
C TRP B 337 29.20 23.24 -8.82
N LYS B 338 28.78 24.06 -9.78
CA LYS B 338 28.29 23.58 -11.06
C LYS B 338 29.21 24.10 -12.16
N MET B 339 29.33 23.32 -13.23
CA MET B 339 30.21 23.65 -14.35
C MET B 339 29.38 23.96 -15.58
N LEU B 340 29.56 25.18 -16.13
CA LEU B 340 28.80 25.68 -17.25
C LEU B 340 29.51 25.39 -18.57
N PRO B 341 28.78 25.38 -19.68
CA PRO B 341 29.43 25.17 -20.98
C PRO B 341 30.49 26.23 -21.26
N TYR B 342 31.59 25.81 -21.89
CA TYR B 342 32.73 26.66 -22.12
C TYR B 342 32.57 27.45 -23.41
N VAL B 343 33.47 28.42 -23.61
CA VAL B 343 33.52 29.22 -24.83
C VAL B 343 34.97 29.22 -25.32
N SER B 344 35.18 28.81 -26.57
CA SER B 344 36.52 28.72 -27.12
C SER B 344 37.03 30.11 -27.50
N VAL B 345 38.36 30.26 -27.44
CA VAL B 345 39.04 31.50 -27.83
C VAL B 345 40.04 31.15 -28.93
N ARG B 346 40.23 32.11 -29.85
CA ARG B 346 41.10 31.86 -31.00
C ARG B 346 42.54 31.62 -30.56
N GLN B 347 43.03 32.41 -29.61
CA GLN B 347 44.39 32.29 -29.10
C GLN B 347 44.35 32.26 -27.57
N GLY B 348 45.50 31.96 -26.97
CA GLY B 348 45.62 31.90 -25.53
C GLY B 348 45.32 33.22 -24.85
N VAL B 349 44.43 33.19 -23.87
CA VAL B 349 44.03 34.41 -23.17
C VAL B 349 45.17 34.90 -22.30
N ASN B 350 45.26 36.22 -22.13
CA ASN B 350 46.31 36.85 -21.34
C ASN B 350 45.76 37.45 -20.04
N SER B 351 44.73 38.29 -20.14
CA SER B 351 44.21 38.99 -18.97
C SER B 351 42.69 38.87 -18.92
N ILE B 352 42.16 38.78 -17.70
CA ILE B 352 40.73 38.78 -17.44
C ILE B 352 40.42 39.87 -16.43
N ALA B 353 39.50 40.76 -16.79
CA ALA B 353 39.08 41.84 -15.90
C ALA B 353 37.57 41.75 -15.69
N VAL B 354 37.14 42.03 -14.47
CA VAL B 354 35.75 41.83 -14.06
C VAL B 354 35.17 43.17 -13.60
N GLY B 355 34.00 43.50 -14.13
CA GLY B 355 33.24 44.64 -13.65
C GLY B 355 31.85 44.20 -13.23
N GLN B 356 31.42 44.75 -12.10
CA GLN B 356 30.15 44.35 -11.50
C GLN B 356 28.97 44.96 -12.26
N ASN B 357 28.87 44.65 -13.55
CA ASN B 357 27.81 45.19 -14.42
C ASN B 357 27.34 44.03 -15.30
N ASN B 358 26.31 43.32 -14.82
CA ASN B 358 25.87 42.07 -15.44
C ASN B 358 27.02 41.07 -15.53
N GLY B 359 27.96 41.17 -14.59
CA GLY B 359 29.14 40.34 -14.61
C GLY B 359 30.00 40.55 -15.84
N LEU B 360 30.25 41.81 -16.19
CA LEU B 360 30.95 42.10 -17.43
C LEU B 360 32.40 41.64 -17.35
N ILE B 361 32.86 40.96 -18.39
CA ILE B 361 34.22 40.42 -18.44
C ILE B 361 34.93 41.03 -19.64
N ALA B 362 36.14 41.53 -19.41
CA ALA B 362 37.03 41.98 -20.47
C ALA B 362 38.16 40.96 -20.60
N VAL B 363 38.24 40.30 -21.75
CA VAL B 363 39.24 39.26 -21.99
C VAL B 363 40.23 39.76 -23.02
N GLN B 364 41.51 39.69 -22.68
CA GLN B 364 42.59 40.15 -23.54
C GLN B 364 43.49 38.96 -23.87
N TYR B 365 43.70 38.71 -25.17
CA TYR B 365 44.59 37.66 -25.63
C TYR B 365 45.48 38.25 -26.70
N GLY B 366 46.79 38.23 -26.46
CA GLY B 366 47.71 38.90 -27.36
C GLY B 366 47.42 40.38 -27.37
N ASN B 367 47.20 40.93 -28.57
CA ASN B 367 46.77 42.31 -28.72
C ASN B 367 45.29 42.43 -29.02
N GLN B 368 44.53 41.35 -28.89
CA GLN B 368 43.11 41.33 -29.19
C GLN B 368 42.30 41.37 -27.90
N ILE B 369 41.10 41.95 -27.98
CA ILE B 369 40.24 42.14 -26.82
C ILE B 369 38.83 41.69 -27.15
N SER B 370 38.08 41.30 -26.12
CA SER B 370 36.70 40.90 -26.32
C SER B 370 35.93 41.13 -25.02
N LEU B 371 34.61 41.23 -25.15
CA LEU B 371 33.71 41.44 -24.04
C LEU B 371 32.83 40.20 -23.86
N VAL B 372 32.60 39.82 -22.60
CA VAL B 372 31.77 38.68 -22.25
C VAL B 372 30.68 39.14 -21.30
N GLN B 373 29.44 38.77 -21.60
CA GLN B 373 28.30 39.14 -20.78
C GLN B 373 27.46 37.90 -20.51
N GLU B 374 26.70 37.97 -19.42
CA GLU B 374 25.85 36.87 -18.98
C GLU B 374 24.38 37.22 -19.23
N THR B 375 23.65 36.29 -19.84
CA THR B 375 22.22 36.44 -20.10
C THR B 375 21.49 35.31 -19.39
N VAL B 376 20.71 35.65 -18.38
CA VAL B 376 19.93 34.68 -17.62
C VAL B 376 18.59 34.50 -18.31
N ILE B 377 18.09 33.25 -18.31
CA ILE B 377 16.81 32.96 -18.95
C ILE B 377 15.70 33.67 -18.19
N ASN B 378 14.91 34.46 -18.90
CA ASN B 378 13.82 35.22 -18.30
C ASN B 378 12.51 34.89 -19.02
N GLY B 379 11.43 34.89 -18.26
CA GLY B 379 10.12 34.59 -18.82
C GLY B 379 9.02 35.49 -18.31
N LYS B 380 8.19 35.98 -19.22
CA LYS B 380 7.11 36.91 -18.90
C LYS B 380 5.77 36.26 -19.21
N MET B 381 4.80 36.48 -18.32
CA MET B 381 3.48 35.88 -18.40
C MET B 381 2.41 36.95 -18.35
N THR B 382 1.57 37.02 -19.38
CA THR B 382 0.32 37.76 -19.34
C THR B 382 -0.75 36.89 -20.00
N ASP B 383 -1.98 37.38 -19.99
CA ASP B 383 -3.11 36.61 -20.53
C ASP B 383 -2.84 36.24 -21.98
N GLN B 384 -2.82 34.93 -22.25
CA GLN B 384 -2.66 34.38 -23.60
C GLN B 384 -1.31 34.73 -24.19
N VAL B 385 -0.38 35.25 -23.38
CA VAL B 385 0.92 35.67 -23.88
C VAL B 385 2.01 35.10 -22.98
N ARG B 386 2.89 34.28 -23.56
CA ARG B 386 4.09 33.80 -22.90
C ARG B 386 5.30 34.28 -23.70
N LEU B 387 6.24 34.94 -23.02
CA LEU B 387 7.44 35.44 -23.65
C LEU B 387 8.65 34.77 -23.01
N LEU B 388 9.48 34.13 -23.84
CA LEU B 388 10.68 33.45 -23.38
C LEU B 388 11.90 34.04 -24.07
N GLN B 389 12.89 34.44 -23.27
CA GLN B 389 14.15 34.97 -23.81
C GLN B 389 15.16 33.82 -23.91
N SER B 390 14.97 33.00 -24.95
CA SER B 390 15.82 31.83 -25.14
C SER B 390 17.27 32.22 -25.37
N SER B 391 17.50 33.25 -26.19
CA SER B 391 18.86 33.71 -26.45
C SER B 391 18.94 35.23 -26.35
N ALA B 392 20.07 35.80 -26.76
CA ALA B 392 20.22 37.25 -26.73
C ALA B 392 19.22 37.93 -27.65
N ASN B 393 18.98 37.37 -28.83
CA ASN B 393 18.07 37.94 -29.80
C ASN B 393 16.82 37.10 -30.05
N THR B 394 16.91 35.77 -29.94
CA THR B 394 15.76 34.91 -30.19
C THR B 394 14.74 35.03 -29.08
N ILE B 395 13.47 35.20 -29.45
CA ILE B 395 12.37 35.32 -28.51
C ILE B 395 11.30 34.31 -28.90
N LYS B 396 10.84 33.52 -27.93
CA LYS B 396 9.79 32.55 -28.15
C LYS B 396 8.48 33.14 -27.63
N ILE B 397 7.47 33.23 -28.50
CA ILE B 397 6.17 33.77 -28.15
C ILE B 397 5.15 32.65 -28.21
N TYR B 398 4.39 32.48 -27.13
CA TYR B 398 3.37 31.44 -27.05
C TYR B 398 2.01 32.10 -26.84
N ILE B 399 1.05 31.73 -27.68
CA ILE B 399 -0.30 32.29 -27.66
C ILE B 399 -1.27 31.15 -27.36
N ASN B 400 -2.13 31.36 -26.37
CA ASN B 400 -3.09 30.35 -25.92
C ASN B 400 -4.32 30.40 -26.81
N ASN B 401 -4.35 29.56 -27.83
CA ASN B 401 -5.53 29.38 -28.67
C ASN B 401 -6.13 28.02 -28.35
N ASP B 402 -7.45 27.99 -28.13
CA ASP B 402 -8.10 26.79 -27.65
C ASP B 402 -7.98 25.64 -28.66
N ILE B 403 -7.95 25.96 -29.96
CA ILE B 403 -7.78 24.90 -30.96
C ILE B 403 -6.38 24.30 -30.88
N SER B 404 -5.36 25.15 -30.73
CA SER B 404 -3.98 24.71 -30.63
C SER B 404 -3.11 25.89 -30.21
N ASN B 405 -2.21 25.65 -29.27
CA ASN B 405 -1.30 26.71 -28.84
C ASN B 405 -0.39 27.12 -29.99
N GLN B 406 -0.23 28.42 -30.19
CA GLN B 406 0.54 28.95 -31.31
C GLN B 406 1.92 29.39 -30.85
N VAL B 407 2.93 29.03 -31.63
CA VAL B 407 4.33 29.29 -31.30
C VAL B 407 4.93 30.18 -32.38
N LEU B 408 5.56 31.27 -31.96
CA LEU B 408 6.22 32.21 -32.87
C LEU B 408 7.67 32.40 -32.44
N HIS B 409 8.56 32.52 -33.43
CA HIS B 409 9.99 32.72 -33.19
C HIS B 409 10.35 34.10 -33.75
N PHE B 410 10.71 35.03 -32.87
CA PHE B 410 11.06 36.39 -33.26
C PHE B 410 12.58 36.58 -33.14
N GLN B 411 13.16 37.22 -34.15
CA GLN B 411 14.58 37.50 -34.18
C GLN B 411 14.78 39.01 -34.08
N SER B 412 15.54 39.45 -33.07
CA SER B 412 15.79 40.86 -32.87
C SER B 412 17.09 41.28 -33.55
N LYS B 413 17.34 42.59 -33.55
CA LYS B 413 18.56 43.12 -34.15
C LYS B 413 19.80 42.63 -33.43
N GLY B 414 19.78 42.60 -32.12
CA GLY B 414 20.90 42.16 -31.32
C GLY B 414 20.45 41.64 -29.99
N ASN B 415 21.31 41.76 -28.99
CA ASN B 415 20.97 41.29 -27.65
C ASN B 415 19.90 42.16 -27.01
N ILE B 416 19.09 41.54 -26.16
CA ILE B 416 18.02 42.21 -25.43
C ILE B 416 18.22 41.98 -23.95
N LYS B 417 18.13 43.05 -23.16
CA LYS B 417 18.41 42.96 -21.73
C LYS B 417 17.19 42.59 -20.90
N GLY B 418 16.01 43.10 -21.23
CA GLY B 418 14.84 42.84 -20.43
C GLY B 418 13.57 42.87 -21.26
N LEU B 419 12.60 42.06 -20.84
CA LEU B 419 11.32 41.91 -21.51
C LEU B 419 10.19 42.14 -20.52
N ASP B 420 9.07 42.65 -21.02
CA ASP B 420 7.85 42.81 -20.25
C ASP B 420 6.66 42.81 -21.21
N CYS B 421 5.48 42.59 -20.65
CA CYS B 421 4.26 42.58 -21.46
C CYS B 421 3.07 42.88 -20.57
N ASN B 422 1.96 43.30 -21.22
CA ASN B 422 0.73 43.63 -20.51
C ASN B 422 -0.49 43.11 -21.26
N ASP B 423 -0.35 41.96 -21.95
CA ASP B 423 -1.44 41.26 -22.63
C ASP B 423 -1.88 42.00 -23.90
N GLN B 424 -1.37 43.22 -24.10
CA GLN B 424 -1.67 43.97 -25.31
C GLN B 424 -0.41 44.28 -26.11
N PHE B 425 0.59 44.90 -25.49
CA PHE B 425 1.85 45.22 -26.13
C PHE B 425 2.97 44.49 -25.41
N MET B 426 4.10 44.32 -26.09
CA MET B 426 5.31 43.81 -25.45
C MET B 426 6.38 44.90 -25.51
N LEU B 427 7.17 45.01 -24.45
CA LEU B 427 8.17 46.04 -24.31
C LEU B 427 9.52 45.40 -24.02
N LEU B 428 10.50 45.67 -24.87
CA LEU B 428 11.86 45.19 -24.69
C LEU B 428 12.78 46.38 -24.45
N TRP B 429 13.76 46.21 -23.57
CA TRP B 429 14.77 47.23 -23.34
C TRP B 429 16.15 46.58 -23.36
N THR B 430 17.03 47.12 -24.21
CA THR B 430 18.39 46.68 -24.33
C THR B 430 19.33 47.83 -23.95
N SER B 431 20.64 47.62 -24.14
CA SER B 431 21.61 48.66 -23.83
C SER B 431 21.48 49.83 -24.79
N LYS B 432 20.87 49.61 -25.96
CA LYS B 432 20.79 50.67 -26.96
C LYS B 432 19.54 51.52 -26.77
N THR B 433 18.36 50.92 -26.82
CA THR B 433 17.11 51.67 -26.81
C THR B 433 16.01 50.79 -26.21
N ILE B 434 14.79 51.32 -26.22
CA ILE B 434 13.61 50.60 -25.76
C ILE B 434 12.61 50.53 -26.90
N GLU B 435 12.01 49.36 -27.10
CA GLU B 435 11.07 49.15 -28.19
C GLU B 435 9.75 48.59 -27.65
N ILE B 436 8.66 49.01 -28.29
CA ILE B 436 7.32 48.52 -27.97
C ILE B 436 6.69 47.99 -29.24
N HIS B 437 6.14 46.77 -29.16
CA HIS B 437 5.52 46.10 -30.30
C HIS B 437 4.11 45.66 -29.95
N GLU B 438 3.27 45.56 -30.97
CA GLU B 438 1.91 45.07 -30.85
C GLU B 438 1.78 43.73 -31.57
N ILE B 439 1.20 42.75 -30.90
CA ILE B 439 1.02 41.41 -31.46
C ILE B 439 -0.42 41.26 -31.92
N ILE B 440 -0.60 40.91 -33.19
CA ILE B 440 -1.91 40.70 -33.78
C ILE B 440 -2.19 39.20 -33.77
N ILE B 441 -3.31 38.81 -33.18
CA ILE B 441 -3.65 37.40 -32.98
C ILE B 441 -4.72 37.01 -34.00
N ASN B 442 -4.42 36.01 -34.80
CA ASN B 442 -5.35 35.43 -35.76
C ASN B 442 -5.17 33.93 -35.78
N PRO B 443 -6.25 33.17 -36.03
CA PRO B 443 -6.09 31.70 -36.09
C PRO B 443 -5.12 31.24 -37.16
N LYS B 444 -5.06 31.93 -38.29
CA LYS B 444 -4.15 31.53 -39.36
C LYS B 444 -2.69 31.76 -38.99
N GLU B 445 -2.40 32.87 -38.31
CA GLU B 445 -1.04 33.22 -37.93
C GLU B 445 -1.09 34.43 -37.00
N SER B 446 -0.11 34.50 -36.10
CA SER B 446 0.02 35.61 -35.17
C SER B 446 1.18 36.49 -35.61
N GLN B 447 0.90 37.76 -35.87
CA GLN B 447 1.89 38.71 -36.37
C GLN B 447 2.14 39.79 -35.33
N THR B 448 3.40 40.22 -35.26
CA THR B 448 3.83 41.24 -34.32
C THR B 448 4.39 42.43 -35.08
N LYS B 449 3.93 43.63 -34.74
CA LYS B 449 4.36 44.87 -35.38
C LYS B 449 4.92 45.83 -34.34
N LEU B 450 6.04 46.47 -34.68
CA LEU B 450 6.69 47.40 -33.77
C LEU B 450 5.84 48.67 -33.63
N VAL B 451 5.31 48.89 -32.42
CA VAL B 451 4.55 50.12 -32.19
C VAL B 451 5.45 51.33 -32.28
N ALA B 452 6.57 51.32 -31.57
CA ALA B 452 7.43 52.50 -31.49
C ALA B 452 8.76 52.11 -30.84
N SER B 453 9.67 53.08 -30.79
CA SER B 453 10.97 52.92 -30.16
C SER B 453 11.42 54.26 -29.60
N ILE B 454 11.85 54.25 -28.34
CA ILE B 454 12.33 55.43 -27.65
C ILE B 454 13.75 55.16 -27.17
N GLN B 455 14.65 56.11 -27.41
CA GLN B 455 16.06 55.98 -27.04
C GLN B 455 16.26 56.68 -25.70
N GLU B 456 16.08 55.93 -24.61
CA GLU B 456 16.29 56.46 -23.27
C GLU B 456 17.00 55.41 -22.42
N LYS B 457 17.66 55.88 -21.38
CA LYS B 457 18.43 55.02 -20.48
C LYS B 457 17.71 54.90 -19.15
N CYS B 458 17.51 53.65 -18.71
CA CYS B 458 16.87 53.37 -17.43
C CYS B 458 17.27 51.96 -17.01
N LEU B 459 17.05 51.67 -15.72
CA LEU B 459 17.33 50.32 -15.22
C LEU B 459 16.17 49.37 -15.55
N ARG B 460 14.98 49.65 -15.02
CA ARG B 460 13.83 48.79 -15.23
C ARG B 460 12.65 49.59 -15.77
N SER B 461 12.03 49.07 -16.83
CA SER B 461 10.86 49.70 -17.42
C SER B 461 9.64 48.82 -17.23
N VAL B 462 8.55 49.40 -16.74
CA VAL B 462 7.31 48.69 -16.47
C VAL B 462 6.20 49.34 -17.28
N ILE B 463 5.60 48.57 -18.18
CA ILE B 463 4.53 49.08 -19.05
C ILE B 463 3.19 48.80 -18.39
N HIS B 464 2.28 49.76 -18.49
CA HIS B 464 0.93 49.59 -17.97
C HIS B 464 -0.01 50.50 -18.73
N LYS B 465 -1.18 49.98 -19.10
CA LYS B 465 -2.15 50.74 -19.89
C LYS B 465 -1.49 51.30 -21.15
N GLU B 466 -1.07 52.56 -21.11
CA GLU B 466 -0.37 53.17 -22.23
C GLU B 466 0.83 54.00 -21.79
N ASN B 467 1.22 53.94 -20.52
CA ASN B 467 2.40 54.64 -20.02
C ASN B 467 3.39 53.65 -19.42
N ILE B 468 4.67 54.05 -19.44
CA ILE B 468 5.77 53.22 -18.97
C ILE B 468 6.48 53.95 -17.83
N ILE B 469 6.64 53.26 -16.71
CA ILE B 469 7.40 53.77 -15.58
C ILE B 469 8.84 53.31 -15.75
N LEU B 470 9.76 54.27 -15.85
CA LEU B 470 11.18 53.98 -15.97
C LEU B 470 11.85 54.26 -14.64
N VAL B 471 12.50 53.25 -14.07
CA VAL B 471 13.07 53.30 -12.74
C VAL B 471 14.58 53.14 -12.85
N ASN B 472 15.31 54.09 -12.28
CA ASN B 472 16.75 54.05 -12.11
C ASN B 472 17.05 54.03 -10.61
N ASP B 473 18.34 53.84 -10.28
CA ASP B 473 18.73 53.45 -8.93
C ASP B 473 18.18 54.41 -7.88
N MET B 474 18.07 55.70 -8.21
CA MET B 474 17.63 56.70 -7.25
C MET B 474 16.32 57.38 -7.64
N GLU B 475 15.67 56.98 -8.74
CA GLU B 475 14.50 57.75 -9.17
C GLU B 475 13.58 56.88 -10.02
N LEU B 476 12.41 57.43 -10.31
CA LEU B 476 11.49 56.78 -11.25
C LEU B 476 10.60 57.84 -11.87
N ASN B 477 10.53 57.84 -13.19
CA ASN B 477 9.72 58.79 -13.94
C ASN B 477 8.69 58.06 -14.79
N VAL B 478 7.74 58.81 -15.34
CA VAL B 478 6.69 58.26 -16.17
C VAL B 478 6.86 58.80 -17.59
N LEU B 479 6.70 57.92 -18.58
CA LEU B 479 6.82 58.27 -19.99
C LEU B 479 5.60 57.77 -20.74
N ASN B 480 5.28 58.43 -21.85
CA ASN B 480 4.23 58.00 -22.74
C ASN B 480 4.84 57.41 -24.00
N PHE B 481 3.97 57.01 -24.93
CA PHE B 481 4.46 56.42 -26.19
C PHE B 481 5.23 57.46 -27.00
N LYS B 482 4.77 58.70 -27.01
CA LYS B 482 5.51 59.76 -27.70
C LYS B 482 6.85 60.03 -27.02
N GLY B 483 6.88 59.99 -25.69
CA GLY B 483 8.11 60.20 -24.95
C GLY B 483 8.16 61.49 -24.15
N ILE B 484 7.02 61.89 -23.60
CA ILE B 484 6.94 63.09 -22.76
C ILE B 484 7.04 62.67 -21.30
N GLN B 485 7.58 63.56 -20.47
CA GLN B 485 7.80 63.30 -19.05
C GLN B 485 6.68 63.99 -18.27
N LYS B 486 5.68 63.20 -17.83
CA LYS B 486 4.63 63.78 -17.01
C LYS B 486 5.11 64.12 -15.61
N GLN B 487 5.84 63.19 -14.98
CA GLN B 487 6.35 63.41 -13.64
C GLN B 487 7.52 62.48 -13.36
N ASN B 488 8.27 62.82 -12.32
CA ASN B 488 9.39 62.05 -11.83
C ASN B 488 9.42 62.14 -10.30
N LEU B 489 9.88 61.08 -9.66
CA LEU B 489 9.98 60.99 -8.21
C LEU B 489 11.38 60.53 -7.83
N LYS B 490 11.93 61.16 -6.79
CA LYS B 490 13.28 60.89 -6.31
C LYS B 490 13.23 60.08 -5.02
N PHE B 491 14.40 59.60 -4.61
CA PHE B 491 14.57 58.86 -3.36
C PHE B 491 15.75 59.43 -2.60
N SER B 492 15.69 59.31 -1.27
CA SER B 492 16.76 59.81 -0.42
C SER B 492 18.00 58.92 -0.53
N GLU B 493 19.15 59.54 -0.30
CA GLU B 493 20.42 58.81 -0.42
C GLU B 493 20.61 57.83 0.73
N SER B 494 20.16 58.19 1.93
CA SER B 494 20.38 57.35 3.10
C SER B 494 19.66 56.01 3.00
N GLU B 495 18.62 55.90 2.17
CA GLU B 495 17.90 54.64 2.04
C GLU B 495 18.71 53.59 1.30
N GLY B 496 19.79 53.98 0.65
CA GLY B 496 20.63 53.06 -0.08
C GLY B 496 20.40 53.11 -1.58
N LYS B 497 20.64 51.98 -2.23
CA LYS B 497 20.46 51.83 -3.67
C LYS B 497 19.43 50.74 -3.95
N ILE B 498 18.50 51.03 -4.84
CA ILE B 498 17.45 50.07 -5.17
C ILE B 498 18.07 48.84 -5.82
N LEU B 499 17.76 47.66 -5.27
CA LEU B 499 18.28 46.41 -5.79
C LEU B 499 17.40 45.83 -6.90
N ASN B 500 16.13 45.59 -6.59
CA ASN B 500 15.26 44.94 -7.55
C ASN B 500 13.80 45.28 -7.27
N VAL B 501 12.96 44.92 -8.24
CA VAL B 501 11.54 45.26 -8.27
C VAL B 501 10.73 44.00 -8.58
N ASN B 502 9.44 44.08 -8.31
CA ASN B 502 8.47 43.08 -8.71
C ASN B 502 7.14 43.78 -8.97
N VAL B 503 6.36 43.25 -9.90
CA VAL B 503 5.11 43.89 -10.31
C VAL B 503 4.04 42.83 -10.50
N LEU B 504 2.81 43.16 -10.11
CA LEU B 504 1.68 42.26 -10.33
C LEU B 504 0.41 43.09 -10.34
N ASN B 505 -0.43 42.87 -11.36
CA ASN B 505 -1.69 43.60 -11.52
C ASN B 505 -1.46 45.10 -11.53
N ASN B 506 -1.89 45.78 -10.47
CA ASN B 506 -1.76 47.22 -10.35
C ASN B 506 -0.92 47.61 -9.13
N HIS B 507 -0.10 46.69 -8.64
CA HIS B 507 0.74 46.94 -7.48
C HIS B 507 2.17 46.51 -7.77
N LEU B 508 3.12 47.40 -7.45
CA LEU B 508 4.53 47.12 -7.70
C LEU B 508 5.31 47.40 -6.42
N ILE B 509 6.30 46.58 -6.15
CA ILE B 509 7.12 46.68 -4.95
C ILE B 509 8.58 46.71 -5.36
N MET B 510 9.41 47.36 -4.56
CA MET B 510 10.85 47.25 -4.77
C MET B 510 11.58 47.30 -3.43
N TRP B 511 12.79 46.76 -3.43
CA TRP B 511 13.63 46.77 -2.23
C TRP B 511 15.01 47.28 -2.55
N THR B 512 15.62 47.96 -1.57
CA THR B 512 16.91 48.61 -1.74
C THR B 512 17.98 47.84 -0.97
N SER B 513 19.21 48.37 -0.97
CA SER B 513 20.33 47.70 -0.33
C SER B 513 20.22 47.74 1.18
N ASN B 514 19.61 48.79 1.73
CA ASN B 514 19.51 48.93 3.19
C ASN B 514 18.26 48.26 3.71
N ASN B 515 17.76 47.26 2.98
CA ASN B 515 16.58 46.48 3.39
C ASN B 515 15.35 47.36 3.57
N TYR B 516 15.21 48.36 2.70
CA TYR B 516 14.04 49.22 2.67
C TYR B 516 13.06 48.73 1.61
N ILE B 517 11.78 48.74 1.95
CA ILE B 517 10.72 48.24 1.08
C ILE B 517 9.80 49.40 0.72
N ARG B 518 9.57 49.56 -0.59
CA ARG B 518 8.68 50.60 -1.08
C ARG B 518 7.59 50.00 -1.96
N LEU B 519 6.38 50.53 -1.83
CA LEU B 519 5.19 50.04 -2.53
C LEU B 519 4.55 51.15 -3.33
N PHE B 520 4.20 50.85 -4.59
CA PHE B 520 3.63 51.83 -5.50
C PHE B 520 2.42 51.22 -6.20
N ASP B 521 1.49 52.10 -6.58
CA ASP B 521 0.28 51.73 -7.31
C ASP B 521 0.26 52.43 -8.66
N ILE B 522 -0.05 51.66 -9.70
CA ILE B 522 -0.11 52.16 -11.06
C ILE B 522 -1.52 52.11 -11.63
N SER B 523 -2.53 51.76 -10.83
CA SER B 523 -3.90 51.76 -11.32
C SER B 523 -4.34 53.16 -11.72
N ARG B 524 -3.96 54.16 -10.92
CA ARG B 524 -4.18 55.55 -11.29
C ARG B 524 -3.34 55.88 -12.52
N ARG B 525 -3.82 56.85 -13.32
CA ARG B 525 -3.12 57.25 -14.52
C ARG B 525 -1.68 57.65 -14.23
N GLU B 526 -1.42 58.21 -13.04
CA GLU B 526 -0.08 58.52 -12.58
C GLU B 526 0.26 57.63 -11.39
N VAL B 527 1.47 57.08 -11.37
CA VAL B 527 1.87 56.19 -10.29
C VAL B 527 1.89 56.96 -8.97
N LYS B 528 1.55 56.27 -7.89
CA LYS B 528 1.50 56.90 -6.58
C LYS B 528 2.04 55.94 -5.52
N GLN B 529 2.86 56.47 -4.62
CA GLN B 529 3.43 55.65 -3.56
C GLN B 529 2.38 55.38 -2.49
N ILE B 530 2.23 54.11 -2.12
CA ILE B 530 1.20 53.68 -1.18
C ILE B 530 1.84 53.50 0.19
N GLY B 531 1.20 54.04 1.23
CA GLY B 531 1.72 53.91 2.57
C GLY B 531 2.99 54.73 2.75
N VAL B 532 3.92 54.18 3.55
CA VAL B 532 5.20 54.83 3.83
C VAL B 532 6.30 53.79 3.71
N THR B 533 7.54 54.28 3.66
CA THR B 533 8.69 53.39 3.61
C THR B 533 8.76 52.54 4.86
N ARG B 534 9.14 51.28 4.70
CA ARG B 534 9.23 50.34 5.81
C ARG B 534 10.59 49.66 5.78
N ARG B 535 11.37 49.85 6.83
CA ARG B 535 12.63 49.13 6.99
C ARG B 535 12.36 47.70 7.43
N PHE B 536 13.18 46.77 6.93
CA PHE B 536 13.09 45.37 7.31
C PHE B 536 13.69 45.17 8.70
N GLU B 537 13.09 45.85 9.68
CA GLU B 537 13.56 45.87 11.05
C GLU B 537 12.42 45.49 11.98
N ASN B 538 12.64 44.49 12.81
CA ASN B 538 11.69 44.10 13.83
C ASN B 538 12.04 44.80 15.14
N SER B 539 11.05 44.91 16.03
CA SER B 539 11.27 45.55 17.32
C SER B 539 12.37 44.85 18.11
N GLN B 540 12.49 43.53 17.96
CA GLN B 540 13.56 42.81 18.63
C GLN B 540 14.92 43.11 18.00
N GLY B 541 14.96 43.21 16.68
CA GLY B 541 16.21 43.48 16.00
C GLY B 541 16.04 43.25 14.51
N GLN B 542 17.14 43.43 13.78
CA GLN B 542 17.12 43.21 12.35
C GLN B 542 16.89 41.74 12.04
N LEU B 543 15.91 41.47 11.17
CA LEU B 543 15.57 40.11 10.80
C LEU B 543 16.56 39.49 9.82
N GLY B 544 17.19 40.30 8.98
CA GLY B 544 18.17 39.78 8.04
C GLY B 544 18.29 40.67 6.82
N GLN B 545 18.95 40.15 5.80
CA GLN B 545 19.17 40.85 4.54
C GLN B 545 18.25 40.25 3.48
N ILE B 546 17.53 41.13 2.78
CA ILE B 546 16.54 40.69 1.81
C ILE B 546 17.24 39.97 0.66
N ARG B 547 16.72 38.78 0.33
CA ARG B 547 17.19 38.01 -0.83
C ARG B 547 16.18 37.95 -1.95
N TYR B 548 14.92 37.68 -1.65
CA TYR B 548 13.88 37.63 -2.69
C TYR B 548 12.55 38.06 -2.08
N CYS B 549 11.76 38.76 -2.89
CA CYS B 549 10.49 39.31 -2.45
C CYS B 549 9.44 39.09 -3.52
N ALA B 550 8.18 38.97 -3.09
CA ALA B 550 7.06 38.80 -4.01
C ALA B 550 5.82 39.41 -3.38
N VAL B 551 4.87 39.78 -4.24
CA VAL B 551 3.64 40.44 -3.83
C VAL B 551 2.45 39.69 -4.42
N ASN B 552 1.39 39.55 -3.65
CA ASN B 552 0.19 38.86 -4.08
C ASN B 552 -0.62 39.76 -5.01
N SER B 553 -1.83 39.33 -5.35
CA SER B 553 -2.63 40.02 -6.36
C SER B 553 -3.05 41.40 -5.89
N ASP B 554 -3.62 41.50 -4.69
CA ASP B 554 -4.14 42.78 -4.21
C ASP B 554 -3.08 43.62 -3.52
N GLY B 555 -1.91 43.05 -3.24
CA GLY B 555 -0.87 43.75 -2.52
C GLY B 555 -0.99 43.71 -1.01
N SER B 556 -1.96 42.96 -0.47
CA SER B 556 -2.14 42.93 0.98
C SER B 556 -1.08 42.06 1.67
N LYS B 557 -0.63 41.00 1.01
CA LYS B 557 0.35 40.08 1.59
C LYS B 557 1.61 40.08 0.74
N ILE B 558 2.75 40.17 1.41
CA ILE B 558 4.06 40.21 0.75
C ILE B 558 4.92 39.08 1.31
N VAL B 559 5.45 38.25 0.42
CA VAL B 559 6.26 37.09 0.80
C VAL B 559 7.73 37.47 0.67
N ILE B 560 8.50 37.15 1.71
CA ILE B 560 9.92 37.50 1.77
C ILE B 560 10.73 36.28 2.14
N THR B 561 11.79 36.01 1.38
CA THR B 561 12.80 35.01 1.73
C THR B 561 14.13 35.75 1.86
N ALA B 562 14.64 35.85 3.09
CA ALA B 562 15.79 36.68 3.38
C ALA B 562 16.88 35.85 4.06
N ASP B 563 18.07 36.46 4.14
CA ASP B 563 19.23 35.85 4.79
C ASP B 563 19.59 36.66 6.02
N GLN B 564 19.70 35.99 7.17
CA GLN B 564 20.01 36.69 8.40
C GLN B 564 21.49 37.02 8.56
N ARG B 565 22.36 36.33 7.81
CA ARG B 565 23.80 36.62 7.79
C ARG B 565 24.40 36.53 9.20
N GLY B 566 24.41 35.29 9.72
CA GLY B 566 24.82 35.06 11.09
C GLY B 566 26.32 35.11 11.34
N LYS B 567 27.00 36.08 10.73
CA LYS B 567 28.39 36.42 11.04
C LYS B 567 29.31 35.21 10.90
N SER B 568 29.42 34.75 9.65
CA SER B 568 30.22 33.57 9.31
C SER B 568 29.77 32.35 10.12
N GLY B 569 28.55 31.93 9.84
CA GLY B 569 27.86 30.97 10.67
C GLY B 569 26.80 30.22 9.89
N PRO B 570 25.61 30.07 10.49
CA PRO B 570 24.55 29.28 9.84
C PRO B 570 24.19 29.79 8.45
N GLN B 571 23.83 28.85 7.56
CA GLN B 571 23.61 29.17 6.16
C GLN B 571 22.32 29.96 5.97
N ALA B 572 22.42 31.29 6.02
CA ALA B 572 21.27 32.18 5.93
C ALA B 572 20.18 31.78 6.91
N ASP B 573 18.97 31.57 6.40
CA ASP B 573 17.85 31.16 7.25
C ASP B 573 16.81 30.49 6.39
N ASN B 574 16.29 29.36 6.86
CA ASN B 574 15.31 28.57 6.13
C ASN B 574 13.88 28.88 6.54
N LYS B 575 13.67 29.91 7.35
CA LYS B 575 12.35 30.34 7.78
C LYS B 575 12.01 31.66 7.11
N PHE B 576 10.84 31.72 6.48
CA PHE B 576 10.51 32.86 5.63
C PHE B 576 9.52 33.78 6.35
N TYR B 577 9.17 34.89 5.69
CA TYR B 577 8.36 35.93 6.30
C TYR B 577 7.18 36.29 5.40
N ILE B 578 6.06 36.63 6.04
CA ILE B 578 4.89 37.17 5.38
C ILE B 578 4.54 38.49 6.04
N TYR B 579 4.35 39.53 5.22
CA TYR B 579 4.09 40.88 5.71
C TYR B 579 2.71 41.33 5.28
N ASP B 580 1.95 41.87 6.24
CA ASP B 580 0.62 42.39 6.00
C ASP B 580 0.66 43.91 6.07
N VAL B 581 0.12 44.57 5.04
CA VAL B 581 0.11 46.03 5.01
C VAL B 581 -0.80 46.59 6.10
N GLN B 582 -1.90 45.90 6.39
CA GLN B 582 -2.86 46.40 7.36
C GLN B 582 -2.27 46.46 8.76
N THR B 583 -1.68 45.35 9.21
CA THR B 583 -1.11 45.28 10.56
C THR B 583 0.33 45.76 10.64
N ASP B 584 1.00 45.95 9.50
CA ASP B 584 2.38 46.44 9.44
C ASP B 584 3.32 45.59 10.30
N ASN B 585 3.15 44.27 10.25
CA ASN B 585 4.01 43.34 10.99
C ASN B 585 4.51 42.24 10.06
N PHE B 586 5.65 41.67 10.41
CA PHE B 586 6.31 40.63 9.62
C PHE B 586 6.18 39.30 10.38
N LEU B 587 5.12 38.56 10.08
CA LEU B 587 4.97 37.23 10.65
C LEU B 587 6.04 36.31 10.08
N LEU B 588 6.55 35.41 10.92
CA LEU B 588 7.65 34.53 10.56
C LEU B 588 7.20 33.09 10.60
N TYR B 589 7.38 32.37 9.51
CA TYR B 589 7.04 30.95 9.43
C TYR B 589 8.33 30.13 9.40
N GLU B 590 8.38 29.12 10.28
CA GLU B 590 9.52 28.23 10.41
C GLU B 590 9.27 26.97 9.60
N MET B 591 10.25 26.56 8.80
CA MET B 591 10.16 25.40 7.95
C MET B 591 11.39 24.54 8.21
N PRO B 592 11.27 23.21 8.12
CA PRO B 592 12.38 22.33 8.53
C PRO B 592 13.68 22.64 7.81
N ALA B 593 14.79 22.51 8.55
CA ALA B 593 16.11 22.89 8.05
C ALA B 593 16.58 22.04 6.89
N LYS B 594 15.93 20.90 6.62
CA LYS B 594 16.36 20.04 5.52
C LYS B 594 16.23 20.74 4.17
N CYS B 595 15.43 21.80 4.09
CA CYS B 595 15.25 22.56 2.86
C CYS B 595 15.44 24.04 3.14
N ILE B 596 15.81 24.77 2.09
CA ILE B 596 16.02 26.21 2.15
C ILE B 596 15.12 26.85 1.11
N PRO B 597 14.25 27.79 1.49
CA PRO B 597 13.47 28.51 0.47
C PRO B 597 14.39 29.30 -0.45
N LEU B 598 14.03 29.34 -1.73
CA LEU B 598 14.86 29.98 -2.74
C LEU B 598 14.17 31.17 -3.40
N GLN B 599 12.96 31.00 -3.91
CA GLN B 599 12.27 32.08 -4.58
C GLN B 599 10.75 31.91 -4.47
N PRO B 600 10.04 32.91 -3.97
CA PRO B 600 8.58 32.79 -3.85
C PRO B 600 7.87 33.07 -5.16
N TYR B 601 6.64 32.58 -5.25
CA TYR B 601 5.79 32.81 -6.42
C TYR B 601 4.37 32.99 -5.93
N CYS B 602 3.76 34.12 -6.30
CA CYS B 602 2.42 34.47 -5.85
C CYS B 602 1.41 34.23 -6.96
N ASP B 603 0.25 33.70 -6.59
CA ASP B 603 -0.80 33.41 -7.56
C ASP B 603 -1.33 34.70 -8.17
N ARG B 604 -1.69 34.63 -9.45
CA ARG B 604 -2.15 35.81 -10.17
C ARG B 604 -3.48 36.32 -9.62
N LYS B 605 -4.39 35.41 -9.28
CA LYS B 605 -5.74 35.80 -8.88
C LYS B 605 -5.99 35.60 -7.38
N ASP B 606 -5.70 34.42 -6.85
CA ASP B 606 -6.03 34.14 -5.45
C ASP B 606 -5.10 34.89 -4.51
N ARG B 607 -5.70 35.55 -3.52
CA ARG B 607 -4.92 36.29 -2.53
C ARG B 607 -4.29 35.36 -1.50
N LYS B 608 -4.96 34.25 -1.19
CA LYS B 608 -4.50 33.37 -0.12
C LYS B 608 -3.53 32.31 -0.63
N PHE B 609 -3.72 31.80 -1.84
CA PHE B 609 -2.91 30.72 -2.38
C PHE B 609 -1.63 31.27 -2.97
N PHE B 610 -0.50 30.63 -2.64
CA PHE B 610 0.78 30.98 -3.26
C PHE B 610 1.70 29.76 -3.15
N GLY B 611 2.87 29.88 -3.79
CA GLY B 611 3.81 28.78 -3.85
C GLY B 611 5.22 29.25 -3.56
N ILE B 612 6.04 28.31 -3.12
CA ILE B 612 7.43 28.56 -2.76
C ILE B 612 8.32 27.48 -3.38
N SER B 613 9.43 27.89 -3.97
CA SER B 613 10.45 26.96 -4.45
C SER B 613 11.48 26.73 -3.35
N CYS B 614 11.95 25.49 -3.24
CA CYS B 614 12.87 25.11 -2.18
C CYS B 614 14.03 24.31 -2.75
N ILE B 615 15.20 24.52 -2.18
CA ILE B 615 16.42 23.77 -2.51
C ILE B 615 16.72 22.84 -1.35
N ILE B 616 16.90 21.56 -1.64
CA ILE B 616 17.18 20.57 -0.59
C ILE B 616 18.67 20.63 -0.27
N ASN B 617 19.00 21.08 0.96
CA ASN B 617 20.38 21.19 1.40
C ASN B 617 20.96 19.81 1.70
N LYS B 618 21.66 19.24 0.72
CA LYS B 618 22.09 17.85 0.82
C LYS B 618 23.15 17.67 1.92
N ASN B 619 24.08 18.63 2.05
CA ASN B 619 25.25 18.41 2.90
C ASN B 619 24.86 18.23 4.37
N ILE B 620 23.94 19.06 4.88
CA ILE B 620 23.57 18.97 6.28
C ILE B 620 22.83 17.67 6.57
N GLN B 621 21.94 17.26 5.65
CA GLN B 621 21.25 15.99 5.83
C GLN B 621 22.21 14.81 5.80
N GLN B 622 23.19 14.85 4.89
CA GLN B 622 24.18 13.77 4.85
C GLN B 622 25.00 13.72 6.13
N GLU B 623 25.41 14.90 6.64
CA GLU B 623 26.16 14.91 7.90
C GLU B 623 25.33 14.38 9.05
N LYS B 624 24.06 14.79 9.13
CA LYS B 624 23.20 14.30 10.20
C LYS B 624 22.97 12.80 10.11
N ASN B 625 22.77 12.29 8.89
CA ASN B 625 22.58 10.85 8.72
C ASN B 625 23.84 10.08 9.10
N ALA B 626 25.01 10.59 8.73
CA ALA B 626 26.26 9.95 9.10
C ALA B 626 26.44 9.94 10.62
N ASP B 627 26.10 11.06 11.28
CA ASP B 627 26.24 11.12 12.73
C ASP B 627 25.25 10.18 13.42
N GLU B 628 24.02 10.10 12.93
CA GLU B 628 23.01 9.30 13.59
C GLU B 628 23.19 7.80 13.33
N ASN B 629 23.67 7.42 12.16
CA ASN B 629 23.81 6.00 11.83
C ASN B 629 24.92 5.33 12.62
N ASN B 630 25.85 6.09 13.18
CA ASN B 630 26.96 5.53 13.95
C ASN B 630 26.63 5.45 15.44
N ASP B 631 25.52 4.78 15.77
CA ASP B 631 25.10 4.62 17.16
C ASP B 631 24.31 3.32 17.27
N GLU B 632 24.98 2.26 17.75
CA GLU B 632 24.35 0.97 17.98
C GLU B 632 23.68 0.43 16.71
N ASN B 633 24.34 0.61 15.57
CA ASN B 633 23.86 0.13 14.28
C ASN B 633 24.97 -0.69 13.64
N GLU B 634 24.86 -2.02 13.73
CA GLU B 634 25.89 -2.91 13.21
C GLU B 634 25.22 -4.07 12.50
N ASP B 635 25.57 -4.27 11.22
CA ASP B 635 25.16 -5.42 10.43
C ASP B 635 23.64 -5.53 10.35
N ASN B 636 23.04 -4.51 9.73
CA ASN B 636 21.62 -4.52 9.42
C ASN B 636 21.40 -5.34 8.15
N LYS B 637 20.62 -6.41 8.28
CA LYS B 637 20.48 -7.38 7.19
C LYS B 637 19.18 -7.17 6.42
N SER B 638 19.24 -7.46 5.12
CA SER B 638 18.08 -7.53 4.23
C SER B 638 17.44 -6.17 3.97
N ASP B 639 16.79 -6.06 2.81
CA ASP B 639 16.01 -4.87 2.43
C ASP B 639 16.87 -3.61 2.36
N LYS B 640 18.15 -3.76 2.02
CA LYS B 640 19.05 -2.63 1.87
C LYS B 640 20.04 -2.97 0.76
N SER B 641 19.73 -2.55 -0.47
CA SER B 641 20.60 -2.84 -1.60
C SER B 641 20.39 -1.76 -2.67
N ARG B 642 21.28 -0.77 -2.69
CA ARG B 642 21.36 0.24 -3.75
C ARG B 642 20.00 0.93 -3.97
N ASN B 643 19.57 1.63 -2.92
CA ASN B 643 18.31 2.35 -2.94
C ASN B 643 18.50 3.86 -2.86
N GLU B 644 19.72 4.36 -3.10
CA GLU B 644 20.00 5.78 -2.95
C GLU B 644 20.82 6.40 -4.07
N ASP B 645 21.29 5.64 -5.05
CA ASP B 645 22.22 6.16 -6.05
C ASP B 645 21.58 6.35 -7.42
N ASP B 646 20.95 5.32 -7.98
CA ASP B 646 20.47 5.37 -9.35
C ASP B 646 19.27 6.30 -9.53
N ASP B 647 18.64 6.76 -8.45
CA ASP B 647 17.45 7.60 -8.54
C ASP B 647 17.78 9.09 -8.60
N GLU B 648 19.05 9.47 -8.51
CA GLU B 648 19.43 10.88 -8.50
C GLU B 648 19.65 11.46 -9.89
N LYS B 649 19.62 10.63 -10.95
CA LYS B 649 19.84 11.15 -12.30
C LYS B 649 18.72 12.09 -12.72
N ASP B 650 17.46 11.71 -12.46
CA ASP B 650 16.32 12.53 -12.83
C ASP B 650 15.79 13.38 -11.68
N LYS B 651 16.14 13.05 -10.45
CA LYS B 651 15.68 13.80 -9.28
C LYS B 651 16.75 14.81 -8.87
N SER B 652 16.40 16.08 -8.91
CA SER B 652 17.29 17.15 -8.51
C SER B 652 16.90 17.63 -7.11
N ASN B 653 17.55 18.71 -6.65
CA ASN B 653 17.27 19.28 -5.34
C ASN B 653 16.26 20.41 -5.38
N LEU B 654 15.36 20.40 -6.37
CA LEU B 654 14.33 21.43 -6.51
C LEU B 654 13.00 20.86 -6.09
N GLU B 655 12.29 21.56 -5.21
CA GLU B 655 10.99 21.13 -4.71
C GLU B 655 10.05 22.32 -4.73
N PHE B 656 8.74 22.04 -4.76
CA PHE B 656 7.74 23.09 -4.74
C PHE B 656 6.76 22.84 -3.60
N TYR B 657 6.36 23.90 -2.92
CA TYR B 657 5.40 23.82 -1.83
C TYR B 657 4.29 24.84 -2.06
N THR B 658 3.09 24.49 -1.61
CA THR B 658 1.93 25.36 -1.74
C THR B 658 1.42 25.76 -0.36
N PHE B 659 0.99 27.02 -0.25
CA PHE B 659 0.57 27.54 1.04
C PHE B 659 -0.66 28.44 0.87
N PHE B 660 -1.48 28.46 1.92
CA PHE B 660 -2.58 29.40 2.07
C PHE B 660 -2.23 30.38 3.19
N VAL B 661 -2.48 31.67 2.94
CA VAL B 661 -2.16 32.72 3.90
C VAL B 661 -3.44 33.42 4.32
N THR B 662 -3.62 33.57 5.63
CA THR B 662 -4.76 34.28 6.20
C THR B 662 -4.29 35.08 7.40
N SER B 663 -5.05 36.14 7.72
CA SER B 663 -4.72 36.95 8.88
C SER B 663 -5.09 36.28 10.20
N GLU B 664 -5.91 35.23 10.16
CA GLU B 664 -6.35 34.59 11.40
C GLU B 664 -5.32 33.58 11.90
N ASN B 665 -5.02 32.56 11.09
CA ASN B 665 -4.14 31.47 11.51
C ASN B 665 -2.75 31.55 10.90
N GLY B 666 -2.52 32.46 9.95
CA GLY B 666 -1.21 32.63 9.37
C GLY B 666 -0.92 31.77 8.15
N ILE B 667 -0.04 30.78 8.32
CA ILE B 667 0.45 29.97 7.20
C ILE B 667 0.13 28.50 7.47
N ARG B 668 -0.43 27.84 6.46
CA ARG B 668 -0.70 26.41 6.51
C ARG B 668 -0.23 25.76 5.21
N LYS B 669 0.41 24.60 5.34
CA LYS B 669 0.93 23.89 4.18
C LYS B 669 -0.18 23.09 3.51
N GLN B 670 -0.25 23.16 2.18
CA GLN B 670 -1.32 22.52 1.42
C GLN B 670 -0.83 21.31 0.63
N ASP B 671 0.21 21.47 -0.19
CA ASP B 671 0.66 20.38 -1.04
C ASP B 671 2.14 20.54 -1.36
N GLN B 672 2.75 19.45 -1.81
CA GLN B 672 4.17 19.41 -2.17
C GLN B 672 4.33 18.74 -3.52
N TYR B 673 5.20 19.28 -4.35
CA TYR B 673 5.47 18.77 -5.69
C TYR B 673 6.97 18.54 -5.87
N GLN B 674 7.30 17.43 -6.51
CA GLN B 674 8.68 17.07 -6.80
C GLN B 674 9.03 17.49 -8.21
N LEU B 675 10.15 18.18 -8.37
CA LEU B 675 10.60 18.68 -9.65
C LEU B 675 11.72 17.82 -10.19
N GLU B 676 11.58 17.37 -11.44
CA GLU B 676 12.59 16.54 -12.07
C GLU B 676 13.78 17.38 -12.51
N SER B 677 14.89 16.70 -12.82
CA SER B 677 16.10 17.39 -13.27
C SER B 677 15.90 18.08 -14.61
N SER B 678 14.91 17.64 -15.40
CA SER B 678 14.64 18.29 -16.67
C SER B 678 14.14 19.72 -16.47
N ILE B 679 13.32 19.94 -15.44
CA ILE B 679 12.82 21.27 -15.14
C ILE B 679 13.95 22.16 -14.68
N GLU B 680 14.08 23.34 -15.29
CA GLU B 680 15.14 24.28 -14.98
C GLU B 680 14.72 25.33 -13.96
N ALA B 681 13.56 25.95 -14.16
CA ALA B 681 13.10 26.99 -13.25
C ALA B 681 11.58 27.06 -13.30
N VAL B 682 11.01 27.69 -12.29
CA VAL B 682 9.56 27.88 -12.21
C VAL B 682 9.21 29.13 -13.01
N PHE B 683 8.39 28.96 -14.05
CA PHE B 683 8.04 30.08 -14.92
C PHE B 683 7.00 30.98 -14.27
N ALA B 684 5.82 30.43 -13.98
CA ALA B 684 4.74 31.19 -13.36
C ALA B 684 3.77 30.21 -12.72
N ILE B 685 2.87 30.75 -11.91
CA ILE B 685 1.86 29.96 -11.20
C ILE B 685 0.48 30.44 -11.62
N ASP B 686 -0.40 29.50 -11.93
CA ASP B 686 -1.78 29.80 -12.29
C ASP B 686 -2.69 28.81 -11.57
N ILE B 687 -3.96 29.19 -11.46
CA ILE B 687 -4.93 28.34 -10.77
C ILE B 687 -5.07 26.96 -11.43
N PRO B 688 -5.25 26.84 -12.76
CA PRO B 688 -5.38 25.49 -13.35
C PRO B 688 -4.05 24.85 -13.70
N LYS B 689 -3.02 25.65 -13.97
CA LYS B 689 -1.78 25.14 -14.54
C LYS B 689 -0.57 25.71 -13.82
N LEU B 690 0.52 24.93 -13.82
CA LEU B 690 1.83 25.37 -13.37
C LEU B 690 2.78 25.30 -14.55
N TYR B 691 3.56 26.37 -14.76
CA TYR B 691 4.45 26.48 -15.90
C TYR B 691 5.90 26.39 -15.44
N PHE B 692 6.69 25.61 -16.15
CA PHE B 692 8.10 25.43 -15.83
C PHE B 692 8.93 25.52 -17.10
N ILE B 693 10.23 25.76 -16.93
CA ILE B 693 11.19 25.79 -18.03
C ILE B 693 11.96 24.48 -18.06
N LYS B 694 12.00 23.85 -19.23
CA LYS B 694 12.61 22.53 -19.38
C LYS B 694 13.70 22.60 -20.45
N ARG B 695 14.89 22.11 -20.10
CA ARG B 695 15.99 22.05 -21.06
C ARG B 695 15.79 20.94 -22.06
N ASN B 696 16.21 21.17 -23.30
CA ASN B 696 16.13 20.17 -24.37
C ASN B 696 17.53 19.59 -24.58
N LYS B 697 17.86 18.59 -23.76
CA LYS B 697 19.18 17.96 -23.85
C LYS B 697 19.35 17.22 -25.16
N LYS B 698 18.25 16.74 -25.76
CA LYS B 698 18.31 16.01 -27.02
C LYS B 698 18.71 16.88 -28.20
N THR B 699 18.71 18.21 -28.03
CA THR B 699 19.10 19.10 -29.12
C THR B 699 20.57 18.90 -29.46
N ASN B 700 20.87 18.85 -30.75
CA ASN B 700 22.23 18.63 -31.24
C ASN B 700 22.98 19.92 -31.50
N SER B 701 22.36 21.08 -31.30
CA SER B 701 23.03 22.34 -31.51
C SER B 701 23.95 22.68 -30.35
N SER B 702 24.75 23.73 -30.53
CA SER B 702 25.66 24.16 -29.47
C SER B 702 24.89 24.63 -28.25
N GLY B 703 23.81 25.37 -28.45
CA GLY B 703 22.99 25.84 -27.36
C GLY B 703 21.69 25.06 -27.28
N GLN B 704 21.50 24.36 -26.17
CA GLN B 704 20.31 23.56 -25.97
C GLN B 704 19.07 24.46 -25.88
N ASN B 705 17.98 24.01 -26.51
CA ASN B 705 16.75 24.80 -26.52
C ASN B 705 16.06 24.70 -25.16
N TYR B 706 15.06 25.56 -24.96
CA TYR B 706 14.29 25.57 -23.73
C TYR B 706 12.81 25.65 -24.07
N LYS B 707 12.01 24.84 -23.40
CA LYS B 707 10.59 24.73 -23.68
C LYS B 707 9.78 25.02 -22.42
N ILE B 708 8.53 25.39 -22.62
CA ILE B 708 7.59 25.59 -21.52
C ILE B 708 6.80 24.31 -21.28
N VAL B 709 6.73 23.90 -20.02
CA VAL B 709 6.05 22.67 -19.63
C VAL B 709 4.88 23.05 -18.72
N GLU B 710 3.69 22.56 -19.07
CA GLU B 710 2.47 22.83 -18.31
C GLU B 710 2.08 21.58 -17.54
N LYS B 711 1.83 21.74 -16.25
CA LYS B 711 1.47 20.64 -15.38
C LYS B 711 0.20 20.97 -14.60
N TYR B 712 -0.57 19.95 -14.26
CA TYR B 712 -1.79 20.13 -13.50
C TYR B 712 -1.55 19.87 -12.02
N LEU B 713 -2.32 20.58 -11.19
CA LEU B 713 -2.17 20.48 -9.74
C LEU B 713 -2.66 19.12 -9.25
N ASN B 714 -2.18 18.74 -8.06
CA ASN B 714 -2.50 17.42 -7.51
C ASN B 714 -4.01 17.26 -7.29
N ASP B 715 -4.71 18.36 -7.04
CA ASP B 715 -6.16 18.33 -6.89
C ASP B 715 -6.90 18.56 -8.20
N PHE B 716 -6.17 18.65 -9.31
CA PHE B 716 -6.78 18.87 -10.61
C PHE B 716 -6.39 17.83 -11.66
N VAL B 717 -5.52 16.88 -11.32
CA VAL B 717 -5.17 15.83 -12.26
C VAL B 717 -6.34 14.87 -12.44
N GLY B 718 -6.57 14.44 -13.67
CA GLY B 718 -7.67 13.54 -13.96
C GLY B 718 -8.89 14.26 -14.48
N LEU B 719 -9.19 15.43 -13.89
CA LEU B 719 -10.34 16.24 -14.31
C LEU B 719 -9.95 17.06 -15.52
N GLU B 720 -10.08 16.44 -16.69
CA GLU B 720 -9.71 17.06 -17.96
C GLU B 720 -10.90 17.70 -18.67
N LYS B 721 -12.02 17.96 -17.95
CA LYS B 721 -13.37 18.08 -18.57
C LYS B 721 -14.07 19.36 -18.11
N ILE B 722 -13.80 20.47 -18.83
CA ILE B 722 -14.46 21.76 -18.62
C ILE B 722 -14.19 22.29 -17.22
N ASP B 723 -13.28 23.25 -17.11
CA ASP B 723 -12.94 23.90 -15.84
C ASP B 723 -13.33 25.37 -15.94
N ASN B 724 -14.59 25.66 -15.61
CA ASN B 724 -15.12 27.02 -15.67
C ASN B 724 -15.54 27.53 -14.30
N GLN B 725 -16.32 26.77 -13.54
CA GLN B 725 -16.76 27.17 -12.22
C GLN B 725 -16.29 26.19 -11.15
N ILE B 726 -15.68 25.07 -11.56
CA ILE B 726 -15.25 24.04 -10.62
C ILE B 726 -14.15 24.56 -9.70
N LYS B 727 -13.22 25.36 -10.25
CA LYS B 727 -12.04 25.77 -9.51
C LYS B 727 -12.38 26.55 -8.25
N GLU B 728 -13.41 27.41 -8.31
CA GLU B 728 -13.79 28.17 -7.12
C GLU B 728 -14.21 27.25 -5.99
N ALA B 729 -15.07 26.28 -6.28
CA ALA B 729 -15.53 25.34 -5.26
C ALA B 729 -14.37 24.49 -4.75
N ILE B 730 -13.48 24.05 -5.64
CA ILE B 730 -12.35 23.23 -5.22
C ILE B 730 -11.46 24.01 -4.27
N MET B 731 -11.14 25.26 -4.62
CA MET B 731 -10.28 26.08 -3.77
C MET B 731 -10.94 26.37 -2.44
N ASN B 732 -12.25 26.67 -2.45
CA ASN B 732 -12.95 26.93 -1.20
C ASN B 732 -12.93 25.71 -0.29
N PHE B 733 -13.19 24.52 -0.84
CA PHE B 733 -13.15 23.32 -0.03
C PHE B 733 -11.75 23.05 0.51
N SER B 734 -10.73 23.24 -0.32
CA SER B 734 -9.37 23.00 0.13
C SER B 734 -9.00 23.95 1.26
N PHE B 735 -9.36 25.22 1.13
CA PHE B 735 -9.08 26.19 2.20
C PHE B 735 -9.83 25.83 3.48
N TYR B 736 -11.10 25.45 3.35
CA TYR B 736 -11.88 25.13 4.54
C TYR B 736 -11.37 23.86 5.23
N LEU B 737 -10.91 22.89 4.44
CA LEU B 737 -10.34 21.68 5.01
C LEU B 737 -8.99 21.93 5.67
N THR B 738 -8.15 22.80 5.10
CA THR B 738 -6.93 23.19 5.77
C THR B 738 -7.23 23.92 7.07
N MET B 739 -8.25 24.78 7.07
CA MET B 739 -8.73 25.41 8.30
C MET B 739 -9.51 24.45 9.19
N ASP B 740 -9.83 23.26 8.69
CA ASP B 740 -10.67 22.28 9.38
C ASP B 740 -12.07 22.81 9.65
N ASN B 741 -12.54 23.76 8.84
CA ASN B 741 -13.87 24.34 8.98
C ASN B 741 -14.87 23.44 8.25
N LEU B 742 -15.29 22.38 8.93
CA LEU B 742 -16.04 21.30 8.29
C LEU B 742 -17.41 21.78 7.80
N ASP B 743 -18.13 22.53 8.63
CA ASP B 743 -19.49 22.91 8.29
C ASP B 743 -19.52 23.82 7.05
N GLU B 744 -18.61 24.79 6.99
CA GLU B 744 -18.54 25.66 5.82
C GLU B 744 -18.19 24.88 4.56
N ALA B 745 -17.26 23.92 4.68
CA ALA B 745 -16.92 23.10 3.53
C ALA B 745 -18.12 22.29 3.05
N TYR B 746 -18.86 21.70 3.99
CA TYR B 746 -20.05 20.92 3.61
C TYR B 746 -21.09 21.79 2.93
N LYS B 747 -21.35 22.97 3.49
CA LYS B 747 -22.39 23.84 2.91
C LYS B 747 -21.95 24.41 1.56
N SER B 748 -20.65 24.56 1.34
CA SER B 748 -20.17 24.98 0.02
C SER B 748 -20.26 23.84 -0.98
N VAL B 749 -19.96 22.61 -0.55
CA VAL B 749 -20.00 21.47 -1.45
C VAL B 749 -21.43 21.16 -1.87
N LYS B 750 -22.39 21.36 -0.95
CA LYS B 750 -23.78 20.97 -1.23
C LYS B 750 -24.32 21.56 -2.53
N GLN B 751 -23.96 22.81 -2.84
CA GLN B 751 -24.64 23.52 -3.93
C GLN B 751 -24.31 22.97 -5.31
N ILE B 752 -23.26 22.16 -5.46
CA ILE B 752 -22.82 21.75 -6.79
C ILE B 752 -23.04 20.26 -7.01
N GLN B 753 -22.34 19.43 -6.23
CA GLN B 753 -22.28 17.96 -6.30
C GLN B 753 -21.98 17.42 -7.70
N ASN B 754 -21.03 16.48 -7.77
CA ASN B 754 -20.63 15.82 -9.01
C ASN B 754 -19.73 14.64 -8.69
N PRO B 755 -19.90 13.50 -9.38
CA PRO B 755 -19.09 12.32 -9.04
C PRO B 755 -17.59 12.55 -9.14
N SER B 756 -17.12 13.27 -10.17
CA SER B 756 -15.71 13.63 -10.23
C SER B 756 -15.33 14.53 -9.07
N ILE B 757 -16.20 15.49 -8.74
CA ILE B 757 -15.99 16.32 -7.56
C ILE B 757 -15.96 15.46 -6.31
N TRP B 758 -16.83 14.45 -6.24
CA TRP B 758 -16.88 13.59 -5.05
C TRP B 758 -15.58 12.80 -4.88
N GLU B 759 -15.05 12.23 -5.97
CA GLU B 759 -13.81 11.49 -5.84
C GLU B 759 -12.64 12.42 -5.55
N LYS B 760 -12.66 13.64 -6.09
CA LYS B 760 -11.63 14.61 -5.72
C LYS B 760 -11.72 14.96 -4.24
N MET B 761 -12.94 15.12 -3.72
CA MET B 761 -13.13 15.40 -2.30
C MET B 761 -12.57 14.27 -1.45
N ALA B 762 -12.84 13.03 -1.86
CA ALA B 762 -12.28 11.88 -1.14
C ALA B 762 -10.76 11.89 -1.19
N SER B 763 -10.17 12.30 -2.33
CA SER B 763 -8.72 12.39 -2.42
C SER B 763 -8.15 13.43 -1.45
N MET B 764 -8.80 14.60 -1.37
CA MET B 764 -8.35 15.61 -0.39
C MET B 764 -8.48 15.07 1.03
N CYS B 765 -9.59 14.37 1.32
CA CYS B 765 -9.78 13.81 2.65
C CYS B 765 -8.70 12.79 2.99
N VAL B 766 -8.32 11.96 2.01
CA VAL B 766 -7.25 11.00 2.24
C VAL B 766 -5.93 11.70 2.51
N LYS B 767 -5.61 12.72 1.71
CA LYS B 767 -4.33 13.39 1.86
C LYS B 767 -4.27 14.25 3.12
N THR B 768 -5.42 14.69 3.65
CA THR B 768 -5.46 15.50 4.85
C THR B 768 -5.66 14.69 6.12
N LYS B 769 -5.78 13.36 6.00
CA LYS B 769 -5.91 12.46 7.15
C LYS B 769 -7.18 12.75 7.96
N ARG B 770 -8.31 12.78 7.26
CA ARG B 770 -9.63 12.86 7.89
C ARG B 770 -10.50 11.76 7.30
N ILE B 771 -11.15 10.98 8.17
CA ILE B 771 -11.81 9.75 7.77
C ILE B 771 -13.33 9.91 7.65
N ASP B 772 -13.96 10.58 8.64
CA ASP B 772 -15.41 10.68 8.63
C ASP B 772 -15.92 11.46 7.44
N VAL B 773 -15.26 12.58 7.09
CA VAL B 773 -15.64 13.33 5.91
C VAL B 773 -15.37 12.51 4.66
N ALA B 774 -14.31 11.69 4.66
CA ALA B 774 -14.07 10.78 3.55
C ALA B 774 -15.21 9.76 3.43
N GLU B 775 -15.70 9.26 4.57
CA GLU B 775 -16.83 8.34 4.53
C GLU B 775 -18.08 9.02 3.97
N ILE B 776 -18.30 10.28 4.34
CA ILE B 776 -19.45 11.02 3.80
C ILE B 776 -19.30 11.19 2.30
N CYS B 777 -18.09 11.52 1.84
CA CYS B 777 -17.85 11.69 0.40
C CYS B 777 -18.09 10.38 -0.35
N LEU B 778 -17.61 9.27 0.20
CA LEU B 778 -17.85 7.97 -0.44
C LEU B 778 -19.32 7.61 -0.44
N GLY B 779 -20.05 7.97 0.63
CA GLY B 779 -21.48 7.75 0.63
C GLY B 779 -22.19 8.56 -0.44
N ASN B 780 -21.77 9.81 -0.62
CA ASN B 780 -22.30 10.62 -1.72
C ASN B 780 -21.90 10.05 -3.08
N MET B 781 -20.78 9.34 -3.15
CA MET B 781 -20.41 8.67 -4.39
C MET B 781 -21.42 7.59 -4.77
N ARG B 782 -22.05 6.98 -3.76
CA ARG B 782 -22.94 5.83 -3.96
C ARG B 782 -22.19 4.67 -4.61
N PHE B 783 -20.93 4.50 -4.20
CA PHE B 783 -20.11 3.37 -4.62
C PHE B 783 -20.22 2.28 -3.56
N ALA B 784 -21.02 1.26 -3.84
CA ALA B 784 -21.33 0.26 -2.83
C ALA B 784 -20.10 -0.58 -2.48
N ARG B 785 -19.21 -0.81 -3.46
CA ARG B 785 -18.06 -1.67 -3.21
C ARG B 785 -17.10 -1.04 -2.21
N GLY B 786 -16.76 0.24 -2.41
CA GLY B 786 -15.87 0.90 -1.47
C GLY B 786 -16.48 1.03 -0.08
N SER B 787 -17.79 1.28 -0.02
CA SER B 787 -18.47 1.37 1.27
C SER B 787 -18.45 0.02 1.99
N LYS B 788 -18.67 -1.08 1.25
CA LYS B 788 -18.58 -2.40 1.85
C LYS B 788 -17.18 -2.67 2.37
N ALA B 789 -16.16 -2.29 1.59
CA ALA B 789 -14.78 -2.46 2.05
C ALA B 789 -14.52 -1.64 3.32
N ILE B 790 -15.05 -0.42 3.36
CA ILE B 790 -14.85 0.43 4.54
C ILE B 790 -15.52 -0.17 5.76
N ARG B 791 -16.76 -0.64 5.62
CA ARG B 791 -17.47 -1.23 6.74
C ARG B 791 -16.79 -2.50 7.22
N GLU B 792 -16.22 -3.28 6.29
CA GLU B 792 -15.44 -4.44 6.70
C GLU B 792 -14.17 -4.02 7.45
N GLN B 793 -13.52 -2.95 7.00
CA GLN B 793 -12.25 -2.52 7.57
C GLN B 793 -12.40 -1.65 8.81
N LYS B 794 -13.62 -1.30 9.21
CA LYS B 794 -13.79 -0.45 10.38
C LYS B 794 -13.36 -1.12 11.68
N LYS B 795 -13.15 -2.43 11.69
CA LYS B 795 -12.75 -3.15 12.89
C LYS B 795 -11.24 -3.16 13.11
N GLU B 796 -10.60 -2.00 13.03
CA GLU B 796 -9.16 -1.90 13.17
C GLU B 796 -8.81 -0.72 14.08
N PRO B 797 -8.04 -0.94 15.15
CA PRO B 797 -7.62 0.19 15.99
C PRO B 797 -6.77 1.21 15.26
N GLU B 798 -6.07 0.79 14.20
CA GLU B 798 -5.19 1.68 13.45
C GLU B 798 -5.98 2.35 12.33
N LEU B 799 -6.03 3.68 12.36
CA LEU B 799 -6.67 4.44 11.29
C LEU B 799 -5.84 4.47 10.01
N ASP B 800 -4.53 4.23 10.12
CA ASP B 800 -3.67 4.22 8.94
C ASP B 800 -4.08 3.10 7.98
N ALA B 801 -4.45 1.94 8.52
CA ALA B 801 -4.93 0.85 7.68
C ALA B 801 -6.20 1.24 6.94
N GLN B 802 -7.12 1.93 7.63
CA GLN B 802 -8.35 2.38 6.97
C GLN B 802 -8.04 3.40 5.88
N LEU B 803 -7.11 4.33 6.14
CA LEU B 803 -6.74 5.30 5.11
C LEU B 803 -6.10 4.61 3.90
N ALA B 804 -5.25 3.61 4.14
CA ALA B 804 -4.69 2.84 3.04
C ALA B 804 -5.76 2.09 2.28
N MET B 805 -6.78 1.58 2.99
CA MET B 805 -7.90 0.92 2.33
C MET B 805 -8.63 1.89 1.40
N VAL B 806 -8.87 3.12 1.88
CA VAL B 806 -9.52 4.13 1.04
C VAL B 806 -8.66 4.43 -0.17
N ALA B 807 -7.34 4.58 0.04
CA ALA B 807 -6.45 4.91 -1.06
C ALA B 807 -6.43 3.82 -2.12
N ILE B 808 -6.40 2.55 -1.71
CA ILE B 808 -6.40 1.47 -2.68
C ILE B 808 -7.78 1.33 -3.32
N GLN B 809 -8.83 1.77 -2.61
CA GLN B 809 -10.15 1.83 -3.20
C GLN B 809 -10.23 2.88 -4.32
N LEU B 810 -9.54 4.01 -4.15
CA LEU B 810 -9.50 5.05 -5.17
C LEU B 810 -8.26 4.96 -6.04
N ASN B 811 -7.53 3.85 -5.99
CA ASN B 811 -6.39 3.58 -6.87
C ASN B 811 -5.23 4.55 -6.64
N MET B 812 -4.76 4.62 -5.39
CA MET B 812 -3.47 5.22 -5.05
C MET B 812 -2.63 4.11 -4.41
N LYS B 813 -1.77 3.50 -5.21
CA LYS B 813 -1.07 2.30 -4.76
C LYS B 813 0.17 2.64 -3.93
N ASP B 814 1.04 3.51 -4.45
CA ASP B 814 2.27 3.82 -3.73
C ASP B 814 2.01 4.60 -2.45
N GLU B 815 0.98 5.47 -2.44
CA GLU B 815 0.59 6.10 -1.18
C GLU B 815 0.13 5.06 -0.17
N ALA B 816 -0.62 4.05 -0.63
CA ALA B 816 -1.04 2.98 0.27
C ALA B 816 0.16 2.20 0.80
N VAL B 817 1.16 1.96 -0.05
CA VAL B 817 2.37 1.27 0.39
C VAL B 817 3.09 2.10 1.45
N LYS B 818 3.21 3.41 1.22
CA LYS B 818 3.86 4.28 2.19
C LYS B 818 3.09 4.30 3.52
N LEU B 819 1.77 4.33 3.46
CA LEU B 819 0.97 4.31 4.69
C LEU B 819 1.13 2.98 5.42
N TYR B 820 1.19 1.87 4.68
CA TYR B 820 1.42 0.57 5.29
C TYR B 820 2.78 0.52 5.99
N GLU B 821 3.80 1.07 5.33
CA GLU B 821 5.13 1.11 5.95
C GLU B 821 5.14 2.00 7.19
N GLN B 822 4.42 3.13 7.15
CA GLN B 822 4.40 4.04 8.28
C GLN B 822 3.69 3.44 9.48
N SER B 823 2.70 2.59 9.25
CA SER B 823 1.89 2.00 10.32
C SER B 823 2.53 0.75 10.91
N LYS B 824 3.71 0.35 10.43
CA LYS B 824 4.38 -0.88 10.89
C LYS B 824 3.51 -2.11 10.66
N ARG B 825 2.68 -2.07 9.63
CA ARG B 825 1.78 -3.17 9.29
C ARG B 825 2.24 -3.77 7.95
N TYR B 826 2.48 -5.07 7.94
CA TYR B 826 2.93 -5.78 6.76
C TYR B 826 1.98 -6.87 6.28
N ASP B 827 1.20 -7.45 7.19
CA ASP B 827 0.29 -8.52 6.79
C ASP B 827 -0.77 -8.02 5.82
N LEU B 828 -1.34 -6.84 6.10
CA LEU B 828 -2.27 -6.22 5.14
C LEU B 828 -1.54 -5.86 3.85
N TYR B 829 -0.32 -5.31 3.98
CA TYR B 829 0.49 -5.03 2.80
C TYR B 829 0.86 -6.33 2.07
N ASN B 830 1.09 -7.41 2.83
CA ASN B 830 1.36 -8.70 2.20
C ASN B 830 0.15 -9.18 1.40
N LYS B 831 -1.05 -9.02 1.96
CA LYS B 831 -2.26 -9.41 1.23
C LYS B 831 -2.43 -8.56 -0.03
N MET B 832 -2.17 -7.26 0.08
CA MET B 832 -2.27 -6.39 -1.10
C MET B 832 -1.27 -6.81 -2.17
N LEU B 833 -0.03 -7.12 -1.76
CA LEU B 833 1.00 -7.49 -2.73
C LEU B 833 0.71 -8.84 -3.35
N GLN B 834 0.11 -9.76 -2.59
CA GLN B 834 -0.36 -11.02 -3.17
C GLN B 834 -1.48 -10.76 -4.18
N ALA B 835 -2.40 -9.85 -3.87
CA ALA B 835 -3.54 -9.61 -4.74
C ALA B 835 -3.13 -8.94 -6.04
N GLU B 836 -2.13 -8.06 -6.00
CA GLU B 836 -1.75 -7.35 -7.22
C GLU B 836 -1.02 -8.27 -8.19
N GLY B 837 -0.16 -9.16 -7.69
CA GLY B 837 0.41 -10.17 -8.56
C GLY B 837 1.86 -10.57 -8.35
N ASN B 838 2.67 -9.73 -7.70
CA ASN B 838 4.09 -10.04 -7.51
C ASN B 838 4.21 -10.98 -6.31
N TRP B 839 4.21 -12.29 -6.61
CA TRP B 839 4.21 -13.30 -5.56
C TRP B 839 5.58 -13.41 -4.89
N GLU B 840 6.66 -13.35 -5.66
CA GLU B 840 7.99 -13.52 -5.08
C GLU B 840 8.33 -12.39 -4.12
N LYS B 841 7.92 -11.16 -4.45
CA LYS B 841 8.13 -10.04 -3.54
C LYS B 841 7.39 -10.25 -2.24
N ALA B 842 6.15 -10.75 -2.32
CA ALA B 842 5.40 -11.06 -1.11
C ALA B 842 6.08 -12.16 -0.30
N ILE B 843 6.63 -13.17 -0.98
CA ILE B 843 7.34 -14.24 -0.29
C ILE B 843 8.53 -13.67 0.47
N GLN B 844 9.32 -12.81 -0.18
CA GLN B 844 10.47 -12.21 0.47
C GLN B 844 10.05 -11.34 1.66
N ILE B 845 9.00 -10.55 1.49
CA ILE B 845 8.54 -9.65 2.56
C ILE B 845 8.07 -10.48 3.76
N SER B 846 7.30 -11.52 3.51
CA SER B 846 6.83 -12.38 4.60
C SER B 846 7.98 -13.09 5.29
N GLU B 847 8.96 -13.54 4.50
CA GLU B 847 10.09 -14.26 5.08
C GLU B 847 10.92 -13.35 5.99
N ASN B 848 11.16 -12.11 5.55
CA ASN B 848 12.01 -11.22 6.35
C ASN B 848 11.24 -10.43 7.39
N HIS B 849 9.92 -10.44 7.37
CA HIS B 849 9.17 -9.64 8.35
C HIS B 849 8.19 -10.44 9.17
N ASP B 850 7.47 -11.40 8.58
CA ASP B 850 6.37 -12.08 9.25
C ASP B 850 6.74 -13.47 9.76
N ARG B 851 7.16 -14.37 8.87
CA ARG B 851 7.43 -15.77 9.17
C ARG B 851 6.19 -16.50 9.66
N ILE B 852 5.03 -15.88 9.62
CA ILE B 852 3.78 -16.46 10.09
C ILE B 852 2.91 -16.91 8.91
N ASN B 853 2.73 -16.06 7.92
CA ASN B 853 1.90 -16.36 6.76
C ASN B 853 2.70 -16.92 5.59
N LEU B 854 3.93 -17.36 5.83
CA LEU B 854 4.74 -17.92 4.74
C LEU B 854 4.11 -19.18 4.17
N LYS B 855 3.58 -20.04 5.02
CA LYS B 855 2.91 -21.25 4.55
C LYS B 855 1.67 -20.90 3.73
N ASN B 856 0.90 -19.91 4.18
CA ASN B 856 -0.26 -19.46 3.42
C ASN B 856 0.14 -18.88 2.07
N THR B 857 1.23 -18.10 2.04
CA THR B 857 1.71 -17.56 0.77
C THR B 857 2.14 -18.68 -0.18
N TYR B 858 2.82 -19.70 0.36
CA TYR B 858 3.21 -20.84 -0.46
C TYR B 858 1.99 -21.57 -1.00
N TYR B 859 0.97 -21.77 -0.16
CA TYR B 859 -0.23 -22.46 -0.62
C TYR B 859 -0.96 -21.65 -1.70
N ARG B 860 -1.03 -20.32 -1.52
CA ARG B 860 -1.69 -19.49 -2.52
C ARG B 860 -0.92 -19.49 -3.84
N THR B 861 0.41 -19.44 -3.77
CA THR B 861 1.21 -19.52 -4.99
C THR B 861 1.04 -20.88 -5.67
N ALA B 862 0.95 -21.95 -4.87
CA ALA B 862 0.71 -23.27 -5.45
C ALA B 862 -0.64 -23.35 -6.14
N GLN B 863 -1.67 -22.75 -5.53
CA GLN B 863 -2.99 -22.71 -6.16
C GLN B 863 -2.95 -21.92 -7.46
N MET B 864 -2.25 -20.79 -7.47
CA MET B 864 -2.14 -19.99 -8.68
C MET B 864 -1.40 -20.76 -9.77
N TYR B 865 -0.35 -21.49 -9.39
CA TYR B 865 0.37 -22.34 -10.33
C TYR B 865 -0.53 -23.44 -10.89
N GLU B 866 -1.36 -24.04 -10.04
CA GLU B 866 -2.29 -25.07 -10.50
C GLU B 866 -3.29 -24.48 -11.49
N VAL B 867 -3.75 -23.25 -11.22
CA VAL B 867 -4.58 -22.55 -12.20
C VAL B 867 -3.80 -22.35 -13.49
N SER B 868 -2.51 -22.05 -13.40
CA SER B 868 -1.64 -21.95 -14.57
C SER B 868 -1.35 -23.30 -15.20
N ASN B 869 -1.75 -24.39 -14.56
CA ASN B 869 -1.62 -25.78 -15.03
C ASN B 869 -0.18 -26.27 -15.05
N ASN B 870 0.74 -25.59 -14.37
CA ASN B 870 2.11 -26.08 -14.20
C ASN B 870 2.11 -26.99 -12.98
N TYR B 871 1.81 -28.27 -13.22
CA TYR B 871 1.62 -29.21 -12.12
C TYR B 871 2.91 -29.48 -11.36
N GLU B 872 4.07 -29.41 -12.04
CA GLU B 872 5.33 -29.61 -11.36
C GLU B 872 5.57 -28.52 -10.31
N GLN B 873 5.32 -27.27 -10.67
CA GLN B 873 5.43 -26.19 -9.69
C GLN B 873 4.39 -26.33 -8.60
N ALA B 874 3.19 -26.81 -8.96
CA ALA B 874 2.14 -27.00 -7.96
C ALA B 874 2.56 -28.01 -6.90
N ILE B 875 3.09 -29.17 -7.33
CA ILE B 875 3.50 -30.19 -6.37
C ILE B 875 4.74 -29.72 -5.59
N LEU B 876 5.64 -28.99 -6.25
CA LEU B 876 6.80 -28.47 -5.55
C LEU B 876 6.41 -27.53 -4.42
N TYR B 877 5.52 -26.58 -4.71
CA TYR B 877 5.10 -25.63 -3.69
C TYR B 877 4.18 -26.28 -2.66
N TYR B 878 3.47 -27.35 -3.04
CA TYR B 878 2.74 -28.13 -2.06
C TYR B 878 3.69 -28.79 -1.08
N GLU B 879 4.81 -29.31 -1.57
CA GLU B 879 5.85 -29.82 -0.68
C GLU B 879 6.41 -28.71 0.20
N LYS B 880 6.64 -27.53 -0.38
CA LYS B 880 7.08 -26.39 0.43
C LYS B 880 5.97 -25.88 1.34
N SER B 881 4.70 -26.18 1.03
CA SER B 881 3.60 -25.74 1.88
C SER B 881 3.49 -26.62 3.11
N GLY B 882 2.54 -26.27 3.98
CA GLY B 882 2.35 -27.04 5.21
C GLY B 882 1.86 -28.45 4.95
N THR B 883 0.94 -28.61 4.00
CA THR B 883 0.34 -29.91 3.70
C THR B 883 0.51 -30.24 2.23
N HIS B 884 0.87 -31.50 1.96
CA HIS B 884 0.96 -32.01 0.60
C HIS B 884 0.37 -33.40 0.43
N VAL B 885 -0.07 -34.05 1.51
CA VAL B 885 -0.54 -35.42 1.42
C VAL B 885 -1.85 -35.52 0.63
N LYS B 886 -2.72 -34.51 0.76
CA LYS B 886 -4.03 -34.55 0.12
C LYS B 886 -4.16 -33.60 -1.06
N GLU B 887 -3.41 -32.50 -1.08
CA GLU B 887 -3.51 -31.54 -2.19
C GLU B 887 -3.06 -32.17 -3.50
N VAL B 888 -1.92 -32.87 -3.48
CA VAL B 888 -1.39 -33.46 -4.70
C VAL B 888 -2.32 -34.50 -5.30
N PRO B 889 -2.78 -35.52 -4.56
CA PRO B 889 -3.69 -36.50 -5.19
C PRO B 889 -5.00 -35.88 -5.67
N ARG B 890 -5.53 -34.89 -4.95
CA ARG B 890 -6.77 -34.25 -5.37
C ARG B 890 -6.60 -33.53 -6.69
N MET B 891 -5.58 -32.68 -6.79
CA MET B 891 -5.33 -31.98 -8.05
C MET B 891 -4.95 -32.96 -9.16
N LEU B 892 -4.25 -34.05 -8.82
CA LEU B 892 -3.78 -34.99 -9.81
C LEU B 892 -4.91 -35.83 -10.39
N LEU B 893 -5.92 -36.16 -9.59
CA LEU B 893 -7.13 -36.76 -10.16
C LEU B 893 -8.00 -35.72 -10.86
N GLU B 894 -7.93 -34.46 -10.42
CA GLU B 894 -8.64 -33.40 -11.15
C GLU B 894 -8.11 -33.29 -12.57
N ALA B 895 -6.80 -33.42 -12.75
CA ALA B 895 -6.25 -33.51 -14.09
C ALA B 895 -6.61 -34.84 -14.75
N GLY B 896 -6.66 -35.90 -13.95
CA GLY B 896 -6.96 -37.23 -14.45
C GLY B 896 -5.77 -38.03 -14.93
N GLN B 897 -4.56 -37.51 -14.79
CA GLN B 897 -3.36 -38.19 -15.28
C GLN B 897 -2.76 -39.01 -14.13
N THR B 898 -3.01 -40.32 -14.16
CA THR B 898 -2.67 -41.20 -13.03
C THR B 898 -1.18 -41.51 -12.94
N GLU B 899 -0.50 -41.64 -14.09
CA GLU B 899 0.79 -42.31 -14.11
C GLU B 899 1.84 -41.52 -13.32
N GLN B 900 1.83 -40.18 -13.46
CA GLN B 900 2.80 -39.40 -12.71
C GLN B 900 2.49 -39.44 -11.22
N LEU B 901 1.22 -39.67 -10.87
CA LEU B 901 0.87 -39.92 -9.47
C LEU B 901 1.47 -41.24 -8.99
N GLU B 902 1.50 -42.26 -9.85
CA GLU B 902 2.27 -43.46 -9.50
C GLU B 902 3.74 -43.11 -9.27
N ARG B 903 4.30 -42.27 -10.14
CA ARG B 903 5.69 -41.84 -9.95
C ARG B 903 5.88 -41.16 -8.59
N TYR B 904 4.96 -40.25 -8.26
CA TYR B 904 5.06 -39.47 -7.03
C TYR B 904 4.92 -40.34 -5.78
N ILE B 905 3.99 -41.30 -5.81
CA ILE B 905 3.82 -42.16 -4.63
C ILE B 905 5.00 -43.11 -4.49
N ILE B 906 5.61 -43.50 -5.62
CA ILE B 906 6.83 -44.31 -5.56
C ILE B 906 7.99 -43.50 -4.99
N ASP B 907 8.12 -42.24 -5.40
CA ASP B 907 9.19 -41.39 -4.90
C ASP B 907 9.04 -41.09 -3.42
N LYS B 908 7.83 -40.71 -3.01
CA LYS B 908 7.60 -40.32 -1.62
C LYS B 908 7.65 -41.52 -0.69
N ASN B 909 6.96 -42.61 -1.05
CA ASN B 909 6.89 -43.83 -0.25
C ASN B 909 6.36 -43.53 1.16
N GLU B 910 5.12 -43.06 1.21
CA GLU B 910 4.48 -42.67 2.46
C GLU B 910 3.24 -43.53 2.70
N LYS B 911 3.02 -43.87 3.98
CA LYS B 911 1.88 -44.70 4.33
C LYS B 911 0.54 -44.08 3.99
N PRO B 912 0.25 -42.80 4.29
CA PRO B 912 -1.05 -42.24 3.87
C PRO B 912 -1.26 -42.27 2.38
N LEU B 913 -0.20 -42.05 1.59
CA LEU B 913 -0.32 -42.15 0.14
C LEU B 913 -0.70 -43.56 -0.29
N PHE B 914 -0.07 -44.57 0.33
CA PHE B 914 -0.42 -45.95 0.02
C PHE B 914 -1.86 -46.25 0.38
N LYS B 915 -2.31 -45.77 1.54
CA LYS B 915 -3.69 -45.99 1.97
C LYS B 915 -4.67 -45.36 0.98
N TRP B 916 -4.42 -44.12 0.58
CA TRP B 916 -5.31 -43.44 -0.35
C TRP B 916 -5.32 -44.12 -1.71
N TRP B 917 -4.15 -44.51 -2.21
CA TRP B 917 -4.09 -45.15 -3.52
C TRP B 917 -4.78 -46.51 -3.49
N ALA B 918 -4.63 -47.26 -2.40
CA ALA B 918 -5.33 -48.54 -2.29
C ALA B 918 -6.84 -48.35 -2.17
N GLN B 919 -7.28 -47.27 -1.51
CA GLN B 919 -8.70 -46.96 -1.49
C GLN B 919 -9.21 -46.65 -2.89
N TYR B 920 -8.42 -45.91 -3.67
CA TYR B 920 -8.81 -45.67 -5.07
C TYR B 920 -8.86 -46.97 -5.87
N LEU B 921 -7.90 -47.86 -5.63
CA LEU B 921 -7.88 -49.14 -6.33
C LEU B 921 -9.11 -49.98 -6.01
N GLU B 922 -9.47 -50.08 -4.73
CA GLU B 922 -10.67 -50.83 -4.37
C GLU B 922 -11.93 -50.12 -4.84
N SER B 923 -11.87 -48.80 -5.03
CA SER B 923 -13.00 -48.09 -5.62
C SER B 923 -13.24 -48.54 -7.05
N ASN B 924 -12.17 -48.74 -7.82
CA ASN B 924 -12.28 -49.27 -9.17
C ASN B 924 -12.11 -50.79 -9.21
N TYR B 925 -12.38 -51.47 -8.10
CA TYR B 925 -12.41 -52.92 -8.00
C TYR B 925 -11.06 -53.57 -8.30
N ARG B 926 -9.95 -52.85 -8.08
CA ARG B 926 -8.62 -53.42 -8.19
C ARG B 926 -8.24 -54.01 -6.83
N ILE B 927 -8.74 -55.22 -6.58
CA ILE B 927 -8.67 -55.81 -5.24
C ILE B 927 -7.23 -56.15 -4.88
N GLU B 928 -6.51 -56.82 -5.79
CA GLU B 928 -5.19 -57.37 -5.44
C GLU B 928 -4.17 -56.27 -5.19
N LEU B 929 -4.11 -55.27 -6.07
CA LEU B 929 -3.17 -54.17 -5.86
C LEU B 929 -3.55 -53.34 -4.64
N ALA B 930 -4.85 -53.20 -4.36
CA ALA B 930 -5.27 -52.55 -3.13
C ALA B 930 -4.80 -53.32 -1.91
N VAL B 931 -4.88 -54.64 -1.96
CA VAL B 931 -4.37 -55.47 -0.85
C VAL B 931 -2.87 -55.27 -0.69
N LYS B 932 -2.13 -55.24 -1.79
CA LYS B 932 -0.69 -55.03 -1.72
C LYS B 932 -0.35 -53.68 -1.10
N PHE B 933 -1.04 -52.62 -1.53
CA PHE B 933 -0.76 -51.29 -1.00
C PHE B 933 -1.19 -51.17 0.47
N TYR B 934 -2.28 -51.84 0.84
CA TYR B 934 -2.67 -51.89 2.25
C TYR B 934 -1.62 -52.61 3.09
N ARG B 935 -1.07 -53.71 2.57
CA ARG B 935 0.02 -54.39 3.25
C ARG B 935 1.23 -53.48 3.41
N GLN B 936 1.54 -52.71 2.36
CA GLN B 936 2.61 -51.71 2.47
C GLN B 936 2.26 -50.61 3.46
N SER B 937 0.97 -50.36 3.70
CA SER B 937 0.52 -49.33 4.64
C SER B 937 0.24 -49.85 6.03
N GLU B 938 0.26 -51.17 6.24
CA GLU B 938 0.08 -51.79 7.56
C GLU B 938 -1.26 -51.40 8.20
N ASP B 939 -2.32 -51.35 7.39
CA ASP B 939 -3.68 -51.15 7.90
C ASP B 939 -4.37 -52.50 7.92
N TYR B 940 -4.15 -53.23 9.02
CA TYR B 940 -4.59 -54.63 9.09
C TYR B 940 -6.11 -54.73 9.12
N ASP B 941 -6.80 -53.69 9.59
CA ASP B 941 -8.26 -53.69 9.52
C ASP B 941 -8.74 -53.80 8.08
N GLN B 942 -8.02 -53.19 7.14
CA GLN B 942 -8.41 -53.27 5.74
C GLN B 942 -8.29 -54.69 5.21
N MET B 943 -7.19 -55.38 5.52
CA MET B 943 -7.07 -56.77 5.09
C MET B 943 -8.13 -57.64 5.75
N VAL B 944 -8.41 -57.41 7.04
CA VAL B 944 -9.43 -58.22 7.71
C VAL B 944 -10.79 -58.02 7.08
N ARG B 945 -11.17 -56.77 6.80
CA ARG B 945 -12.48 -56.51 6.20
C ARG B 945 -12.55 -57.05 4.77
N LEU B 946 -11.45 -56.97 4.02
CA LEU B 946 -11.45 -57.53 2.67
C LEU B 946 -11.59 -59.04 2.70
N PHE B 947 -10.93 -59.70 3.64
CA PHE B 947 -11.03 -61.16 3.73
C PHE B 947 -12.41 -61.59 4.22
N LEU B 948 -13.02 -60.82 5.13
CA LEU B 948 -14.37 -61.14 5.58
C LEU B 948 -15.44 -60.75 4.56
N THR B 949 -15.09 -59.91 3.57
CA THR B 949 -16.02 -59.67 2.47
C THR B 949 -16.28 -60.94 1.68
N LYS B 950 -15.26 -61.76 1.48
CA LYS B 950 -15.37 -63.04 0.81
C LYS B 950 -15.50 -64.21 1.77
N ASN B 951 -15.68 -63.92 3.06
CA ASN B 951 -15.82 -64.94 4.11
C ASN B 951 -14.61 -65.86 4.18
N ASP B 952 -13.42 -65.32 3.93
CA ASP B 952 -12.17 -66.08 4.05
C ASP B 952 -11.61 -65.89 5.46
N VAL B 953 -12.22 -66.62 6.41
CA VAL B 953 -11.90 -66.44 7.82
C VAL B 953 -10.53 -66.99 8.18
N GLN B 954 -10.01 -67.96 7.43
CA GLN B 954 -8.75 -68.59 7.79
C GLN B 954 -7.58 -67.61 7.67
N THR B 955 -7.48 -66.92 6.53
CA THR B 955 -6.39 -65.98 6.32
C THR B 955 -6.48 -64.81 7.30
N ALA B 956 -7.69 -64.31 7.55
CA ALA B 956 -7.85 -63.23 8.52
C ALA B 956 -7.46 -63.68 9.93
N SER B 957 -7.81 -64.92 10.29
CA SER B 957 -7.42 -65.45 11.60
C SER B 957 -5.91 -65.55 11.70
N SER B 958 -5.25 -66.05 10.65
CA SER B 958 -3.79 -66.13 10.67
C SER B 958 -3.16 -64.75 10.80
N ILE B 959 -3.68 -63.77 10.05
CA ILE B 959 -3.14 -62.42 10.08
C ILE B 959 -3.31 -61.80 11.46
N CYS B 960 -4.49 -61.96 12.06
CA CYS B 960 -4.70 -61.39 13.38
C CYS B 960 -3.89 -62.14 14.45
N SER B 961 -3.61 -63.41 14.23
CA SER B 961 -2.78 -64.16 15.17
C SER B 961 -1.33 -63.70 15.11
N GLU B 962 -0.82 -63.41 13.91
CA GLU B 962 0.59 -63.05 13.81
C GLU B 962 0.82 -61.55 14.06
N THR B 963 -0.09 -60.69 13.61
CA THR B 963 0.04 -59.26 13.90
C THR B 963 -0.36 -58.94 15.34
N ASN B 964 -1.46 -59.51 15.80
CA ASN B 964 -2.02 -59.22 17.13
C ASN B 964 -2.33 -57.73 17.29
N ASN B 965 -3.24 -57.25 16.45
CA ASN B 965 -3.70 -55.87 16.50
C ASN B 965 -5.04 -55.77 17.19
N SER B 966 -5.24 -54.66 17.91
CA SER B 966 -6.46 -54.49 18.70
C SER B 966 -7.69 -54.34 17.82
N ALA B 967 -7.61 -53.46 16.82
CA ALA B 967 -8.78 -53.19 15.99
C ALA B 967 -9.13 -54.37 15.10
N ALA B 968 -8.12 -55.08 14.59
CA ALA B 968 -8.38 -56.26 13.77
C ALA B 968 -9.09 -57.33 14.59
N CYS B 969 -8.62 -57.58 15.81
CA CYS B 969 -9.31 -58.53 16.68
C CYS B 969 -10.71 -58.05 17.04
N TYR B 970 -10.87 -56.73 17.21
CA TYR B 970 -12.18 -56.18 17.52
C TYR B 970 -13.18 -56.47 16.41
N ILE B 971 -12.81 -56.17 15.16
CA ILE B 971 -13.73 -56.41 14.06
C ILE B 971 -13.91 -57.90 13.80
N LEU B 972 -12.87 -58.71 14.03
CA LEU B 972 -13.03 -60.16 13.88
C LEU B 972 -14.01 -60.70 14.91
N ALA B 973 -13.97 -60.20 16.15
CA ALA B 973 -14.95 -60.59 17.15
C ALA B 973 -16.33 -60.07 16.80
N LYS B 974 -16.41 -58.89 16.19
CA LYS B 974 -17.68 -58.39 15.68
C LYS B 974 -18.29 -59.38 14.69
N TYR B 975 -17.46 -59.89 13.77
CA TYR B 975 -17.95 -60.92 12.84
C TYR B 975 -18.32 -62.20 13.58
N LEU B 976 -17.50 -62.62 14.54
CA LEU B 976 -17.77 -63.85 15.28
C LEU B 976 -19.08 -63.76 16.04
N GLU B 977 -19.51 -62.54 16.41
CA GLU B 977 -20.80 -62.38 17.08
C GLU B 977 -21.93 -62.90 16.20
N MET B 978 -21.89 -62.59 14.91
CA MET B 978 -22.85 -63.15 13.96
C MET B 978 -22.48 -64.56 13.52
N ASN B 979 -21.24 -64.99 13.76
CA ASN B 979 -20.79 -66.32 13.36
C ASN B 979 -21.07 -67.38 14.41
N GLY B 980 -21.68 -67.03 15.53
CA GLY B 980 -21.94 -67.99 16.59
C GLY B 980 -20.68 -68.54 17.22
N GLN B 981 -19.75 -67.64 17.55
CA GLN B 981 -18.46 -68.03 18.09
C GLN B 981 -18.20 -67.30 19.41
N ILE B 982 -19.17 -67.39 20.33
CA ILE B 982 -19.11 -66.56 21.55
C ILE B 982 -17.83 -66.73 22.35
N PRO B 983 -17.26 -67.93 22.56
CA PRO B 983 -16.05 -67.98 23.40
C PRO B 983 -14.85 -67.31 22.75
N GLU B 984 -14.60 -67.61 21.47
CA GLU B 984 -13.50 -66.95 20.76
C GLU B 984 -13.76 -65.45 20.65
N ALA B 985 -15.03 -65.06 20.47
CA ALA B 985 -15.36 -63.64 20.42
C ALA B 985 -15.03 -62.94 21.73
N ILE B 986 -15.36 -63.58 22.86
CA ILE B 986 -15.05 -63.01 24.16
C ILE B 986 -13.53 -62.92 24.34
N GLN B 987 -12.80 -63.96 23.95
CA GLN B 987 -11.35 -63.93 24.07
C GLN B 987 -10.75 -62.81 23.23
N TYR B 988 -11.23 -62.63 22.01
CA TYR B 988 -10.70 -61.59 21.14
C TYR B 988 -11.07 -60.20 21.65
N TYR B 989 -12.27 -60.04 22.21
CA TYR B 989 -12.65 -58.76 22.80
C TYR B 989 -11.78 -58.44 24.01
N TRP B 990 -11.46 -59.45 24.82
CA TRP B 990 -10.54 -59.24 25.93
C TRP B 990 -9.16 -58.86 25.43
N LYS B 991 -8.70 -59.50 24.35
CA LYS B 991 -7.40 -59.16 23.78
C LYS B 991 -7.38 -57.77 23.19
N SER B 992 -8.53 -57.28 22.71
CA SER B 992 -8.62 -55.96 22.11
C SER B 992 -8.87 -54.85 23.14
N GLN B 993 -8.83 -55.18 24.43
CA GLN B 993 -8.98 -54.22 25.52
C GLN B 993 -10.35 -53.58 25.56
N HIS B 994 -11.34 -54.18 24.89
CA HIS B 994 -12.73 -53.75 24.97
C HIS B 994 -13.42 -54.57 26.06
N TYR B 995 -13.18 -54.17 27.31
CA TYR B 995 -13.56 -54.98 28.45
C TYR B 995 -15.09 -55.07 28.60
N THR B 996 -15.79 -53.96 28.38
CA THR B 996 -17.21 -53.90 28.70
C THR B 996 -18.02 -54.89 27.87
N GLN B 997 -17.79 -54.92 26.55
CA GLN B 997 -18.55 -55.82 25.69
C GLN B 997 -18.29 -57.27 26.05
N ALA B 998 -17.03 -57.63 26.26
CA ALA B 998 -16.69 -59.01 26.59
C ALA B 998 -17.30 -59.43 27.92
N VAL B 999 -17.20 -58.57 28.93
CA VAL B 999 -17.70 -58.95 30.25
C VAL B 999 -19.23 -59.03 30.24
N ARG B 1000 -19.89 -58.12 29.52
CA ARG B 1000 -21.35 -58.18 29.47
C ARG B 1000 -21.83 -59.40 28.69
N LEU B 1001 -21.13 -59.75 27.61
CA LEU B 1001 -21.50 -60.97 26.88
C LEU B 1001 -21.30 -62.22 27.72
N ALA B 1002 -20.18 -62.29 28.45
CA ALA B 1002 -19.92 -63.45 29.29
C ALA B 1002 -20.94 -63.54 30.41
N ARG B 1003 -21.34 -62.40 30.99
CA ARG B 1003 -22.40 -62.41 31.99
C ARG B 1003 -23.73 -62.86 31.39
N GLU B 1004 -24.04 -62.41 30.18
CA GLU B 1004 -25.29 -62.79 29.53
C GLU B 1004 -25.34 -64.29 29.27
N LYS B 1005 -24.25 -64.87 28.79
CA LYS B 1005 -24.24 -66.30 28.50
C LYS B 1005 -23.87 -67.16 29.70
N GLY B 1006 -23.53 -66.55 30.83
CA GLY B 1006 -23.36 -67.29 32.06
C GLY B 1006 -22.09 -68.11 32.18
N MET B 1007 -20.93 -67.44 32.13
CA MET B 1007 -19.65 -68.08 32.40
C MET B 1007 -19.02 -67.41 33.62
N ASP B 1008 -18.25 -68.19 34.38
CA ASP B 1008 -17.81 -67.76 35.71
C ASP B 1008 -16.36 -67.32 35.76
N ASN B 1009 -15.41 -68.17 35.37
CA ASN B 1009 -13.99 -67.82 35.59
C ASN B 1009 -13.56 -66.66 34.70
N GLU B 1010 -14.11 -66.59 33.48
CA GLU B 1010 -13.70 -65.52 32.56
C GLU B 1010 -14.01 -64.14 33.12
N VAL B 1011 -15.17 -63.97 33.77
CA VAL B 1011 -15.60 -62.62 34.13
C VAL B 1011 -14.68 -62.01 35.18
N MET B 1012 -14.37 -62.74 36.26
CA MET B 1012 -13.46 -62.11 37.22
C MET B 1012 -12.03 -62.15 36.70
N SER B 1013 -11.68 -63.15 35.88
CA SER B 1013 -10.34 -63.19 35.32
C SER B 1013 -10.04 -61.94 34.48
N ILE B 1014 -11.05 -61.44 33.78
CA ILE B 1014 -10.85 -60.24 32.97
C ILE B 1014 -11.15 -58.97 33.76
N SER B 1015 -11.95 -59.06 34.83
CA SER B 1015 -12.21 -57.87 35.64
C SER B 1015 -11.02 -57.52 36.51
N LEU B 1016 -10.22 -58.53 36.89
CA LEU B 1016 -9.04 -58.25 37.71
C LEU B 1016 -8.07 -57.33 36.99
N GLN B 1017 -7.96 -57.45 35.67
CA GLN B 1017 -7.09 -56.61 34.87
C GLN B 1017 -7.80 -55.42 34.27
N GLY B 1018 -9.09 -55.22 34.57
CA GLY B 1018 -9.85 -54.13 34.00
C GLY B 1018 -9.93 -52.92 34.90
N PRO B 1019 -10.61 -51.87 34.43
CA PRO B 1019 -10.77 -50.65 35.24
C PRO B 1019 -11.72 -50.84 36.42
N ASN B 1020 -11.99 -49.75 37.13
CA ASN B 1020 -12.79 -49.83 38.36
C ASN B 1020 -14.26 -50.09 38.05
N GLN B 1021 -14.79 -49.44 37.01
CA GLN B 1021 -16.22 -49.53 36.73
C GLN B 1021 -16.64 -50.96 36.37
N VAL B 1022 -15.85 -51.63 35.52
CA VAL B 1022 -16.17 -53.01 35.18
C VAL B 1022 -16.03 -53.91 36.40
N LYS B 1023 -15.06 -53.62 37.27
CA LYS B 1023 -14.94 -54.37 38.52
C LYS B 1023 -16.21 -54.25 39.36
N LEU B 1024 -16.71 -53.02 39.52
CA LEU B 1024 -17.93 -52.83 40.30
C LEU B 1024 -19.13 -53.52 39.66
N GLN B 1025 -19.25 -53.42 38.33
CA GLN B 1025 -20.36 -54.07 37.65
C GLN B 1025 -20.31 -55.59 37.80
N SER B 1026 -19.11 -56.17 37.65
CA SER B 1026 -18.96 -57.61 37.79
C SER B 1026 -19.25 -58.06 39.21
N ALA B 1027 -18.80 -57.29 40.20
CA ALA B 1027 -19.06 -57.64 41.59
C ALA B 1027 -20.55 -57.55 41.91
N ALA B 1028 -21.23 -56.54 41.36
CA ALA B 1028 -22.67 -56.45 41.55
C ALA B 1028 -23.39 -57.63 40.88
N TYR B 1029 -22.92 -58.02 39.70
CA TYR B 1029 -23.48 -59.20 39.03
C TYR B 1029 -23.30 -60.45 39.87
N PHE B 1030 -22.11 -60.60 40.48
CA PHE B 1030 -21.88 -61.74 41.37
C PHE B 1030 -22.76 -61.67 42.61
N GLU B 1031 -23.02 -60.47 43.13
CA GLU B 1031 -24.00 -60.32 44.20
C GLU B 1031 -25.36 -60.80 43.75
N GLU B 1032 -25.72 -60.54 42.49
CA GLU B 1032 -26.95 -61.09 41.93
C GLU B 1032 -26.85 -62.61 41.79
N LYS B 1033 -25.64 -63.13 41.61
CA LYS B 1033 -25.47 -64.57 41.45
C LYS B 1033 -25.69 -65.29 42.78
N GLY B 1034 -25.73 -66.63 42.70
CA GLY B 1034 -26.01 -67.42 43.89
C GLY B 1034 -24.93 -67.32 44.95
N PHE B 1035 -23.67 -67.41 44.54
CA PHE B 1035 -22.56 -67.37 45.49
C PHE B 1035 -22.10 -65.93 45.67
N LYS B 1036 -22.56 -65.30 46.74
CA LYS B 1036 -22.16 -63.92 47.05
C LYS B 1036 -20.78 -63.83 47.67
N GLN B 1037 -20.16 -64.97 48.01
CA GLN B 1037 -18.81 -64.93 48.58
C GLN B 1037 -17.80 -64.40 47.57
N LYS B 1038 -17.92 -64.83 46.31
CA LYS B 1038 -17.03 -64.30 45.27
C LYS B 1038 -17.27 -62.81 45.06
N ALA B 1039 -18.52 -62.37 45.17
CA ALA B 1039 -18.81 -60.94 45.11
C ALA B 1039 -18.13 -60.20 46.25
N VAL B 1040 -18.16 -60.77 47.45
CA VAL B 1040 -17.49 -60.16 48.60
C VAL B 1040 -15.99 -60.06 48.35
N GLU B 1041 -15.39 -61.12 47.82
CA GLU B 1041 -13.95 -61.10 47.53
C GLU B 1041 -13.62 -60.04 46.49
N LEU B 1042 -14.40 -59.97 45.41
CA LEU B 1042 -14.14 -58.97 44.37
C LEU B 1042 -14.31 -57.55 44.91
N TYR B 1043 -15.31 -57.34 45.77
CA TYR B 1043 -15.48 -56.05 46.44
C TYR B 1043 -14.27 -55.73 47.32
N LYS B 1044 -13.72 -56.75 47.98
CA LYS B 1044 -12.51 -56.54 48.77
C LYS B 1044 -11.34 -56.12 47.89
N LYS B 1045 -11.18 -56.76 46.73
CA LYS B 1045 -10.15 -56.36 45.79
C LYS B 1045 -10.60 -55.24 44.86
N GLY B 1046 -11.85 -54.79 44.95
CA GLY B 1046 -12.33 -53.72 44.11
C GLY B 1046 -11.87 -52.35 44.59
N GLY B 1047 -12.21 -51.35 43.78
CA GLY B 1047 -11.85 -49.98 44.08
C GLY B 1047 -12.70 -49.29 45.11
N ASN B 1048 -13.85 -49.87 45.46
CA ASN B 1048 -14.75 -49.31 46.46
C ASN B 1048 -14.62 -50.14 47.75
N LEU B 1049 -14.21 -49.49 48.84
CA LEU B 1049 -14.03 -50.17 50.11
C LEU B 1049 -15.00 -49.73 51.20
N ILE B 1050 -15.60 -48.56 51.09
CA ILE B 1050 -16.65 -48.17 52.03
C ILE B 1050 -17.82 -49.15 51.94
N LYS B 1051 -18.27 -49.44 50.72
CA LYS B 1051 -19.27 -50.47 50.52
C LYS B 1051 -18.73 -51.84 50.93
N ALA B 1052 -17.43 -52.07 50.75
CA ALA B 1052 -16.84 -53.32 51.21
C ALA B 1052 -16.92 -53.46 52.73
N TYR B 1053 -16.66 -52.37 53.44
CA TYR B 1053 -16.82 -52.39 54.90
C TYR B 1053 -18.28 -52.61 55.29
N ASN B 1054 -19.20 -51.96 54.57
CA ASN B 1054 -20.62 -52.13 54.86
C ASN B 1054 -21.05 -53.58 54.68
N LEU B 1055 -20.62 -54.22 53.60
CA LEU B 1055 -20.99 -55.61 53.36
C LEU B 1055 -20.21 -56.56 54.28
N ALA B 1056 -19.04 -56.15 54.75
CA ALA B 1056 -18.34 -56.94 55.77
C ALA B 1056 -19.12 -56.95 57.06
N GLN B 1057 -19.67 -55.81 57.46
CA GLN B 1057 -20.58 -55.79 58.61
C GLN B 1057 -21.85 -56.58 58.33
N GLU B 1058 -22.35 -56.51 57.09
CA GLU B 1058 -23.56 -57.26 56.73
C GLU B 1058 -23.34 -58.76 56.86
N GLU B 1059 -22.21 -59.26 56.37
CA GLU B 1059 -21.87 -60.67 56.46
C GLU B 1059 -21.29 -61.07 57.82
N LYS B 1060 -21.03 -60.08 58.68
CA LYS B 1060 -20.52 -60.24 60.04
C LYS B 1060 -19.39 -61.25 60.16
N LEU B 1061 -18.50 -61.29 59.16
CA LEU B 1061 -17.24 -61.99 59.32
C LEU B 1061 -16.29 -61.18 60.21
N TYR B 1062 -15.13 -61.77 60.52
CA TYR B 1062 -14.23 -61.17 61.51
C TYR B 1062 -12.87 -60.81 60.92
N ASP B 1063 -12.17 -61.76 60.29
CA ASP B 1063 -10.84 -61.47 59.78
C ASP B 1063 -10.89 -60.43 58.67
N GLU B 1064 -11.72 -60.66 57.65
CA GLU B 1064 -11.89 -59.67 56.60
C GLU B 1064 -12.48 -58.38 57.14
N ALA B 1065 -13.25 -58.48 58.22
CA ALA B 1065 -13.75 -57.27 58.87
C ALA B 1065 -12.61 -56.42 59.41
N LYS B 1066 -11.62 -57.05 60.03
CA LYS B 1066 -10.47 -56.28 60.52
C LYS B 1066 -9.61 -55.76 59.36
N GLN B 1067 -9.43 -56.56 58.31
CA GLN B 1067 -8.68 -56.07 57.15
C GLN B 1067 -9.34 -54.84 56.53
N ILE B 1068 -10.65 -54.93 56.30
CA ILE B 1068 -11.37 -53.80 55.74
C ILE B 1068 -11.45 -52.64 56.73
N ALA B 1069 -11.42 -52.91 58.04
CA ALA B 1069 -11.39 -51.83 59.02
C ALA B 1069 -10.09 -51.04 58.91
N ARG B 1070 -8.96 -51.74 58.79
CA ARG B 1070 -7.69 -51.06 58.58
C ARG B 1070 -7.69 -50.28 57.26
N GLN B 1071 -8.23 -50.89 56.20
CA GLN B 1071 -8.28 -50.20 54.91
C GLN B 1071 -9.16 -48.96 54.98
N ILE B 1072 -10.28 -49.04 55.71
CA ILE B 1072 -11.17 -47.88 55.85
C ILE B 1072 -10.51 -46.80 56.71
N GLU B 1073 -9.73 -47.19 57.72
CA GLU B 1073 -8.95 -46.20 58.46
C GLU B 1073 -8.01 -45.44 57.53
N GLN B 1074 -7.32 -46.17 56.65
CA GLN B 1074 -6.47 -45.52 55.65
C GLN B 1074 -7.28 -44.59 54.77
N GLU B 1075 -8.41 -45.07 54.23
CA GLU B 1075 -9.18 -44.27 53.29
C GLU B 1075 -9.70 -43.01 53.96
N GLU B 1076 -10.15 -43.12 55.21
CA GLU B 1076 -10.52 -41.94 55.96
C GLU B 1076 -9.33 -40.98 56.09
N ASP B 1077 -8.11 -41.51 56.24
CA ASP B 1077 -6.94 -40.63 56.30
C ASP B 1077 -6.72 -39.88 54.99
N GLN B 1078 -6.65 -40.58 53.85
CA GLN B 1078 -6.48 -39.83 52.59
C GLN B 1078 -7.64 -38.87 52.32
N ARG B 1079 -8.88 -39.23 52.70
CA ARG B 1079 -9.97 -38.29 52.51
C ARG B 1079 -9.86 -37.08 53.43
N ASN B 1080 -9.35 -37.27 54.65
CA ASN B 1080 -9.10 -36.17 55.57
C ASN B 1080 -7.90 -35.34 55.16
N LYS B 1081 -7.09 -35.83 54.21
CA LYS B 1081 -5.95 -35.06 53.71
C LYS B 1081 -6.39 -33.71 53.16
N LYS B 1082 -7.50 -33.67 52.40
CA LYS B 1082 -7.95 -32.44 51.78
C LYS B 1082 -9.42 -32.53 51.41
N ARG B 1083 -10.12 -31.40 51.52
CA ARG B 1083 -11.50 -31.26 51.05
C ARG B 1083 -11.49 -30.40 49.79
N ASP B 1084 -12.66 -30.13 49.19
CA ASP B 1084 -12.72 -29.27 48.01
C ASP B 1084 -12.75 -27.77 48.32
N PRO B 1085 -13.59 -27.28 49.26
CA PRO B 1085 -13.50 -25.85 49.59
C PRO B 1085 -12.31 -25.55 50.47
N ASN B 1086 -12.01 -26.46 51.39
CA ASN B 1086 -10.74 -26.45 52.08
C ASN B 1086 -9.59 -26.51 51.07
N ASP B 1087 -9.82 -27.16 49.93
CA ASP B 1087 -8.82 -27.11 48.86
C ASP B 1087 -8.60 -25.68 48.39
N LEU B 1088 -9.67 -24.93 48.15
CA LEU B 1088 -9.51 -23.55 47.71
C LEU B 1088 -8.76 -22.72 48.74
N ALA B 1089 -9.24 -22.76 49.99
CA ALA B 1089 -8.63 -21.93 51.04
C ALA B 1089 -7.18 -22.35 51.30
N GLY B 1090 -6.92 -23.65 51.38
CA GLY B 1090 -5.60 -24.18 51.62
C GLY B 1090 -4.64 -23.94 50.49
N ILE B 1091 -5.10 -24.04 49.23
CA ILE B 1091 -4.23 -23.67 48.12
C ILE B 1091 -3.87 -22.20 48.18
N ILE B 1092 -4.85 -21.34 48.49
CA ILE B 1092 -4.53 -19.91 48.61
C ILE B 1092 -3.46 -19.69 49.67
N ASP B 1093 -3.69 -20.23 50.87
CA ASP B 1093 -2.79 -19.95 51.99
C ASP B 1093 -1.43 -20.62 51.81
N ASP B 1094 -1.42 -21.89 51.40
CA ASP B 1094 -0.17 -22.61 51.19
C ASP B 1094 0.60 -22.05 50.01
N PHE B 1095 -0.12 -21.52 49.01
CA PHE B 1095 0.47 -20.84 47.88
C PHE B 1095 1.17 -19.56 48.32
N ILE B 1096 0.54 -18.83 49.24
CA ILE B 1096 1.20 -17.67 49.84
C ILE B 1096 2.43 -18.12 50.62
N GLU B 1097 2.30 -19.21 51.37
CA GLU B 1097 3.38 -19.67 52.24
C GLU B 1097 4.61 -20.11 51.46
N LYS B 1098 4.42 -20.88 50.38
CA LYS B 1098 5.53 -21.39 49.60
C LYS B 1098 6.30 -20.26 48.93
N GLY B 1099 5.59 -19.23 48.46
CA GLY B 1099 6.24 -18.12 47.80
C GLY B 1099 5.62 -17.78 46.46
N GLN B 1100 6.40 -17.93 45.39
CA GLN B 1100 6.02 -17.53 44.03
C GLN B 1100 5.14 -16.27 44.00
N PRO B 1101 5.68 -15.13 44.45
CA PRO B 1101 4.84 -13.91 44.52
C PRO B 1101 4.37 -13.40 43.17
N GLU B 1102 5.06 -13.75 42.08
CA GLU B 1102 4.72 -13.21 40.77
C GLU B 1102 3.32 -13.65 40.34
N ARG B 1103 2.96 -14.91 40.63
CA ARG B 1103 1.61 -15.37 40.34
C ARG B 1103 0.67 -15.11 41.51
N ALA B 1104 1.23 -14.69 42.65
CA ALA B 1104 0.39 -14.28 43.78
C ALA B 1104 -0.18 -12.88 43.56
N VAL B 1105 0.54 -12.04 42.83
CA VAL B 1105 0.10 -10.66 42.59
C VAL B 1105 -1.28 -10.58 41.94
N PRO B 1106 -1.60 -11.37 40.89
CA PRO B 1106 -2.97 -11.31 40.35
C PRO B 1106 -4.04 -11.67 41.37
N LEU B 1107 -3.76 -12.60 42.28
CA LEU B 1107 -4.74 -12.93 43.32
C LEU B 1107 -5.02 -11.74 44.21
N MET B 1108 -3.98 -11.00 44.59
CA MET B 1108 -4.18 -9.81 45.43
C MET B 1108 -4.85 -8.69 44.64
N ILE B 1109 -4.59 -8.60 43.34
CA ILE B 1109 -5.29 -7.63 42.50
C ILE B 1109 -6.78 -7.95 42.48
N LYS B 1110 -7.11 -9.22 42.34
CA LYS B 1110 -8.51 -9.66 42.41
C LYS B 1110 -9.13 -9.46 43.79
N ALA B 1111 -8.35 -9.55 44.85
CA ALA B 1111 -8.84 -9.39 46.21
C ALA B 1111 -8.74 -7.96 46.72
N LYS B 1112 -8.26 -7.03 45.90
CA LYS B 1112 -8.17 -5.60 46.20
C LYS B 1112 -7.19 -5.29 47.34
N GLN B 1113 -6.39 -6.28 47.78
CA GLN B 1113 -5.43 -6.06 48.85
C GLN B 1113 -4.18 -5.38 48.26
N PHE B 1114 -4.36 -4.11 47.92
CA PHE B 1114 -3.29 -3.35 47.28
C PHE B 1114 -2.09 -3.17 48.20
N GLU B 1115 -2.34 -2.90 49.48
CA GLU B 1115 -1.24 -2.72 50.42
C GLU B 1115 -0.41 -4.00 50.55
N ARG B 1116 -1.07 -5.15 50.63
CA ARG B 1116 -0.33 -6.41 50.69
C ARG B 1116 0.43 -6.68 49.40
N ALA B 1117 -0.16 -6.33 48.26
CA ALA B 1117 0.53 -6.51 46.98
C ALA B 1117 1.79 -5.65 46.92
N ILE B 1118 1.71 -4.39 47.37
CA ILE B 1118 2.88 -3.52 47.36
C ILE B 1118 3.93 -4.01 48.35
N GLU B 1119 3.48 -4.49 49.52
CA GLU B 1119 4.42 -5.04 50.49
C GLU B 1119 5.14 -6.25 49.92
N THR B 1120 4.43 -7.11 49.21
CA THR B 1120 5.06 -8.27 48.58
C THR B 1120 6.02 -7.85 47.48
N CYS B 1121 5.64 -6.85 46.69
CA CYS B 1121 6.51 -6.37 45.62
C CYS B 1121 7.81 -5.81 46.17
N ILE B 1122 7.73 -5.03 47.25
CA ILE B 1122 8.93 -4.52 47.90
C ILE B 1122 9.73 -5.66 48.51
N ARG B 1123 9.02 -6.65 49.07
CA ARG B 1123 9.68 -7.75 49.77
C ARG B 1123 10.54 -8.59 48.82
N PHE B 1124 10.03 -8.86 47.62
CA PHE B 1124 10.71 -9.75 46.67
C PHE B 1124 11.22 -9.00 45.44
N ASN B 1125 11.30 -7.66 45.51
CA ASN B 1125 11.81 -6.83 44.42
C ASN B 1125 11.05 -7.08 43.11
N ILE B 1126 9.74 -7.25 43.19
CA ILE B 1126 8.93 -7.46 41.99
C ILE B 1126 8.89 -6.16 41.19
N PRO B 1127 9.21 -6.20 39.88
CA PRO B 1127 9.14 -4.97 39.08
C PRO B 1127 7.71 -4.49 38.94
N ILE B 1128 7.50 -3.20 39.16
CA ILE B 1128 6.17 -2.58 39.10
C ILE B 1128 6.10 -1.83 37.78
N THR B 1129 5.35 -2.38 36.82
CA THR B 1129 5.15 -1.74 35.54
C THR B 1129 3.84 -0.96 35.54
N GLN B 1130 3.65 -0.16 34.47
CA GLN B 1130 2.49 0.73 34.40
C GLN B 1130 1.18 -0.04 34.40
N ASP B 1131 1.17 -1.25 33.82
CA ASP B 1131 -0.04 -2.06 33.86
C ASP B 1131 -0.43 -2.40 35.29
N LEU B 1132 0.55 -2.76 36.12
CA LEU B 1132 0.28 -2.98 37.53
C LEU B 1132 -0.18 -1.69 38.21
N VAL B 1133 0.42 -0.56 37.83
CA VAL B 1133 0.09 0.71 38.46
C VAL B 1133 -1.37 1.07 38.23
N ASP B 1134 -1.85 0.95 36.99
CA ASP B 1134 -3.23 1.31 36.71
C ASP B 1134 -4.20 0.16 36.94
N LYS B 1135 -3.72 -1.06 37.20
CA LYS B 1135 -4.59 -2.10 37.74
C LYS B 1135 -4.86 -1.85 39.22
N ILE B 1136 -3.83 -1.48 39.98
CA ILE B 1136 -4.02 -1.19 41.40
C ILE B 1136 -4.83 0.10 41.57
N ILE B 1137 -4.49 1.13 40.80
CA ILE B 1137 -5.15 2.44 40.90
C ILE B 1137 -6.09 2.57 39.70
N PRO B 1138 -7.41 2.55 39.89
CA PRO B 1138 -8.32 2.72 38.76
C PRO B 1138 -8.17 4.10 38.12
N THR B 1139 -8.35 4.13 36.80
CA THR B 1139 -8.25 5.40 36.08
C THR B 1139 -9.48 6.28 36.30
N GLU B 1140 -10.58 5.71 36.76
CA GLU B 1140 -11.78 6.49 37.02
C GLU B 1140 -11.55 7.42 38.22
N PRO B 1141 -12.16 8.60 38.22
CA PRO B 1141 -12.05 9.49 39.38
C PRO B 1141 -12.73 8.89 40.60
N ALA B 1142 -12.17 9.20 41.76
CA ALA B 1142 -12.70 8.66 43.01
C ALA B 1142 -14.03 9.31 43.36
N LYS B 1143 -15.03 8.49 43.66
CA LYS B 1143 -16.35 9.01 44.00
C LYS B 1143 -16.39 9.59 45.41
N ASN B 1144 -15.55 9.09 46.30
CA ASN B 1144 -15.55 9.50 47.70
C ASN B 1144 -14.20 10.10 48.08
N ALA B 1145 -14.22 10.96 49.10
CA ALA B 1145 -12.99 11.56 49.58
C ALA B 1145 -12.04 10.51 50.14
N ALA B 1146 -12.57 9.53 50.88
CA ALA B 1146 -11.74 8.45 51.39
C ALA B 1146 -11.13 7.63 50.26
N GLU B 1147 -11.90 7.42 49.18
CA GLU B 1147 -11.38 6.71 48.02
C GLU B 1147 -10.19 7.45 47.43
N GLU B 1148 -10.31 8.77 47.27
CA GLU B 1148 -9.20 9.56 46.73
C GLU B 1148 -8.01 9.57 47.67
N ASN B 1149 -8.25 9.63 48.99
CA ASN B 1149 -7.15 9.61 49.95
C ASN B 1149 -6.39 8.28 49.87
N LYS B 1150 -7.12 7.17 49.81
CA LYS B 1150 -6.47 5.87 49.68
C LYS B 1150 -5.73 5.75 48.34
N ARG B 1151 -6.32 6.28 47.27
CA ARG B 1151 -5.67 6.26 45.97
C ARG B 1151 -4.36 7.04 46.01
N LYS B 1152 -4.37 8.21 46.65
CA LYS B 1152 -3.16 9.02 46.75
C LYS B 1152 -2.11 8.33 47.61
N GLU B 1153 -2.52 7.69 48.71
CA GLU B 1153 -1.58 6.98 49.56
C GLU B 1153 -0.93 5.83 48.80
N LEU B 1154 -1.74 5.05 48.08
CA LEU B 1154 -1.19 3.95 47.28
C LEU B 1154 -0.27 4.47 46.19
N MET B 1155 -0.64 5.59 45.56
CA MET B 1155 0.15 6.15 44.47
C MET B 1155 1.50 6.65 44.97
N LYS B 1156 1.52 7.32 46.13
CA LYS B 1156 2.79 7.77 46.68
C LYS B 1156 3.63 6.60 47.19
N LEU B 1157 2.98 5.54 47.70
CA LEU B 1157 3.73 4.35 48.08
C LEU B 1157 4.37 3.69 46.86
N ILE B 1158 3.65 3.66 45.74
CA ILE B 1158 4.20 3.12 44.49
C ILE B 1158 5.35 3.99 44.02
N ALA B 1159 5.22 5.32 44.18
CA ALA B 1159 6.32 6.22 43.81
C ALA B 1159 7.56 5.95 44.66
N ASP B 1160 7.37 5.74 45.97
CA ASP B 1160 8.50 5.42 46.84
C ASP B 1160 9.13 4.09 46.46
N THR B 1161 8.29 3.10 46.11
CA THR B 1161 8.81 1.81 45.66
C THR B 1161 9.61 1.95 44.38
N SER B 1162 9.14 2.80 43.46
CA SER B 1162 9.87 3.05 42.23
C SER B 1162 11.20 3.74 42.51
N ILE B 1163 11.23 4.67 43.47
CA ILE B 1163 12.47 5.32 43.87
C ILE B 1163 13.45 4.28 44.41
N LYS B 1164 12.95 3.37 45.26
CA LYS B 1164 13.80 2.32 45.81
C LYS B 1164 14.32 1.39 44.71
N GLN B 1165 13.48 1.07 43.72
CA GLN B 1165 13.86 0.18 42.64
C GLN B 1165 14.54 0.89 41.49
N GLY B 1166 14.68 2.21 41.55
CA GLY B 1166 15.34 2.96 40.48
C GLY B 1166 14.44 3.38 39.34
N ASP B 1167 13.14 3.15 39.43
CA ASP B 1167 12.19 3.60 38.40
C ASP B 1167 11.87 5.07 38.63
N TYR B 1168 12.87 5.91 38.31
CA TYR B 1168 12.74 7.33 38.58
C TYR B 1168 11.70 8.01 37.70
N ARG B 1169 11.54 7.56 36.46
CA ARG B 1169 10.57 8.18 35.56
C ARG B 1169 9.15 8.00 36.06
N LEU B 1170 8.79 6.76 36.42
CA LEU B 1170 7.44 6.49 36.91
C LEU B 1170 7.16 7.24 38.21
N SER B 1171 8.14 7.23 39.13
CA SER B 1171 7.97 7.95 40.39
C SER B 1171 7.81 9.44 40.16
N SER B 1172 8.61 10.02 39.26
CA SER B 1172 8.50 11.44 38.96
C SER B 1172 7.14 11.77 38.35
N LYS B 1173 6.65 10.91 37.45
CA LYS B 1173 5.33 11.16 36.87
C LYS B 1173 4.24 11.07 37.93
N LEU B 1174 4.33 10.09 38.82
CA LEU B 1174 3.33 9.97 39.89
C LEU B 1174 3.36 11.18 40.81
N TYR B 1175 4.56 11.65 41.17
CA TYR B 1175 4.66 12.84 42.02
C TYR B 1175 4.14 14.07 41.31
N THR B 1176 4.39 14.20 40.01
CA THR B 1176 3.87 15.33 39.25
C THR B 1176 2.35 15.30 39.22
N LYS B 1177 1.75 14.13 38.99
CA LYS B 1177 0.29 14.03 39.00
C LYS B 1177 -0.27 14.24 40.39
N LEU B 1178 0.52 13.98 41.43
CA LEU B 1178 0.09 14.23 42.80
C LEU B 1178 0.35 15.66 43.25
N GLY B 1179 1.06 16.46 42.46
CA GLY B 1179 1.41 17.82 42.84
C GLY B 1179 2.70 17.95 43.61
N ASN B 1180 3.37 16.84 43.94
CA ASN B 1180 4.65 16.87 44.66
C ASN B 1180 5.76 17.08 43.63
N GLN B 1181 5.95 18.33 43.24
CA GLN B 1181 6.87 18.67 42.17
C GLN B 1181 8.34 18.57 42.58
N VAL B 1182 8.66 18.80 43.86
CA VAL B 1182 10.05 18.73 44.28
C VAL B 1182 10.57 17.30 44.20
N GLU B 1183 9.75 16.32 44.57
CA GLU B 1183 10.14 14.92 44.44
C GLU B 1183 10.31 14.55 42.97
N ALA B 1184 9.44 15.06 42.10
CA ALA B 1184 9.58 14.80 40.68
C ALA B 1184 10.88 15.39 40.14
N MET B 1185 11.24 16.60 40.58
CA MET B 1185 12.50 17.19 40.16
C MET B 1185 13.69 16.40 40.66
N LYS B 1186 13.64 15.91 41.90
CA LYS B 1186 14.72 15.08 42.41
C LYS B 1186 14.85 13.79 41.60
N CYS B 1187 13.72 13.15 41.27
CA CYS B 1187 13.76 11.93 40.48
C CYS B 1187 14.30 12.19 39.08
N LEU B 1188 13.90 13.31 38.46
CA LEU B 1188 14.36 13.62 37.12
C LEU B 1188 15.85 13.97 37.12
N ILE B 1189 16.33 14.62 38.18
CA ILE B 1189 17.77 14.88 38.31
C ILE B 1189 18.52 13.56 38.46
N ASN B 1190 17.98 12.63 39.24
CA ASN B 1190 18.56 11.30 39.34
C ASN B 1190 18.56 10.59 37.99
N LEU B 1191 17.56 10.88 37.15
CA LEU B 1191 17.51 10.27 35.82
C LEU B 1191 18.65 10.75 34.93
N GLY B 1192 19.05 12.01 35.07
CA GLY B 1192 20.16 12.53 34.30
C GLY B 1192 19.81 13.18 32.98
N ALA B 1193 18.53 13.48 32.76
CA ALA B 1193 18.07 14.13 31.54
C ALA B 1193 17.81 15.60 31.82
N ILE B 1194 18.05 16.45 30.82
CA ILE B 1194 18.06 17.90 31.02
C ILE B 1194 16.78 18.56 30.52
N ASP B 1195 16.32 18.16 29.33
CA ASP B 1195 15.27 18.91 28.65
C ASP B 1195 13.96 18.91 29.43
N GLU B 1196 13.56 17.75 29.95
CA GLU B 1196 12.29 17.69 30.69
C GLU B 1196 12.40 18.44 32.01
N VAL B 1197 13.58 18.42 32.64
CA VAL B 1197 13.78 19.18 33.87
C VAL B 1197 13.62 20.68 33.59
N VAL B 1198 14.25 21.15 32.53
CA VAL B 1198 14.14 22.57 32.17
C VAL B 1198 12.70 22.93 31.83
N ASN B 1199 12.02 22.06 31.09
CA ASN B 1199 10.64 22.34 30.71
C ASN B 1199 9.73 22.43 31.94
N TYR B 1200 9.82 21.45 32.84
CA TYR B 1200 8.94 21.48 34.00
C TYR B 1200 9.32 22.60 34.96
N ALA B 1201 10.59 23.01 34.97
CA ALA B 1201 10.96 24.21 35.71
C ALA B 1201 10.29 25.44 35.10
N THR B 1202 10.25 25.52 33.77
CA THR B 1202 9.64 26.69 33.12
C THR B 1202 8.14 26.75 33.37
N MET B 1203 7.44 25.61 33.24
CA MET B 1203 5.99 25.65 33.47
C MET B 1203 5.65 25.76 34.96
N ALA B 1204 6.39 25.07 35.83
CA ALA B 1204 6.07 25.08 37.26
C ALA B 1204 6.21 26.47 37.86
N ARG B 1205 7.27 27.20 37.47
CA ARG B 1205 7.50 28.57 37.91
C ARG B 1205 7.67 28.66 39.43
N MET B 1206 8.19 27.61 40.04
CA MET B 1206 8.50 27.62 41.46
C MET B 1206 9.95 28.05 41.66
N PRO B 1207 10.22 29.08 42.47
CA PRO B 1207 11.62 29.53 42.62
C PRO B 1207 12.55 28.44 43.14
N GLN B 1208 12.07 27.56 44.03
CA GLN B 1208 12.90 26.47 44.51
C GLN B 1208 13.26 25.51 43.38
N LEU B 1209 12.29 25.19 42.52
CA LEU B 1209 12.59 24.36 41.36
C LEU B 1209 13.51 25.08 40.39
N TYR B 1210 13.38 26.41 40.28
CA TYR B 1210 14.32 27.19 39.46
C TYR B 1210 15.73 27.05 39.99
N ILE B 1211 15.90 27.15 41.30
CA ILE B 1211 17.24 27.02 41.90
C ILE B 1211 17.78 25.62 41.68
N LEU B 1212 16.93 24.60 41.85
CA LEU B 1212 17.38 23.22 41.65
C LEU B 1212 17.81 22.99 40.21
N ALA B 1213 17.03 23.48 39.24
CA ALA B 1213 17.39 23.33 37.84
C ALA B 1213 18.68 24.10 37.52
N GLY B 1214 18.83 25.29 38.09
CA GLY B 1214 20.05 26.05 37.86
C GLY B 1214 21.28 25.33 38.40
N ASN B 1215 21.17 24.76 39.60
CA ASN B 1215 22.29 24.00 40.15
C ASN B 1215 22.59 22.76 39.31
N PHE B 1216 21.55 22.07 38.85
CA PHE B 1216 21.77 20.88 38.03
C PHE B 1216 22.46 21.25 36.72
N LEU B 1217 22.05 22.36 36.10
CA LEU B 1217 22.72 22.80 34.88
C LEU B 1217 24.14 23.29 35.16
N GLN B 1218 24.37 23.86 36.34
CA GLN B 1218 25.73 24.23 36.73
C GLN B 1218 26.62 23.00 36.85
N THR B 1219 26.07 21.89 37.34
CA THR B 1219 26.83 20.65 37.38
C THR B 1219 27.20 20.18 35.97
N THR B 1220 26.30 20.33 35.00
CA THR B 1220 26.53 19.88 33.64
C THR B 1220 27.49 20.82 32.91
N ASP B 1221 27.68 20.55 31.62
CA ASP B 1221 28.61 21.33 30.78
C ASP B 1221 27.90 22.55 30.21
N TRP B 1222 27.76 23.57 31.06
CA TRP B 1222 27.15 24.82 30.63
C TRP B 1222 28.11 25.68 29.80
N HIS B 1223 29.39 25.35 29.79
CA HIS B 1223 30.38 26.21 29.15
C HIS B 1223 30.21 26.23 27.64
N LYS B 1224 30.08 25.06 27.02
CA LYS B 1224 30.00 24.96 25.57
C LYS B 1224 28.60 25.20 25.02
N ASN B 1225 27.58 25.25 25.88
CA ASN B 1225 26.21 25.47 25.43
C ASN B 1225 25.71 26.82 25.93
N PRO B 1226 25.59 27.83 25.07
CA PRO B 1226 25.05 29.12 25.52
C PRO B 1226 23.63 29.01 26.06
N GLN B 1227 22.84 28.06 25.55
CA GLN B 1227 21.47 27.90 26.03
C GLN B 1227 21.44 27.51 27.50
N LEU B 1228 22.39 26.68 27.93
CA LEU B 1228 22.43 26.25 29.33
C LEU B 1228 22.68 27.44 30.25
N MET B 1229 23.66 28.29 29.92
CA MET B 1229 23.92 29.45 30.77
C MET B 1229 22.78 30.47 30.67
N LYS B 1230 22.13 30.58 29.51
CA LYS B 1230 20.96 31.45 29.40
C LYS B 1230 19.85 30.98 30.33
N HIS B 1231 19.60 29.67 30.35
CA HIS B 1231 18.58 29.12 31.24
C HIS B 1231 18.97 29.29 32.70
N ILE B 1232 20.26 29.14 33.03
CA ILE B 1232 20.70 29.35 34.40
C ILE B 1232 20.45 30.78 34.82
N ILE B 1233 20.80 31.75 33.96
CA ILE B 1233 20.58 33.15 34.28
C ILE B 1233 19.09 33.45 34.43
N THR B 1234 18.27 32.90 33.53
CA THR B 1234 16.83 33.13 33.62
C THR B 1234 16.25 32.54 34.91
N PHE B 1235 16.69 31.34 35.28
CA PHE B 1235 16.19 30.70 36.50
C PHE B 1235 16.61 31.50 37.73
N TYR B 1236 17.85 31.98 37.76
CA TYR B 1236 18.29 32.74 38.93
C TYR B 1236 17.66 34.12 38.98
N ASN B 1237 17.26 34.67 37.82
CA ASN B 1237 16.53 35.93 37.83
C ASN B 1237 15.10 35.73 38.33
N LYS B 1238 14.44 34.66 37.86
CA LYS B 1238 13.07 34.39 38.29
C LYS B 1238 13.01 34.04 39.77
N ALA B 1239 13.97 33.25 40.27
CA ALA B 1239 14.01 32.85 41.67
C ALA B 1239 14.72 33.86 42.55
N LYS B 1240 15.32 34.90 41.98
CA LYS B 1240 16.03 35.93 42.73
C LYS B 1240 17.16 35.36 43.58
N ALA B 1241 17.79 34.29 43.10
CA ALA B 1241 18.94 33.68 43.78
C ALA B 1241 20.20 34.46 43.39
N TYR B 1242 20.31 35.66 43.96
CA TYR B 1242 21.41 36.55 43.62
C TYR B 1242 22.76 35.96 44.03
N ASP B 1243 22.83 35.34 45.21
CA ASP B 1243 24.07 34.71 45.64
C ASP B 1243 24.46 33.57 44.71
N ASN B 1244 23.48 32.75 44.32
CA ASN B 1244 23.77 31.64 43.41
C ASN B 1244 24.25 32.14 42.05
N LEU B 1245 23.64 33.21 41.54
CA LEU B 1245 24.06 33.75 40.26
C LEU B 1245 25.46 34.38 40.36
N ALA B 1246 25.74 35.04 41.48
CA ALA B 1246 27.08 35.58 41.68
C ALA B 1246 28.13 34.48 41.74
N GLY B 1247 27.81 33.38 42.43
CA GLY B 1247 28.72 32.24 42.45
C GLY B 1247 28.90 31.61 41.09
N PHE B 1248 27.82 31.55 40.31
CA PHE B 1248 27.91 31.03 38.95
C PHE B 1248 28.82 31.90 38.09
N PHE B 1249 28.68 33.22 38.19
CA PHE B 1249 29.54 34.11 37.42
C PHE B 1249 30.99 34.02 37.88
N ASP B 1250 31.20 33.86 39.19
CA ASP B 1250 32.56 33.68 39.70
C ASP B 1250 33.18 32.40 39.16
N ALA B 1251 32.40 31.30 39.13
CA ALA B 1251 32.90 30.05 38.57
C ALA B 1251 33.19 30.19 37.08
N CYS B 1252 32.34 30.90 36.36
CA CYS B 1252 32.60 31.16 34.94
C CYS B 1252 33.91 31.90 34.75
N SER B 1253 34.12 32.96 35.52
CA SER B 1253 35.36 33.73 35.41
C SER B 1253 36.58 32.90 35.78
N SER B 1254 36.45 32.07 36.82
CA SER B 1254 37.55 31.20 37.23
C SER B 1254 37.91 30.21 36.13
N VAL B 1255 36.90 29.60 35.49
CA VAL B 1255 37.17 28.67 34.41
C VAL B 1255 37.82 29.40 33.23
N GLU B 1256 37.32 30.60 32.91
CA GLU B 1256 37.90 31.38 31.82
C GLU B 1256 39.37 31.67 32.09
N ILE B 1257 39.70 32.11 33.31
CA ILE B 1257 41.09 32.37 33.66
C ILE B 1257 41.91 31.09 33.57
N ASP B 1258 41.36 29.99 34.07
CA ASP B 1258 42.11 28.74 34.13
C ASP B 1258 42.48 28.23 32.75
N GLU B 1259 41.52 28.22 31.81
CA GLU B 1259 41.76 27.45 30.59
C GLU B 1259 41.59 28.23 29.29
N TYR B 1260 41.24 29.52 29.33
CA TYR B 1260 41.38 30.38 28.16
C TYR B 1260 42.30 31.58 28.36
N ARG B 1261 42.56 31.98 29.61
CA ARG B 1261 43.43 33.12 29.91
C ARG B 1261 42.91 34.42 29.33
N ASP B 1262 41.58 34.56 29.26
CA ASP B 1262 40.95 35.79 28.79
C ASP B 1262 40.55 36.59 30.03
N TYR B 1263 41.47 37.46 30.47
CA TYR B 1263 41.27 38.19 31.71
C TYR B 1263 40.25 39.31 31.58
N GLU B 1264 40.02 39.82 30.37
CA GLU B 1264 39.00 40.85 30.19
C GLU B 1264 37.59 40.29 30.36
N LYS B 1265 37.33 39.12 29.77
CA LYS B 1265 36.04 38.46 29.96
C LYS B 1265 35.87 38.06 31.42
N ALA B 1266 36.95 37.62 32.07
CA ALA B 1266 36.89 37.30 33.49
C ALA B 1266 36.55 38.54 34.32
N ALA B 1267 37.14 39.69 33.96
CA ALA B 1267 36.83 40.93 34.66
C ALA B 1267 35.37 41.32 34.46
N ALA B 1268 34.85 41.15 33.25
CA ALA B 1268 33.43 41.42 33.01
C ALA B 1268 32.52 40.50 33.82
N ALA B 1269 32.87 39.21 33.88
CA ALA B 1269 32.10 38.28 34.69
C ALA B 1269 32.16 38.63 36.17
N LEU B 1270 33.34 39.05 36.65
CA LEU B 1270 33.46 39.46 38.04
C LEU B 1270 32.64 40.72 38.32
N ASN B 1271 32.59 41.65 37.35
CA ASN B 1271 31.74 42.83 37.51
C ASN B 1271 30.27 42.43 37.60
N GLU B 1272 29.83 41.49 36.75
CA GLU B 1272 28.45 41.03 36.82
C GLU B 1272 28.16 40.34 38.15
N ALA B 1273 29.10 39.53 38.63
CA ALA B 1273 28.93 38.87 39.92
C ALA B 1273 28.86 39.87 41.05
N LEU B 1274 29.70 40.91 41.01
CA LEU B 1274 29.66 41.96 42.03
C LEU B 1274 28.33 42.70 42.00
N LYS B 1275 27.82 43.00 40.81
CA LYS B 1275 26.52 43.67 40.70
C LYS B 1275 25.41 42.81 41.29
N HIS B 1276 25.39 41.51 40.94
CA HIS B 1276 24.34 40.64 41.45
C HIS B 1276 24.48 40.39 42.95
N ALA B 1277 25.71 40.38 43.48
CA ALA B 1277 25.89 40.30 44.92
C ALA B 1277 25.41 41.57 45.61
N LYS B 1278 25.67 42.73 45.00
CA LYS B 1278 25.13 43.99 45.50
C LYS B 1278 23.60 44.02 45.42
N LYS B 1279 23.00 43.21 44.56
CA LYS B 1279 21.55 43.04 44.56
C LYS B 1279 21.06 41.98 45.55
N SER B 1280 21.98 41.28 46.22
CA SER B 1280 21.59 40.23 47.15
C SER B 1280 21.27 40.81 48.52
N THR B 1281 20.80 39.94 49.42
CA THR B 1281 20.40 40.35 50.77
C THR B 1281 20.92 39.39 51.84
N SER B 1282 21.93 38.58 51.53
CA SER B 1282 22.45 37.63 52.50
C SER B 1282 23.31 38.32 53.55
N GLU B 1283 23.54 37.61 54.65
CA GLU B 1283 24.33 38.18 55.75
C GLU B 1283 25.81 38.26 55.38
N SER B 1284 26.30 37.31 54.58
CA SER B 1284 27.68 37.31 54.12
C SER B 1284 27.85 38.04 52.79
N ARG B 1285 26.78 38.64 52.27
CA ARG B 1285 26.83 39.29 50.96
C ARG B 1285 27.97 40.28 50.87
N ASP B 1286 28.07 41.20 51.83
CA ASP B 1286 29.17 42.16 51.82
C ASP B 1286 30.51 41.45 51.78
N PHE B 1287 30.69 40.42 52.62
CA PHE B 1287 31.90 39.62 52.54
C PHE B 1287 32.11 39.09 51.13
N ARG B 1288 31.10 38.41 50.58
CA ARG B 1288 31.21 37.96 49.20
C ARG B 1288 31.61 39.12 48.30
N ILE B 1289 30.92 40.25 48.44
CA ILE B 1289 31.21 41.40 47.60
C ILE B 1289 32.69 41.75 47.67
N GLU B 1290 33.22 41.90 48.90
CA GLU B 1290 34.60 42.34 48.99
C GLU B 1290 35.52 41.29 48.36
N GLN B 1291 35.24 40.01 48.61
CA GLN B 1291 36.05 38.98 47.97
C GLN B 1291 36.05 39.20 46.46
N LEU B 1292 34.86 39.32 45.87
CA LEU B 1292 34.77 39.54 44.43
C LEU B 1292 35.61 40.74 44.04
N GLU B 1293 35.40 41.88 44.70
CA GLU B 1293 36.09 43.08 44.24
C GLU B 1293 37.60 42.89 44.34
N THR B 1294 38.07 42.24 45.42
CA THR B 1294 39.51 42.02 45.53
C THR B 1294 40.01 41.27 44.30
N LYS B 1295 39.38 40.14 44.00
CA LYS B 1295 39.75 39.40 42.80
C LYS B 1295 39.67 40.31 41.58
N LEU B 1296 38.52 40.98 41.43
CA LEU B 1296 38.36 41.88 40.29
C LEU B 1296 39.51 42.87 40.23
N ASN B 1297 39.83 43.51 41.35
CA ASN B 1297 40.91 44.49 41.35
C ASN B 1297 42.18 43.87 40.81
N LEU B 1298 42.58 42.72 41.36
CA LEU B 1298 43.79 42.08 40.88
C LEU B 1298 43.70 41.80 39.39
N VAL B 1299 42.57 41.22 38.95
CA VAL B 1299 42.40 40.94 37.54
C VAL B 1299 42.56 42.23 36.73
N GLN B 1300 41.89 43.29 37.18
CA GLN B 1300 41.98 44.55 36.45
C GLN B 1300 43.43 45.01 36.36
N LYS B 1301 44.18 44.90 37.45
CA LYS B 1301 45.58 45.29 37.42
C LYS B 1301 46.32 44.51 36.35
N PHE B 1302 46.13 43.19 36.31
CA PHE B 1302 46.76 42.40 35.26
C PHE B 1302 46.29 42.85 33.89
N VAL B 1303 44.99 43.12 33.76
CA VAL B 1303 44.47 43.61 32.49
C VAL B 1303 45.16 44.90 32.10
N GLN B 1304 45.44 45.77 33.08
CA GLN B 1304 46.20 46.97 32.80
C GLN B 1304 47.52 46.64 32.14
N ALA B 1305 48.27 45.70 32.74
CA ALA B 1305 49.54 45.28 32.15
C ALA B 1305 49.32 44.73 30.75
N ARG B 1306 48.20 44.02 30.53
CA ARG B 1306 47.94 43.45 29.22
C ARG B 1306 47.81 44.53 28.16
N ALA B 1307 47.29 45.70 28.55
CA ALA B 1307 47.30 46.83 27.62
C ALA B 1307 48.69 47.45 27.52
N LEU B 1308 49.42 47.51 28.64
CA LEU B 1308 50.72 48.17 28.66
C LEU B 1308 51.73 47.49 27.77
N PHE B 1309 51.36 46.37 27.13
CA PHE B 1309 52.22 45.75 26.13
C PHE B 1309 52.39 46.65 24.92
N SER B 1310 51.71 47.80 24.90
CA SER B 1310 51.94 48.77 23.84
C SER B 1310 52.83 49.93 24.28
N SER B 1311 52.87 50.28 25.57
CA SER B 1311 53.42 51.56 25.99
C SER B 1311 54.67 51.47 26.85
N ASP B 1312 54.63 50.79 27.99
CA ASP B 1312 55.59 51.08 29.08
C ASP B 1312 56.31 49.85 29.61
N PRO B 1313 57.65 49.80 29.52
CA PRO B 1313 58.38 48.68 30.16
C PRO B 1313 58.53 48.81 31.67
N GLN B 1314 58.83 50.02 32.17
CA GLN B 1314 58.99 50.19 33.61
C GLN B 1314 57.69 49.88 34.34
N GLN B 1315 56.56 50.20 33.71
CA GLN B 1315 55.27 49.87 34.31
C GLN B 1315 55.04 48.35 34.29
N MET B 1316 55.48 47.66 33.24
CA MET B 1316 55.60 46.20 33.30
C MET B 1316 56.30 45.75 34.56
N LYS B 1317 57.55 46.18 34.75
CA LYS B 1317 58.29 45.67 35.90
C LYS B 1317 57.59 45.99 37.22
N GLN B 1318 57.14 47.23 37.38
CA GLN B 1318 56.53 47.63 38.65
C GLN B 1318 55.24 46.85 38.92
N ILE B 1319 54.31 46.84 37.97
CA ILE B 1319 53.02 46.22 38.19
C ILE B 1319 53.16 44.71 38.31
N CYS B 1320 54.01 44.09 37.47
CA CYS B 1320 54.19 42.65 37.54
C CYS B 1320 54.80 42.23 38.87
N GLU B 1321 55.81 42.98 39.35
CA GLU B 1321 56.39 42.64 40.65
C GLU B 1321 55.40 42.86 41.78
N ASP B 1322 54.59 43.93 41.69
CA ASP B 1322 53.58 44.16 42.72
C ASP B 1322 52.56 43.04 42.77
N LEU B 1323 52.11 42.58 41.60
CA LEU B 1323 51.14 41.50 41.55
C LEU B 1323 51.74 40.18 42.02
N LEU B 1324 53.00 39.92 41.66
CA LEU B 1324 53.65 38.68 42.09
C LEU B 1324 53.86 38.67 43.59
N ALA B 1325 54.21 39.82 44.18
CA ALA B 1325 54.48 39.89 45.62
C ALA B 1325 53.21 39.74 46.45
N GLN B 1326 52.03 39.87 45.87
CA GLN B 1326 50.80 39.75 46.63
C GLN B 1326 50.56 38.29 47.01
N PRO B 1327 50.43 37.97 48.29
CA PRO B 1327 50.12 36.59 48.67
C PRO B 1327 48.72 36.19 48.23
N GLY B 1328 48.57 34.90 47.91
CA GLY B 1328 47.30 34.41 47.44
C GLY B 1328 46.87 34.94 46.09
N ILE B 1329 47.82 35.38 45.26
CA ILE B 1329 47.48 35.92 43.95
C ILE B 1329 46.91 34.83 43.05
N ASP B 1330 47.39 33.59 43.18
CA ASP B 1330 46.92 32.51 42.33
C ASP B 1330 45.43 32.27 42.49
N GLN B 1331 44.86 32.64 43.64
CA GLN B 1331 43.42 32.55 43.82
C GLN B 1331 42.66 33.49 42.88
N SER B 1332 43.31 34.54 42.41
CA SER B 1332 42.70 35.49 41.47
C SER B 1332 43.39 35.45 40.11
N VAL B 1333 44.70 35.66 40.06
CA VAL B 1333 45.46 35.64 38.81
C VAL B 1333 46.64 34.71 39.00
N ARG B 1334 46.76 33.72 38.13
CA ARG B 1334 47.85 32.74 38.22
C ARG B 1334 49.19 33.44 38.01
N SER B 1335 50.11 33.26 38.96
CA SER B 1335 51.44 33.85 38.85
C SER B 1335 52.24 33.25 37.70
N GLY B 1336 51.89 32.03 37.27
CA GLY B 1336 52.58 31.43 36.14
C GLY B 1336 52.42 32.25 34.87
N ASP B 1337 51.22 32.78 34.64
CA ASP B 1337 51.00 33.64 33.48
C ASP B 1337 51.82 34.91 33.57
N ILE B 1338 51.91 35.50 34.76
CA ILE B 1338 52.68 36.72 34.95
C ILE B 1338 54.15 36.46 34.65
N TYR B 1339 54.70 35.37 35.19
CA TYR B 1339 56.10 35.04 34.92
C TYR B 1339 56.32 34.72 33.45
N ALA B 1340 55.38 34.02 32.82
CA ALA B 1340 55.51 33.70 31.41
C ALA B 1340 55.52 34.95 30.54
N GLN B 1341 54.64 35.91 30.84
CA GLN B 1341 54.64 37.15 30.07
C GLN B 1341 55.86 38.00 30.34
N ILE B 1342 56.39 37.98 31.57
CA ILE B 1342 57.66 38.65 31.84
C ILE B 1342 58.78 38.04 30.98
N ILE B 1343 58.84 36.72 30.94
CA ILE B 1343 59.89 36.04 30.18
C ILE B 1343 59.74 36.31 28.69
N GLU B 1344 58.50 36.29 28.19
CA GLU B 1344 58.26 36.56 26.79
C GLU B 1344 58.65 37.99 26.42
N TYR B 1345 58.33 38.96 27.28
CA TYR B 1345 58.74 40.34 27.02
C TYR B 1345 60.25 40.46 27.03
N TYR B 1346 60.94 39.79 27.97
CA TYR B 1346 62.39 39.86 28.02
C TYR B 1346 63.02 39.23 26.77
N TYR B 1347 62.42 38.15 26.26
CA TYR B 1347 62.88 37.60 24.99
C TYR B 1347 62.66 38.58 23.85
N GLN B 1348 61.54 39.31 23.89
CA GLN B 1348 61.30 40.33 22.88
C GLN B 1348 62.39 41.39 22.91
N VAL B 1349 62.80 41.81 24.12
CA VAL B 1349 63.95 42.67 24.27
C VAL B 1349 65.26 41.92 24.01
N LYS B 1350 65.22 40.59 24.00
CA LYS B 1350 66.36 39.72 23.79
C LYS B 1350 67.40 39.83 24.91
N ASN B 1351 66.97 40.20 26.12
CA ASN B 1351 67.84 40.18 27.29
C ASN B 1351 67.77 38.79 27.90
N PHE B 1352 68.60 37.88 27.36
CA PHE B 1352 68.55 36.48 27.77
C PHE B 1352 68.96 36.29 29.22
N SER B 1353 69.82 37.16 29.75
CA SER B 1353 70.24 37.03 31.14
C SER B 1353 69.07 37.22 32.10
N GLN B 1354 68.34 38.33 31.96
CA GLN B 1354 67.18 38.55 32.82
C GLN B 1354 66.04 37.59 32.50
N ALA B 1355 65.91 37.20 31.22
CA ALA B 1355 64.91 36.21 30.85
C ALA B 1355 65.15 34.89 31.57
N PHE B 1356 66.40 34.44 31.60
CA PHE B 1356 66.73 33.21 32.31
C PHE B 1356 66.65 33.37 33.82
N ASP B 1357 66.95 34.57 34.35
CA ASP B 1357 66.76 34.81 35.77
C ASP B 1357 65.29 34.67 36.16
N TYR B 1358 64.39 35.26 35.36
CA TYR B 1358 62.97 35.11 35.64
C TYR B 1358 62.49 33.69 35.38
N ILE B 1359 63.11 32.98 34.43
CA ILE B 1359 62.80 31.57 34.23
C ILE B 1359 63.14 30.78 35.50
N LYS B 1360 64.30 31.04 36.08
CA LYS B 1360 64.67 30.40 37.33
C LYS B 1360 63.69 30.73 38.44
N LYS B 1361 63.36 32.02 38.59
CA LYS B 1361 62.42 32.43 39.62
C LYS B 1361 61.07 31.74 39.46
N MET B 1362 60.60 31.62 38.21
CA MET B 1362 59.37 30.90 37.95
C MET B 1362 59.54 29.41 38.23
N GLN B 1363 60.77 28.90 38.13
CA GLN B 1363 61.03 27.49 38.42
C GLN B 1363 60.93 27.19 39.91
N GLN B 1364 61.56 28.02 40.76
CA GLN B 1364 61.57 27.69 42.18
C GLN B 1364 60.18 27.77 42.82
N LYS B 1365 59.19 28.33 42.14
CA LYS B 1365 57.84 28.34 42.67
C LYS B 1365 57.12 27.02 42.48
N ARG B 1366 57.82 26.00 41.95
CA ARG B 1366 57.29 24.64 41.82
C ARG B 1366 56.01 24.58 40.98
N ILE B 1367 56.00 25.33 39.89
CA ILE B 1367 54.94 25.25 38.88
C ILE B 1367 55.59 24.89 37.55
N ILE B 1368 54.91 24.04 36.77
CA ILE B 1368 55.49 23.56 35.52
C ILE B 1368 55.57 24.69 34.51
N LEU B 1369 56.70 24.77 33.81
CA LEU B 1369 56.91 25.85 32.85
C LEU B 1369 56.11 25.63 31.57
N ALA B 1370 55.85 24.37 31.21
CA ALA B 1370 55.23 24.06 29.92
C ALA B 1370 53.86 24.69 29.75
N PRO B 1371 52.92 24.61 30.71
CA PRO B 1371 51.59 25.21 30.47
C PRO B 1371 51.63 26.69 30.13
N TYR B 1372 52.51 27.45 30.77
CA TYR B 1372 52.51 28.91 30.61
C TYR B 1372 53.47 29.39 29.55
N LEU B 1373 54.52 28.63 29.24
CA LEU B 1373 55.58 29.07 28.36
C LEU B 1373 55.67 28.18 27.13
N ASP B 1374 55.89 28.80 25.97
CA ASP B 1374 56.11 28.05 24.74
C ASP B 1374 57.45 27.32 24.80
N GLN B 1375 57.44 26.09 24.27
CA GLN B 1375 58.65 25.25 24.34
C GLN B 1375 59.77 25.83 23.49
N GLU B 1376 59.44 26.37 22.33
CA GLU B 1376 60.46 26.91 21.44
C GLU B 1376 61.10 28.16 22.05
N MET B 1377 60.29 28.99 22.70
CA MET B 1377 60.79 30.11 23.49
C MET B 1377 61.84 29.65 24.50
N LEU B 1378 61.48 28.65 25.31
CA LEU B 1378 62.36 28.19 26.38
C LEU B 1378 63.63 27.58 25.82
N GLN B 1379 63.52 26.80 24.74
CA GLN B 1379 64.70 26.15 24.21
C GLN B 1379 65.66 27.16 23.60
N GLN B 1380 65.13 28.20 22.92
CA GLN B 1380 66.04 29.25 22.45
C GLN B 1380 66.71 29.97 23.60
N ILE B 1381 65.96 30.30 24.65
CA ILE B 1381 66.54 31.02 25.77
C ILE B 1381 67.62 30.19 26.43
N LEU B 1382 67.39 28.88 26.57
CA LEU B 1382 68.37 28.02 27.22
C LEU B 1382 69.57 27.75 26.32
N GLU B 1383 69.36 27.71 24.99
CA GLU B 1383 70.48 27.59 24.07
C GLU B 1383 71.37 28.82 24.13
N SER B 1384 70.75 30.00 24.35
CA SER B 1384 71.53 31.22 24.51
C SER B 1384 72.48 31.11 25.71
N GLN B 1385 71.98 30.54 26.81
CA GLN B 1385 72.84 30.32 27.97
C GLN B 1385 73.84 29.20 27.71
N GLY B 1386 73.45 28.20 26.92
CA GLY B 1386 74.33 27.10 26.59
C GLY B 1386 74.24 25.94 27.56
N VAL B 1387 73.03 25.41 27.77
CA VAL B 1387 72.82 24.27 28.63
C VAL B 1387 71.65 23.45 28.09
N SER B 1388 71.75 22.12 28.20
CA SER B 1388 70.70 21.24 27.70
C SER B 1388 69.42 21.42 28.51
N LEU B 1389 68.30 21.54 27.81
CA LEU B 1389 67.01 21.75 28.48
C LEU B 1389 66.47 20.46 29.09
N ASN B 1390 66.76 19.31 28.46
CA ASN B 1390 66.23 18.05 28.96
C ASN B 1390 66.78 17.71 30.34
N SER B 1391 68.09 17.89 30.52
CA SER B 1391 68.70 17.60 31.82
C SER B 1391 68.15 18.53 32.90
N LYS B 1392 67.97 19.82 32.56
CA LYS B 1392 67.43 20.77 33.52
C LYS B 1392 65.99 20.41 33.89
N ASN B 1393 65.20 19.99 32.91
CA ASN B 1393 63.81 19.60 33.18
C ASN B 1393 63.77 18.36 34.07
N LYS B 1394 64.64 17.39 33.80
CA LYS B 1394 64.70 16.19 34.64
C LYS B 1394 65.11 16.55 36.07
N ASN B 1395 66.10 17.44 36.21
CA ASN B 1395 66.52 17.88 37.53
C ASN B 1395 65.40 18.60 38.26
N ASN B 1396 64.64 19.43 37.53
CA ASN B 1396 63.51 20.14 38.15
C ASN B 1396 62.44 19.16 38.61
N ASP B 1397 62.14 18.15 37.81
CA ASP B 1397 61.15 17.14 38.20
C ASP B 1397 61.63 16.38 39.44
N ASP B 1398 62.91 16.00 39.45
CA ASP B 1398 63.46 15.29 40.60
C ASP B 1398 63.42 16.17 41.86
N GLU B 1399 63.70 17.46 41.70
CA GLU B 1399 63.63 18.38 42.83
C GLU B 1399 62.20 18.53 43.33
N PHE B 1400 61.23 18.56 42.42
CA PHE B 1400 59.83 18.63 42.82
C PHE B 1400 59.44 17.38 43.62
N ILE B 1401 59.86 16.21 43.14
CA ILE B 1401 59.58 14.97 43.88
C ILE B 1401 60.26 14.97 45.25
N GLU B 1402 61.52 15.41 45.31
CA GLU B 1402 62.25 15.45 46.58
C GLU B 1402 61.71 16.50 47.54
N GLU B 1403 61.07 17.55 47.03
CA GLU B 1403 60.35 18.50 47.87
C GLU B 1403 59.01 17.99 48.34
N ASP B 1404 58.34 17.16 47.52
CA ASP B 1404 57.12 16.50 47.94
C ASP B 1404 57.35 15.42 48.97
N VAL B 1405 58.50 14.76 48.96
CA VAL B 1405 58.80 13.65 49.87
C VAL B 1405 58.62 14.04 51.33
N PRO B 1406 59.21 15.16 51.83
CA PRO B 1406 59.04 15.46 53.26
C PRO B 1406 57.68 16.04 53.60
N GLU B 1407 57.03 16.67 52.62
CA GLU B 1407 55.72 17.28 52.84
C GLU B 1407 54.65 16.21 53.05
N MET C 1 -18.89 -52.82 -51.64
CA MET C 1 -19.74 -52.58 -52.80
C MET C 1 -20.53 -53.83 -53.19
N ALA C 2 -21.82 -53.82 -52.87
CA ALA C 2 -22.70 -54.94 -53.20
C ALA C 2 -23.14 -54.80 -54.66
N SER C 3 -22.64 -55.70 -55.50
CA SER C 3 -23.01 -55.67 -56.91
C SER C 3 -24.46 -56.09 -57.11
N SER C 4 -24.99 -55.77 -58.29
CA SER C 4 -26.36 -56.12 -58.64
C SER C 4 -26.56 -57.63 -58.63
N LYS C 5 -27.33 -58.13 -57.67
CA LYS C 5 -27.54 -59.56 -57.52
C LYS C 5 -28.71 -60.01 -58.39
N LYS C 6 -28.46 -60.97 -59.27
CA LYS C 6 -29.52 -61.54 -60.10
C LYS C 6 -30.36 -62.49 -59.27
N VAL C 7 -31.32 -61.93 -58.52
CA VAL C 7 -32.07 -62.74 -57.55
C VAL C 7 -32.90 -63.79 -58.26
N PHE C 8 -33.67 -63.39 -59.27
CA PHE C 8 -34.54 -64.31 -59.99
C PHE C 8 -34.47 -64.05 -61.49
N GLU C 9 -34.41 -65.14 -62.26
CA GLU C 9 -34.37 -65.08 -63.71
C GLU C 9 -35.45 -66.00 -64.27
N PHE C 10 -36.29 -65.46 -65.14
CA PHE C 10 -37.34 -66.22 -65.79
C PHE C 10 -37.20 -66.05 -67.29
N LYS C 11 -37.42 -67.13 -68.03
CA LYS C 11 -37.24 -67.14 -69.47
C LYS C 11 -38.60 -67.20 -70.18
N ASP C 12 -38.56 -67.38 -71.49
CA ASP C 12 -39.78 -67.42 -72.30
C ASP C 12 -40.61 -68.67 -72.04
N ASP C 13 -40.10 -69.56 -71.19
CA ASP C 13 -40.84 -70.77 -70.86
C ASP C 13 -42.15 -70.43 -70.15
N LEU C 14 -42.17 -69.35 -69.37
CA LEU C 14 -43.36 -68.95 -68.63
C LEU C 14 -43.86 -67.56 -68.99
N ASN C 15 -43.13 -66.79 -69.80
CA ASN C 15 -43.53 -65.44 -70.16
C ASN C 15 -43.95 -65.28 -71.61
N GLY C 16 -43.22 -65.86 -72.55
CA GLY C 16 -43.54 -65.71 -73.96
C GLY C 16 -42.70 -64.63 -74.63
N SER C 17 -42.12 -64.96 -75.78
CA SER C 17 -41.17 -64.06 -76.47
C SER C 17 -41.93 -62.89 -77.06
N GLY C 18 -41.52 -61.67 -76.70
CA GLY C 18 -42.15 -60.46 -77.19
C GLY C 18 -42.05 -59.36 -76.15
N LYS C 19 -42.92 -58.37 -76.31
CA LYS C 19 -42.95 -57.24 -75.39
C LYS C 19 -43.75 -57.60 -74.15
N VAL C 20 -43.06 -57.79 -73.04
CA VAL C 20 -43.66 -58.28 -71.80
C VAL C 20 -44.05 -57.09 -70.93
N LEU C 21 -45.21 -57.18 -70.29
CA LEU C 21 -45.68 -56.16 -69.35
C LEU C 21 -45.56 -56.69 -67.93
N PHE C 22 -44.83 -55.95 -67.09
CA PHE C 22 -44.72 -56.24 -65.67
C PHE C 22 -45.18 -55.02 -64.88
N SER C 23 -45.87 -55.26 -63.78
CA SER C 23 -46.46 -54.21 -62.98
C SER C 23 -46.05 -54.39 -61.52
N TRP C 24 -45.56 -53.32 -60.92
CA TRP C 24 -45.24 -53.32 -59.50
C TRP C 24 -46.48 -53.04 -58.66
N SER C 25 -46.59 -53.73 -57.52
CA SER C 25 -47.59 -53.35 -56.54
C SER C 25 -47.18 -52.03 -55.87
N GLN C 26 -48.19 -51.26 -55.45
CA GLN C 26 -47.92 -49.96 -54.88
C GLN C 26 -47.14 -50.05 -53.57
N ASP C 27 -47.17 -51.20 -52.90
CA ASP C 27 -46.37 -51.43 -51.71
C ASP C 27 -45.02 -52.06 -52.01
N CYS C 28 -44.68 -52.20 -53.30
CA CYS C 28 -43.40 -52.74 -53.76
C CYS C 28 -43.09 -54.10 -53.13
N SER C 29 -44.12 -54.93 -53.02
CA SER C 29 -43.99 -56.27 -52.46
C SER C 29 -44.19 -57.37 -53.49
N TYR C 30 -45.29 -57.34 -54.23
CA TYR C 30 -45.64 -58.38 -55.20
C TYR C 30 -45.53 -57.80 -56.60
N ILE C 31 -44.95 -58.57 -57.53
CA ILE C 31 -44.68 -58.11 -58.88
C ILE C 31 -45.42 -59.01 -59.86
N ALA C 32 -46.33 -58.42 -60.63
CA ALA C 32 -47.07 -59.18 -61.62
C ALA C 32 -46.36 -59.14 -62.97
N VAL C 33 -46.33 -60.27 -63.66
CA VAL C 33 -45.65 -60.38 -64.95
C VAL C 33 -46.57 -61.12 -65.93
N CYS C 34 -46.63 -60.62 -67.16
CA CYS C 34 -47.28 -61.34 -68.24
C CYS C 34 -46.69 -60.88 -69.56
N GLY C 35 -46.34 -61.84 -70.41
CA GLY C 35 -45.80 -61.53 -71.72
C GLY C 35 -46.67 -62.02 -72.86
N GLN C 36 -46.18 -63.05 -73.56
CA GLN C 36 -46.83 -63.58 -74.76
C GLN C 36 -47.37 -64.98 -74.56
N SER C 37 -47.12 -65.59 -73.41
CA SER C 37 -47.70 -66.88 -73.06
C SER C 37 -49.09 -66.74 -72.47
N LYS C 38 -49.63 -65.52 -72.42
CA LYS C 38 -50.98 -65.20 -71.94
C LYS C 38 -51.13 -65.55 -70.46
N VAL C 39 -50.05 -65.98 -69.83
CA VAL C 39 -50.05 -66.34 -68.41
C VAL C 39 -49.69 -65.11 -67.59
N VAL C 40 -50.57 -64.71 -66.69
CA VAL C 40 -50.34 -63.60 -65.77
C VAL C 40 -50.01 -64.21 -64.42
N TYR C 41 -48.78 -64.03 -63.95
CA TYR C 41 -48.40 -64.61 -62.66
C TYR C 41 -47.65 -63.59 -61.82
N VAL C 42 -47.86 -63.65 -60.51
CA VAL C 42 -47.28 -62.69 -59.58
C VAL C 42 -46.21 -63.41 -58.76
N LEU C 43 -45.06 -62.75 -58.61
CA LEU C 43 -43.93 -63.26 -57.85
C LEU C 43 -43.68 -62.38 -56.62
N ASP C 44 -43.06 -62.98 -55.62
CA ASP C 44 -42.56 -62.22 -54.49
C ASP C 44 -41.35 -61.39 -54.92
N LYS C 45 -40.87 -60.54 -54.01
CA LYS C 45 -39.74 -59.69 -54.32
C LYS C 45 -38.48 -60.49 -54.66
N ARG C 46 -38.35 -61.71 -54.11
CA ARG C 46 -37.20 -62.56 -54.41
C ARG C 46 -37.45 -63.52 -55.57
N GLY C 47 -38.67 -63.59 -56.08
CA GLY C 47 -38.97 -64.38 -57.24
C GLY C 47 -39.64 -65.72 -57.00
N ARG C 48 -40.58 -65.79 -56.06
CA ARG C 48 -41.35 -67.01 -55.82
C ARG C 48 -42.79 -66.79 -56.28
N LYS C 49 -43.30 -67.71 -57.09
CA LYS C 49 -44.64 -67.57 -57.64
C LYS C 49 -45.69 -67.69 -56.53
N LEU C 50 -46.65 -66.77 -56.53
CA LEU C 50 -47.72 -66.76 -55.55
C LEU C 50 -49.08 -67.08 -56.16
N LYS C 51 -49.48 -66.33 -57.18
CA LYS C 51 -50.76 -66.55 -57.85
C LYS C 51 -50.53 -66.52 -59.36
N GLU C 52 -51.03 -67.54 -60.05
CA GLU C 52 -50.89 -67.68 -61.49
C GLU C 52 -52.26 -67.83 -62.12
N THR C 53 -52.42 -67.26 -63.32
CA THR C 53 -53.68 -67.35 -64.02
C THR C 53 -53.43 -67.30 -65.52
N VAL C 54 -54.40 -67.79 -66.29
CA VAL C 54 -54.33 -67.83 -67.74
C VAL C 54 -55.58 -67.16 -68.30
N LEU C 55 -55.38 -66.23 -69.24
CA LEU C 55 -56.51 -65.54 -69.84
C LEU C 55 -57.28 -66.45 -70.79
N LYS C 56 -58.57 -66.15 -70.95
CA LYS C 56 -59.41 -66.95 -71.83
C LYS C 56 -59.00 -66.80 -73.29
N SER C 57 -58.65 -65.59 -73.71
CA SER C 57 -58.30 -65.30 -75.09
C SER C 57 -56.79 -65.42 -75.30
N LYS C 58 -56.40 -65.62 -76.55
CA LYS C 58 -54.99 -65.76 -76.93
C LYS C 58 -54.33 -64.43 -77.27
N ASN C 59 -55.06 -63.32 -77.18
CA ASN C 59 -54.52 -62.02 -77.55
C ASN C 59 -53.47 -61.58 -76.54
N LYS C 60 -52.47 -60.85 -77.05
CA LYS C 60 -51.41 -60.33 -76.19
C LYS C 60 -51.96 -59.25 -75.27
N VAL C 61 -51.42 -59.19 -74.05
CA VAL C 61 -51.85 -58.21 -73.06
C VAL C 61 -51.31 -56.84 -73.44
N ILE C 62 -52.20 -55.92 -73.80
CA ILE C 62 -51.81 -54.54 -74.08
C ILE C 62 -51.93 -53.65 -72.85
N GLY C 63 -52.58 -54.13 -71.80
CA GLY C 63 -52.67 -53.35 -70.58
C GLY C 63 -52.72 -54.21 -69.33
N LEU C 64 -51.83 -53.95 -68.38
CA LEU C 64 -51.78 -54.66 -67.10
C LEU C 64 -51.51 -53.65 -66.00
N GLU C 65 -52.42 -53.55 -65.04
CA GLU C 65 -52.26 -52.52 -64.02
C GLU C 65 -52.79 -53.00 -62.67
N TRP C 66 -52.04 -52.70 -61.61
CA TRP C 66 -52.52 -52.87 -60.25
C TRP C 66 -53.48 -51.74 -59.90
N ASP C 67 -54.56 -52.08 -59.21
CA ASP C 67 -55.50 -51.07 -58.75
C ASP C 67 -54.94 -50.33 -57.54
N LYS C 68 -55.71 -49.36 -57.04
CA LYS C 68 -55.23 -48.54 -55.93
C LYS C 68 -55.06 -49.36 -54.66
N ASP C 69 -55.93 -50.35 -54.43
CA ASP C 69 -55.86 -51.19 -53.24
C ASP C 69 -54.93 -52.38 -53.43
N GLN C 70 -54.32 -52.53 -54.61
CA GLN C 70 -53.42 -53.64 -54.91
C GLN C 70 -54.10 -55.00 -54.74
N GLU C 71 -55.42 -55.03 -54.93
CA GLU C 71 -56.20 -56.25 -54.82
C GLU C 71 -56.64 -56.81 -56.17
N PHE C 72 -56.81 -55.94 -57.16
CA PHE C 72 -57.30 -56.34 -58.48
C PHE C 72 -56.30 -55.91 -59.55
N LEU C 73 -56.05 -56.81 -60.50
CA LEU C 73 -55.26 -56.51 -61.68
C LEU C 73 -56.19 -56.33 -62.87
N ALA C 74 -56.07 -55.19 -63.54
CA ALA C 74 -56.82 -54.91 -64.76
C ALA C 74 -55.99 -55.33 -65.96
N ILE C 75 -56.58 -56.15 -66.83
CA ILE C 75 -55.91 -56.71 -67.99
C ILE C 75 -56.77 -56.46 -69.21
N LEU C 76 -56.18 -55.83 -70.22
CA LEU C 76 -56.79 -55.64 -71.53
C LEU C 76 -55.89 -56.26 -72.60
N GLN C 77 -56.50 -57.01 -73.52
CA GLN C 77 -55.80 -57.77 -74.52
C GLN C 77 -55.81 -57.06 -75.88
N GLU C 78 -55.21 -57.71 -76.88
CA GLU C 78 -55.13 -57.17 -78.23
C GLU C 78 -56.52 -57.13 -78.86
N ASN C 79 -57.07 -55.92 -79.00
CA ASN C 79 -58.32 -55.69 -79.71
C ASN C 79 -59.45 -56.56 -79.16
N SER C 80 -59.46 -56.73 -77.84
CA SER C 80 -60.47 -57.55 -77.21
C SER C 80 -61.78 -56.77 -77.04
N THR C 81 -62.88 -57.50 -77.07
CA THR C 81 -64.20 -56.92 -76.84
C THR C 81 -64.52 -56.76 -75.36
N CYS C 82 -63.63 -57.22 -74.48
CA CYS C 82 -63.84 -57.15 -73.04
C CYS C 82 -62.50 -56.92 -72.37
N PHE C 83 -62.53 -56.74 -71.05
CA PHE C 83 -61.31 -56.76 -70.26
C PHE C 83 -61.58 -57.47 -68.94
N LEU C 84 -60.51 -57.89 -68.26
CA LEU C 84 -60.62 -58.78 -67.12
C LEU C 84 -60.02 -58.14 -65.89
N LEU C 85 -60.77 -58.14 -64.79
CA LEU C 85 -60.25 -57.80 -63.49
C LEU C 85 -60.03 -59.08 -62.70
N TRP C 86 -58.80 -59.30 -62.25
CA TRP C 86 -58.41 -60.53 -61.58
C TRP C 86 -58.02 -60.18 -60.14
N ASN C 87 -58.79 -60.68 -59.18
CA ASN C 87 -58.44 -60.55 -57.77
C ASN C 87 -57.31 -61.51 -57.46
N VAL C 88 -56.13 -60.96 -57.14
CA VAL C 88 -54.96 -61.79 -56.90
C VAL C 88 -55.12 -62.59 -55.61
N PHE C 89 -55.50 -61.92 -54.52
CA PHE C 89 -55.65 -62.62 -53.24
C PHE C 89 -56.79 -63.63 -53.29
N GLN C 90 -57.93 -63.23 -53.88
CA GLN C 90 -59.01 -64.18 -54.09
C GLN C 90 -58.85 -64.99 -55.36
N ASN C 91 -57.93 -64.60 -56.24
CA ASN C 91 -57.69 -65.29 -57.51
C ASN C 91 -58.98 -65.44 -58.31
N SER C 92 -59.78 -64.38 -58.36
CA SER C 92 -61.13 -64.46 -58.92
C SER C 92 -61.24 -63.63 -60.19
N PHE C 93 -61.95 -64.15 -61.18
CA PHE C 93 -62.18 -63.46 -62.43
C PHE C 93 -63.44 -62.61 -62.36
N GLU C 94 -63.40 -61.45 -63.03
CA GLU C 94 -64.63 -60.75 -63.39
C GLU C 94 -64.40 -60.02 -64.71
N GLN C 95 -65.28 -60.27 -65.67
CA GLN C 95 -65.13 -59.75 -67.02
C GLN C 95 -66.06 -58.55 -67.22
N GLN C 96 -65.47 -57.42 -67.61
CA GLN C 96 -66.23 -56.21 -67.92
C GLN C 96 -66.27 -56.04 -69.43
N ASP C 97 -67.48 -55.93 -69.97
CA ASP C 97 -67.67 -55.85 -71.40
C ASP C 97 -67.37 -54.45 -71.92
N LEU C 98 -66.96 -54.38 -73.19
CA LEU C 98 -66.81 -53.11 -73.89
C LEU C 98 -68.03 -52.91 -74.78
N GLU C 99 -68.68 -51.76 -74.63
CA GLU C 99 -69.95 -51.53 -75.31
C GLU C 99 -69.77 -51.49 -76.82
N GLU C 100 -70.83 -51.90 -77.53
CA GLU C 100 -70.87 -51.91 -78.99
C GLU C 100 -69.78 -52.81 -79.59
N LYS C 101 -69.36 -53.83 -78.82
CA LYS C 101 -68.35 -54.79 -79.27
C LYS C 101 -67.07 -54.09 -79.72
N SER C 102 -66.71 -53.01 -79.02
CA SER C 102 -65.54 -52.24 -79.37
C SER C 102 -64.26 -53.00 -79.03
N LYS C 103 -63.22 -52.77 -79.82
CA LYS C 103 -61.93 -53.41 -79.61
C LYS C 103 -61.13 -52.64 -78.57
N GLY C 104 -60.63 -53.36 -77.57
CA GLY C 104 -59.85 -52.72 -76.52
C GLY C 104 -58.54 -52.19 -77.06
N SER C 105 -58.21 -50.95 -76.69
CA SER C 105 -56.97 -50.33 -77.12
C SER C 105 -56.15 -49.72 -76.00
N PHE C 106 -56.76 -49.33 -74.87
CA PHE C 106 -56.01 -48.71 -73.79
C PHE C 106 -56.79 -48.87 -72.49
N ILE C 107 -56.07 -49.14 -71.40
CA ILE C 107 -56.65 -49.17 -70.07
C ILE C 107 -55.66 -48.54 -69.09
N LYS C 108 -56.20 -47.86 -68.09
CA LYS C 108 -55.33 -47.34 -67.03
C LYS C 108 -56.16 -47.07 -65.78
N TRP C 109 -55.62 -47.50 -64.64
CA TRP C 109 -56.23 -47.26 -63.34
C TRP C 109 -55.73 -45.95 -62.76
N SER C 110 -56.62 -45.23 -62.07
CA SER C 110 -56.21 -44.07 -61.30
C SER C 110 -55.41 -44.54 -60.10
N LYS C 111 -54.14 -44.12 -60.04
CA LYS C 111 -53.21 -44.65 -59.05
C LYS C 111 -53.54 -44.22 -57.62
N THR C 112 -54.44 -43.26 -57.44
CA THR C 112 -54.81 -42.79 -56.11
C THR C 112 -56.30 -42.89 -55.81
N HIS C 113 -57.14 -43.04 -56.83
CA HIS C 113 -58.58 -43.10 -56.67
C HIS C 113 -59.17 -44.29 -57.42
N PRO C 114 -60.34 -44.78 -56.99
CA PRO C 114 -60.92 -45.99 -57.65
C PRO C 114 -61.64 -45.65 -58.95
N VAL C 115 -60.87 -45.25 -59.96
CA VAL C 115 -61.40 -44.97 -61.30
C VAL C 115 -60.51 -45.68 -62.31
N LEU C 116 -61.12 -46.44 -63.21
CA LEU C 116 -60.39 -47.14 -64.26
C LEU C 116 -60.93 -46.71 -65.61
N VAL C 117 -60.06 -46.17 -66.47
CA VAL C 117 -60.47 -45.66 -67.77
C VAL C 117 -60.08 -46.65 -68.85
N ILE C 118 -61.04 -46.98 -69.71
CA ILE C 118 -60.84 -47.87 -70.85
C ILE C 118 -61.17 -47.09 -72.11
N GLY C 119 -60.20 -47.01 -73.02
CA GLY C 119 -60.37 -46.34 -74.30
C GLY C 119 -60.29 -47.35 -75.44
N THR C 120 -61.21 -47.22 -76.38
CA THR C 120 -61.32 -48.12 -77.52
C THR C 120 -60.87 -47.38 -78.79
N GLU C 121 -60.91 -48.11 -79.91
CA GLU C 121 -60.51 -47.54 -81.20
C GLU C 121 -61.52 -46.52 -81.72
N LYS C 122 -62.72 -46.45 -81.15
CA LYS C 122 -63.73 -45.50 -81.59
C LYS C 122 -63.63 -44.14 -80.89
N GLY C 123 -62.69 -43.99 -79.97
CA GLY C 123 -62.55 -42.75 -79.23
C GLY C 123 -63.46 -42.61 -78.02
N ILE C 124 -64.25 -43.63 -77.70
CA ILE C 124 -65.15 -43.60 -76.56
C ILE C 124 -64.37 -44.01 -75.32
N LEU C 125 -64.52 -43.24 -74.25
CA LEU C 125 -63.82 -43.52 -72.99
C LEU C 125 -64.83 -43.95 -71.93
N TYR C 126 -64.60 -45.11 -71.35
CA TYR C 126 -65.46 -45.66 -70.31
C TYR C 126 -64.78 -45.53 -68.96
N PHE C 127 -65.48 -44.92 -68.01
CA PHE C 127 -64.99 -44.74 -66.65
C PHE C 127 -65.66 -45.78 -65.76
N TYR C 128 -64.85 -46.65 -65.17
CA TYR C 128 -65.32 -47.73 -64.32
C TYR C 128 -65.05 -47.35 -62.87
N ASN C 129 -66.12 -47.31 -62.08
CA ASN C 129 -66.05 -47.03 -60.65
C ASN C 129 -66.11 -48.35 -59.90
N LYS C 130 -65.05 -48.63 -59.12
CA LYS C 130 -64.91 -49.93 -58.47
C LYS C 130 -65.81 -50.06 -57.25
N LYS C 131 -65.99 -48.97 -56.50
CA LYS C 131 -66.79 -49.05 -55.28
C LYS C 131 -68.23 -49.44 -55.57
N THR C 132 -68.73 -49.11 -56.76
CA THR C 132 -70.04 -49.53 -57.21
C THR C 132 -70.00 -50.32 -58.51
N GLN C 133 -68.82 -50.50 -59.11
CA GLN C 133 -68.65 -51.26 -60.34
C GLN C 133 -69.56 -50.74 -61.45
N LYS C 134 -69.58 -49.42 -61.63
CA LYS C 134 -70.49 -48.79 -62.57
C LYS C 134 -69.73 -48.09 -63.68
N LYS C 135 -70.33 -48.06 -64.87
CA LYS C 135 -69.67 -47.55 -66.06
C LYS C 135 -70.32 -46.23 -66.49
N ILE C 136 -69.48 -45.22 -66.73
CA ILE C 136 -69.90 -43.92 -67.26
C ILE C 136 -69.25 -43.75 -68.63
N PRO C 137 -70.02 -43.68 -69.71
CA PRO C 137 -69.43 -43.51 -71.03
C PRO C 137 -69.29 -42.04 -71.41
N THR C 138 -68.21 -41.75 -72.15
CA THR C 138 -67.97 -40.42 -72.70
C THR C 138 -67.63 -40.59 -74.17
N MET C 139 -68.48 -40.01 -75.02
CA MET C 139 -68.33 -40.10 -76.47
C MET C 139 -67.95 -38.73 -77.03
N GLY C 140 -67.17 -38.73 -78.10
CA GLY C 140 -66.84 -37.51 -78.81
C GLY C 140 -65.61 -36.77 -78.31
N LYS C 141 -65.01 -37.21 -77.20
CA LYS C 141 -63.80 -36.56 -76.72
C LYS C 141 -62.66 -36.72 -77.71
N HIS C 142 -62.52 -37.91 -78.29
CA HIS C 142 -61.53 -38.19 -79.32
C HIS C 142 -62.22 -38.82 -80.51
N SER C 143 -61.88 -38.33 -81.71
CA SER C 143 -62.52 -38.78 -82.94
C SER C 143 -61.83 -39.97 -83.59
N LYS C 144 -60.68 -40.40 -83.07
CA LYS C 144 -59.94 -41.51 -83.63
C LYS C 144 -59.55 -42.48 -82.51
N LYS C 145 -58.76 -43.49 -82.86
CA LYS C 145 -58.29 -44.45 -81.88
C LYS C 145 -57.41 -43.77 -80.86
N ILE C 146 -57.67 -44.04 -79.58
CA ILE C 146 -56.88 -43.46 -78.50
C ILE C 146 -55.51 -44.14 -78.47
N THR C 147 -54.45 -43.34 -78.40
CA THR C 147 -53.09 -43.84 -78.46
C THR C 147 -52.38 -43.87 -77.12
N THR C 148 -52.42 -42.78 -76.36
CA THR C 148 -51.67 -42.72 -75.11
C THR C 148 -52.57 -42.23 -73.98
N GLY C 149 -52.26 -42.67 -72.77
CA GLY C 149 -53.02 -42.29 -71.60
C GLY C 149 -52.18 -42.38 -70.34
N ASP C 150 -52.54 -41.56 -69.35
CA ASP C 150 -51.80 -41.55 -68.09
C ASP C 150 -52.66 -40.94 -67.00
N TRP C 151 -52.23 -41.15 -65.76
CA TRP C 151 -52.89 -40.65 -64.57
C TRP C 151 -51.92 -39.87 -63.70
N ASN C 152 -52.47 -39.00 -62.85
CA ASN C 152 -51.71 -38.17 -61.93
C ASN C 152 -51.94 -38.63 -60.51
N ASP C 153 -51.16 -38.06 -59.58
CA ASP C 153 -51.41 -38.29 -58.15
C ASP C 153 -52.77 -37.73 -57.76
N GLU C 154 -53.17 -36.61 -58.35
CA GLU C 154 -54.52 -36.09 -58.17
C GLU C 154 -55.56 -36.94 -58.88
N GLY C 155 -55.14 -37.88 -59.73
CA GLY C 155 -56.08 -38.72 -60.43
C GLY C 155 -56.72 -38.08 -61.64
N LEU C 156 -56.02 -37.19 -62.34
CA LEU C 156 -56.55 -36.59 -63.56
C LEU C 156 -56.07 -37.39 -64.76
N LEU C 157 -57.03 -37.90 -65.53
CA LEU C 157 -56.74 -38.72 -66.70
C LEU C 157 -56.34 -37.84 -67.88
N ILE C 158 -55.14 -38.04 -68.42
CA ILE C 158 -54.71 -37.38 -69.64
C ILE C 158 -54.72 -38.42 -70.76
N THR C 159 -55.30 -38.06 -71.90
CA THR C 159 -55.40 -38.96 -73.04
C THR C 159 -55.03 -38.23 -74.32
N GLY C 160 -54.15 -38.82 -75.10
CA GLY C 160 -53.74 -38.27 -76.38
C GLY C 160 -54.08 -39.19 -77.54
N SER C 161 -54.71 -38.64 -78.57
CA SER C 161 -55.25 -39.44 -79.67
C SER C 161 -54.49 -39.13 -80.96
N GLU C 162 -54.85 -39.87 -82.02
CA GLU C 162 -54.21 -39.73 -83.33
C GLU C 162 -54.52 -38.40 -84.02
N GLU C 163 -55.60 -37.72 -83.62
CA GLU C 163 -55.95 -36.44 -84.21
C GLU C 163 -55.19 -35.28 -83.59
N LYS C 164 -54.05 -35.56 -82.94
CA LYS C 164 -53.23 -34.55 -82.29
C LYS C 164 -54.05 -33.75 -81.27
N VAL C 165 -54.75 -34.50 -80.41
CA VAL C 165 -55.63 -33.91 -79.41
C VAL C 165 -55.33 -34.54 -78.05
N LEU C 166 -55.15 -33.70 -77.05
CA LEU C 166 -54.99 -34.09 -75.65
C LEU C 166 -56.21 -33.65 -74.87
N THR C 167 -56.83 -34.58 -74.14
CA THR C 167 -58.00 -34.29 -73.33
C THR C 167 -57.76 -34.81 -71.91
N VAL C 168 -58.18 -34.02 -70.93
CA VAL C 168 -58.05 -34.38 -69.52
C VAL C 168 -59.43 -34.51 -68.90
N SER C 169 -59.65 -35.60 -68.20
CA SER C 169 -60.92 -35.88 -67.52
C SER C 169 -60.67 -36.07 -66.03
N SER C 170 -61.57 -35.52 -65.22
CA SER C 170 -61.46 -35.61 -63.76
C SER C 170 -62.15 -36.86 -63.25
N HIS C 171 -62.26 -36.97 -61.92
CA HIS C 171 -62.89 -38.13 -61.30
C HIS C 171 -64.39 -38.15 -61.57
N ASN C 172 -65.04 -36.98 -61.61
CA ASN C 172 -66.46 -36.87 -61.87
C ASN C 172 -66.79 -36.89 -63.35
N SER C 173 -65.88 -37.39 -64.18
CA SER C 173 -66.02 -37.44 -65.64
C SER C 173 -66.12 -36.05 -66.26
N ASP C 174 -65.70 -35.03 -65.53
CA ASP C 174 -65.69 -33.67 -66.06
C ASP C 174 -64.40 -33.42 -66.83
N SER C 175 -64.53 -32.88 -68.03
CA SER C 175 -63.37 -32.61 -68.87
C SER C 175 -62.63 -31.38 -68.37
N LYS C 176 -61.41 -31.59 -67.88
CA LYS C 176 -60.56 -30.49 -67.42
C LYS C 176 -59.79 -29.97 -68.63
N GLY C 177 -60.30 -28.90 -69.22
CA GLY C 177 -59.70 -28.34 -70.41
C GLY C 177 -60.39 -28.83 -71.67
N GLU C 178 -60.44 -27.96 -72.67
CA GLU C 178 -61.07 -28.29 -73.95
C GLU C 178 -60.08 -29.05 -74.83
N SER C 179 -60.44 -29.24 -76.10
CA SER C 179 -59.54 -29.89 -77.03
C SER C 179 -58.32 -29.02 -77.28
N ILE C 180 -57.14 -29.55 -76.99
CA ILE C 180 -55.89 -28.80 -77.10
C ILE C 180 -55.32 -29.00 -78.49
N THR C 181 -55.02 -27.89 -79.17
CA THR C 181 -54.43 -27.92 -80.51
C THR C 181 -52.92 -28.02 -80.37
N VAL C 182 -52.38 -29.19 -80.67
CA VAL C 182 -50.95 -29.43 -80.58
C VAL C 182 -50.40 -29.64 -81.99
N GLN C 183 -49.08 -29.44 -82.13
CA GLN C 183 -48.47 -29.43 -83.44
C GLN C 183 -48.48 -30.81 -84.09
N HIS C 184 -48.17 -31.86 -83.33
CA HIS C 184 -48.10 -33.20 -83.89
C HIS C 184 -48.66 -34.20 -82.88
N GLU C 185 -48.52 -35.48 -83.20
CA GLU C 185 -49.11 -36.57 -82.41
C GLU C 185 -48.47 -36.65 -81.03
N PRO C 186 -49.25 -36.53 -79.96
CA PRO C 186 -48.70 -36.66 -78.61
C PRO C 186 -48.64 -38.11 -78.17
N SER C 187 -47.62 -38.42 -77.37
CA SER C 187 -47.42 -39.78 -76.88
C SER C 187 -46.60 -39.73 -75.59
N ASN C 188 -46.60 -40.86 -74.88
CA ASN C 188 -45.86 -41.01 -73.62
C ASN C 188 -46.26 -39.94 -72.61
N LEU C 189 -47.54 -39.98 -72.23
CA LEU C 189 -48.07 -39.00 -71.30
C LEU C 189 -47.49 -39.21 -69.90
N GLN C 190 -47.15 -38.10 -69.25
CA GLN C 190 -46.59 -38.14 -67.90
C GLN C 190 -47.00 -36.88 -67.16
N TRP C 191 -47.12 -36.99 -65.84
CA TRP C 191 -47.47 -35.87 -64.97
C TRP C 191 -46.23 -35.48 -64.17
N ALA C 192 -45.93 -34.18 -64.16
CA ALA C 192 -44.71 -33.67 -63.57
C ALA C 192 -45.00 -32.46 -62.70
N ARG C 193 -44.16 -32.29 -61.68
CA ARG C 193 -44.12 -31.08 -60.88
C ARG C 193 -43.08 -30.16 -61.51
N GLN C 194 -43.54 -29.11 -62.19
CA GLN C 194 -42.63 -28.26 -62.95
C GLN C 194 -41.70 -27.50 -62.02
N LYS C 195 -40.48 -27.26 -62.51
CA LYS C 195 -39.46 -26.57 -61.72
C LYS C 195 -39.86 -25.13 -61.53
N THR C 196 -40.29 -24.77 -60.32
CA THR C 196 -40.65 -23.42 -59.96
C THR C 196 -39.99 -23.07 -58.62
N ASP C 197 -39.53 -21.83 -58.51
CA ASP C 197 -38.89 -21.40 -57.27
C ASP C 197 -39.88 -21.44 -56.10
N ASP C 198 -41.12 -21.01 -56.34
CA ASP C 198 -42.16 -21.11 -55.32
C ASP C 198 -42.47 -22.57 -55.07
N ARG C 199 -42.32 -23.01 -53.82
CA ARG C 199 -42.46 -24.41 -53.45
C ARG C 199 -43.88 -24.77 -53.00
N ASP C 200 -44.89 -24.02 -53.45
CA ASP C 200 -46.27 -24.30 -53.15
C ASP C 200 -47.07 -24.72 -54.38
N SER C 201 -46.39 -25.15 -55.43
CA SER C 201 -47.04 -25.53 -56.68
C SER C 201 -47.36 -27.02 -56.67
N SER C 202 -48.57 -27.36 -57.07
CA SER C 202 -49.00 -28.75 -57.16
C SER C 202 -48.47 -29.40 -58.43
N GLN C 203 -48.51 -30.73 -58.44
CA GLN C 203 -48.05 -31.52 -59.58
C GLN C 203 -49.16 -31.57 -60.63
N ARG C 204 -49.06 -30.70 -61.64
CA ARG C 204 -50.10 -30.61 -62.66
C ARG C 204 -49.56 -30.49 -64.08
N THR C 205 -48.24 -30.46 -64.29
CA THR C 205 -47.70 -30.31 -65.62
C THR C 205 -47.86 -31.61 -66.42
N ILE C 206 -48.22 -31.47 -67.69
CA ILE C 206 -48.40 -32.61 -68.58
C ILE C 206 -47.25 -32.62 -69.58
N THR C 207 -46.42 -33.64 -69.53
CA THR C 207 -45.30 -33.78 -70.45
C THR C 207 -45.52 -35.01 -71.33
N ALA C 208 -45.41 -34.81 -72.64
CA ALA C 208 -45.68 -35.88 -73.61
C ALA C 208 -44.58 -35.88 -74.66
N ILE C 209 -44.71 -36.79 -75.63
CA ILE C 209 -43.76 -36.91 -76.73
C ILE C 209 -44.49 -36.65 -78.04
N LEU C 210 -43.95 -35.74 -78.85
CA LEU C 210 -44.54 -35.37 -80.13
C LEU C 210 -43.91 -36.18 -81.24
N SER C 211 -44.73 -37.03 -81.88
CA SER C 211 -44.37 -37.76 -83.10
C SER C 211 -43.08 -38.56 -82.94
N ASN C 212 -42.80 -39.03 -81.72
CA ASN C 212 -41.55 -39.71 -81.38
C ASN C 212 -40.32 -38.91 -81.78
N LYS C 213 -40.44 -37.58 -81.86
CA LYS C 213 -39.35 -36.72 -82.27
C LYS C 213 -39.07 -35.57 -81.32
N SER C 214 -40.09 -35.00 -80.69
CA SER C 214 -39.92 -33.83 -79.83
C SER C 214 -40.59 -34.10 -78.48
N ILE C 215 -40.49 -33.14 -77.58
CA ILE C 215 -41.11 -33.26 -76.25
C ILE C 215 -42.11 -32.12 -76.09
N LEU C 216 -43.35 -32.46 -75.76
CA LEU C 216 -44.40 -31.46 -75.59
C LEU C 216 -44.64 -31.17 -74.12
N MET C 217 -44.78 -29.88 -73.80
CA MET C 217 -45.03 -29.43 -72.44
C MET C 217 -46.36 -28.70 -72.39
N TYR C 218 -47.14 -28.95 -71.34
CA TYR C 218 -48.43 -28.31 -71.13
C TYR C 218 -48.58 -27.96 -69.66
N ASP C 219 -49.09 -26.77 -69.38
CA ASP C 219 -49.25 -26.27 -68.02
C ASP C 219 -50.64 -25.66 -67.84
N LEU C 220 -51.07 -25.59 -66.58
CA LEU C 220 -52.43 -25.15 -66.25
C LEU C 220 -52.46 -23.78 -65.59
N ASN C 221 -51.35 -23.35 -64.98
CA ASN C 221 -51.38 -22.19 -64.10
C ASN C 221 -51.76 -20.92 -64.85
N THR C 222 -51.14 -20.69 -66.01
CA THR C 222 -51.35 -19.46 -66.77
C THR C 222 -51.90 -19.73 -68.18
N LYS C 223 -52.44 -20.92 -68.42
CA LYS C 223 -53.03 -21.28 -69.71
C LYS C 223 -52.04 -21.09 -70.86
N LYS C 224 -50.77 -21.39 -70.61
CA LYS C 224 -49.75 -21.24 -71.64
C LYS C 224 -49.92 -22.31 -72.72
N GLN C 225 -49.58 -21.93 -73.95
CA GLN C 225 -49.66 -22.86 -75.06
C GLN C 225 -48.66 -24.00 -74.86
N PRO C 226 -48.99 -25.23 -75.28
CA PRO C 226 -48.00 -26.31 -75.20
C PRO C 226 -46.77 -25.98 -76.02
N LEU C 227 -45.61 -26.33 -75.48
CA LEU C 227 -44.33 -26.00 -76.09
C LEU C 227 -43.69 -27.25 -76.66
N GLU C 228 -43.16 -27.13 -77.89
CA GLU C 228 -42.49 -28.22 -78.59
C GLU C 228 -40.99 -28.06 -78.43
N LEU C 229 -40.42 -28.77 -77.46
CA LEU C 229 -38.99 -28.83 -77.27
C LEU C 229 -38.38 -29.72 -78.34
N VAL C 230 -37.58 -29.13 -79.21
CA VAL C 230 -36.97 -29.82 -80.35
C VAL C 230 -35.57 -30.28 -79.96
N TYR C 231 -35.19 -31.46 -80.43
CA TYR C 231 -33.88 -32.03 -80.17
C TYR C 231 -33.08 -32.11 -81.46
N GLU C 232 -31.76 -32.21 -81.32
CA GLU C 232 -30.86 -32.12 -82.45
C GLU C 232 -31.03 -33.32 -83.38
N PRO C 233 -30.71 -33.15 -84.67
CA PRO C 233 -30.75 -34.30 -85.59
C PRO C 233 -29.82 -35.43 -85.18
N LYS C 234 -28.71 -35.13 -84.50
CA LYS C 234 -27.85 -36.18 -83.98
C LYS C 234 -28.60 -37.06 -82.97
N TYR C 235 -29.58 -36.48 -82.27
CA TYR C 235 -30.42 -37.28 -81.39
C TYR C 235 -31.37 -38.17 -82.20
N GLY C 236 -32.00 -37.61 -83.23
CA GLY C 236 -32.94 -38.38 -84.02
C GLY C 236 -34.26 -38.57 -83.31
N LYS C 237 -34.94 -39.67 -83.63
CA LYS C 237 -36.20 -39.99 -82.99
C LYS C 237 -35.96 -40.41 -81.54
N ILE C 238 -36.89 -39.99 -80.66
CA ILE C 238 -36.73 -40.24 -79.24
C ILE C 238 -37.03 -41.70 -78.92
N VAL C 239 -36.19 -42.29 -78.06
CA VAL C 239 -36.51 -43.61 -77.51
C VAL C 239 -37.46 -43.47 -76.33
N ASP C 240 -37.07 -42.70 -75.33
CA ASP C 240 -37.92 -42.38 -74.20
C ASP C 240 -37.32 -41.21 -73.44
N TYR C 241 -38.12 -40.65 -72.53
CA TYR C 241 -37.69 -39.61 -71.62
C TYR C 241 -38.24 -39.90 -70.23
N GLN C 242 -37.52 -39.45 -69.21
CA GLN C 242 -37.90 -39.69 -67.82
C GLN C 242 -37.77 -38.40 -67.02
N LEU C 243 -38.69 -38.23 -66.07
CA LEU C 243 -38.71 -37.07 -65.20
C LEU C 243 -38.07 -37.39 -63.86
N PHE C 244 -37.14 -36.54 -63.43
CA PHE C 244 -36.43 -36.78 -62.18
C PHE C 244 -36.33 -35.48 -61.40
N GLY C 245 -36.25 -35.62 -60.07
CA GLY C 245 -36.00 -34.48 -59.21
C GLY C 245 -37.15 -33.50 -59.21
N ASP C 246 -36.84 -32.25 -58.88
CA ASP C 246 -37.83 -31.18 -58.86
C ASP C 246 -37.96 -30.57 -60.25
N GLY C 247 -38.50 -31.36 -61.17
CA GLY C 247 -38.76 -30.89 -62.51
C GLY C 247 -37.54 -30.84 -63.42
N TYR C 248 -36.98 -32.00 -63.75
CA TYR C 248 -35.91 -32.08 -64.74
C TYR C 248 -36.17 -33.29 -65.63
N ILE C 249 -35.71 -33.18 -66.88
CA ILE C 249 -35.99 -34.17 -67.91
C ILE C 249 -34.67 -34.78 -68.38
N VAL C 250 -34.62 -36.11 -68.44
CA VAL C 250 -33.49 -36.83 -69.02
C VAL C 250 -34.03 -37.75 -70.11
N THR C 251 -33.56 -37.56 -71.33
CA THR C 251 -34.07 -38.30 -72.48
C THR C 251 -32.96 -39.06 -73.18
N GLY C 252 -33.30 -40.24 -73.66
CA GLY C 252 -32.37 -41.07 -74.43
C GLY C 252 -32.82 -41.16 -75.87
N PHE C 253 -31.87 -41.34 -76.77
CA PHE C 253 -32.16 -41.33 -78.19
C PHE C 253 -31.57 -42.57 -78.84
N THR C 254 -31.66 -42.65 -80.17
CA THR C 254 -31.37 -43.88 -80.88
C THR C 254 -29.87 -44.15 -80.97
N GLU C 255 -29.06 -43.10 -81.04
CA GLU C 255 -27.61 -43.25 -81.23
C GLU C 255 -26.84 -43.31 -79.92
N GLY C 256 -27.48 -43.78 -78.85
CA GLY C 256 -26.81 -43.84 -77.56
C GLY C 256 -26.60 -42.50 -76.91
N TYR C 257 -27.28 -41.46 -77.38
CA TYR C 257 -27.15 -40.12 -76.85
C TYR C 257 -28.16 -39.88 -75.74
N VAL C 258 -27.78 -39.09 -74.75
CA VAL C 258 -28.65 -38.74 -73.64
C VAL C 258 -28.56 -37.24 -73.40
N ALA C 259 -29.70 -36.63 -73.10
CA ALA C 259 -29.79 -35.18 -72.89
C ALA C 259 -30.48 -34.89 -71.58
N HIS C 260 -29.94 -33.91 -70.86
CA HIS C 260 -30.47 -33.47 -69.56
C HIS C 260 -30.86 -32.01 -69.66
N VAL C 261 -32.14 -31.71 -69.40
CA VAL C 261 -32.67 -30.36 -69.47
C VAL C 261 -33.43 -30.08 -68.18
N SER C 262 -33.55 -28.81 -67.83
CA SER C 262 -34.34 -28.38 -66.68
C SER C 262 -35.73 -27.97 -67.16
N SER C 263 -36.76 -28.48 -66.47
CA SER C 263 -38.14 -28.24 -66.90
C SER C 263 -38.57 -26.79 -66.74
N HIS C 264 -37.76 -25.96 -66.08
CA HIS C 264 -38.05 -24.54 -65.99
C HIS C 264 -38.19 -23.96 -67.39
N LEU C 265 -39.25 -23.19 -67.61
CA LEU C 265 -39.56 -22.71 -68.96
C LEU C 265 -38.46 -21.80 -69.48
N TYR C 266 -37.81 -21.04 -68.61
CA TYR C 266 -36.71 -20.18 -69.04
C TYR C 266 -35.49 -20.98 -69.49
N GLU C 267 -35.36 -22.23 -69.05
CA GLU C 267 -34.18 -23.04 -69.35
C GLU C 267 -34.51 -24.26 -70.20
N LEU C 268 -35.76 -24.41 -70.65
CA LEU C 268 -36.13 -25.58 -71.44
C LEU C 268 -35.64 -25.51 -72.87
N ARG C 269 -35.52 -24.30 -73.43
CA ARG C 269 -35.23 -24.13 -74.85
C ARG C 269 -33.86 -24.68 -75.25
N ASP C 270 -32.87 -24.61 -74.37
CA ASP C 270 -31.51 -25.06 -74.69
C ASP C 270 -31.17 -26.28 -73.86
N GLU C 271 -30.54 -27.26 -74.50
CA GLU C 271 -30.11 -28.48 -73.81
C GLU C 271 -29.01 -28.14 -72.81
N ILE C 272 -29.27 -28.39 -71.53
CA ILE C 272 -28.29 -28.05 -70.51
C ILE C 272 -27.08 -28.97 -70.59
N GLN C 273 -27.30 -30.28 -70.71
CA GLN C 273 -26.20 -31.23 -70.74
C GLN C 273 -26.47 -32.30 -71.79
N SER C 274 -25.40 -32.75 -72.44
CA SER C 274 -25.47 -33.84 -73.40
C SER C 274 -24.34 -34.83 -73.12
N LYS C 275 -24.62 -36.12 -73.33
CA LYS C 275 -23.64 -37.15 -73.06
C LYS C 275 -23.80 -38.29 -74.07
N ARG C 276 -22.66 -38.93 -74.38
CA ARG C 276 -22.63 -40.06 -75.29
C ARG C 276 -22.45 -41.34 -74.49
N ILE C 277 -23.41 -42.26 -74.60
CA ILE C 277 -23.39 -43.52 -73.86
C ILE C 277 -23.03 -44.68 -74.78
N PHE C 278 -23.81 -44.90 -75.83
CA PHE C 278 -23.61 -46.01 -76.75
C PHE C 278 -23.29 -45.49 -78.14
N GLN C 279 -22.85 -46.39 -79.01
CA GLN C 279 -22.45 -46.04 -80.36
C GLN C 279 -23.26 -46.73 -81.46
N SER C 280 -24.07 -47.73 -81.12
CA SER C 280 -24.86 -48.44 -82.12
C SER C 280 -26.36 -48.23 -81.96
N SER C 281 -26.90 -48.51 -80.78
CA SER C 281 -28.33 -48.35 -80.54
C SER C 281 -28.58 -48.27 -79.04
N LEU C 282 -29.78 -47.82 -78.69
CA LEU C 282 -30.21 -47.72 -77.31
C LEU C 282 -31.55 -48.43 -77.14
N ASP C 283 -31.76 -49.01 -75.97
CA ASP C 283 -32.97 -49.79 -75.70
C ASP C 283 -34.00 -49.00 -74.91
N ALA C 284 -33.64 -48.52 -73.72
CA ALA C 284 -34.60 -47.79 -72.89
C ALA C 284 -33.85 -47.03 -71.79
N LEU C 285 -34.60 -46.37 -70.93
CA LEU C 285 -34.03 -45.69 -69.78
C LEU C 285 -35.11 -45.43 -68.73
N CYS C 286 -34.69 -45.34 -67.48
CA CYS C 286 -35.59 -45.10 -66.36
C CYS C 286 -34.82 -44.42 -65.23
N THR C 287 -35.57 -43.79 -64.33
CA THR C 287 -35.01 -42.97 -63.27
C THR C 287 -35.49 -43.46 -61.91
N ASN C 288 -34.71 -43.16 -60.88
CA ASN C 288 -35.13 -43.38 -59.50
C ASN C 288 -34.56 -42.25 -58.65
N ASP C 289 -35.43 -41.39 -58.15
CA ASP C 289 -35.01 -40.22 -57.38
C ASP C 289 -34.68 -40.55 -55.93
N ILE C 290 -35.34 -41.54 -55.34
CA ILE C 290 -35.06 -41.90 -53.95
C ILE C 290 -33.66 -42.49 -53.82
N ILE C 291 -33.33 -43.45 -54.69
CA ILE C 291 -31.99 -44.02 -54.69
C ILE C 291 -31.04 -43.27 -55.63
N TYR C 292 -31.55 -42.29 -56.39
CA TYR C 292 -30.72 -41.33 -57.11
C TYR C 292 -29.87 -42.04 -58.18
N LYS C 293 -30.54 -42.76 -59.09
CA LYS C 293 -29.85 -43.52 -60.13
C LYS C 293 -30.63 -43.47 -61.43
N LEU C 294 -29.91 -43.39 -62.54
CA LEU C 294 -30.48 -43.46 -63.88
C LEU C 294 -30.01 -44.74 -64.57
N ALA C 295 -30.94 -45.65 -64.85
CA ALA C 295 -30.60 -46.90 -65.51
C ALA C 295 -30.95 -46.79 -67.00
N VAL C 296 -29.95 -46.85 -67.86
CA VAL C 296 -30.13 -46.79 -69.30
C VAL C 296 -29.75 -48.15 -69.87
N ALA C 297 -30.68 -48.80 -70.54
CA ALA C 297 -30.47 -50.12 -71.11
C ALA C 297 -30.14 -49.99 -72.60
N GLY C 298 -29.12 -50.72 -73.02
CA GLY C 298 -28.68 -50.74 -74.40
C GLY C 298 -27.73 -51.89 -74.72
N GLU C 299 -27.90 -52.49 -75.89
CA GLU C 299 -27.05 -53.59 -76.36
C GLU C 299 -26.99 -54.73 -75.35
N ASN C 300 -28.11 -54.95 -74.64
CA ASN C 300 -28.21 -55.98 -73.60
C ASN C 300 -27.24 -55.71 -72.44
N GLN C 301 -27.12 -54.44 -72.07
CA GLN C 301 -26.45 -54.07 -70.83
C GLN C 301 -27.20 -52.92 -70.17
N ILE C 302 -26.92 -52.71 -68.88
CA ILE C 302 -27.57 -51.69 -68.08
C ILE C 302 -26.49 -50.77 -67.54
N HIS C 303 -26.51 -49.50 -67.94
CA HIS C 303 -25.57 -48.51 -67.43
C HIS C 303 -26.25 -47.67 -66.37
N ILE C 304 -25.63 -47.57 -65.20
CA ILE C 304 -26.11 -46.76 -64.09
C ILE C 304 -25.40 -45.42 -64.14
N TYR C 305 -26.16 -44.34 -63.98
CA TYR C 305 -25.66 -42.99 -64.16
C TYR C 305 -26.08 -42.11 -62.98
N ASN C 306 -25.18 -41.21 -62.60
CA ASN C 306 -25.49 -40.16 -61.65
C ASN C 306 -26.21 -39.02 -62.37
N LEU C 307 -26.91 -38.19 -61.59
CA LEU C 307 -27.72 -37.13 -62.18
C LEU C 307 -27.23 -35.73 -61.83
N GLY C 308 -26.50 -35.55 -60.74
CA GLY C 308 -25.96 -34.25 -60.40
C GLY C 308 -24.73 -33.90 -61.19
N THR C 309 -23.66 -34.68 -60.99
CA THR C 309 -22.42 -34.51 -61.75
C THR C 309 -22.44 -35.32 -63.05
N TRP C 310 -23.39 -36.25 -63.19
CA TRP C 310 -23.53 -37.09 -64.37
C TRP C 310 -22.30 -37.98 -64.58
N GLU C 311 -21.84 -38.61 -63.50
CA GLU C 311 -20.77 -39.59 -63.60
C GLU C 311 -21.35 -40.96 -63.94
N GLU C 312 -20.67 -41.66 -64.84
CA GLU C 312 -21.11 -42.99 -65.26
C GLU C 312 -20.72 -44.00 -64.18
N VAL C 313 -21.73 -44.62 -63.56
CA VAL C 313 -21.49 -45.57 -62.48
C VAL C 313 -21.16 -46.93 -63.09
N LYS C 314 -19.86 -47.23 -63.21
CA LYS C 314 -19.43 -48.49 -63.78
C LYS C 314 -19.61 -49.65 -62.80
N SER C 315 -19.67 -49.35 -61.50
CA SER C 315 -19.71 -50.41 -60.50
C SER C 315 -20.99 -51.23 -60.56
N GLN C 316 -22.12 -50.60 -60.91
CA GLN C 316 -23.42 -51.26 -60.91
C GLN C 316 -23.87 -51.67 -62.30
N ARG C 317 -22.97 -51.71 -63.27
CA ARG C 317 -23.34 -52.12 -64.63
C ARG C 317 -23.72 -53.60 -64.66
N ILE C 318 -24.76 -53.92 -65.41
CA ILE C 318 -25.32 -55.26 -65.48
C ILE C 318 -25.17 -55.79 -66.89
N GLU C 319 -24.64 -57.00 -67.02
CA GLU C 319 -24.45 -57.64 -68.32
C GLU C 319 -25.63 -58.59 -68.56
N LEU C 320 -26.59 -58.13 -69.38
CA LEU C 320 -27.75 -58.93 -69.70
C LEU C 320 -27.42 -59.95 -70.80
N PRO C 321 -28.14 -61.06 -70.86
CA PRO C 321 -27.91 -62.04 -71.92
C PRO C 321 -28.22 -61.47 -73.30
N LYS C 322 -27.50 -61.97 -74.30
CA LYS C 322 -27.66 -61.48 -75.65
C LYS C 322 -29.03 -61.86 -76.23
N ALA C 323 -29.52 -63.05 -75.89
CA ALA C 323 -30.79 -63.54 -76.45
C ALA C 323 -31.98 -62.70 -76.02
N ALA C 324 -31.84 -61.85 -75.01
CA ALA C 324 -32.96 -61.01 -74.58
C ALA C 324 -33.32 -59.97 -75.63
N GLY C 325 -32.36 -59.57 -76.46
CA GLY C 325 -32.61 -58.53 -77.44
C GLY C 325 -32.61 -57.15 -76.81
N ASN C 326 -33.08 -56.18 -77.59
CA ASN C 326 -33.18 -54.82 -77.10
C ASN C 326 -34.19 -54.75 -75.97
N VAL C 327 -33.79 -54.16 -74.84
CA VAL C 327 -34.65 -54.10 -73.67
C VAL C 327 -35.85 -53.21 -73.94
N THR C 328 -37.04 -53.71 -73.61
CA THR C 328 -38.28 -53.00 -73.87
C THR C 328 -38.86 -52.30 -72.65
N LYS C 329 -38.72 -52.88 -71.45
CA LYS C 329 -39.27 -52.22 -70.28
C LYS C 329 -38.38 -52.52 -69.08
N MET C 330 -38.32 -51.55 -68.17
CA MET C 330 -37.36 -51.51 -67.08
C MET C 330 -37.95 -50.65 -65.97
N GLN C 331 -37.98 -51.18 -64.74
CA GLN C 331 -38.53 -50.36 -63.66
C GLN C 331 -38.09 -50.89 -62.29
N TRP C 332 -37.72 -49.97 -61.39
CA TRP C 332 -37.45 -50.34 -60.02
C TRP C 332 -38.75 -50.46 -59.23
N ALA C 333 -38.60 -50.59 -57.92
CA ALA C 333 -39.70 -50.36 -57.01
C ALA C 333 -39.88 -48.85 -56.82
N ASN C 334 -41.00 -48.48 -56.18
CA ASN C 334 -41.21 -47.07 -55.86
C ASN C 334 -40.13 -46.56 -54.92
N ASN C 335 -39.72 -47.38 -53.95
CA ASN C 335 -38.59 -47.02 -53.11
C ASN C 335 -37.26 -47.24 -53.82
N GLY C 336 -37.25 -48.07 -54.86
CA GLY C 336 -36.05 -48.36 -55.61
C GLY C 336 -35.21 -49.51 -55.10
N GLN C 337 -35.78 -50.39 -54.28
CA GLN C 337 -34.99 -51.48 -53.70
C GLN C 337 -34.62 -52.52 -54.74
N LEU C 338 -35.60 -52.95 -55.55
CA LEU C 338 -35.41 -54.02 -56.50
C LEU C 338 -35.81 -53.55 -57.90
N LEU C 339 -35.10 -54.05 -58.91
CA LEU C 339 -35.28 -53.63 -60.29
C LEU C 339 -35.74 -54.82 -61.12
N VAL C 340 -36.75 -54.59 -61.96
CA VAL C 340 -37.36 -55.61 -62.82
C VAL C 340 -37.07 -55.25 -64.27
N VAL C 341 -36.69 -56.27 -65.05
CA VAL C 341 -36.26 -56.15 -66.44
C VAL C 341 -37.16 -57.03 -67.30
N ALA C 342 -37.75 -56.44 -68.34
CA ALA C 342 -38.46 -57.19 -69.37
C ALA C 342 -37.93 -56.76 -70.73
N THR C 343 -37.66 -57.75 -71.59
CA THR C 343 -37.04 -57.46 -72.88
C THR C 343 -37.93 -57.90 -74.04
N ALA C 344 -37.40 -57.81 -75.27
CA ALA C 344 -38.19 -58.08 -76.46
C ALA C 344 -38.31 -59.58 -76.75
N ASN C 345 -37.60 -60.42 -76.01
CA ASN C 345 -37.68 -61.86 -76.20
C ASN C 345 -38.32 -62.59 -75.02
N GLY C 346 -39.08 -61.88 -74.19
CA GLY C 346 -39.80 -62.49 -73.10
C GLY C 346 -39.00 -62.72 -71.84
N HIS C 347 -37.74 -62.32 -71.81
CA HIS C 347 -36.92 -62.56 -70.63
C HIS C 347 -37.29 -61.61 -69.51
N LEU C 348 -37.34 -62.15 -68.29
CA LEU C 348 -37.63 -61.37 -67.09
C LEU C 348 -36.49 -61.55 -66.09
N TYR C 349 -36.02 -60.44 -65.54
CA TYR C 349 -34.88 -60.46 -64.63
C TYR C 349 -35.17 -59.59 -63.41
N GLY C 350 -34.63 -59.99 -62.26
CA GLY C 350 -34.72 -59.18 -61.06
C GLY C 350 -33.37 -58.94 -60.42
N TYR C 351 -33.03 -57.68 -60.18
CA TYR C 351 -31.73 -57.32 -59.63
C TYR C 351 -31.89 -56.51 -58.35
N LEU C 352 -30.97 -56.73 -57.41
CA LEU C 352 -30.95 -56.03 -56.14
C LEU C 352 -30.00 -54.85 -56.22
N THR C 353 -30.54 -53.64 -56.03
CA THR C 353 -29.76 -52.42 -56.22
C THR C 353 -29.56 -51.65 -54.92
N SER C 354 -30.63 -51.21 -54.26
CA SER C 354 -30.45 -50.37 -53.08
C SER C 354 -30.52 -51.15 -51.77
N ILE C 355 -31.69 -51.73 -51.49
CA ILE C 355 -32.00 -52.42 -50.25
C ILE C 355 -31.31 -51.74 -49.06
N PRO C 356 -31.74 -50.54 -48.66
CA PRO C 356 -31.13 -49.89 -47.51
C PRO C 356 -31.32 -50.72 -46.24
N PHE C 357 -30.28 -50.74 -45.41
CA PHE C 357 -30.28 -51.57 -44.22
C PHE C 357 -30.57 -50.74 -42.97
N LEU C 358 -31.37 -51.31 -42.08
CA LEU C 358 -31.80 -50.61 -40.87
C LEU C 358 -30.65 -50.49 -39.87
N THR C 359 -30.65 -49.40 -39.11
CA THR C 359 -29.62 -49.13 -38.11
C THR C 359 -30.27 -48.59 -36.85
N SER C 360 -29.98 -49.23 -35.72
CA SER C 360 -30.44 -48.76 -34.42
C SER C 360 -29.26 -48.78 -33.46
N THR C 361 -29.28 -47.88 -32.48
CA THR C 361 -28.13 -47.67 -31.61
C THR C 361 -28.55 -47.71 -30.14
N TYR C 362 -27.78 -48.46 -29.35
CA TYR C 362 -27.76 -48.30 -27.90
C TYR C 362 -26.59 -47.39 -27.55
N GLY C 363 -26.22 -47.36 -26.26
CA GLY C 363 -25.08 -46.56 -25.84
C GLY C 363 -23.78 -46.95 -26.51
N SER C 364 -23.31 -46.10 -27.42
CA SER C 364 -22.03 -46.23 -28.12
C SER C 364 -21.93 -47.46 -29.01
N ILE C 365 -23.03 -48.19 -29.19
CA ILE C 365 -23.05 -49.40 -30.01
C ILE C 365 -24.17 -49.25 -31.04
N VAL C 366 -23.87 -49.60 -32.30
CA VAL C 366 -24.86 -49.49 -33.38
C VAL C 366 -25.02 -50.86 -34.03
N SER C 367 -26.00 -50.95 -34.93
CA SER C 367 -26.28 -52.18 -35.63
C SER C 367 -26.40 -51.92 -37.13
N VAL C 368 -25.95 -52.88 -37.93
CA VAL C 368 -26.00 -52.77 -39.38
C VAL C 368 -26.55 -54.08 -39.94
N LEU C 369 -27.64 -53.99 -40.70
CA LEU C 369 -28.27 -55.20 -41.22
C LEU C 369 -27.36 -55.91 -42.23
N SER C 370 -26.68 -55.15 -43.08
CA SER C 370 -25.81 -55.69 -44.14
C SER C 370 -26.69 -56.59 -45.02
N SER C 371 -26.31 -57.85 -45.26
CA SER C 371 -27.16 -58.75 -46.01
C SER C 371 -28.43 -59.07 -45.21
N PHE C 372 -29.50 -59.39 -45.94
CA PHE C 372 -30.80 -59.63 -45.30
C PHE C 372 -30.79 -60.88 -44.43
N THR C 373 -29.85 -61.80 -44.64
CA THR C 373 -29.87 -63.07 -43.92
C THR C 373 -29.23 -62.98 -42.54
N GLU C 374 -28.57 -61.87 -42.21
CA GLU C 374 -27.90 -61.73 -40.92
C GLU C 374 -27.93 -60.27 -40.50
N VAL C 375 -27.49 -60.03 -39.26
CA VAL C 375 -27.35 -58.66 -38.73
C VAL C 375 -26.02 -58.58 -37.99
N SER C 376 -25.21 -57.57 -38.32
CA SER C 376 -23.91 -57.40 -37.70
C SER C 376 -23.96 -56.26 -36.70
N ILE C 377 -23.60 -56.56 -35.45
CA ILE C 377 -23.50 -55.54 -34.43
C ILE C 377 -22.13 -54.87 -34.53
N VAL C 378 -22.12 -53.54 -34.39
CA VAL C 378 -20.95 -52.70 -34.65
C VAL C 378 -20.64 -51.93 -33.38
N ASP C 379 -19.38 -51.93 -32.98
CA ASP C 379 -18.92 -51.26 -31.78
C ASP C 379 -18.19 -49.97 -32.17
N THR C 380 -18.61 -48.85 -31.57
CA THR C 380 -18.03 -47.55 -31.83
C THR C 380 -17.43 -46.92 -30.58
N SER C 381 -16.82 -47.75 -29.72
CA SER C 381 -16.25 -47.23 -28.48
C SER C 381 -15.04 -46.34 -28.75
N ARG C 382 -14.12 -46.81 -29.59
CA ARG C 382 -12.91 -46.05 -29.87
C ARG C 382 -13.16 -45.05 -31.01
N ILE C 383 -12.22 -44.11 -31.17
CA ILE C 383 -12.35 -43.00 -32.10
C ILE C 383 -11.57 -43.31 -33.37
N ASN C 384 -12.13 -42.92 -34.51
CA ASN C 384 -11.53 -43.01 -35.84
C ASN C 384 -11.36 -44.44 -36.33
N GLN C 385 -11.72 -45.44 -35.53
CA GLN C 385 -11.65 -46.83 -35.96
C GLN C 385 -12.86 -47.58 -35.39
N ILE C 386 -13.17 -48.71 -36.01
CA ILE C 386 -14.35 -49.49 -35.67
C ILE C 386 -13.90 -50.87 -35.21
N GLN C 387 -14.41 -51.32 -34.06
CA GLN C 387 -14.10 -52.64 -33.56
C GLN C 387 -14.74 -53.71 -34.45
N ASN C 388 -14.40 -54.96 -34.16
CA ASN C 388 -14.91 -56.07 -34.95
C ASN C 388 -16.42 -56.20 -34.82
N VAL C 389 -17.08 -56.37 -35.97
CA VAL C 389 -18.52 -56.61 -35.96
C VAL C 389 -18.80 -58.06 -35.59
N SER C 390 -20.00 -58.30 -35.03
CA SER C 390 -20.41 -59.65 -34.66
C SER C 390 -21.68 -59.99 -35.41
N SER C 391 -21.65 -61.10 -36.14
CA SER C 391 -22.77 -61.48 -36.99
C SER C 391 -23.75 -62.37 -36.24
N ILE C 392 -25.04 -62.10 -36.43
CA ILE C 392 -26.12 -62.88 -35.85
C ILE C 392 -27.01 -63.37 -36.99
N ASN C 393 -27.28 -64.67 -37.02
CA ASN C 393 -28.07 -65.28 -38.07
C ASN C 393 -29.56 -64.97 -37.87
N LEU C 394 -30.26 -64.78 -38.98
CA LEU C 394 -31.69 -64.53 -38.97
C LEU C 394 -32.36 -65.35 -40.07
N GLU C 395 -33.63 -65.68 -39.86
CA GLU C 395 -34.45 -66.37 -40.84
C GLU C 395 -35.50 -65.45 -41.46
N THR C 396 -36.20 -64.67 -40.64
CA THR C 396 -37.14 -63.68 -41.13
C THR C 396 -36.50 -62.30 -41.11
N GLU C 397 -36.90 -61.46 -42.07
CA GLU C 397 -36.31 -60.13 -42.20
C GLU C 397 -37.19 -59.12 -41.50
N PRO C 398 -36.73 -58.51 -40.42
CA PRO C 398 -37.58 -57.56 -39.68
C PRO C 398 -37.55 -56.17 -40.31
N GLY C 399 -38.62 -55.41 -40.04
CA GLY C 399 -38.71 -54.03 -40.47
C GLY C 399 -38.38 -53.07 -39.35
N PHE C 400 -38.22 -53.60 -38.14
CA PHE C 400 -37.88 -52.81 -36.97
C PHE C 400 -36.72 -53.48 -36.24
N LEU C 401 -35.78 -52.68 -35.77
CA LEU C 401 -34.61 -53.19 -35.06
C LEU C 401 -34.35 -52.35 -33.83
N SER C 402 -34.00 -53.01 -32.73
CA SER C 402 -33.68 -52.33 -31.48
C SER C 402 -32.47 -53.00 -30.83
N LEU C 403 -31.65 -52.18 -30.19
CA LEU C 403 -30.43 -52.63 -29.54
C LEU C 403 -30.48 -52.32 -28.06
N GLY C 404 -30.02 -53.28 -27.25
CA GLY C 404 -29.86 -53.10 -25.83
C GLY C 404 -28.41 -53.28 -25.43
N LEU C 405 -28.18 -53.23 -24.11
CA LEU C 405 -26.84 -53.43 -23.59
C LEU C 405 -26.35 -54.85 -23.86
N TYR C 406 -27.25 -55.84 -23.75
CA TYR C 406 -26.91 -57.23 -24.01
C TYR C 406 -27.77 -57.86 -25.08
N HIS C 407 -29.06 -57.53 -25.11
CA HIS C 407 -29.98 -58.18 -26.03
C HIS C 407 -30.11 -57.39 -27.34
N LEU C 408 -30.65 -58.06 -28.35
CA LEU C 408 -30.96 -57.45 -29.64
C LEU C 408 -32.36 -57.89 -30.05
N ALA C 409 -33.20 -56.93 -30.40
CA ALA C 409 -34.61 -57.20 -30.73
C ALA C 409 -34.84 -56.95 -32.21
N ALA C 410 -35.41 -57.94 -32.89
CA ALA C 410 -35.73 -57.85 -34.31
C ALA C 410 -37.23 -58.06 -34.46
N GLY C 411 -37.94 -57.04 -34.94
CA GLY C 411 -39.38 -57.11 -35.04
C GLY C 411 -39.92 -56.93 -36.43
N ILE C 412 -40.71 -57.89 -36.89
CA ILE C 412 -41.53 -57.73 -38.07
C ILE C 412 -42.98 -57.71 -37.62
N ASN C 413 -43.90 -57.49 -38.56
CA ASN C 413 -45.32 -57.41 -38.24
C ASN C 413 -45.75 -58.59 -37.40
N ASN C 414 -46.22 -58.30 -36.18
CA ASN C 414 -46.72 -59.25 -35.19
C ASN C 414 -45.75 -60.40 -34.91
N ASN C 415 -44.44 -60.19 -35.11
CA ASN C 415 -43.44 -61.18 -34.75
C ASN C 415 -42.21 -60.49 -34.17
N VAL C 416 -41.71 -61.05 -33.07
CA VAL C 416 -40.59 -60.47 -32.33
C VAL C 416 -39.57 -61.57 -32.02
N TRP C 417 -38.29 -61.27 -32.29
CA TRP C 417 -37.17 -62.16 -32.03
C TRP C 417 -36.21 -61.47 -31.08
N TYR C 418 -35.65 -62.24 -30.15
CA TYR C 418 -34.71 -61.73 -29.16
C TYR C 418 -33.39 -62.50 -29.22
N TYR C 419 -32.29 -61.79 -29.02
CA TYR C 419 -30.97 -62.38 -28.97
C TYR C 419 -30.22 -61.85 -27.76
N LEU C 420 -29.26 -62.64 -27.29
CA LEU C 420 -28.49 -62.30 -26.09
C LEU C 420 -27.04 -62.72 -26.29
N TRP C 421 -26.13 -62.01 -25.61
CA TRP C 421 -24.71 -62.27 -25.70
C TRP C 421 -24.24 -62.93 -24.40
N LEU C 422 -23.64 -64.11 -24.53
CA LEU C 422 -23.19 -64.92 -23.39
C LEU C 422 -24.40 -65.13 -22.48
N ASP C 423 -24.31 -64.84 -21.17
CA ASP C 423 -25.45 -64.92 -20.26
C ASP C 423 -25.25 -63.86 -19.17
N GLN C 424 -25.81 -62.67 -19.40
CA GLN C 424 -25.72 -61.55 -18.47
C GLN C 424 -24.27 -61.27 -18.08
N LYS C 425 -24.01 -61.07 -16.79
CA LYS C 425 -22.70 -60.76 -16.21
C LYS C 425 -21.88 -59.83 -17.11
N ARG C 426 -20.59 -60.14 -17.30
CA ARG C 426 -19.73 -59.40 -18.20
C ARG C 426 -19.61 -60.15 -19.51
N ASN C 427 -19.62 -59.41 -20.62
CA ASN C 427 -19.62 -60.04 -21.94
C ASN C 427 -18.34 -60.83 -22.18
N GLY C 428 -17.19 -60.14 -22.19
CA GLY C 428 -15.95 -60.80 -22.53
C GLY C 428 -15.99 -61.37 -23.94
N ILE C 429 -16.06 -62.70 -24.04
CA ILE C 429 -16.24 -63.35 -25.33
C ILE C 429 -17.70 -63.22 -25.74
N ILE C 430 -17.94 -62.82 -26.98
CA ILE C 430 -19.29 -62.65 -27.50
C ILE C 430 -19.70 -63.93 -28.23
N LYS C 431 -20.93 -64.35 -28.01
CA LYS C 431 -21.46 -65.58 -28.56
C LYS C 431 -22.46 -65.29 -29.66
N GLY C 432 -22.77 -66.33 -30.45
CA GLY C 432 -23.76 -66.19 -31.49
C GLY C 432 -25.15 -65.98 -30.92
N GLY C 433 -26.01 -65.37 -31.73
CA GLY C 433 -27.36 -65.08 -31.28
C GLY C 433 -28.14 -66.35 -30.98
N GLU C 434 -28.90 -66.32 -29.89
CA GLU C 434 -29.70 -67.45 -29.44
C GLU C 434 -31.18 -67.09 -29.50
N MET C 435 -31.99 -68.02 -30.01
CA MET C 435 -33.43 -67.80 -30.17
C MET C 435 -34.10 -68.07 -28.83
N ILE C 436 -34.03 -67.07 -27.94
CA ILE C 436 -34.51 -67.25 -26.57
C ILE C 436 -36.02 -67.46 -26.56
N GLN C 437 -36.76 -66.60 -27.26
CA GLN C 437 -38.21 -66.70 -27.26
C GLN C 437 -38.78 -66.03 -28.49
N LYS C 438 -39.60 -66.75 -29.24
CA LYS C 438 -40.33 -66.21 -30.38
C LYS C 438 -41.65 -65.65 -29.89
N ARG C 439 -41.90 -64.36 -30.15
CA ARG C 439 -43.08 -63.69 -29.64
C ARG C 439 -44.01 -63.34 -30.80
N ASP C 440 -45.31 -63.58 -30.61
CA ASP C 440 -46.32 -63.26 -31.60
C ASP C 440 -47.42 -62.43 -30.95
N TYR C 441 -47.98 -61.50 -31.74
CA TYR C 441 -48.99 -60.58 -31.26
C TYR C 441 -50.21 -60.63 -32.17
N LEU C 442 -51.38 -60.32 -31.58
CA LEU C 442 -52.59 -60.22 -32.37
C LEU C 442 -52.55 -58.99 -33.26
N GLY C 443 -51.89 -57.91 -32.81
CA GLY C 443 -51.76 -56.70 -33.59
C GLY C 443 -50.33 -56.49 -34.08
N SER C 444 -50.18 -55.42 -34.85
CA SER C 444 -48.88 -55.07 -35.41
C SER C 444 -47.96 -54.49 -34.33
N VAL C 445 -46.66 -54.64 -34.55
CA VAL C 445 -45.64 -54.13 -33.64
C VAL C 445 -45.25 -52.75 -34.15
N LYS C 446 -45.83 -51.71 -33.56
CA LYS C 446 -45.55 -50.35 -34.01
C LYS C 446 -44.13 -49.93 -33.63
N ASP C 447 -43.73 -50.18 -32.37
CA ASP C 447 -42.42 -49.76 -31.92
C ASP C 447 -41.90 -50.77 -30.90
N ILE C 448 -40.58 -50.90 -30.84
CA ILE C 448 -39.90 -51.82 -29.93
C ILE C 448 -38.83 -51.03 -29.17
N ARG C 449 -38.78 -51.22 -27.86
CA ARG C 449 -37.76 -50.60 -27.03
C ARG C 449 -37.21 -51.62 -26.06
N LEU C 450 -35.94 -51.46 -25.69
CA LEU C 450 -35.27 -52.42 -24.83
C LEU C 450 -34.20 -51.70 -24.02
N ASN C 451 -34.37 -51.67 -22.70
CA ASN C 451 -33.37 -51.06 -21.84
C ASN C 451 -32.26 -52.05 -21.51
N GLU C 452 -32.59 -53.15 -20.83
CA GLU C 452 -31.64 -54.18 -20.45
C GLU C 452 -32.35 -55.34 -19.77
N PHE C 453 -32.94 -55.09 -18.59
CA PHE C 453 -33.64 -56.13 -17.86
C PHE C 453 -35.10 -56.26 -18.24
N TRP C 454 -35.66 -55.23 -18.90
CA TRP C 454 -37.04 -55.25 -19.37
C TRP C 454 -37.08 -54.80 -20.82
N ALA C 455 -38.22 -55.05 -21.46
CA ALA C 455 -38.44 -54.61 -22.84
C ALA C 455 -39.88 -54.19 -23.00
N ALA C 456 -40.13 -53.28 -23.94
CA ALA C 456 -41.45 -52.72 -24.17
C ALA C 456 -41.83 -52.89 -25.64
N VAL C 457 -43.06 -53.34 -25.87
CA VAL C 457 -43.59 -53.60 -27.20
C VAL C 457 -44.84 -52.77 -27.39
N LEU C 458 -44.94 -52.12 -28.55
CA LEU C 458 -46.08 -51.26 -28.88
C LEU C 458 -46.94 -51.92 -29.94
N THR C 459 -48.26 -51.83 -29.76
CA THR C 459 -49.24 -52.25 -30.75
C THR C 459 -50.28 -51.15 -30.88
N ASP C 460 -51.02 -51.17 -31.98
CA ASP C 460 -51.91 -50.07 -32.33
C ASP C 460 -53.08 -50.07 -31.35
N GLY C 461 -52.79 -49.62 -30.13
CA GLY C 461 -53.79 -49.54 -29.10
C GLY C 461 -53.34 -50.00 -27.72
N LYS C 462 -52.17 -50.62 -27.62
CA LYS C 462 -51.76 -51.18 -26.34
C LYS C 462 -50.25 -51.36 -26.28
N CYS C 463 -49.67 -51.03 -25.13
CA CYS C 463 -48.26 -51.27 -24.86
C CYS C 463 -48.12 -52.38 -23.84
N ILE C 464 -47.13 -53.25 -24.03
CA ILE C 464 -46.92 -54.40 -23.18
C ILE C 464 -45.45 -54.46 -22.78
N LEU C 465 -45.20 -55.09 -21.64
CA LEU C 465 -43.85 -55.28 -21.11
C LEU C 465 -43.45 -56.74 -21.18
N HIS C 466 -42.15 -56.98 -21.20
CA HIS C 466 -41.62 -58.34 -21.29
C HIS C 466 -40.27 -58.40 -20.60
N THR C 467 -39.91 -59.62 -20.19
CA THR C 467 -38.60 -59.91 -19.60
C THR C 467 -37.82 -60.80 -20.55
N ILE C 468 -36.59 -60.40 -20.87
CA ILE C 468 -35.82 -61.10 -21.88
C ILE C 468 -35.15 -62.35 -21.30
N GLN C 469 -34.44 -62.18 -20.17
CA GLN C 469 -33.66 -63.29 -19.62
C GLN C 469 -34.53 -64.47 -19.19
N PRO C 470 -35.59 -64.31 -18.38
CA PRO C 470 -36.33 -65.49 -17.92
C PRO C 470 -37.48 -65.91 -18.82
N ASN C 471 -37.60 -67.21 -19.04
CA ASN C 471 -38.76 -67.78 -19.70
C ASN C 471 -39.51 -68.77 -18.82
N ASN C 472 -38.94 -69.16 -17.67
CA ASN C 472 -39.61 -70.11 -16.79
C ASN C 472 -40.81 -69.49 -16.09
N ASN C 473 -40.75 -68.17 -15.84
CA ASN C 473 -41.85 -67.50 -15.16
C ASN C 473 -43.10 -67.52 -16.04
N VAL C 474 -44.23 -67.85 -15.42
CA VAL C 474 -45.51 -67.98 -16.11
C VAL C 474 -46.44 -66.80 -15.82
N LYS C 475 -45.96 -65.80 -15.09
CA LYS C 475 -46.76 -64.63 -14.76
C LYS C 475 -46.40 -63.50 -15.72
N ASP C 476 -47.37 -63.06 -16.50
CA ASP C 476 -47.16 -61.96 -17.42
C ASP C 476 -47.04 -60.63 -16.67
N GLN C 477 -46.34 -59.69 -17.29
CA GLN C 477 -46.15 -58.38 -16.69
C GLN C 477 -47.48 -57.65 -16.56
N LYS C 478 -47.61 -56.84 -15.51
CA LYS C 478 -48.83 -56.05 -15.31
C LYS C 478 -49.03 -55.11 -16.48
N PHE C 479 -50.16 -55.27 -17.18
CA PHE C 479 -50.41 -54.48 -18.37
C PHE C 479 -50.63 -53.01 -17.99
N PRO C 480 -49.95 -52.07 -18.65
CA PRO C 480 -50.17 -50.66 -18.36
C PRO C 480 -51.48 -50.14 -18.91
N GLN C 481 -51.67 -48.82 -18.86
CA GLN C 481 -52.82 -48.11 -19.41
C GLN C 481 -54.03 -48.20 -18.50
N ILE C 482 -55.03 -47.37 -18.75
CA ILE C 482 -56.23 -47.27 -17.94
C ILE C 482 -57.44 -47.56 -18.81
N GLU C 483 -58.64 -47.37 -18.25
CA GLU C 483 -59.89 -47.67 -18.95
C GLU C 483 -59.95 -47.03 -20.34
N THR C 484 -59.16 -46.00 -20.60
CA THR C 484 -59.08 -45.45 -21.95
C THR C 484 -58.60 -46.52 -22.94
N ASP C 485 -57.54 -47.25 -22.57
CA ASP C 485 -57.06 -48.40 -23.34
C ASP C 485 -56.74 -48.03 -24.78
N LYS C 486 -56.19 -46.85 -24.99
CA LYS C 486 -55.82 -46.37 -26.32
C LYS C 486 -54.31 -46.45 -26.51
N ALA C 487 -53.89 -46.21 -27.74
CA ALA C 487 -52.45 -46.21 -28.05
C ALA C 487 -51.74 -45.12 -27.27
N ILE C 488 -50.60 -45.47 -26.67
CA ILE C 488 -49.85 -44.52 -25.89
C ILE C 488 -49.07 -43.61 -26.82
N SER C 489 -49.28 -42.29 -26.69
CA SER C 489 -48.64 -41.34 -27.58
C SER C 489 -47.13 -41.35 -27.42
N GLY C 490 -46.64 -41.40 -26.18
CA GLY C 490 -45.21 -41.38 -25.96
C GLY C 490 -44.73 -42.43 -24.97
N ILE C 491 -43.71 -43.19 -25.35
CA ILE C 491 -43.15 -44.23 -24.48
C ILE C 491 -41.66 -43.95 -24.29
N GLY C 492 -41.21 -43.99 -23.04
CA GLY C 492 -39.80 -43.80 -22.76
C GLY C 492 -39.23 -44.72 -21.70
N LEU C 493 -38.20 -45.48 -22.06
CA LEU C 493 -37.49 -46.34 -21.13
C LEU C 493 -36.24 -45.66 -20.61
N THR C 494 -36.09 -45.63 -19.29
CA THR C 494 -34.86 -45.25 -18.63
C THR C 494 -34.30 -46.47 -17.91
N ASN C 495 -33.26 -46.26 -17.10
CA ASN C 495 -32.64 -47.37 -16.39
C ASN C 495 -33.63 -48.02 -15.42
N ASP C 496 -34.43 -47.21 -14.72
CA ASP C 496 -35.35 -47.73 -13.71
C ASP C 496 -36.75 -47.16 -13.79
N PHE C 497 -37.05 -46.28 -14.74
CA PHE C 497 -38.35 -45.63 -14.83
C PHE C 497 -38.93 -45.78 -16.23
N LEU C 498 -40.26 -45.75 -16.32
CA LEU C 498 -40.97 -45.82 -17.58
C LEU C 498 -41.92 -44.63 -17.68
N ILE C 499 -41.86 -43.91 -18.80
CA ILE C 499 -42.62 -42.68 -19.00
C ILE C 499 -43.69 -42.94 -20.04
N MET C 500 -44.94 -42.69 -19.67
CA MET C 500 -46.09 -42.84 -20.56
C MET C 500 -46.75 -41.49 -20.81
N LEU C 501 -47.05 -41.20 -22.06
CA LEU C 501 -47.76 -40.00 -22.45
C LEU C 501 -48.99 -40.42 -23.24
N ASP C 502 -50.17 -40.06 -22.77
CA ASP C 502 -51.39 -40.50 -23.42
C ASP C 502 -51.97 -39.39 -24.29
N SER C 503 -52.91 -39.77 -25.16
CA SER C 503 -53.50 -38.82 -26.09
C SER C 503 -54.36 -37.78 -25.40
N SER C 504 -54.80 -38.03 -24.17
CA SER C 504 -55.55 -37.03 -23.43
C SER C 504 -54.69 -35.87 -22.97
N GLY C 505 -53.37 -35.96 -23.10
CA GLY C 505 -52.47 -34.89 -22.71
C GLY C 505 -51.96 -35.04 -21.30
N LYS C 506 -51.75 -36.28 -20.85
CA LYS C 506 -51.31 -36.56 -19.49
C LYS C 506 -50.03 -37.38 -19.53
N ILE C 507 -49.11 -37.06 -18.61
CA ILE C 507 -47.83 -37.73 -18.49
C ILE C 507 -47.80 -38.50 -17.17
N ARG C 508 -47.22 -39.70 -17.20
CA ARG C 508 -47.19 -40.61 -16.07
C ARG C 508 -45.81 -41.24 -15.95
N TYR C 509 -45.34 -41.40 -14.72
CA TYR C 509 -44.09 -42.07 -14.41
C TYR C 509 -44.38 -43.39 -13.70
N TYR C 510 -43.61 -44.42 -14.04
CA TYR C 510 -43.85 -45.77 -13.54
C TYR C 510 -42.53 -46.34 -13.03
N HIS C 511 -42.53 -46.82 -11.80
CA HIS C 511 -41.35 -47.50 -11.26
C HIS C 511 -41.40 -48.97 -11.65
N LEU C 512 -40.30 -49.47 -12.23
CA LEU C 512 -40.27 -50.85 -12.70
C LEU C 512 -40.40 -51.84 -11.56
N GLU C 513 -39.71 -51.58 -10.44
CA GLU C 513 -39.73 -52.53 -9.34
C GLU C 513 -41.04 -52.48 -8.56
N ASP C 514 -41.57 -51.28 -8.32
CA ASP C 514 -42.78 -51.12 -7.53
C ASP C 514 -44.06 -51.20 -8.35
N GLN C 515 -44.00 -50.96 -9.66
CA GLN C 515 -45.16 -50.99 -10.54
C GLN C 515 -46.25 -50.02 -10.04
N GLN C 516 -45.84 -48.79 -9.78
CA GLN C 516 -46.74 -47.75 -9.29
C GLN C 516 -46.51 -46.46 -10.04
N PHE C 517 -47.53 -45.61 -10.05
CA PHE C 517 -47.46 -44.30 -10.70
C PHE C 517 -46.92 -43.30 -9.69
N VAL C 518 -45.61 -43.04 -9.74
CA VAL C 518 -45.00 -42.14 -8.78
C VAL C 518 -45.31 -40.68 -9.10
N VAL C 519 -45.30 -40.32 -10.38
CA VAL C 519 -45.46 -38.93 -10.80
C VAL C 519 -46.57 -38.86 -11.85
N GLU C 520 -47.49 -37.90 -11.68
CA GLU C 520 -48.57 -37.68 -12.62
C GLU C 520 -48.64 -36.20 -12.96
N TYR C 521 -48.97 -35.89 -14.22
CA TYR C 521 -49.27 -34.51 -14.61
C TYR C 521 -50.35 -34.55 -15.69
N LYS C 522 -51.57 -34.13 -15.31
CA LYS C 522 -52.72 -34.11 -16.20
C LYS C 522 -52.78 -32.88 -17.10
N PRO C 523 -52.65 -31.63 -16.57
CA PRO C 523 -52.90 -30.45 -17.42
C PRO C 523 -51.99 -30.39 -18.65
N ALA C 524 -50.69 -30.29 -18.41
CA ALA C 524 -49.66 -30.32 -19.47
C ALA C 524 -50.08 -29.55 -20.72
N ASP C 525 -50.35 -28.26 -20.53
CA ASP C 525 -50.76 -27.37 -21.62
C ASP C 525 -52.02 -27.87 -22.29
N CYS C 526 -52.17 -27.62 -23.59
CA CYS C 526 -53.38 -28.01 -24.30
C CYS C 526 -53.33 -29.50 -24.68
N GLN C 527 -52.36 -29.89 -25.50
CA GLN C 527 -52.29 -31.26 -25.97
C GLN C 527 -50.83 -31.60 -26.29
N LEU C 528 -50.46 -32.85 -26.04
CA LEU C 528 -49.11 -33.34 -26.30
C LEU C 528 -49.08 -34.13 -27.60
N VAL C 529 -47.94 -34.08 -28.29
CA VAL C 529 -47.77 -34.81 -29.54
C VAL C 529 -46.57 -35.75 -29.43
N LYS C 530 -45.40 -35.20 -29.11
CA LYS C 530 -44.17 -35.97 -29.08
C LYS C 530 -43.44 -35.73 -27.78
N ILE C 531 -42.59 -36.68 -27.39
CA ILE C 531 -41.85 -36.60 -26.15
C ILE C 531 -40.45 -37.17 -26.35
N TYR C 532 -39.49 -36.62 -25.61
CA TYR C 532 -38.13 -37.15 -25.59
C TYR C 532 -37.56 -37.00 -24.17
N PRO C 533 -37.36 -38.09 -23.45
CA PRO C 533 -36.81 -38.01 -22.10
C PRO C 533 -35.29 -38.14 -22.08
N ASN C 534 -34.72 -37.70 -20.97
CA ASN C 534 -33.29 -37.89 -20.74
C ASN C 534 -32.96 -39.35 -20.49
N PHE C 535 -31.71 -39.72 -20.72
CA PHE C 535 -31.30 -41.10 -20.48
C PHE C 535 -31.42 -41.47 -19.00
N SER C 536 -31.35 -40.49 -18.11
CA SER C 536 -31.55 -40.72 -16.69
C SER C 536 -32.99 -40.49 -16.26
N GLY C 537 -33.72 -39.62 -16.94
CA GLY C 537 -35.12 -39.36 -16.64
C GLY C 537 -35.38 -38.08 -15.87
N THR C 538 -34.34 -37.40 -15.38
CA THR C 538 -34.55 -36.17 -14.61
C THR C 538 -34.98 -35.01 -15.49
N ARG C 539 -34.69 -35.06 -16.79
CA ARG C 539 -35.10 -34.04 -17.74
C ARG C 539 -36.02 -34.66 -18.77
N VAL C 540 -36.94 -33.87 -19.33
CA VAL C 540 -37.70 -34.33 -20.49
C VAL C 540 -38.12 -33.12 -21.31
N VAL C 541 -38.17 -33.30 -22.63
CA VAL C 541 -38.62 -32.27 -23.55
C VAL C 541 -39.90 -32.76 -24.24
N CYS C 542 -40.87 -31.86 -24.38
CA CYS C 542 -42.18 -32.20 -24.91
C CYS C 542 -42.50 -31.30 -26.10
N PHE C 543 -42.98 -31.90 -27.18
CA PHE C 543 -43.42 -31.19 -28.37
C PHE C 543 -44.93 -31.24 -28.45
N ASP C 544 -45.55 -30.06 -28.44
CA ASP C 544 -46.99 -29.91 -28.38
C ASP C 544 -47.50 -29.29 -29.68
N ASN C 545 -48.83 -29.22 -29.79
CA ASN C 545 -49.53 -28.76 -30.98
C ASN C 545 -49.08 -27.37 -31.42
N LYS C 546 -49.41 -27.01 -32.67
CA LYS C 546 -48.98 -25.75 -33.30
C LYS C 546 -47.47 -25.55 -33.21
N GLY C 547 -46.73 -26.65 -33.10
CA GLY C 547 -45.27 -26.59 -33.04
C GLY C 547 -44.73 -25.93 -31.79
N SER C 548 -45.28 -26.27 -30.64
CA SER C 548 -44.82 -25.71 -29.37
C SER C 548 -43.85 -26.68 -28.70
N ALA C 549 -43.05 -26.14 -27.78
CA ALA C 549 -42.07 -26.93 -27.07
C ALA C 549 -42.04 -26.54 -25.60
N TYR C 550 -41.76 -27.53 -24.74
CA TYR C 550 -41.69 -27.32 -23.31
C TYR C 550 -40.61 -28.20 -22.71
N LEU C 551 -40.08 -27.75 -21.57
CA LEU C 551 -39.10 -28.50 -20.79
C LEU C 551 -39.73 -28.85 -19.45
N PHE C 552 -39.69 -30.12 -19.08
CA PHE C 552 -40.35 -30.62 -17.87
C PHE C 552 -39.35 -31.32 -16.97
N GLU C 553 -39.49 -31.06 -15.67
CA GLU C 553 -38.66 -31.60 -14.60
C GLU C 553 -39.55 -32.32 -13.60
N PRO C 554 -39.42 -33.64 -13.43
CA PRO C 554 -40.20 -34.31 -12.38
C PRO C 554 -39.91 -33.81 -10.98
N ALA C 555 -38.67 -33.38 -10.71
CA ALA C 555 -38.31 -32.91 -9.38
C ALA C 555 -39.07 -31.64 -9.01
N GLN C 556 -39.18 -30.69 -9.95
CA GLN C 556 -39.83 -29.42 -9.69
C GLN C 556 -41.31 -29.40 -10.07
N GLU C 557 -41.75 -30.32 -10.92
CA GLU C 557 -43.15 -30.45 -11.32
C GLU C 557 -43.69 -29.16 -11.94
N GLN C 558 -42.84 -28.43 -12.66
CA GLN C 558 -43.23 -27.19 -13.33
C GLN C 558 -42.66 -27.16 -14.74
N PHE C 559 -43.45 -26.64 -15.67
CA PHE C 559 -43.03 -26.56 -17.05
C PHE C 559 -42.21 -25.29 -17.30
N TYR C 560 -41.41 -25.33 -18.37
CA TYR C 560 -40.68 -24.16 -18.84
C TYR C 560 -40.91 -24.01 -20.34
N PRO C 561 -41.52 -22.92 -20.79
CA PRO C 561 -41.73 -22.74 -22.24
C PRO C 561 -40.41 -22.59 -22.97
N LEU C 562 -40.39 -23.03 -24.22
CA LEU C 562 -39.21 -22.97 -25.06
C LEU C 562 -39.46 -22.05 -26.25
N GLU C 563 -38.43 -21.30 -26.63
CA GLU C 563 -38.55 -20.25 -27.63
C GLU C 563 -37.57 -20.49 -28.78
N HIS C 564 -37.95 -20.01 -29.96
CA HIS C 564 -37.12 -20.09 -31.16
C HIS C 564 -36.85 -21.54 -31.57
N PHE C 565 -37.91 -22.34 -31.64
CA PHE C 565 -37.76 -23.71 -32.10
C PHE C 565 -38.44 -23.90 -33.45
N PRO C 566 -37.87 -24.72 -34.33
CA PRO C 566 -38.55 -25.01 -35.60
C PRO C 566 -39.80 -25.83 -35.39
N GLN C 567 -40.74 -25.70 -36.32
CA GLN C 567 -42.03 -26.35 -36.21
C GLN C 567 -42.07 -27.75 -36.81
N ARG C 568 -41.00 -28.18 -37.49
CA ARG C 568 -41.00 -29.48 -38.15
C ARG C 568 -39.84 -30.39 -37.72
N ALA C 569 -39.06 -30.00 -36.73
CA ALA C 569 -38.01 -30.86 -36.22
C ALA C 569 -38.62 -32.13 -35.61
N GLU C 570 -38.05 -33.28 -35.95
CA GLU C 570 -38.68 -34.55 -35.58
C GLU C 570 -37.97 -35.27 -34.46
N LYS C 571 -36.68 -34.99 -34.23
CA LYS C 571 -35.95 -35.71 -33.20
C LYS C 571 -35.01 -34.78 -32.45
N VAL C 572 -34.76 -35.15 -31.19
CA VAL C 572 -33.87 -34.44 -30.29
C VAL C 572 -32.89 -35.45 -29.70
N LEU C 573 -31.60 -35.16 -29.78
CA LEU C 573 -30.54 -36.04 -29.30
C LEU C 573 -29.87 -35.40 -28.09
N TRP C 574 -29.84 -36.14 -26.98
CA TRP C 574 -29.16 -35.67 -25.78
C TRP C 574 -27.66 -35.92 -25.90
N ASP C 575 -26.90 -35.25 -25.02
CA ASP C 575 -25.45 -35.37 -24.98
C ASP C 575 -25.07 -36.19 -23.76
N GLN C 576 -24.32 -37.27 -23.98
CA GLN C 576 -23.89 -38.11 -22.88
C GLN C 576 -22.78 -37.45 -22.07
N LYS C 577 -21.95 -36.62 -22.72
CA LYS C 577 -20.86 -35.97 -22.01
C LYS C 577 -21.38 -34.94 -21.00
N ASP C 578 -22.29 -34.08 -21.44
CA ASP C 578 -22.81 -33.00 -20.60
C ASP C 578 -24.33 -33.00 -20.70
N PRO C 579 -25.06 -33.22 -19.61
CA PRO C 579 -26.53 -33.17 -19.69
C PRO C 579 -27.07 -31.80 -20.06
N ASN C 580 -26.30 -30.74 -19.84
CA ASN C 580 -26.77 -29.39 -20.15
C ASN C 580 -26.98 -29.22 -21.65
N LEU C 581 -26.07 -29.75 -22.46
CA LEU C 581 -26.13 -29.57 -23.91
C LEU C 581 -26.97 -30.67 -24.55
N PHE C 582 -27.72 -30.29 -25.58
CA PHE C 582 -28.43 -31.25 -26.41
C PHE C 582 -28.64 -30.61 -27.78
N ALA C 583 -29.13 -31.42 -28.72
CA ALA C 583 -29.30 -30.98 -30.09
C ALA C 583 -30.68 -31.36 -30.61
N VAL C 584 -31.18 -30.57 -31.55
CA VAL C 584 -32.45 -30.82 -32.23
C VAL C 584 -32.18 -30.88 -33.72
N LEU C 585 -32.69 -31.93 -34.38
CA LEU C 585 -32.39 -32.17 -35.79
C LEU C 585 -33.59 -31.78 -36.64
N GLN C 586 -33.45 -30.69 -37.38
CA GLN C 586 -34.39 -30.33 -38.43
C GLN C 586 -34.10 -31.19 -39.66
N ASN C 587 -35.03 -31.17 -40.63
CA ASN C 587 -34.91 -32.02 -41.81
C ASN C 587 -33.59 -31.81 -42.54
N ASP C 588 -33.03 -30.59 -42.48
CA ASP C 588 -31.77 -30.30 -43.13
C ASP C 588 -30.74 -29.60 -42.25
N THR C 589 -31.13 -29.10 -41.07
CA THR C 589 -30.24 -28.33 -40.22
C THR C 589 -30.21 -28.92 -38.80
N LEU C 590 -29.11 -28.67 -38.10
CA LEU C 590 -28.92 -29.10 -36.72
C LEU C 590 -28.79 -27.88 -35.83
N ILE C 591 -29.52 -27.85 -34.73
CA ILE C 591 -29.44 -26.75 -33.78
C ILE C 591 -29.01 -27.30 -32.43
N THR C 592 -28.26 -26.50 -31.68
CA THR C 592 -27.73 -26.90 -30.38
C THR C 592 -28.29 -25.99 -29.31
N PHE C 593 -28.76 -26.59 -28.22
CA PHE C 593 -29.35 -25.87 -27.09
C PHE C 593 -28.65 -26.29 -25.81
N ILE C 594 -28.63 -25.36 -24.85
CA ILE C 594 -28.01 -25.59 -23.55
C ILE C 594 -28.96 -25.16 -22.46
N ILE C 595 -28.84 -25.77 -21.29
CA ILE C 595 -29.64 -25.42 -20.11
C ILE C 595 -28.72 -24.79 -19.08
N ASN C 596 -29.09 -23.61 -18.59
CA ASN C 596 -28.26 -22.90 -17.62
C ASN C 596 -29.04 -22.70 -16.33
N LYS C 597 -28.47 -23.17 -15.22
CA LYS C 597 -29.07 -22.99 -13.90
C LYS C 597 -28.22 -22.11 -12.98
N ASN C 598 -26.93 -21.95 -13.28
CA ASN C 598 -26.05 -21.09 -12.49
C ASN C 598 -26.19 -19.62 -12.84
N ASN C 599 -26.98 -19.28 -13.85
CA ASN C 599 -27.21 -17.89 -14.19
C ASN C 599 -27.91 -17.18 -13.03
N ILE C 600 -27.59 -15.90 -12.85
CA ILE C 600 -28.16 -15.11 -11.77
C ILE C 600 -29.65 -14.94 -12.05
N ASN C 601 -30.47 -15.24 -11.03
CA ASN C 601 -31.93 -15.00 -11.03
C ASN C 601 -32.61 -15.47 -12.32
N GLY C 602 -32.06 -16.49 -12.95
CA GLY C 602 -32.63 -16.97 -14.20
C GLY C 602 -32.23 -18.37 -14.61
N THR C 603 -33.20 -19.15 -15.07
CA THR C 603 -32.95 -20.46 -15.70
C THR C 603 -32.99 -20.22 -17.21
N LEU C 604 -31.81 -20.26 -17.83
CA LEU C 604 -31.64 -19.75 -19.18
C LEU C 604 -31.64 -20.87 -20.20
N ILE C 605 -32.45 -20.71 -21.24
CA ILE C 605 -32.41 -21.55 -22.44
C ILE C 605 -32.34 -20.63 -23.64
N GLN C 606 -31.34 -20.83 -24.50
CA GLN C 606 -31.12 -19.93 -25.61
C GLN C 606 -30.36 -20.65 -26.71
N PRO C 607 -30.81 -20.57 -27.96
CA PRO C 607 -30.01 -21.07 -29.08
C PRO C 607 -28.71 -20.29 -29.17
N VAL C 608 -27.59 -21.01 -29.05
CA VAL C 608 -26.29 -20.35 -29.06
C VAL C 608 -26.05 -19.69 -30.41
N LYS C 609 -25.56 -18.46 -30.39
CA LYS C 609 -25.40 -17.67 -31.59
C LYS C 609 -24.00 -17.85 -32.18
N GLU C 610 -23.78 -17.22 -33.33
CA GLU C 610 -22.46 -17.09 -33.92
C GLU C 610 -22.18 -15.61 -34.11
N LEU C 611 -20.97 -15.18 -33.74
CA LEU C 611 -20.63 -13.77 -33.77
C LEU C 611 -19.16 -13.61 -34.13
N LEU C 612 -18.88 -12.62 -34.99
CA LEU C 612 -17.51 -12.29 -35.37
C LEU C 612 -17.09 -10.90 -34.90
N ALA C 613 -17.97 -10.13 -34.29
CA ALA C 613 -17.62 -8.79 -33.84
C ALA C 613 -16.65 -8.85 -32.67
N ILE C 614 -15.86 -7.79 -32.53
CA ILE C 614 -14.85 -7.71 -31.46
C ILE C 614 -15.57 -7.09 -30.26
N GLU C 615 -16.29 -7.95 -29.52
CA GLU C 615 -17.04 -7.59 -28.31
C GLU C 615 -17.87 -6.33 -28.48
N ASP C 616 -18.25 -6.00 -29.72
CA ASP C 616 -18.98 -4.77 -29.97
C ASP C 616 -20.44 -4.86 -29.51
N ILE C 617 -21.09 -5.99 -29.80
CA ILE C 617 -22.52 -6.14 -29.57
C ILE C 617 -22.78 -7.43 -28.79
N LYS C 618 -23.71 -7.36 -27.85
CA LYS C 618 -24.25 -8.53 -27.16
C LYS C 618 -25.76 -8.43 -27.25
N ASN C 619 -26.32 -8.90 -28.37
CA ASN C 619 -27.74 -8.79 -28.66
C ASN C 619 -28.18 -10.06 -29.36
N PRO C 620 -29.47 -10.40 -29.29
CA PRO C 620 -29.95 -11.61 -29.98
C PRO C 620 -29.68 -11.56 -31.47
N GLY C 621 -29.35 -12.71 -32.03
CA GLY C 621 -29.06 -12.82 -33.44
C GLY C 621 -29.41 -14.19 -33.99
N PRO C 622 -29.01 -14.46 -35.23
CA PRO C 622 -29.31 -15.75 -35.85
C PRO C 622 -28.64 -16.89 -35.10
N PRO C 623 -29.35 -17.99 -34.88
CA PRO C 623 -28.74 -19.15 -34.23
C PRO C 623 -27.77 -19.87 -35.16
N VAL C 624 -26.82 -20.58 -34.55
CA VAL C 624 -25.86 -21.35 -35.32
C VAL C 624 -26.55 -22.59 -35.89
N GLN C 625 -26.31 -22.86 -37.17
CA GLN C 625 -26.92 -23.99 -37.86
C GLN C 625 -25.85 -24.83 -38.51
N THR C 626 -25.92 -26.14 -38.31
CA THR C 626 -25.01 -27.09 -38.93
C THR C 626 -25.70 -27.72 -40.13
N ILE C 627 -25.05 -27.65 -41.29
CA ILE C 627 -25.63 -28.13 -42.54
C ILE C 627 -25.39 -29.64 -42.63
N LEU C 628 -26.46 -30.40 -42.79
CA LEU C 628 -26.39 -31.84 -42.92
C LEU C 628 -26.72 -32.26 -44.36
N ASP C 629 -26.06 -33.32 -44.81
CA ASP C 629 -26.27 -33.79 -46.17
C ASP C 629 -27.67 -34.39 -46.32
N ARG C 630 -28.05 -34.62 -47.57
CA ARG C 630 -29.37 -35.16 -47.85
C ARG C 630 -29.39 -36.67 -47.64
N GLY C 631 -30.44 -37.15 -46.96
CA GLY C 631 -30.61 -38.58 -46.74
C GLY C 631 -29.58 -39.21 -45.85
N VAL C 632 -29.16 -38.52 -44.78
CA VAL C 632 -28.24 -39.06 -43.80
C VAL C 632 -28.78 -38.74 -42.41
N LYS C 633 -28.65 -39.71 -41.50
CA LYS C 633 -29.19 -39.59 -40.15
C LYS C 633 -28.09 -39.82 -39.13
N PRO C 634 -27.69 -38.81 -38.36
CA PRO C 634 -26.73 -39.04 -37.26
C PRO C 634 -27.36 -39.88 -36.16
N LEU C 635 -26.61 -40.87 -35.67
CA LEU C 635 -27.16 -41.79 -34.69
C LEU C 635 -27.34 -41.11 -33.34
N THR C 636 -26.32 -40.41 -32.85
CA THR C 636 -26.38 -39.79 -31.53
C THR C 636 -25.28 -38.74 -31.44
N LEU C 637 -25.36 -37.94 -30.37
CA LEU C 637 -24.37 -36.90 -30.09
C LEU C 637 -23.75 -37.17 -28.73
N SER C 638 -22.42 -37.19 -28.69
CA SER C 638 -21.69 -37.41 -27.44
C SER C 638 -20.29 -36.85 -27.57
N ASN C 639 -19.82 -36.20 -26.51
CA ASN C 639 -18.47 -35.60 -26.47
C ASN C 639 -18.26 -34.61 -27.61
N GLY C 640 -19.33 -33.89 -27.98
CA GLY C 640 -19.26 -33.00 -29.12
C GLY C 640 -19.12 -33.69 -30.45
N LEU C 641 -19.31 -35.01 -30.50
CA LEU C 641 -19.16 -35.79 -31.71
C LEU C 641 -20.50 -36.42 -32.06
N LEU C 642 -20.92 -36.24 -33.32
CA LEU C 642 -22.17 -36.78 -33.81
C LEU C 642 -21.89 -37.96 -34.73
N LYS C 643 -22.59 -39.07 -34.50
CA LYS C 643 -22.36 -40.30 -35.26
C LYS C 643 -23.12 -40.24 -36.58
N CYS C 644 -22.60 -39.41 -37.49
CA CYS C 644 -23.20 -39.26 -38.80
C CYS C 644 -23.10 -40.57 -39.57
N PHE C 645 -24.21 -40.96 -40.20
CA PHE C 645 -24.28 -42.20 -40.96
C PHE C 645 -24.50 -41.87 -42.44
N THR C 646 -23.63 -42.38 -43.29
CA THR C 646 -23.69 -42.17 -44.72
C THR C 646 -23.62 -43.50 -45.43
N PRO C 647 -24.15 -43.60 -46.66
CA PRO C 647 -24.17 -44.88 -47.39
C PRO C 647 -22.82 -45.58 -47.49
N SER C 648 -22.85 -46.85 -47.90
CA SER C 648 -21.71 -47.76 -47.86
C SER C 648 -21.27 -48.03 -46.43
N GLY C 649 -22.17 -47.83 -45.47
CA GLY C 649 -21.87 -48.10 -44.07
C GLY C 649 -20.77 -47.24 -43.50
N SER C 650 -20.77 -45.95 -43.80
CA SER C 650 -19.71 -45.06 -43.36
C SER C 650 -20.17 -44.24 -42.15
N ILE C 651 -19.35 -44.23 -41.10
CA ILE C 651 -19.63 -43.48 -39.88
C ILE C 651 -18.65 -42.33 -39.81
N ASN C 652 -19.18 -41.11 -39.83
CA ASN C 652 -18.38 -39.89 -39.76
C ASN C 652 -18.66 -39.21 -38.42
N GLY C 653 -17.60 -39.01 -37.63
CA GLY C 653 -17.75 -38.30 -36.38
C GLY C 653 -18.08 -36.83 -36.59
N GLN C 654 -17.42 -36.19 -37.55
CA GLN C 654 -17.62 -34.78 -37.87
C GLN C 654 -17.59 -33.92 -36.61
N ASN C 655 -18.37 -32.84 -36.60
CA ASN C 655 -18.50 -31.96 -35.44
C ASN C 655 -19.56 -30.89 -35.67
N LEU C 656 -20.18 -30.41 -34.61
CA LEU C 656 -21.06 -29.26 -34.72
C LEU C 656 -20.23 -28.02 -35.03
N THR C 657 -20.81 -27.09 -35.78
CA THR C 657 -20.07 -25.86 -36.07
C THR C 657 -20.19 -24.87 -34.91
N SER C 658 -20.03 -25.38 -33.69
CA SER C 658 -19.77 -24.57 -32.51
C SER C 658 -18.50 -25.07 -31.85
N HIS C 659 -18.40 -26.40 -31.69
CA HIS C 659 -17.20 -27.03 -31.17
C HIS C 659 -16.16 -27.29 -32.25
N SER C 660 -16.51 -27.08 -33.53
CA SER C 660 -15.57 -27.31 -34.60
C SER C 660 -14.36 -26.40 -34.48
N TYR C 661 -14.59 -25.12 -34.19
CA TYR C 661 -13.47 -24.21 -34.02
C TYR C 661 -12.74 -24.46 -32.71
N LEU C 662 -13.45 -24.96 -31.70
CA LEU C 662 -12.79 -25.35 -30.46
C LEU C 662 -11.80 -26.48 -30.69
N GLY C 663 -12.17 -27.47 -31.50
CA GLY C 663 -11.27 -28.56 -31.79
C GLY C 663 -10.20 -28.21 -32.81
N SER C 664 -10.48 -27.25 -33.69
CA SER C 664 -9.49 -26.86 -34.69
C SER C 664 -8.39 -26.01 -34.08
N TYR C 665 -8.68 -25.28 -33.00
CA TYR C 665 -7.68 -24.43 -32.39
C TYR C 665 -6.58 -25.26 -31.75
N LYS C 666 -5.34 -24.80 -31.91
CA LYS C 666 -4.18 -25.47 -31.32
C LYS C 666 -3.45 -24.59 -30.31
N GLY C 667 -3.19 -23.33 -30.64
CA GLY C 667 -2.58 -22.42 -29.69
C GLY C 667 -1.13 -22.68 -29.40
N ARG C 668 -0.42 -23.37 -30.30
CA ARG C 668 1.00 -23.62 -30.09
C ARG C 668 1.80 -22.33 -30.30
N ASP C 669 1.69 -21.75 -31.51
CA ASP C 669 2.31 -20.46 -31.76
C ASP C 669 1.33 -19.31 -31.55
N ASP C 670 0.02 -19.62 -31.52
CA ASP C 670 -1.05 -18.67 -31.24
C ASP C 670 -1.21 -17.66 -32.38
N THR C 671 -2.38 -17.03 -32.47
CA THR C 671 -2.67 -16.06 -33.52
C THR C 671 -3.42 -14.89 -32.87
N ASP C 672 -4.00 -14.03 -33.71
CA ASP C 672 -4.78 -12.90 -33.22
C ASP C 672 -6.25 -13.01 -33.59
N GLN C 673 -6.58 -13.14 -34.88
CA GLN C 673 -7.97 -13.27 -35.29
C GLN C 673 -8.54 -14.63 -34.90
N GLY C 674 -7.80 -15.70 -35.20
CA GLY C 674 -8.24 -17.03 -34.81
C GLY C 674 -8.31 -17.20 -33.32
N HIS C 675 -7.35 -16.63 -32.59
CA HIS C 675 -7.39 -16.68 -31.13
C HIS C 675 -8.62 -15.96 -30.60
N TYR C 676 -8.96 -14.81 -31.18
CA TYR C 676 -10.14 -14.09 -30.71
C TYR C 676 -11.42 -14.85 -31.03
N ARG C 677 -11.49 -15.50 -32.20
CA ARG C 677 -12.64 -16.32 -32.51
C ARG C 677 -12.76 -17.51 -31.56
N PHE C 678 -11.63 -18.11 -31.20
CA PHE C 678 -11.63 -19.19 -30.21
C PHE C 678 -12.14 -18.70 -28.87
N PHE C 679 -11.69 -17.52 -28.45
CA PHE C 679 -12.18 -16.94 -27.21
C PHE C 679 -13.68 -16.66 -27.26
N LEU C 680 -14.15 -16.14 -28.40
CA LEU C 680 -15.57 -15.85 -28.55
C LEU C 680 -16.42 -17.11 -28.46
N GLN C 681 -15.99 -18.18 -29.13
CA GLN C 681 -16.76 -19.43 -29.07
C GLN C 681 -16.68 -20.06 -27.68
N ASN C 682 -15.55 -19.92 -26.97
CA ASN C 682 -15.48 -20.39 -25.60
C ASN C 682 -16.44 -19.62 -24.70
N LEU C 683 -16.52 -18.30 -24.88
CA LEU C 683 -17.48 -17.51 -24.13
C LEU C 683 -18.91 -17.92 -24.46
N GLN C 684 -19.16 -18.24 -25.73
CA GLN C 684 -20.48 -18.72 -26.12
C GLN C 684 -20.82 -20.04 -25.43
N LEU C 685 -19.86 -20.94 -25.33
CA LEU C 685 -20.08 -22.25 -24.71
C LEU C 685 -19.68 -22.30 -23.24
N HIS C 686 -19.31 -21.17 -22.65
CA HIS C 686 -18.99 -21.07 -21.22
C HIS C 686 -17.81 -21.95 -20.83
N LYS C 687 -16.87 -22.16 -21.75
CA LYS C 687 -15.61 -22.83 -21.43
C LYS C 687 -14.66 -21.78 -20.86
N TYR C 688 -14.82 -21.51 -19.56
CA TYR C 688 -14.17 -20.36 -18.95
C TYR C 688 -12.67 -20.57 -18.74
N ASN C 689 -12.19 -21.82 -18.70
CA ASN C 689 -10.76 -22.05 -18.63
C ASN C 689 -10.07 -21.67 -19.94
N ASN C 690 -10.67 -22.07 -21.06
CA ASN C 690 -10.18 -21.59 -22.35
C ASN C 690 -10.31 -20.07 -22.42
N CYS C 691 -11.36 -19.52 -21.80
CA CYS C 691 -11.52 -18.06 -21.80
C CYS C 691 -10.38 -17.38 -21.06
N LEU C 692 -10.00 -17.91 -19.89
CA LEU C 692 -8.95 -17.28 -19.10
C LEU C 692 -7.59 -17.45 -19.77
N ILE C 693 -7.34 -18.59 -20.41
CA ILE C 693 -6.08 -18.72 -21.13
C ILE C 693 -6.05 -17.76 -22.32
N ALA C 694 -7.15 -17.65 -23.07
CA ALA C 694 -7.20 -16.73 -24.20
C ALA C 694 -7.03 -15.29 -23.73
N ALA C 695 -7.53 -14.98 -22.55
CA ALA C 695 -7.30 -13.67 -21.96
C ALA C 695 -5.83 -13.47 -21.61
N GLN C 696 -5.20 -14.47 -20.99
CA GLN C 696 -3.82 -14.28 -20.55
C GLN C 696 -2.84 -14.21 -21.72
N PHE C 697 -3.22 -14.72 -22.90
CA PHE C 697 -2.37 -14.48 -24.07
C PHE C 697 -2.36 -13.01 -24.47
N LEU C 698 -3.52 -12.34 -24.44
CA LEU C 698 -3.65 -10.97 -24.91
C LEU C 698 -3.82 -10.05 -23.71
N HIS C 699 -2.85 -9.16 -23.48
CA HIS C 699 -2.79 -8.36 -22.27
C HIS C 699 -3.71 -7.14 -22.30
N ASN C 700 -4.69 -7.10 -23.20
CA ASN C 700 -5.62 -5.97 -23.23
C ASN C 700 -6.48 -5.93 -21.97
N ALA C 701 -6.62 -4.73 -21.39
CA ALA C 701 -7.33 -4.60 -20.12
C ALA C 701 -8.84 -4.66 -20.28
N VAL C 702 -9.36 -4.13 -21.40
CA VAL C 702 -10.81 -4.13 -21.60
C VAL C 702 -11.34 -5.55 -21.72
N LEU C 703 -10.60 -6.42 -22.41
CA LEU C 703 -10.99 -7.83 -22.48
C LEU C 703 -10.94 -8.48 -21.11
N TYR C 704 -9.94 -8.13 -20.30
CA TYR C 704 -9.88 -8.64 -18.94
C TYR C 704 -11.11 -8.24 -18.14
N LYS C 705 -11.50 -6.97 -18.23
CA LYS C 705 -12.67 -6.50 -17.48
C LYS C 705 -13.94 -7.18 -17.97
N GLU C 706 -14.09 -7.32 -19.29
CA GLU C 706 -15.28 -7.96 -19.83
C GLU C 706 -15.37 -9.43 -19.39
N LEU C 707 -14.24 -10.15 -19.45
CA LEU C 707 -14.23 -11.54 -19.03
C LEU C 707 -14.52 -11.67 -17.54
N GLY C 708 -13.96 -10.78 -16.72
CA GLY C 708 -14.25 -10.81 -15.30
C GLY C 708 -15.71 -10.56 -15.00
N ARG C 709 -16.31 -9.58 -15.68
CA ARG C 709 -17.73 -9.31 -15.50
C ARG C 709 -18.58 -10.49 -15.93
N LYS C 710 -18.24 -11.12 -17.06
CA LYS C 710 -19.01 -12.26 -17.53
C LYS C 710 -18.89 -13.44 -16.57
N ALA C 711 -17.69 -13.69 -16.05
CA ALA C 711 -17.49 -14.78 -15.09
C ALA C 711 -18.24 -14.51 -13.80
N LEU C 712 -18.22 -13.27 -13.32
CA LEU C 712 -18.96 -12.94 -12.11
C LEU C 712 -20.46 -13.06 -12.35
N GLU C 713 -20.91 -12.81 -13.58
CA GLU C 713 -22.33 -12.92 -13.88
C GLU C 713 -22.81 -14.37 -13.79
N PHE C 714 -21.95 -15.34 -14.13
CA PHE C 714 -22.30 -16.74 -14.09
C PHE C 714 -21.70 -17.46 -12.87
N VAL C 715 -21.62 -16.74 -11.74
CA VAL C 715 -21.12 -17.22 -10.45
C VAL C 715 -19.90 -18.13 -10.58
N ASP C 716 -19.04 -17.83 -11.55
CA ASP C 716 -17.75 -18.50 -11.68
C ASP C 716 -16.73 -17.61 -10.97
N LEU C 717 -16.54 -17.88 -9.68
CA LEU C 717 -15.84 -16.92 -8.81
C LEU C 717 -14.33 -16.98 -9.01
N ASP C 718 -13.78 -18.18 -9.18
CA ASP C 718 -12.32 -18.31 -9.33
C ASP C 718 -11.82 -17.68 -10.62
N VAL C 719 -12.54 -17.91 -11.73
CA VAL C 719 -12.15 -17.31 -13.01
C VAL C 719 -12.24 -15.80 -12.92
N ALA C 720 -13.29 -15.28 -12.28
CA ALA C 720 -13.45 -13.84 -12.13
C ALA C 720 -12.31 -13.25 -11.30
N LEU C 721 -11.96 -13.90 -10.19
CA LEU C 721 -10.88 -13.37 -9.36
C LEU C 721 -9.54 -13.40 -10.09
N LYS C 722 -9.29 -14.47 -10.85
CA LYS C 722 -8.06 -14.53 -11.63
C LYS C 722 -8.00 -13.43 -12.67
N SER C 723 -9.12 -13.21 -13.37
CA SER C 723 -9.15 -12.16 -14.39
C SER C 723 -8.95 -10.78 -13.77
N TYR C 724 -9.59 -10.52 -12.63
CA TYR C 724 -9.46 -9.21 -11.99
C TYR C 724 -8.06 -9.01 -11.41
N GLN C 725 -7.44 -10.09 -10.90
CA GLN C 725 -6.07 -10.00 -10.43
C GLN C 725 -5.11 -9.72 -11.58
N LEU C 726 -5.32 -10.36 -12.73
CA LEU C 726 -4.47 -10.10 -13.88
C LEU C 726 -4.69 -8.70 -14.44
N ALA C 727 -5.91 -8.17 -14.31
CA ALA C 727 -6.19 -6.81 -14.77
C ALA C 727 -5.36 -5.78 -13.99
N GLY C 728 -5.26 -5.96 -12.68
CA GLY C 728 -4.52 -5.02 -11.86
C GLY C 728 -5.40 -4.30 -10.85
N SER C 729 -6.56 -4.88 -10.56
CA SER C 729 -7.54 -4.30 -9.66
C SER C 729 -7.65 -5.18 -8.42
N LEU C 730 -7.72 -4.56 -7.24
CA LEU C 730 -7.73 -5.28 -5.97
C LEU C 730 -9.03 -5.09 -5.19
N SER C 731 -9.61 -3.88 -5.27
CA SER C 731 -10.83 -3.60 -4.53
C SER C 731 -11.94 -4.57 -4.86
N MET C 732 -11.98 -5.08 -6.10
CA MET C 732 -12.92 -6.14 -6.43
C MET C 732 -12.45 -7.49 -5.91
N VAL C 733 -11.14 -7.75 -5.85
CA VAL C 733 -10.70 -9.09 -5.47
C VAL C 733 -10.92 -9.35 -3.98
N MET C 734 -10.79 -8.34 -3.12
CA MET C 734 -11.14 -8.56 -1.72
C MET C 734 -12.62 -8.93 -1.57
N THR C 735 -13.50 -8.23 -2.27
CA THR C 735 -14.91 -8.57 -2.24
C THR C 735 -15.18 -9.94 -2.83
N ILE C 736 -14.42 -10.32 -3.86
CA ILE C 736 -14.59 -11.64 -4.48
C ILE C 736 -14.23 -12.74 -3.48
N GLN C 737 -13.13 -12.55 -2.74
CA GLN C 737 -12.77 -13.53 -1.72
C GLN C 737 -13.82 -13.58 -0.62
N SER C 738 -14.31 -12.41 -0.18
CA SER C 738 -15.34 -12.38 0.84
C SER C 738 -16.61 -13.09 0.39
N PHE C 739 -16.93 -13.01 -0.90
CA PHE C 739 -18.08 -13.72 -1.44
C PHE C 739 -17.79 -15.21 -1.57
N GLN C 740 -16.55 -15.56 -1.91
CA GLN C 740 -16.14 -16.97 -1.98
C GLN C 740 -16.28 -17.66 -0.64
N HIS C 741 -16.04 -16.95 0.46
CA HIS C 741 -16.25 -17.57 1.77
C HIS C 741 -17.69 -18.05 1.93
N ILE C 742 -18.66 -17.17 1.65
CA ILE C 742 -20.06 -17.48 1.93
C ILE C 742 -20.58 -18.48 0.89
N ASN C 743 -21.35 -19.45 1.38
CA ASN C 743 -22.06 -20.39 0.52
C ASN C 743 -23.56 -20.12 0.51
N GLU C 744 -24.09 -19.36 1.47
CA GLU C 744 -25.52 -19.10 1.55
C GLU C 744 -26.03 -18.53 0.24
N LYS C 745 -27.14 -19.08 -0.25
CA LYS C 745 -27.39 -19.10 -1.69
C LYS C 745 -28.03 -17.80 -2.15
N ASN C 746 -29.18 -17.45 -1.59
CA ASN C 746 -29.76 -16.14 -1.87
C ASN C 746 -28.81 -15.03 -1.45
N ILE C 747 -28.00 -15.29 -0.41
CA ILE C 747 -26.99 -14.31 0.01
C ILE C 747 -25.98 -14.07 -1.11
N ILE C 748 -25.45 -15.15 -1.70
CA ILE C 748 -24.49 -14.99 -2.79
C ILE C 748 -25.14 -14.34 -3.99
N TYR C 749 -26.37 -14.72 -4.32
CA TYR C 749 -27.02 -14.14 -5.50
C TYR C 749 -27.25 -12.64 -5.32
N GLY C 750 -27.74 -12.23 -4.14
CA GLY C 750 -27.92 -10.81 -3.88
C GLY C 750 -26.61 -10.05 -3.83
N ASN C 751 -25.58 -10.68 -3.25
CA ASN C 751 -24.26 -10.05 -3.22
C ASN C 751 -23.72 -9.85 -4.63
N ILE C 752 -23.92 -10.82 -5.51
CA ILE C 752 -23.47 -10.70 -6.90
C ILE C 752 -24.24 -9.60 -7.60
N ALA C 753 -25.56 -9.54 -7.40
CA ALA C 753 -26.36 -8.49 -8.02
C ALA C 753 -25.91 -7.11 -7.54
N MET C 754 -25.60 -6.98 -6.25
CA MET C 754 -25.13 -5.71 -5.72
C MET C 754 -23.74 -5.37 -6.25
N ILE C 755 -22.85 -6.36 -6.33
CA ILE C 755 -21.46 -6.10 -6.68
C ILE C 755 -21.35 -5.74 -8.15
N LEU C 756 -22.23 -6.30 -8.99
CA LEU C 756 -22.10 -6.09 -10.43
C LEU C 756 -22.95 -4.92 -10.92
N GLY C 757 -24.26 -5.01 -10.74
CA GLY C 757 -25.16 -4.05 -11.38
C GLY C 757 -26.15 -3.36 -10.47
N GLN C 758 -27.44 -3.51 -10.80
CA GLN C 758 -28.50 -2.79 -10.11
C GLN C 758 -28.57 -3.19 -8.64
N TYR C 759 -29.27 -2.36 -7.86
CA TYR C 759 -29.34 -2.50 -6.41
C TYR C 759 -30.71 -2.94 -5.92
N ASP C 760 -31.80 -2.58 -6.61
CA ASP C 760 -33.12 -2.98 -6.16
C ASP C 760 -33.30 -4.49 -6.22
N LEU C 761 -32.78 -5.13 -7.27
CA LEU C 761 -32.90 -6.58 -7.40
C LEU C 761 -32.08 -7.29 -6.30
N ALA C 762 -30.92 -6.73 -5.95
CA ALA C 762 -30.16 -7.27 -4.83
C ALA C 762 -30.95 -7.15 -3.53
N GLN C 763 -31.63 -6.02 -3.33
CA GLN C 763 -32.49 -5.87 -2.16
C GLN C 763 -33.62 -6.90 -2.15
N GLU C 764 -34.23 -7.13 -3.31
CA GLU C 764 -35.30 -8.12 -3.38
C GLU C 764 -34.79 -9.52 -3.06
N LEU C 765 -33.60 -9.87 -3.58
CA LEU C 765 -33.01 -11.16 -3.26
C LEU C 765 -32.71 -11.28 -1.78
N PHE C 766 -32.22 -10.20 -1.16
CA PHE C 766 -31.90 -10.23 0.26
C PHE C 766 -33.15 -10.41 1.11
N LEU C 767 -34.24 -9.71 0.77
CA LEU C 767 -35.51 -9.95 1.45
C LEU C 767 -35.99 -11.39 1.25
N LYS C 768 -35.81 -11.93 0.04
CA LYS C 768 -36.16 -13.33 -0.20
C LYS C 768 -35.32 -14.28 0.64
N SER C 769 -34.15 -13.86 1.09
CA SER C 769 -33.29 -14.67 1.93
C SER C 769 -33.76 -14.61 3.38
N SER C 770 -32.97 -15.15 4.29
CA SER C 770 -33.28 -15.14 5.72
C SER C 770 -32.52 -14.08 6.49
N GLN C 771 -31.85 -13.16 5.80
CA GLN C 771 -31.09 -12.08 6.43
C GLN C 771 -31.49 -10.74 5.80
N PRO C 772 -32.70 -10.26 6.10
CA PRO C 772 -33.09 -8.94 5.58
C PRO C 772 -32.28 -7.79 6.15
N ILE C 773 -31.58 -7.99 7.27
CA ILE C 773 -30.74 -6.94 7.83
C ILE C 773 -29.61 -6.58 6.87
N LEU C 774 -29.17 -7.55 6.05
CA LEU C 774 -28.18 -7.24 5.02
C LEU C 774 -28.75 -6.27 3.99
N ALA C 775 -30.00 -6.48 3.59
CA ALA C 775 -30.66 -5.52 2.71
C ALA C 775 -30.81 -4.16 3.38
N LEU C 776 -31.14 -4.16 4.67
CA LEU C 776 -31.31 -2.89 5.39
C LEU C 776 -30.00 -2.11 5.43
N GLU C 777 -28.88 -2.78 5.72
CA GLU C 777 -27.60 -2.09 5.77
C GLU C 777 -27.17 -1.67 4.36
N MET C 778 -27.51 -2.45 3.33
CA MET C 778 -27.20 -2.05 1.97
C MET C 778 -27.98 -0.79 1.60
N ARG C 779 -29.25 -0.71 1.99
CA ARG C 779 -30.05 0.48 1.71
C ARG C 779 -29.55 1.68 2.52
N SER C 780 -29.09 1.46 3.75
CA SER C 780 -28.45 2.53 4.51
C SER C 780 -27.19 3.02 3.79
N ASP C 781 -26.45 2.09 3.18
CA ASP C 781 -25.33 2.47 2.33
C ASP C 781 -25.79 3.34 1.16
N ILE C 782 -26.90 2.95 0.52
CA ILE C 782 -27.44 3.77 -0.57
C ILE C 782 -27.91 5.12 -0.05
N GLN C 783 -28.17 5.24 1.25
CA GLN C 783 -28.54 6.49 1.91
C GLN C 783 -29.88 7.03 1.44
N ASP C 784 -30.82 6.16 1.10
CA ASP C 784 -32.16 6.58 0.72
C ASP C 784 -33.06 6.60 1.96
N TYR C 785 -33.62 7.77 2.27
CA TYR C 785 -34.47 7.90 3.45
C TYR C 785 -35.68 6.98 3.39
N LEU C 786 -36.47 7.10 2.32
CA LEU C 786 -37.78 6.44 2.28
C LEU C 786 -37.63 4.93 2.33
N THR C 787 -36.82 4.37 1.43
CA THR C 787 -36.70 2.92 1.34
C THR C 787 -36.11 2.34 2.61
N ALA C 788 -34.99 2.89 3.07
CA ALA C 788 -34.31 2.34 4.25
C ALA C 788 -35.18 2.44 5.49
N LEU C 789 -35.79 3.61 5.71
CA LEU C 789 -36.61 3.80 6.91
C LEU C 789 -37.85 2.91 6.88
N ASN C 790 -38.54 2.84 5.73
CA ASN C 790 -39.73 2.00 5.64
C ASN C 790 -39.38 0.53 5.83
N LEU C 791 -38.29 0.07 5.22
CA LEU C 791 -37.88 -1.31 5.40
C LEU C 791 -37.51 -1.59 6.84
N ALA C 792 -36.79 -0.67 7.48
CA ALA C 792 -36.41 -0.87 8.88
C ALA C 792 -37.65 -0.96 9.77
N LYS C 793 -38.64 -0.11 9.55
CA LYS C 793 -39.87 -0.21 10.31
C LYS C 793 -40.61 -1.50 10.01
N SER C 794 -40.50 -2.00 8.77
CA SER C 794 -41.23 -3.19 8.38
C SER C 794 -40.65 -4.45 9.01
N ILE C 795 -39.32 -4.61 8.97
CA ILE C 795 -38.71 -5.88 9.34
C ILE C 795 -38.13 -5.84 10.75
N ALA C 796 -37.23 -4.90 11.02
CA ALA C 796 -36.47 -4.85 12.26
C ALA C 796 -36.54 -3.44 12.85
N PRO C 797 -37.62 -3.12 13.55
CA PRO C 797 -37.78 -1.77 14.11
C PRO C 797 -36.93 -1.48 15.34
N GLN C 798 -36.03 -2.40 15.73
CA GLN C 798 -35.16 -2.17 16.87
C GLN C 798 -33.87 -1.44 16.51
N GLU C 799 -33.63 -1.20 15.22
CA GLU C 799 -32.48 -0.43 14.77
C GLU C 799 -32.87 0.98 14.31
N GLU C 800 -34.03 1.46 14.76
CA GLU C 800 -34.49 2.79 14.37
C GLU C 800 -33.55 3.93 14.75
N PRO C 801 -32.99 4.00 15.99
CA PRO C 801 -32.19 5.18 16.36
C PRO C 801 -31.02 5.47 15.44
N PHE C 802 -30.13 4.48 15.26
CA PHE C 802 -28.86 4.73 14.57
C PHE C 802 -29.08 5.35 13.20
N ILE C 803 -29.90 4.70 12.36
CA ILE C 803 -30.14 5.22 11.02
C ILE C 803 -30.72 6.62 11.08
N CYS C 804 -31.61 6.87 12.05
CA CYS C 804 -32.19 8.20 12.21
C CYS C 804 -31.08 9.24 12.39
N ARG C 805 -30.09 8.92 13.23
CA ARG C 805 -28.98 9.85 13.44
C ARG C 805 -28.33 10.22 12.12
N ARG C 806 -28.13 9.23 11.23
CA ARG C 806 -27.55 9.52 9.92
C ARG C 806 -28.32 10.62 9.22
N LEU C 807 -29.65 10.50 9.19
CA LEU C 807 -30.44 11.48 8.46
C LEU C 807 -30.39 12.83 9.15
N ALA C 808 -30.20 12.85 10.47
CA ALA C 808 -29.96 14.10 11.16
C ALA C 808 -28.75 14.81 10.56
N PHE C 809 -27.67 14.06 10.35
CA PHE C 809 -26.54 14.61 9.62
C PHE C 809 -26.98 15.12 8.25
N GLN C 810 -27.76 14.30 7.54
CA GLN C 810 -28.30 14.74 6.25
C GLN C 810 -29.08 16.03 6.42
N ILE C 811 -29.89 16.14 7.47
CA ILE C 811 -30.74 17.31 7.61
C ILE C 811 -29.94 18.52 8.09
N GLU C 812 -28.70 18.33 8.56
CA GLU C 812 -27.88 19.51 8.77
C GLU C 812 -27.03 19.82 7.53
N ASN C 813 -26.92 18.86 6.62
CA ASN C 813 -26.30 19.15 5.33
C ASN C 813 -27.24 19.96 4.44
N GLN C 814 -28.53 19.58 4.41
CA GLN C 814 -29.51 20.26 3.56
C GLN C 814 -29.80 21.69 4.00
N GLY C 815 -29.43 22.07 5.22
CA GLY C 815 -29.70 23.40 5.72
C GLY C 815 -31.01 23.56 6.47
N ASN C 816 -31.85 22.52 6.50
CA ASN C 816 -33.10 22.57 7.24
C ASN C 816 -32.80 22.39 8.72
N ASN C 817 -32.71 23.50 9.45
CA ASN C 817 -32.26 23.45 10.84
C ASN C 817 -33.36 22.96 11.76
N GLN C 818 -34.62 23.32 11.49
CA GLN C 818 -35.70 23.00 12.42
C GLN C 818 -35.96 21.50 12.52
N GLU C 819 -35.88 20.78 11.40
CA GLU C 819 -36.13 19.34 11.42
C GLU C 819 -35.09 18.59 12.25
N ALA C 820 -33.88 19.15 12.34
CA ALA C 820 -32.83 18.51 13.12
C ALA C 820 -33.23 18.38 14.59
N ARG C 821 -33.86 19.42 15.13
CA ARG C 821 -34.25 19.40 16.54
C ARG C 821 -35.20 18.24 16.82
N LYS C 822 -36.27 18.11 16.02
CA LYS C 822 -37.25 17.06 16.28
C LYS C 822 -36.67 15.68 16.00
N LEU C 823 -35.88 15.53 14.93
CA LEU C 823 -35.28 14.22 14.65
C LEU C 823 -34.35 13.78 15.78
N TYR C 824 -33.49 14.70 16.24
CA TYR C 824 -32.58 14.37 17.33
C TYR C 824 -33.34 14.07 18.62
N GLU C 825 -34.40 14.84 18.90
CA GLU C 825 -35.17 14.59 20.12
C GLU C 825 -35.85 13.23 20.07
N ARG C 826 -36.43 12.87 18.91
CA ARG C 826 -37.04 11.55 18.78
C ARG C 826 -36.02 10.45 18.96
N ALA C 827 -34.83 10.60 18.36
CA ALA C 827 -33.78 9.61 18.52
C ALA C 827 -33.35 9.50 19.98
N VAL C 828 -33.22 10.64 20.67
CA VAL C 828 -32.80 10.64 22.06
C VAL C 828 -33.82 9.92 22.92
N LEU C 829 -35.11 10.20 22.72
CA LEU C 829 -36.14 9.51 23.48
C LEU C 829 -36.14 8.02 23.20
N ASN C 830 -35.99 7.63 21.93
CA ASN C 830 -36.00 6.22 21.58
C ASN C 830 -34.83 5.48 22.23
N LYS C 831 -33.63 6.07 22.20
CA LYS C 831 -32.50 5.38 22.81
C LYS C 831 -32.50 5.47 24.33
N ASP C 832 -33.18 6.47 24.92
CA ASP C 832 -33.32 6.52 26.37
C ASP C 832 -34.34 5.52 26.87
N ASP C 833 -35.32 5.15 26.04
CA ASP C 833 -36.30 4.14 26.44
C ASP C 833 -35.64 2.79 26.70
N ARG C 834 -34.53 2.50 26.01
CA ARG C 834 -33.85 1.22 26.16
C ARG C 834 -32.62 1.40 27.03
N PRO C 835 -32.56 0.79 28.23
CA PRO C 835 -31.40 0.96 29.10
C PRO C 835 -30.29 -0.07 28.93
N SER C 836 -30.53 -1.16 28.22
CA SER C 836 -29.52 -2.20 28.07
C SER C 836 -28.41 -1.75 27.12
N ASP C 837 -27.19 -2.24 27.39
CA ASP C 837 -26.01 -1.97 26.58
C ASP C 837 -25.75 -0.46 26.50
N ARG C 838 -25.42 0.11 27.66
CA ARG C 838 -25.32 1.55 27.83
C ARG C 838 -24.17 2.18 27.03
N SER C 839 -23.24 1.38 26.49
CA SER C 839 -22.10 1.96 25.78
C SER C 839 -22.53 2.60 24.46
N LYS C 840 -23.18 1.80 23.60
CA LYS C 840 -23.66 2.33 22.33
C LYS C 840 -24.71 3.41 22.55
N ILE C 841 -25.57 3.22 23.55
CA ILE C 841 -26.58 4.23 23.88
C ILE C 841 -25.93 5.54 24.27
N ASP C 842 -24.85 5.48 25.06
CA ASP C 842 -24.16 6.69 25.48
C ASP C 842 -23.46 7.36 24.30
N ASN C 843 -22.86 6.57 23.41
CA ASN C 843 -22.23 7.15 22.23
C ASN C 843 -23.27 7.87 21.36
N HIS C 844 -24.42 7.22 21.14
CA HIS C 844 -25.49 7.85 20.37
C HIS C 844 -26.01 9.09 21.07
N ASN C 845 -26.11 9.05 22.39
CA ASN C 845 -26.54 10.22 23.16
C ASN C 845 -25.57 11.38 22.99
N GLN C 846 -24.27 11.10 23.03
CA GLN C 846 -23.27 12.15 22.83
C GLN C 846 -23.40 12.75 21.44
N LEU C 847 -23.56 11.90 20.42
CA LEU C 847 -23.70 12.41 19.05
C LEU C 847 -24.95 13.27 18.91
N CYS C 848 -26.08 12.81 19.46
CA CYS C 848 -27.33 13.55 19.33
C CYS C 848 -27.29 14.85 20.14
N PHE C 849 -26.62 14.83 21.30
CA PHE C 849 -26.47 16.05 22.07
C PHE C 849 -25.62 17.07 21.34
N ALA C 850 -24.55 16.62 20.68
CA ALA C 850 -23.77 17.52 19.84
C ALA C 850 -24.62 18.09 18.72
N GLY C 851 -25.47 17.24 18.11
CA GLY C 851 -26.32 17.72 17.03
C GLY C 851 -27.31 18.78 17.48
N ILE C 852 -27.99 18.54 18.60
CA ILE C 852 -28.94 19.55 19.08
C ILE C 852 -28.21 20.81 19.52
N SER C 853 -27.01 20.67 20.10
CA SER C 853 -26.25 21.85 20.48
C SER C 853 -25.92 22.72 19.26
N ARG C 854 -25.37 22.10 18.22
CA ARG C 854 -25.00 22.87 17.04
C ARG C 854 -26.21 23.48 16.35
N THR C 855 -27.31 22.71 16.24
CA THR C 855 -28.49 23.25 15.55
C THR C 855 -29.16 24.34 16.37
N SER C 856 -29.12 24.24 17.71
CA SER C 856 -29.71 25.29 18.54
C SER C 856 -28.87 26.56 18.51
N ILE C 857 -27.54 26.41 18.48
CA ILE C 857 -26.67 27.57 18.32
C ILE C 857 -26.93 28.24 16.98
N LYS C 858 -27.05 27.44 15.91
CA LYS C 858 -27.33 28.01 14.60
C LYS C 858 -28.72 28.64 14.55
N LEU C 859 -29.66 28.16 15.37
CA LEU C 859 -31.02 28.68 15.40
C LEU C 859 -31.22 29.74 16.49
N GLY C 860 -30.17 30.10 17.21
CA GLY C 860 -30.27 31.13 18.23
C GLY C 860 -30.64 30.66 19.62
N ASP C 861 -30.91 29.37 19.81
CA ASP C 861 -31.20 28.83 21.14
C ASP C 861 -29.87 28.65 21.89
N ILE C 862 -29.36 29.78 22.38
CA ILE C 862 -28.00 29.81 22.92
C ILE C 862 -27.92 29.06 24.24
N GLN C 863 -28.88 29.29 25.14
CA GLN C 863 -28.76 28.81 26.51
C GLN C 863 -28.73 27.28 26.57
N ARG C 864 -29.72 26.64 25.96
CA ARG C 864 -29.78 25.18 26.00
C ARG C 864 -28.58 24.57 25.30
N GLY C 865 -28.17 25.14 24.17
CA GLY C 865 -27.03 24.60 23.44
C GLY C 865 -25.75 24.67 24.24
N VAL C 866 -25.48 25.83 24.85
CA VAL C 866 -24.24 25.97 25.62
C VAL C 866 -24.28 25.08 26.85
N THR C 867 -25.46 24.92 27.47
CA THR C 867 -25.55 24.03 28.62
C THR C 867 -25.24 22.59 28.22
N ILE C 868 -25.94 22.09 27.20
CA ILE C 868 -25.75 20.70 26.80
C ILE C 868 -24.35 20.49 26.25
N ALA C 869 -23.69 21.55 25.79
CA ALA C 869 -22.26 21.46 25.52
C ALA C 869 -21.46 21.37 26.82
N LYS C 870 -21.97 22.00 27.89
CA LYS C 870 -21.26 22.00 29.16
C LYS C 870 -21.20 20.60 29.77
N GLU C 871 -22.35 19.91 29.89
CA GLU C 871 -22.29 18.64 30.62
C GLU C 871 -21.57 17.56 29.82
N LEU C 872 -21.59 17.66 28.49
CA LEU C 872 -20.88 16.68 27.68
C LEU C 872 -19.38 16.77 27.91
N ILE C 873 -18.71 15.60 27.85
CA ILE C 873 -17.34 15.48 28.30
C ILE C 873 -16.35 15.32 27.15
N ASP C 874 -16.78 14.87 25.98
CA ASP C 874 -15.85 14.61 24.89
C ASP C 874 -15.30 15.94 24.36
N ASN C 875 -13.96 16.08 24.43
CA ASN C 875 -13.36 17.40 24.27
C ASN C 875 -13.37 17.88 22.82
N ASN C 876 -13.06 17.01 21.87
CA ASN C 876 -12.92 17.45 20.48
C ASN C 876 -14.26 17.87 19.89
N ILE C 877 -15.33 17.16 20.24
CA ILE C 877 -16.66 17.55 19.78
C ILE C 877 -17.03 18.92 20.34
N VAL C 878 -16.74 19.16 21.62
CA VAL C 878 -17.01 20.47 22.22
C VAL C 878 -16.18 21.54 21.51
N ILE C 879 -14.94 21.21 21.14
CA ILE C 879 -14.10 22.15 20.41
C ILE C 879 -14.72 22.49 19.06
N GLU C 880 -15.24 21.48 18.35
CA GLU C 880 -15.88 21.73 17.07
C GLU C 880 -17.13 22.59 17.22
N ILE C 881 -17.93 22.32 18.25
CA ILE C 881 -19.12 23.14 18.50
C ILE C 881 -18.72 24.57 18.81
N ALA C 882 -17.65 24.75 19.59
CA ALA C 882 -17.15 26.09 19.88
C ALA C 882 -16.68 26.78 18.61
N VAL C 883 -16.04 26.03 17.71
CA VAL C 883 -15.62 26.59 16.43
C VAL C 883 -16.82 27.09 15.65
N VAL C 884 -17.87 26.27 15.59
CA VAL C 884 -19.08 26.65 14.84
C VAL C 884 -19.70 27.91 15.45
N CYS C 885 -19.81 27.94 16.78
CA CYS C 885 -20.52 29.05 17.42
C CYS C 885 -19.72 30.34 17.37
N GLU C 886 -18.38 30.25 17.38
CA GLU C 886 -17.58 31.46 17.18
C GLU C 886 -17.61 31.89 15.72
N ASN C 887 -17.78 30.93 14.80
CA ASN C 887 -17.90 31.29 13.39
C ASN C 887 -19.20 32.01 13.09
N MET C 888 -20.29 31.65 13.78
CA MET C 888 -21.58 32.23 13.40
C MET C 888 -21.72 33.66 13.90
N LYS C 889 -21.92 33.85 15.20
CA LYS C 889 -21.88 35.19 15.78
C LYS C 889 -21.28 35.24 17.18
N GLN C 890 -21.36 34.12 17.91
CA GLN C 890 -21.17 34.14 19.36
C GLN C 890 -19.70 33.91 19.69
N TYR C 891 -19.05 34.95 20.18
CA TYR C 891 -17.63 34.86 20.50
C TYR C 891 -17.42 34.43 21.96
N LEU C 892 -18.03 35.16 22.90
CA LEU C 892 -17.72 34.95 24.31
C LEU C 892 -18.09 33.54 24.77
N GLU C 893 -19.27 33.06 24.36
CA GLU C 893 -19.68 31.70 24.73
C GLU C 893 -18.70 30.67 24.17
N ALA C 894 -18.26 30.87 22.93
CA ALA C 894 -17.20 30.04 22.38
C ALA C 894 -15.97 30.09 23.27
N ALA C 895 -15.66 31.26 23.82
CA ALA C 895 -14.47 31.39 24.65
C ALA C 895 -14.59 30.56 25.93
N GLU C 896 -15.75 30.62 26.60
CA GLU C 896 -15.89 29.78 27.80
C GLU C 896 -15.88 28.30 27.44
N LEU C 897 -16.49 27.93 26.30
CA LEU C 897 -16.43 26.54 25.88
C LEU C 897 -15.00 26.09 25.59
N TYR C 898 -14.19 26.98 25.00
CA TYR C 898 -12.77 26.68 24.82
C TYR C 898 -12.07 26.49 26.15
N GLN C 899 -12.37 27.36 27.12
CA GLN C 899 -11.74 27.24 28.44
C GLN C 899 -12.09 25.93 29.10
N LYS C 900 -13.35 25.50 28.98
CA LYS C 900 -13.78 24.25 29.61
C LYS C 900 -13.37 23.00 28.82
N SER C 901 -12.85 23.16 27.61
CA SER C 901 -12.45 22.01 26.78
C SER C 901 -10.96 21.72 26.87
N GLY C 902 -10.20 22.49 27.66
CA GLY C 902 -8.79 22.21 27.88
C GLY C 902 -7.81 23.00 27.03
N MET C 903 -8.29 23.77 26.05
CA MET C 903 -7.43 24.59 25.20
C MET C 903 -7.88 26.03 25.34
N LEU C 904 -6.99 26.88 25.88
CA LEU C 904 -7.39 28.21 26.35
C LEU C 904 -6.68 29.37 25.67
N GLU C 905 -5.69 29.12 24.81
CA GLU C 905 -4.98 30.24 24.18
C GLU C 905 -5.91 31.03 23.27
N LYS C 906 -6.75 30.34 22.49
CA LYS C 906 -7.75 31.04 21.69
C LYS C 906 -8.82 31.67 22.57
N ALA C 907 -9.11 31.07 23.71
CA ALA C 907 -10.04 31.69 24.65
C ALA C 907 -9.49 33.01 25.17
N ALA C 908 -8.20 33.06 25.51
CA ALA C 908 -7.60 34.32 25.93
C ALA C 908 -7.55 35.33 24.79
N SER C 909 -7.26 34.86 23.57
CA SER C 909 -7.26 35.76 22.42
C SER C 909 -8.64 36.38 22.21
N LEU C 910 -9.69 35.59 22.38
CA LEU C 910 -11.04 36.11 22.24
C LEU C 910 -11.43 37.02 23.40
N TYR C 911 -10.99 36.71 24.62
CA TYR C 911 -11.24 37.59 25.75
C TYR C 911 -10.61 38.95 25.55
N ILE C 912 -9.37 38.99 25.07
CA ILE C 912 -8.76 40.29 24.78
C ILE C 912 -9.39 40.91 23.54
N GLU C 913 -9.96 40.08 22.65
CA GLU C 913 -10.73 40.62 21.53
C GLU C 913 -12.03 41.25 22.01
N SER C 914 -12.70 40.61 22.97
CA SER C 914 -13.96 41.12 23.50
C SER C 914 -13.71 42.10 24.65
N LYS C 915 -14.78 42.57 25.27
CA LYS C 915 -14.69 43.50 26.39
C LYS C 915 -14.65 42.76 27.72
N ASP C 916 -13.72 41.82 27.84
CA ASP C 916 -13.56 40.98 29.02
C ASP C 916 -12.12 41.01 29.54
N PHE C 917 -11.56 42.22 29.66
CA PHE C 917 -10.18 42.34 30.10
C PHE C 917 -10.01 41.92 31.56
N LYS C 918 -11.08 41.97 32.35
CA LYS C 918 -10.98 41.60 33.76
C LYS C 918 -10.61 40.13 33.92
N LYS C 919 -11.19 39.26 33.09
CA LYS C 919 -10.83 37.85 33.12
C LYS C 919 -9.60 37.55 32.26
N ALA C 920 -9.27 38.46 31.35
CA ALA C 920 -8.08 38.27 30.52
C ALA C 920 -6.81 38.64 31.27
N ALA C 921 -6.93 39.45 32.32
CA ALA C 921 -5.74 39.82 33.09
C ALA C 921 -5.04 38.63 33.72
N PRO C 922 -5.73 37.69 34.39
CA PRO C 922 -5.01 36.47 34.84
C PRO C 922 -4.39 35.69 33.70
N LEU C 923 -5.07 35.64 32.53
CA LEU C 923 -4.51 34.94 31.39
C LEU C 923 -3.20 35.57 30.95
N ILE C 924 -3.15 36.90 30.88
CA ILE C 924 -1.88 37.59 30.64
C ILE C 924 -0.90 37.29 31.76
N SER C 925 -1.43 37.04 32.96
CA SER C 925 -0.55 36.84 34.12
C SER C 925 0.24 35.54 34.02
N MET C 926 -0.41 34.42 33.70
CA MET C 926 0.38 33.19 33.74
C MET C 926 1.12 32.95 32.42
N ILE C 927 0.42 33.04 31.28
CA ILE C 927 1.07 32.77 30.00
C ILE C 927 1.76 34.04 29.51
N LYS C 928 2.90 33.85 28.86
CA LYS C 928 3.79 34.95 28.48
C LYS C 928 3.80 35.21 26.98
N SER C 929 2.74 34.82 26.26
CA SER C 929 2.65 35.01 24.82
C SER C 929 2.84 36.48 24.44
N PRO C 930 3.93 36.82 23.73
CA PRO C 930 4.17 38.23 23.40
C PRO C 930 3.17 38.81 22.42
N ASN C 931 2.72 38.02 21.44
CA ASN C 931 1.70 38.51 20.51
C ASN C 931 0.39 38.81 21.25
N LEU C 932 0.03 37.96 22.20
CA LEU C 932 -1.14 38.23 23.04
C LEU C 932 -0.97 39.52 23.82
N LEU C 933 0.25 39.77 24.33
CA LEU C 933 0.52 41.01 25.04
C LEU C 933 0.36 42.22 24.13
N LYS C 934 0.88 42.12 22.89
CA LYS C 934 0.76 43.23 21.95
C LYS C 934 -0.70 43.52 21.61
N GLN C 935 -1.48 42.45 21.37
CA GLN C 935 -2.90 42.66 21.07
C GLN C 935 -3.65 43.20 22.27
N TYR C 936 -3.31 42.76 23.48
CA TYR C 936 -3.93 43.31 24.68
C TYR C 936 -3.60 44.79 24.85
N ALA C 937 -2.35 45.17 24.57
CA ALA C 937 -1.98 46.58 24.64
C ALA C 937 -2.72 47.40 23.59
N LYS C 938 -2.92 46.82 22.39
CA LYS C 938 -3.71 47.50 21.37
C LYS C 938 -5.15 47.70 21.84
N ALA C 939 -5.72 46.67 22.48
CA ALA C 939 -7.07 46.81 23.03
C ALA C 939 -7.13 47.88 24.10
N LYS C 940 -6.12 47.95 24.96
CA LYS C 940 -6.08 48.98 26.01
C LYS C 940 -5.97 50.38 25.41
N GLU C 941 -5.12 50.56 24.40
CA GLU C 941 -4.99 51.89 23.81
C GLU C 941 -6.24 52.27 23.03
N SER C 942 -6.96 51.28 22.48
CA SER C 942 -8.27 51.56 21.90
C SER C 942 -9.26 51.97 22.98
N GLU C 943 -9.19 51.33 24.15
CA GLU C 943 -10.07 51.71 25.25
C GLU C 943 -9.80 53.13 25.74
N GLY C 944 -8.53 53.50 25.83
CA GLY C 944 -8.13 54.81 26.31
C GLY C 944 -7.18 54.80 27.49
N ALA C 945 -6.98 53.66 28.15
CA ALA C 945 -6.05 53.59 29.28
C ALA C 945 -4.63 53.73 28.77
N TYR C 946 -4.03 54.90 28.99
CA TYR C 946 -2.69 55.18 28.47
C TYR C 946 -1.60 54.52 29.30
N ASN C 947 -1.73 54.50 30.63
CA ASN C 947 -0.67 53.96 31.47
C ASN C 947 -0.66 52.43 31.45
N GLU C 948 -1.84 51.81 31.42
CA GLU C 948 -1.90 50.35 31.38
C GLU C 948 -1.35 49.82 30.06
N ALA C 949 -1.79 50.39 28.93
CA ALA C 949 -1.21 50.03 27.64
C ALA C 949 0.27 50.40 27.59
N GLU C 950 0.64 51.50 28.24
CA GLU C 950 2.05 51.87 28.33
C GLU C 950 2.88 50.75 28.95
N GLN C 951 2.46 50.26 30.12
CA GLN C 951 3.20 49.20 30.77
C GLN C 951 3.16 47.90 29.98
N THR C 952 2.01 47.60 29.35
CA THR C 952 1.91 46.38 28.56
C THR C 952 2.87 46.42 27.36
N TYR C 953 2.96 47.57 26.68
CA TYR C 953 3.95 47.72 25.63
C TYR C 953 5.38 47.67 26.17
N GLU C 954 5.60 48.21 27.37
CA GLU C 954 6.92 48.13 27.98
C GLU C 954 7.35 46.68 28.16
N GLN C 955 6.45 45.84 28.68
CA GLN C 955 6.86 44.50 29.08
C GLN C 955 7.02 43.54 27.90
N ALA C 956 6.29 43.72 26.80
CA ALA C 956 6.41 42.69 25.77
C ALA C 956 7.64 42.91 24.91
N GLU C 957 7.60 43.84 23.94
CA GLU C 957 8.83 44.41 23.42
C GLU C 957 8.62 45.79 22.78
N SER C 958 7.38 46.28 22.76
CA SER C 958 6.99 47.37 21.87
C SER C 958 7.15 48.69 22.62
N TRP C 959 8.38 49.19 22.65
CA TRP C 959 8.69 50.39 23.41
C TRP C 959 8.84 51.65 22.55
N GLU C 960 8.72 51.52 21.22
CA GLU C 960 8.84 52.70 20.36
C GLU C 960 7.66 53.64 20.55
N ASP C 961 6.47 53.10 20.78
CA ASP C 961 5.30 53.92 21.06
C ASP C 961 5.25 54.35 22.52
N VAL C 962 5.98 53.67 23.40
CA VAL C 962 6.05 54.05 24.81
C VAL C 962 6.59 55.46 24.95
N VAL C 963 7.66 55.78 24.23
CA VAL C 963 8.30 57.09 24.38
C VAL C 963 7.40 58.19 23.81
N ARG C 964 6.72 57.93 22.68
CA ARG C 964 5.85 58.95 22.11
C ARG C 964 4.62 59.18 22.99
N LEU C 965 4.11 58.13 23.64
CA LEU C 965 3.00 58.33 24.56
C LEU C 965 3.47 59.10 25.79
N ASN C 966 4.72 58.87 26.21
CA ASN C 966 5.32 59.70 27.26
C ASN C 966 5.40 61.16 26.82
N LEU C 967 5.74 61.38 25.54
CA LEU C 967 5.70 62.74 24.99
C LEU C 967 4.30 63.35 25.11
N ASP C 968 3.27 62.60 24.71
CA ASP C 968 1.94 63.19 24.57
C ASP C 968 1.39 63.63 25.92
N LYS C 969 1.37 62.74 26.90
CA LYS C 969 0.76 63.10 28.18
C LYS C 969 1.62 62.80 29.40
N LEU C 970 2.37 61.68 29.40
CA LEU C 970 3.01 61.24 30.63
C LEU C 970 4.15 62.15 31.04
N ASP C 971 5.04 62.50 30.10
CA ASP C 971 6.22 63.33 30.37
C ASP C 971 7.09 62.72 31.48
N ASN C 972 7.24 61.39 31.45
CA ASN C 972 8.05 60.67 32.44
C ASN C 972 9.44 60.46 31.87
N LEU C 973 10.32 61.45 32.13
CA LEU C 973 11.63 61.45 31.50
C LEU C 973 12.57 60.41 32.12
N ARG C 974 12.57 60.31 33.46
CA ARG C 974 13.49 59.39 34.12
C ARG C 974 13.15 57.94 33.79
N LYS C 975 11.85 57.63 33.78
CA LYS C 975 11.42 56.28 33.42
C LYS C 975 11.77 55.96 31.97
N ALA C 976 11.63 56.94 31.07
CA ALA C 976 12.02 56.73 29.68
C ALA C 976 13.51 56.47 29.56
N ILE C 977 14.32 57.23 30.31
CA ILE C 977 15.77 57.00 30.30
C ILE C 977 16.08 55.59 30.79
N ALA C 978 15.40 55.14 31.84
CA ALA C 978 15.58 53.77 32.31
C ALA C 978 15.17 52.77 31.23
N VAL C 979 14.12 53.08 30.47
CA VAL C 979 13.64 52.17 29.43
C VAL C 979 14.68 52.01 28.33
N LEU C 980 15.25 53.13 27.85
CA LEU C 980 16.27 53.02 26.80
C LEU C 980 17.51 52.26 27.27
N ARG C 981 17.80 52.30 28.57
CA ARG C 981 18.95 51.58 29.11
C ARG C 981 18.64 50.11 29.35
N THR C 982 17.41 49.68 29.05
CA THR C 982 17.05 48.28 29.11
C THR C 982 16.49 47.75 27.80
N LYS C 983 16.54 48.52 26.71
CA LYS C 983 15.91 48.12 25.45
C LYS C 983 16.81 48.34 24.24
N CYS C 984 18.09 48.67 24.45
CA CYS C 984 19.07 48.79 23.38
C CYS C 984 18.62 49.84 22.35
N ASP C 985 18.61 51.09 22.81
CA ASP C 985 18.07 52.19 22.03
C ASP C 985 18.79 52.36 20.69
N THR C 986 18.00 52.66 19.65
CA THR C 986 18.48 52.98 18.32
C THR C 986 18.11 54.43 17.99
N SER C 987 18.43 54.84 16.75
CA SER C 987 18.23 56.23 16.36
C SER C 987 16.76 56.63 16.40
N THR C 988 15.87 55.69 16.07
CA THR C 988 14.44 56.01 16.05
C THR C 988 13.96 56.47 17.41
N VAL C 989 14.41 55.82 18.48
CA VAL C 989 14.08 56.28 19.83
C VAL C 989 15.09 57.32 20.32
N CYS C 990 16.28 57.37 19.71
CA CYS C 990 17.23 58.41 20.07
C CYS C 990 16.76 59.79 19.64
N LEU C 991 15.81 59.86 18.70
CA LEU C 991 15.17 61.14 18.40
C LEU C 991 13.86 61.33 19.16
N MET C 992 13.18 60.24 19.53
CA MET C 992 12.14 60.32 20.55
C MET C 992 12.66 61.00 21.82
N VAL C 993 13.87 60.66 22.24
CA VAL C 993 14.40 61.27 23.46
C VAL C 993 14.90 62.69 23.22
N ALA C 994 15.31 63.01 21.98
CA ALA C 994 15.48 64.41 21.64
C ALA C 994 14.19 65.16 21.87
N ASN C 995 13.07 64.56 21.45
CA ASN C 995 11.76 65.18 21.69
C ASN C 995 11.46 65.30 23.18
N VAL C 996 11.78 64.27 23.97
CA VAL C 996 11.45 64.33 25.40
C VAL C 996 12.27 65.41 26.09
N CYS C 997 13.51 65.60 25.66
CA CYS C 997 14.35 66.61 26.30
C CYS C 997 14.09 68.00 25.75
N GLU C 998 13.41 68.11 24.60
CA GLU C 998 13.06 69.43 24.09
C GLU C 998 12.21 70.22 25.08
N LYS C 999 11.36 69.54 25.85
CA LYS C 999 10.48 70.23 26.80
C LYS C 999 11.10 70.31 28.20
N GLN C 1000 12.36 70.69 28.27
CA GLN C 1000 13.03 70.86 29.55
C GLN C 1000 13.66 72.24 29.73
N GLY C 1001 14.20 72.82 28.67
CA GLY C 1001 14.86 74.10 28.75
C GLY C 1001 16.33 74.03 29.11
N ASN C 1002 16.86 72.85 29.44
CA ASN C 1002 18.27 72.69 29.74
C ASN C 1002 19.05 72.16 28.55
N TYR C 1003 18.49 71.19 27.85
CA TYR C 1003 18.99 70.63 26.58
C TYR C 1003 20.30 69.86 26.73
N GLY C 1004 20.85 69.75 27.94
CA GLY C 1004 22.05 68.94 28.11
C GLY C 1004 21.78 67.46 27.90
N GLU C 1005 20.73 66.94 28.55
CA GLU C 1005 20.34 65.55 28.33
C GLU C 1005 20.06 65.30 26.86
N LEU C 1006 19.49 66.29 26.16
CA LEU C 1006 19.39 66.21 24.71
C LEU C 1006 20.75 66.03 24.06
N VAL C 1007 21.77 66.75 24.57
CA VAL C 1007 23.10 66.64 24.00
C VAL C 1007 23.64 65.23 24.15
N GLU C 1008 23.58 64.67 25.37
CA GLU C 1008 24.09 63.31 25.54
C GLU C 1008 23.29 62.29 24.75
N PHE C 1009 21.96 62.46 24.69
CA PHE C 1009 21.13 61.50 23.96
C PHE C 1009 21.44 61.53 22.46
N LEU C 1010 21.61 62.72 21.88
CA LEU C 1010 21.91 62.78 20.45
C LEU C 1010 23.36 62.40 20.18
N LEU C 1011 24.25 62.53 21.16
CA LEU C 1011 25.58 61.95 21.02
C LEU C 1011 25.52 60.43 20.99
N LYS C 1012 24.68 59.84 21.83
CA LYS C 1012 24.45 58.40 21.76
C LYS C 1012 23.77 58.02 20.45
N ALA C 1013 23.02 58.95 19.86
CA ALA C 1013 22.29 58.66 18.63
C ALA C 1013 23.23 58.40 17.46
N GLY C 1014 24.24 59.26 17.29
CA GLY C 1014 25.01 59.31 16.08
C GLY C 1014 24.49 60.29 15.05
N LYS C 1015 23.29 60.82 15.24
CA LYS C 1015 22.75 61.89 14.41
C LYS C 1015 23.41 63.21 14.84
N LYS C 1016 24.66 63.38 14.41
CA LYS C 1016 25.57 64.36 14.98
C LYS C 1016 25.78 65.56 14.06
N GLU C 1017 24.81 65.87 13.21
CA GLU C 1017 24.89 67.05 12.35
C GLU C 1017 23.94 68.15 12.83
N GLU C 1018 22.64 67.85 12.95
CA GLU C 1018 21.71 68.83 13.46
C GLU C 1018 21.85 69.01 14.96
N ALA C 1019 22.30 67.97 15.67
CA ALA C 1019 22.62 68.12 17.10
C ALA C 1019 23.72 69.15 17.29
N PHE C 1020 24.73 69.12 16.42
CA PHE C 1020 25.80 70.10 16.46
C PHE C 1020 25.28 71.53 16.37
N GLN C 1021 24.46 71.80 15.35
CA GLN C 1021 23.99 73.17 15.15
C GLN C 1021 23.00 73.58 16.22
N LYS C 1022 22.20 72.63 16.72
CA LYS C 1022 21.27 72.94 17.80
C LYS C 1022 22.02 73.29 19.08
N ALA C 1023 23.09 72.55 19.38
CA ALA C 1023 23.87 72.81 20.58
C ALA C 1023 24.61 74.14 20.48
N GLN C 1024 25.19 74.43 19.31
CA GLN C 1024 25.90 75.70 19.16
C GLN C 1024 24.93 76.87 19.06
N GLN C 1025 23.67 76.60 18.73
CA GLN C 1025 22.66 77.63 18.81
C GLN C 1025 22.21 77.86 20.25
N TYR C 1026 22.49 76.90 21.14
CA TYR C 1026 22.11 77.00 22.54
C TYR C 1026 23.31 77.06 23.47
N ASN C 1027 24.53 77.17 22.92
CA ASN C 1027 25.75 77.45 23.68
C ASN C 1027 26.08 76.32 24.68
N VAL C 1028 26.18 75.09 24.18
CA VAL C 1028 26.49 73.94 25.03
C VAL C 1028 27.70 73.22 24.43
N MET C 1029 28.62 73.99 23.83
CA MET C 1029 29.80 73.42 23.19
C MET C 1029 30.68 72.63 24.15
N ASP C 1030 30.57 72.87 25.46
CA ASP C 1030 31.45 72.16 26.39
C ASP C 1030 31.31 70.65 26.25
N ALA C 1031 30.16 70.10 26.63
CA ALA C 1031 29.98 68.65 26.63
C ALA C 1031 29.98 68.08 25.21
N TYR C 1032 29.27 68.74 24.29
CA TYR C 1032 29.15 68.21 22.93
C TYR C 1032 30.51 68.16 22.24
N SER C 1033 31.30 69.22 22.38
CA SER C 1033 32.65 69.23 21.81
C SER C 1033 33.54 68.21 22.52
N ASP C 1034 33.39 68.07 23.84
CA ASP C 1034 34.17 67.09 24.58
C ASP C 1034 33.94 65.69 24.03
N ASN C 1035 32.70 65.34 23.73
CA ASN C 1035 32.43 64.01 23.19
C ASN C 1035 32.78 63.92 21.71
N MET C 1036 32.62 65.02 20.97
CA MET C 1036 32.77 65.01 19.53
C MET C 1036 34.20 65.24 19.07
N LYS C 1037 35.14 65.47 19.98
CA LYS C 1037 36.51 65.66 19.51
C LYS C 1037 37.16 64.37 18.97
N ASP C 1038 36.45 63.25 18.84
CA ASP C 1038 37.04 62.01 18.36
C ASP C 1038 36.42 61.47 17.08
N PHE C 1039 35.34 62.09 16.58
CA PHE C 1039 34.64 61.56 15.41
C PHE C 1039 35.08 62.25 14.12
N THR C 1040 34.93 63.56 14.04
CA THR C 1040 35.26 64.30 12.83
C THR C 1040 36.01 65.58 13.19
N LEU C 1041 36.76 66.09 12.22
CA LEU C 1041 37.57 67.29 12.41
C LEU C 1041 37.37 68.31 11.30
N GLU C 1042 36.32 68.18 10.49
CA GLU C 1042 36.12 69.08 9.36
C GLU C 1042 35.63 70.46 9.78
N GLU C 1043 34.93 70.56 10.91
CA GLU C 1043 34.34 71.81 11.37
C GLU C 1043 34.93 72.26 12.70
N ARG C 1044 36.24 72.06 12.87
CA ARG C 1044 36.88 72.40 14.15
C ARG C 1044 36.93 73.91 14.37
N LEU C 1045 37.18 74.68 13.31
CA LEU C 1045 37.45 76.10 13.46
C LEU C 1045 36.22 76.84 13.98
N ARG C 1046 35.03 76.51 13.47
CA ARG C 1046 33.81 77.18 13.94
C ARG C 1046 33.55 76.84 15.40
N ILE C 1047 33.75 75.58 15.79
CA ILE C 1047 33.56 75.20 17.18
C ILE C 1047 34.49 75.98 18.08
N ALA C 1048 35.77 76.07 17.70
CA ALA C 1048 36.74 76.80 18.51
C ALA C 1048 36.39 78.27 18.61
N GLN C 1049 35.97 78.88 17.49
CA GLN C 1049 35.63 80.30 17.50
C GLN C 1049 34.42 80.57 18.40
N TYR C 1050 33.36 79.76 18.25
CA TYR C 1050 32.16 79.98 19.06
C TYR C 1050 32.39 79.65 20.52
N TYR C 1051 33.32 78.74 20.81
CA TYR C 1051 33.64 78.44 22.20
C TYR C 1051 34.48 79.55 22.83
N GLU C 1052 35.38 80.16 22.04
CA GLU C 1052 36.15 81.30 22.53
C GLU C 1052 35.26 82.51 22.73
N ASN C 1053 34.23 82.67 21.89
CA ASN C 1053 33.31 83.79 22.04
C ASN C 1053 32.51 83.72 23.33
N GLN C 1054 32.51 82.58 24.02
CA GLN C 1054 31.74 82.42 25.25
C GLN C 1054 32.46 82.99 26.47
N GLY C 1055 33.70 83.48 26.32
CA GLY C 1055 34.42 84.08 27.41
C GLY C 1055 35.47 83.20 28.05
N ILE C 1056 35.53 81.92 27.69
CA ILE C 1056 36.52 80.99 28.23
C ILE C 1056 37.61 80.79 27.20
N TRP C 1057 38.85 80.63 27.69
CA TRP C 1057 39.99 80.52 26.79
C TRP C 1057 40.98 79.45 27.23
N VAL C 1058 40.59 78.55 28.12
CA VAL C 1058 41.50 77.51 28.58
C VAL C 1058 41.32 76.22 27.79
N LYS C 1059 40.08 75.86 27.46
CA LYS C 1059 39.82 74.66 26.67
C LYS C 1059 39.71 74.92 25.18
N ALA C 1060 39.31 76.13 24.78
CA ALA C 1060 39.28 76.48 23.37
C ALA C 1060 40.70 76.55 22.79
N ALA C 1061 41.67 76.97 23.60
CA ALA C 1061 43.06 77.00 23.13
C ALA C 1061 43.55 75.60 22.81
N LYS C 1062 43.23 74.62 23.66
CA LYS C 1062 43.55 73.23 23.36
C LYS C 1062 42.78 72.71 22.17
N HIS C 1063 41.55 73.19 21.95
CA HIS C 1063 40.79 72.78 20.78
C HIS C 1063 41.43 73.29 19.48
N PHE C 1064 41.95 74.52 19.50
CA PHE C 1064 42.67 75.03 18.34
C PHE C 1064 43.85 74.13 17.96
N GLU C 1065 44.44 73.43 18.94
CA GLU C 1065 45.47 72.45 18.66
C GLU C 1065 44.95 71.27 17.85
N GLN C 1066 43.75 70.78 18.16
CA GLN C 1066 43.14 69.67 17.45
C GLN C 1066 42.38 70.10 16.21
N ALA C 1067 42.62 71.32 15.72
CA ALA C 1067 41.93 71.85 14.55
C ALA C 1067 42.77 71.74 13.28
N LYS C 1068 43.83 70.93 13.31
CA LYS C 1068 44.77 70.80 12.20
C LYS C 1068 45.35 72.16 11.83
N ASN C 1069 45.61 72.98 12.85
CA ASN C 1069 46.15 74.33 12.68
C ASN C 1069 47.33 74.49 13.62
N PRO C 1070 48.50 73.95 13.25
CA PRO C 1070 49.68 74.08 14.13
C PRO C 1070 50.08 75.52 14.40
N THR C 1071 49.89 76.42 13.44
CA THR C 1071 50.24 77.82 13.63
C THR C 1071 49.43 78.43 14.75
N LYS C 1072 48.10 78.28 14.69
CA LYS C 1072 47.25 78.78 15.76
C LYS C 1072 47.55 78.06 17.07
N SER C 1073 47.85 76.76 16.98
CA SER C 1073 48.18 75.98 18.18
C SER C 1073 49.35 76.59 18.92
N LEU C 1074 50.45 76.82 18.22
CA LEU C 1074 51.64 77.39 18.85
C LEU C 1074 51.39 78.83 19.28
N LYS C 1075 50.65 79.60 18.47
CA LYS C 1075 50.41 81.00 18.80
C LYS C 1075 49.63 81.14 20.10
N LEU C 1076 48.62 80.30 20.32
CA LEU C 1076 47.88 80.34 21.56
C LEU C 1076 48.65 79.69 22.71
N TYR C 1077 49.48 78.68 22.41
CA TYR C 1077 50.23 78.02 23.48
C TYR C 1077 51.37 78.89 23.98
N LEU C 1078 51.75 79.91 23.20
CA LEU C 1078 52.75 80.86 23.67
C LEU C 1078 52.26 81.59 24.92
N LYS C 1079 50.99 81.97 24.96
CA LYS C 1079 50.42 82.71 26.07
C LYS C 1079 49.98 81.83 27.21
N ALA C 1080 50.14 80.51 27.10
CA ALA C 1080 49.72 79.59 28.14
C ALA C 1080 50.77 79.58 29.26
N GLY C 1081 50.55 78.74 30.28
CA GLY C 1081 51.43 78.68 31.42
C GLY C 1081 52.61 77.74 31.20
N ASP C 1082 53.43 77.61 32.26
CA ASP C 1082 54.61 76.76 32.19
C ASP C 1082 54.23 75.27 32.28
N GLN C 1083 53.15 74.97 33.00
CA GLN C 1083 52.72 73.57 33.12
C GLN C 1083 52.18 73.01 31.81
N TYR C 1084 51.69 73.87 30.92
CA TYR C 1084 51.18 73.43 29.63
C TYR C 1084 52.28 73.11 28.63
N ILE C 1085 53.53 73.53 28.91
CA ILE C 1085 54.63 73.36 27.96
C ILE C 1085 54.79 71.90 27.57
N ASP C 1086 54.68 70.98 28.55
CA ASP C 1086 54.80 69.57 28.24
C ASP C 1086 53.86 69.16 27.12
N ASP C 1087 52.61 69.63 27.16
CA ASP C 1087 51.66 69.29 26.11
C ASP C 1087 52.15 69.76 24.75
N MET C 1088 52.70 70.98 24.69
CA MET C 1088 53.24 71.47 23.41
C MET C 1088 54.39 70.59 22.95
N ILE C 1089 55.17 70.05 23.88
CA ILE C 1089 56.23 69.12 23.50
C ILE C 1089 55.62 67.90 22.82
N ASP C 1090 54.50 67.41 23.33
CA ASP C 1090 53.78 66.34 22.64
C ASP C 1090 53.38 66.78 21.24
N LEU C 1091 52.96 68.04 21.09
CA LEU C 1091 52.66 68.56 19.76
C LEU C 1091 53.90 68.55 18.88
N VAL C 1092 55.08 68.79 19.46
CA VAL C 1092 56.32 68.67 18.71
C VAL C 1092 56.48 67.24 18.21
N CYS C 1093 56.10 66.27 19.02
CA CYS C 1093 56.08 64.88 18.59
C CYS C 1093 55.03 64.62 17.52
N ARG C 1094 53.96 65.41 17.48
CA ARG C 1094 52.87 65.22 16.54
C ARG C 1094 53.03 66.04 15.26
N ASN C 1095 53.53 67.27 15.36
CA ASN C 1095 53.75 68.13 14.21
C ASN C 1095 55.24 68.44 14.11
N LYS C 1096 55.97 67.57 13.42
CA LYS C 1096 57.39 67.79 13.17
C LYS C 1096 57.65 68.61 11.91
N GLN C 1097 56.62 68.88 11.10
CA GLN C 1097 56.81 69.68 9.91
C GLN C 1097 57.20 71.12 10.26
N GLN C 1098 56.55 71.69 11.26
CA GLN C 1098 56.84 73.06 11.66
C GLN C 1098 58.08 73.11 12.54
N GLU C 1099 58.79 74.22 12.45
CA GLU C 1099 59.97 74.46 13.28
C GLU C 1099 59.88 75.76 14.07
N SER C 1100 58.88 76.59 13.82
CA SER C 1100 58.71 77.84 14.56
C SER C 1100 58.20 77.62 15.97
N LEU C 1101 57.44 76.54 16.20
CA LEU C 1101 56.87 76.31 17.52
C LEU C 1101 57.96 76.07 18.57
N GLN C 1102 58.91 75.18 18.28
CA GLN C 1102 59.98 74.91 19.23
C GLN C 1102 60.86 76.14 19.44
N GLN C 1103 61.20 76.84 18.36
CA GLN C 1103 62.05 78.03 18.46
C GLN C 1103 61.38 79.10 19.30
N THR C 1104 60.09 79.35 19.08
CA THR C 1104 59.43 80.43 19.80
C THR C 1104 59.12 80.03 21.24
N LEU C 1105 58.85 78.75 21.50
CA LEU C 1105 58.73 78.28 22.88
C LEU C 1105 60.04 78.48 23.62
N LEU C 1106 61.16 78.14 22.97
CA LEU C 1106 62.47 78.38 23.57
C LEU C 1106 62.68 79.87 23.84
N ASP C 1107 62.31 80.71 22.87
CA ASP C 1107 62.50 82.15 23.02
C ASP C 1107 61.69 82.70 24.19
N TYR C 1108 60.44 82.25 24.33
CA TYR C 1108 59.60 82.71 25.42
C TYR C 1108 60.09 82.19 26.76
N LEU C 1109 60.66 80.98 26.80
CA LEU C 1109 61.12 80.43 28.07
C LEU C 1109 62.53 80.87 28.44
N LEU C 1110 63.25 81.52 27.52
CA LEU C 1110 64.58 82.04 27.85
C LEU C 1110 64.50 83.13 28.90
N GLU C 1111 63.63 84.12 28.69
CA GLU C 1111 63.51 85.27 29.56
C GLU C 1111 62.34 85.14 30.54
N GLY C 1112 61.72 83.97 30.62
CA GLY C 1112 60.58 83.78 31.49
C GLY C 1112 60.93 83.77 32.96
N GLU C 1113 60.57 84.85 33.66
CA GLU C 1113 60.75 85.00 35.11
C GLU C 1113 62.22 84.78 35.45
N LYS C 1114 62.54 84.12 36.56
CA LYS C 1114 63.91 83.86 37.00
C LYS C 1114 64.26 82.41 36.65
N PRO C 1115 65.51 81.97 36.80
CA PRO C 1115 65.85 80.59 36.46
C PRO C 1115 65.02 79.59 37.25
N LYS C 1116 64.64 78.51 36.56
CA LYS C 1116 63.72 77.51 37.09
C LYS C 1116 64.46 76.17 37.14
N ASP C 1117 63.70 75.11 37.45
CA ASP C 1117 64.25 73.76 37.48
C ASP C 1117 64.87 73.41 36.13
N PRO C 1118 66.20 73.24 36.07
CA PRO C 1118 66.85 73.01 34.76
C PRO C 1118 66.41 71.74 34.07
N ILE C 1119 66.08 70.68 34.82
CA ILE C 1119 65.89 69.36 34.22
C ILE C 1119 64.70 69.38 33.27
N TYR C 1120 63.70 70.21 33.55
CA TYR C 1120 62.54 70.33 32.65
C TYR C 1120 62.96 70.84 31.28
N LEU C 1121 63.70 71.96 31.27
CA LEU C 1121 64.19 72.51 30.01
C LEU C 1121 65.12 71.53 29.32
N LEU C 1122 65.96 70.85 30.09
CA LEU C 1122 66.89 69.88 29.51
C LEU C 1122 66.15 68.71 28.86
N LYS C 1123 65.11 68.18 29.51
CA LYS C 1123 64.40 67.05 28.91
C LYS C 1123 63.59 67.48 27.71
N LEU C 1124 63.05 68.71 27.72
CA LEU C 1124 62.32 69.14 26.52
C LEU C 1124 63.27 69.40 25.35
N TYR C 1125 64.47 69.95 25.61
CA TYR C 1125 65.47 70.06 24.55
C TYR C 1125 65.91 68.68 24.07
N ASP C 1126 66.05 67.72 24.98
CA ASP C 1126 66.40 66.36 24.58
C ASP C 1126 65.35 65.75 23.67
N LYS C 1127 64.07 65.95 23.99
CA LYS C 1127 63.01 65.54 23.09
C LYS C 1127 63.08 66.29 21.76
N LEU C 1128 63.54 67.54 21.78
CA LEU C 1128 63.78 68.27 20.54
C LEU C 1128 64.90 67.62 19.74
N GLY C 1129 65.99 67.25 20.41
CA GLY C 1129 67.06 66.52 19.75
C GLY C 1129 68.39 67.23 19.66
N ASN C 1130 68.71 68.08 20.64
CA ASN C 1130 70.00 68.77 20.66
C ASN C 1130 70.61 68.54 22.04
N ILE C 1131 71.82 67.96 22.05
CA ILE C 1131 72.45 67.57 23.31
C ILE C 1131 73.59 68.50 23.71
N GLN C 1132 74.17 69.25 22.77
CA GLN C 1132 75.26 70.16 23.09
C GLN C 1132 74.78 71.27 24.03
N SER C 1133 73.65 71.88 23.70
CA SER C 1133 73.06 72.87 24.59
C SER C 1133 72.66 72.24 25.92
N LEU C 1134 72.27 70.96 25.90
CA LEU C 1134 72.00 70.25 27.14
C LEU C 1134 73.21 70.23 28.04
N VAL C 1135 74.36 69.83 27.48
CA VAL C 1135 75.59 69.76 28.27
C VAL C 1135 75.96 71.15 28.77
N LYS C 1136 75.82 72.17 27.91
CA LYS C 1136 76.18 73.52 28.30
C LYS C 1136 75.34 74.01 29.47
N ILE C 1137 74.02 73.88 29.37
CA ILE C 1137 73.12 74.38 30.42
C ILE C 1137 73.30 73.58 31.69
N ALA C 1138 73.43 72.25 31.56
CA ALA C 1138 73.63 71.41 32.74
C ALA C 1138 74.92 71.75 33.45
N ILE C 1139 76.00 72.00 32.69
CA ILE C 1139 77.27 72.38 33.30
C ILE C 1139 77.13 73.73 34.00
N THR C 1140 76.42 74.67 33.38
CA THR C 1140 76.22 75.97 34.02
C THR C 1140 75.49 75.85 35.35
N ILE C 1141 74.38 75.09 35.36
CA ILE C 1141 73.60 74.96 36.59
C ILE C 1141 74.38 74.18 37.64
N ALA C 1142 75.10 73.14 37.22
CA ALA C 1142 75.90 72.36 38.16
C ALA C 1142 77.03 73.20 38.76
N SER C 1143 77.63 74.07 37.95
CA SER C 1143 78.66 74.97 38.47
C SER C 1143 78.05 75.96 39.46
N ASP C 1144 76.85 76.47 39.17
CA ASP C 1144 76.18 77.35 40.12
C ASP C 1144 75.94 76.65 41.45
N GLU C 1145 75.45 75.40 41.40
CA GLU C 1145 75.23 74.64 42.63
C GLU C 1145 76.54 74.33 43.35
N HIS C 1146 77.60 74.00 42.59
CA HIS C 1146 78.90 73.72 43.19
C HIS C 1146 79.46 74.94 43.90
N ASP C 1147 79.31 76.13 43.29
CA ASP C 1147 79.71 77.37 43.95
C ASP C 1147 78.83 77.68 45.15
N GLN C 1148 77.55 77.32 45.11
CA GLN C 1148 76.67 77.51 46.26
C GLN C 1148 76.98 76.53 47.40
N GLY C 1149 77.76 75.49 47.14
CA GLY C 1149 78.12 74.51 48.15
C GLY C 1149 77.36 73.21 48.08
N ASN C 1150 76.33 73.11 47.24
CA ASN C 1150 75.54 71.89 47.11
C ASN C 1150 76.25 70.93 46.15
N TYR C 1151 77.29 70.27 46.69
CA TYR C 1151 78.07 69.35 45.88
C TYR C 1151 77.27 68.11 45.49
N LYS C 1152 76.38 67.63 46.36
CA LYS C 1152 75.61 66.43 46.06
C LYS C 1152 74.66 66.68 44.89
N ILE C 1153 73.95 67.81 44.89
CA ILE C 1153 73.02 68.12 43.82
C ILE C 1153 73.76 68.29 42.50
N ALA C 1154 74.89 69.01 42.53
CA ALA C 1154 75.68 69.21 41.32
C ALA C 1154 76.19 67.87 40.77
N HIS C 1155 76.66 66.99 41.67
CA HIS C 1155 77.13 65.69 41.24
C HIS C 1155 76.01 64.86 40.62
N GLU C 1156 74.83 64.90 41.23
CA GLU C 1156 73.69 64.15 40.70
C GLU C 1156 73.30 64.67 39.32
N ARG C 1157 73.25 65.99 39.16
CA ARG C 1157 72.88 66.56 37.86
C ARG C 1157 73.93 66.26 36.79
N LEU C 1158 75.21 66.34 37.15
CA LEU C 1158 76.27 65.99 36.21
C LEU C 1158 76.19 64.52 35.82
N PHE C 1159 75.91 63.64 36.77
CA PHE C 1159 75.77 62.21 36.47
C PHE C 1159 74.58 61.97 35.56
N GLU C 1160 73.46 62.65 35.80
CA GLU C 1160 72.30 62.51 34.94
C GLU C 1160 72.61 62.98 33.52
N THR C 1161 73.31 64.11 33.39
CA THR C 1161 73.69 64.60 32.07
C THR C 1161 74.65 63.64 31.38
N TYR C 1162 75.60 63.08 32.13
CA TYR C 1162 76.53 62.11 31.58
C TYR C 1162 75.80 60.88 31.06
N GLN C 1163 74.84 60.37 31.83
CA GLN C 1163 74.08 59.21 31.38
C GLN C 1163 73.24 59.54 30.15
N LYS C 1164 72.63 60.73 30.12
CA LYS C 1164 71.84 61.12 28.95
C LYS C 1164 72.71 61.23 27.71
N VAL C 1165 73.91 61.78 27.85
CA VAL C 1165 74.84 61.85 26.72
C VAL C 1165 75.26 60.46 26.28
N LYS C 1166 75.50 59.57 27.24
CA LYS C 1166 75.89 58.20 26.91
C LYS C 1166 74.78 57.48 26.16
N GLU C 1167 73.52 57.73 26.52
CA GLU C 1167 72.40 57.09 25.83
C GLU C 1167 72.32 57.54 24.38
N HIS C 1168 72.68 58.78 24.10
CA HIS C 1168 72.59 59.31 22.74
C HIS C 1168 73.82 58.99 21.90
N ASN C 1169 74.80 58.29 22.46
CA ASN C 1169 76.00 57.85 21.73
C ASN C 1169 76.78 59.03 21.17
N VAL C 1170 76.86 60.12 21.92
CA VAL C 1170 77.68 61.27 21.57
C VAL C 1170 78.88 61.32 22.50
N ALA C 1171 80.04 61.66 21.95
CA ALA C 1171 81.26 61.74 22.74
C ALA C 1171 81.08 62.70 23.90
N ILE C 1172 81.48 62.26 25.10
CA ILE C 1172 81.27 63.00 26.33
C ILE C 1172 82.21 64.21 26.35
N PRO C 1173 81.69 65.43 26.55
CA PRO C 1173 82.57 66.60 26.60
C PRO C 1173 83.57 66.50 27.74
N PHE C 1174 84.78 67.03 27.50
CA PHE C 1174 85.85 66.92 28.49
C PHE C 1174 85.52 67.69 29.76
N ASP C 1175 84.91 68.86 29.63
CA ASP C 1175 84.62 69.68 30.81
C ASP C 1175 83.62 68.97 31.73
N LEU C 1176 82.58 68.36 31.16
CA LEU C 1176 81.60 67.63 31.95
C LEU C 1176 82.26 66.50 32.74
N GLU C 1177 83.07 65.69 32.06
CA GLU C 1177 83.72 64.57 32.72
C GLU C 1177 84.70 65.05 33.79
N GLN C 1178 85.44 66.13 33.51
CA GLN C 1178 86.40 66.65 34.47
C GLN C 1178 85.70 67.16 35.73
N LYS C 1179 84.62 67.92 35.56
CA LYS C 1179 83.89 68.44 36.71
C LYS C 1179 83.26 67.31 37.52
N LEU C 1180 82.67 66.34 36.83
CA LEU C 1180 82.09 65.19 37.51
C LEU C 1180 83.15 64.42 38.29
N MET C 1181 84.32 64.22 37.69
CA MET C 1181 85.40 63.50 38.35
C MET C 1181 85.88 64.26 39.59
N ILE C 1182 86.02 65.58 39.48
CA ILE C 1182 86.48 66.38 40.61
C ILE C 1182 85.49 66.31 41.76
N ILE C 1183 84.19 66.48 41.46
CA ILE C 1183 83.19 66.46 42.52
C ILE C 1183 83.08 65.06 43.14
N HIS C 1184 83.14 64.02 42.30
CA HIS C 1184 83.10 62.66 42.82
C HIS C 1184 84.31 62.35 43.69
N SER C 1185 85.49 62.85 43.30
CA SER C 1185 86.68 62.68 44.11
C SER C 1185 86.55 63.37 45.46
N TYR C 1186 85.98 64.58 45.46
CA TYR C 1186 85.76 65.28 46.72
C TYR C 1186 84.79 64.50 47.61
N ILE C 1187 83.70 63.98 47.03
CA ILE C 1187 82.73 63.20 47.81
C ILE C 1187 83.38 61.94 48.37
N LEU C 1188 84.19 61.25 47.55
CA LEU C 1188 84.87 60.05 48.00
C LEU C 1188 85.87 60.36 49.11
N ALA C 1189 86.57 61.48 48.98
CA ALA C 1189 87.51 61.89 50.03
C ALA C 1189 86.77 62.16 51.34
N ARG C 1190 85.63 62.84 51.26
CA ARG C 1190 84.84 63.07 52.47
C ARG C 1190 84.35 61.77 53.08
N LYS C 1191 83.90 60.83 52.25
CA LYS C 1191 83.40 59.55 52.76
C LYS C 1191 84.52 58.75 53.41
N TYR C 1192 85.70 58.75 52.80
CA TYR C 1192 86.84 58.03 53.38
C TYR C 1192 87.32 58.69 54.67
N LEU C 1193 87.27 60.03 54.73
CA LEU C 1193 87.58 60.71 55.98
C LEU C 1193 86.56 60.40 57.07
N ALA C 1194 85.31 60.14 56.69
CA ALA C 1194 84.32 59.71 57.66
C ALA C 1194 84.67 58.37 58.29
N TYR C 1195 85.25 57.46 57.51
CA TYR C 1195 85.68 56.16 58.01
C TYR C 1195 86.84 56.32 58.99
#